data_8Z9H
#
_entry.id   8Z9H
#
_cell.length_a   1.00
_cell.length_b   1.00
_cell.length_c   1.00
_cell.angle_alpha   90.00
_cell.angle_beta   90.00
_cell.angle_gamma   90.00
#
_symmetry.space_group_name_H-M   'P 1'
#
loop_
_entity.id
_entity.type
_entity.pdbx_description
1 polymer 'Polymerase acidic protein'
2 polymer 'RNA-directed RNA polymerase catalytic subunit'
3 polymer 'Polymerase basic protein 2'
4 polymer "RNA (5'-R(*AP*GP*AP*GP*AP*AP*AP*UP*CP*AP*AP*GP*GP*CP*AP*GP*UP*U)-3')"
5 polymer "RNA (5'-R(*GP*AP*CP*UP*GP*CP*CP*UP*GP*UP*UP*UP*UP*UP*GP*CP*U)-3')"
6 polymer "RNA (5'-R(P*GP*CP*AP*AP*AP*AP*AP*CP*A)-3')"
7 non-polymer "7-METHYL-GUANOSINE-5'-TRIPHOSPHATE-5'-(2'-O-METHYL)-ADENOSINE"
#
loop_
_entity_poly.entity_id
_entity_poly.type
_entity_poly.pdbx_seq_one_letter_code
_entity_poly.pdbx_strand_id
1 'polypeptide(L)'
;MTDRPDHIDSRVWELSETQEDWITQVHGHVRRVVECWKYTICCLISNMHTHRGAPQYDVFKWQDRSTIEWICSKKKVQYP
ERDTPDLYDNERAVAYKVLLVSDLSDHSPTSGIYHDLAFNLEGEAEESCALVLRGSQLQDIKGFLCRALEWVVSNNLTQE
VVETISGEAKLQFSVGTTFRTLLKRDTDWDVIPTPRVEPNVPRIEGRRWTQMKKLPLLKEKEGPPSPWRALLLGADSEYI
VCPPGTDQEAISWIHSQSEIECIRESKSTPASVITCLTSSLQSFAEGNPVRSRIHEDIIAFGINKKQEKKQSASSSASGE
WKRAEYQVEEMSLPPWVEEEMVLLRSDQEDNWIELEKNAIYTEVDGVAEGLVDKYIEIVGRTKVASVIEKWQIAATRTFS
QLHTDRSRITACPIITRDPSGNCQFWGMVLLGPHHVKRDTDNAPLLIAEIMGEDTEEKYPKHSVFSLKVEEKQFLLSLKI
TSFSRNKLYTFSNIRRVLIQPASIYSQVVLSRAAENNSLNLEVNPEIQLYLEGAQRGMTLYQWVRMILCLEFLMAIYNNP
QMEGFLANMRRLHMSRHAMMERRQVFLPFGSRPEDKVNECIINNPIVAYLAKGWNSMPNVYY
;
A,H
2 'polypeptide(L)'
;MNLFTPLSEINPTTTQELLYAYTGPAPVAYGTRTRAVLENIIRPYQYFYKEPNVQRALDIKTGCKEPEDINVEGPSSGFH
TASVLKLADNFFRKYRPAMEKLKYWILVKLPKLKYAELSKGRQTYSFIHKRNLPAPIALEETVEFLEQNLRRKIGPTLLS
YCQAIADVMELDETTYEGARDPRPWDIQLEEIDSDEEDPLFRQVGREETYTIKFSREELWDQMRTLNTMWKHLERGRLNR
RTIATPSMLIRGFVKIVEDAAKEILENVPTSGVPVGGEEKLAKLASKQTFHTAVTGELSGDQEKFNECLDPDAMRLMWTV
FLRKLGCPDWIMELFNIPFMVFKSKLADMGEGLVYTKGKLTDRKPLGEMPSEFDDLVRNVVGNSISCRLGMFMGMYNLTS
TLLALISIEREELTGSHVESSDDFIHFFNCKTHEEMFKQAETLRLTLKLVGINMSPSKCILISPAGIGEFNSKFHHRDFV
GNVATELPALVPNGTNPMTDLAMGLNVIKHSVNTGQMNLCTGALAMRIFNHAYKYAYMALGVTRRTRFMEENAITPLLTN
QGASPVHSFSTMHLDEVALRRHLGLLDEETLRRILNPNNPVTQKGDPSMFFRIENKMPQIMEDYSVPSCFKYTLSRNRTI
QDKPHKALLNKEERYQRVTSIINKLFPEVLIQEASAPGTVRESLKRRLELVVERSDLDEERKKRILSRIF
;
B,I
3 'polypeptide(L)'
;MDREEPAESECTLRALVEEYNGACKEAPKEMSKQFTDYNTFKRYTTSKKDHAPQMRLVYSVRKPWPISMTPSKEIPLVFN
GTKLKDTILDLGESKRTRANIVVPDYWSKYGSQTSLEVVNAILYAEDLKVQRFFSTEWGEIRYGRMLPFRKPVQACPTIE
EVNPASIPHTLLQVFCPQYTTLDSKRKAHMGAVEKLKRVMEPICKVQTQESAVHIARSLIDSNKKWLPTVVDHTPRTAEM
AHFLCSKYHYVHTNTQDLSDTRSIDNLCGELVKRSLKCRCPKETLVANLDKITIQGRPMREVLADHDGELPYLGICRVAM
GLSTHHTMKIRSTKFSILNSDHPRIEVKKVFSLSPDVQVTIPYRRFKGKAKVYFQNDQIQGYFSCTDRQIDEIKISAPKN
APLLEPLLDICYYGSFIEPGFEQTFGFYPAGKREFVDSFFMHHSKDHKAFLIHMGLDKDLSLPLSPELNWKEPALSKVCR
VTELDSTVQPYTSATREFVLGETLNVYTQHENGLELLICPTEIRSTRGPLPPGTNLSGSEFIDIYQDPFSRAKSLLKSTI
LHAERCKEFVGNMLEEYQDPAETTVQSLVPINTWGKSAKRKLQEEITSDPDWHQCPRKRAKMSYLAIIAGSIQDRDKKQT
NVPRAFMLRGSQIEYDMKATRGLVVDTTNRIIVGGETVLREGKGGPEGYVQTGVFEEQPRCYLVDTPDHGLSMGLSRFCV
HSQGRYFQYEKKISIWEETDNIKATIDSQRDLKRRRDIEEMVSKRARIVLEVLFQGPGHHHHHHHHSADYKDDDDKGGWS
HPQFEKGGGSGGGGSGGSAWSHPQFEK
;
C,J
4 'polyribonucleotide' AGAGAAAUCAAGGCAGUU D
5 'polyribonucleotide' GACUGCCUGUUUUUGCU E,F
6 'polyribonucleotide' GCAAAAACA G,K
#
loop_
_chem_comp.id
_chem_comp.type
_chem_comp.name
_chem_comp.formula
A RNA linking ADENOSINE-5'-MONOPHOSPHATE 'C10 H14 N5 O7 P'
C RNA linking CYTIDINE-5'-MONOPHOSPHATE 'C9 H14 N3 O8 P'
G RNA linking GUANOSINE-5'-MONOPHOSPHATE 'C10 H14 N5 O8 P'
U RNA linking URIDINE-5'-MONOPHOSPHATE 'C9 H13 N2 O9 P'
V9G non-polymer 7-METHYL-GUANOSINE-5'-TRIPHOSPHATE-5'-(2'-O-METHYL)-ADENOSINE 'C22 H32 N10 O17 P3'
#
# COMPACT_ATOMS: atom_id res chain seq x y z
N THR A 2 -3.13 26.63 16.06
CA THR A 2 -3.43 26.47 17.47
C THR A 2 -4.69 27.22 17.86
N ASP A 3 -4.55 28.21 18.74
CA ASP A 3 -5.68 29.02 19.17
C ASP A 3 -6.03 30.12 18.18
N ARG A 4 -5.22 30.30 17.14
CA ARG A 4 -5.49 31.38 16.19
C ARG A 4 -6.72 31.05 15.34
N PRO A 5 -7.71 31.94 15.29
CA PRO A 5 -8.80 31.76 14.33
C PRO A 5 -8.27 31.88 12.91
N ASP A 6 -8.96 31.22 11.97
CA ASP A 6 -8.48 31.16 10.60
C ASP A 6 -8.42 32.54 9.97
N HIS A 7 -9.42 33.39 10.22
CA HIS A 7 -9.46 34.70 9.57
C HIS A 7 -8.40 35.63 10.12
N ILE A 8 -7.97 35.43 11.36
CA ILE A 8 -6.93 36.29 11.94
C ILE A 8 -5.59 35.95 11.32
N ASP A 9 -4.87 36.97 10.86
CA ASP A 9 -3.54 36.77 10.31
C ASP A 9 -2.57 36.31 11.39
N SER A 10 -1.59 35.51 10.99
CA SER A 10 -0.60 34.99 11.95
C SER A 10 0.19 36.12 12.58
N ARG A 11 0.59 37.11 11.78
CA ARG A 11 1.35 38.24 12.31
C ARG A 11 0.55 39.04 13.32
N VAL A 12 -0.73 39.26 13.04
CA VAL A 12 -1.59 39.99 13.98
C VAL A 12 -1.75 39.20 15.26
N TRP A 13 -1.96 37.89 15.15
CA TRP A 13 -2.08 37.05 16.34
C TRP A 13 -0.81 37.07 17.18
N GLU A 14 0.35 37.00 16.53
CA GLU A 14 1.62 37.04 17.25
C GLU A 14 1.83 38.39 17.94
N LEU A 15 1.47 39.48 17.25
CA LEU A 15 1.66 40.81 17.83
C LEU A 15 0.75 41.04 19.02
N SER A 16 -0.42 40.42 19.04
CA SER A 16 -1.40 40.65 20.09
C SER A 16 -1.15 39.86 21.36
N GLU A 17 -0.18 38.95 21.36
CA GLU A 17 0.02 38.08 22.52
C GLU A 17 0.42 38.87 23.76
N THR A 18 1.30 39.86 23.59
CA THR A 18 1.86 40.61 24.72
C THR A 18 1.39 42.06 24.75
N GLN A 19 0.15 42.31 24.33
CA GLN A 19 -0.41 43.65 24.37
C GLN A 19 -1.28 43.89 25.60
N GLU A 20 -2.10 42.92 25.98
CA GLU A 20 -2.91 43.01 27.18
C GLU A 20 -2.83 41.69 27.93
N ASP A 21 -3.05 41.74 29.24
CA ASP A 21 -3.03 40.55 30.07
C ASP A 21 -4.40 39.90 29.97
N TRP A 22 -4.54 38.98 29.00
CA TRP A 22 -5.84 38.42 28.68
C TRP A 22 -6.36 37.45 29.73
N ILE A 23 -5.48 36.95 30.60
CA ILE A 23 -5.91 35.92 31.55
C ILE A 23 -6.87 36.50 32.58
N THR A 24 -6.65 37.74 33.00
CA THR A 24 -7.50 38.37 34.01
C THR A 24 -8.76 39.00 33.45
N GLN A 25 -8.85 39.19 32.14
CA GLN A 25 -10.01 39.83 31.55
C GLN A 25 -11.13 38.81 31.31
N VAL A 26 -12.36 39.29 31.31
CA VAL A 26 -13.51 38.43 31.04
C VAL A 26 -13.48 38.01 29.57
N HIS A 27 -13.57 36.70 29.34
CA HIS A 27 -13.48 36.13 28.00
C HIS A 27 -12.19 36.60 27.31
N GLY A 28 -11.07 36.20 27.90
CA GLY A 28 -9.78 36.68 27.43
C GLY A 28 -9.50 36.32 25.99
N HIS A 29 -9.84 35.09 25.59
CA HIS A 29 -9.65 34.69 24.20
C HIS A 29 -10.53 35.52 23.27
N VAL A 30 -11.80 35.69 23.63
CA VAL A 30 -12.71 36.48 22.81
C VAL A 30 -12.29 37.94 22.78
N ARG A 31 -11.80 38.46 23.91
CA ARG A 31 -11.32 39.83 23.94
C ARG A 31 -10.11 39.99 23.03
N ARG A 32 -9.20 39.02 23.04
CA ARG A 32 -8.04 39.08 22.16
C ARG A 32 -8.45 39.01 20.69
N VAL A 33 -9.45 38.17 20.38
CA VAL A 33 -9.95 38.08 19.01
C VAL A 33 -10.57 39.41 18.58
N VAL A 34 -11.31 40.06 19.48
CA VAL A 34 -11.93 41.33 19.15
C VAL A 34 -10.87 42.41 18.93
N GLU A 35 -9.83 42.43 19.77
CA GLU A 35 -8.74 43.38 19.57
C GLU A 35 -8.03 43.12 18.25
N CYS A 36 -7.86 41.85 17.88
CA CYS A 36 -7.29 41.52 16.59
C CYS A 36 -8.19 42.01 15.46
N TRP A 37 -9.50 41.90 15.64
CA TRP A 37 -10.44 42.46 14.66
C TRP A 37 -10.22 43.95 14.49
N LYS A 38 -10.12 44.68 15.60
CA LYS A 38 -9.92 46.12 15.53
C LYS A 38 -8.61 46.47 14.85
N TYR A 39 -7.54 45.74 15.17
CA TYR A 39 -6.26 46.01 14.52
C TYR A 39 -6.30 45.70 13.03
N THR A 40 -7.00 44.63 12.65
CA THR A 40 -7.13 44.31 11.23
C THR A 40 -7.95 45.38 10.50
N ILE A 41 -8.99 45.92 11.17
CA ILE A 41 -9.74 47.02 10.59
C ILE A 41 -8.85 48.24 10.40
N CYS A 42 -7.99 48.51 11.38
CA CYS A 42 -7.04 49.61 11.25
C CYS A 42 -6.09 49.38 10.07
N CYS A 43 -5.63 48.13 9.89
CA CYS A 43 -4.77 47.82 8.76
C CYS A 43 -5.50 48.01 7.43
N LEU A 44 -6.76 47.57 7.36
CA LEU A 44 -7.51 47.72 6.12
C LEU A 44 -7.82 49.18 5.80
N ILE A 45 -8.01 50.01 6.83
CA ILE A 45 -8.21 51.44 6.59
C ILE A 45 -6.97 52.06 5.98
N SER A 46 -5.80 51.72 6.52
CA SER A 46 -4.52 52.24 6.03
C SER A 46 -3.90 51.20 5.11
N ASN A 47 -4.38 51.15 3.87
CA ASN A 47 -3.94 50.17 2.88
C ASN A 47 -3.44 50.84 1.61
N MET A 48 -2.11 50.97 1.50
CA MET A 48 -1.45 51.46 0.29
C MET A 48 -1.91 52.87 -0.09
N HIS A 49 -2.26 53.68 0.90
CA HIS A 49 -2.68 55.05 0.67
C HIS A 49 -1.56 56.00 1.08
N THR A 50 -1.17 56.87 0.15
CA THR A 50 -0.12 57.84 0.38
C THR A 50 -0.62 59.23 0.00
N HIS A 51 -0.12 60.24 0.72
CA HIS A 51 -0.51 61.63 0.49
C HIS A 51 0.65 62.49 0.02
N ARG A 52 1.77 62.48 0.76
CA ARG A 52 2.97 63.23 0.39
C ARG A 52 4.17 62.31 0.36
N GLY A 53 4.03 61.14 -0.25
CA GLY A 53 5.08 60.15 -0.23
C GLY A 53 5.15 59.32 1.03
N ALA A 54 4.25 59.55 1.98
CA ALA A 54 4.17 58.84 3.24
C ALA A 54 2.76 58.32 3.42
N PRO A 55 2.57 57.25 4.20
CA PRO A 55 1.22 56.71 4.39
C PRO A 55 0.26 57.78 4.91
N GLN A 56 -0.95 57.79 4.32
CA GLN A 56 -1.95 58.77 4.70
C GLN A 56 -2.40 58.57 6.15
N TYR A 57 -2.62 57.32 6.55
CA TYR A 57 -3.03 56.98 7.90
C TYR A 57 -1.86 56.33 8.63
N ASP A 58 -1.60 56.77 9.85
CA ASP A 58 -0.64 56.11 10.72
C ASP A 58 -1.38 55.51 11.92
N VAL A 59 -1.06 54.25 12.20
CA VAL A 59 -1.80 53.46 13.20
C VAL A 59 -1.06 53.54 14.52
N PHE A 60 -1.74 54.02 15.56
CA PHE A 60 -1.18 54.08 16.89
C PHE A 60 -1.43 52.82 17.72
N LYS A 61 -2.25 51.90 17.22
CA LYS A 61 -2.62 50.73 17.99
C LYS A 61 -1.49 49.70 18.02
N TRP A 62 -1.30 49.09 19.19
CA TRP A 62 -0.31 48.03 19.38
C TRP A 62 1.09 48.47 18.97
N GLN A 63 1.45 49.69 19.36
CA GLN A 63 2.78 50.21 19.15
C GLN A 63 3.33 50.72 20.47
N ASP A 64 4.66 50.68 20.61
CA ASP A 64 5.29 51.16 21.82
C ASP A 64 4.97 52.63 22.05
N ARG A 65 4.78 52.99 23.31
CA ARG A 65 4.28 54.32 23.64
C ARG A 65 5.36 55.39 23.46
N SER A 66 6.63 55.04 23.63
CA SER A 66 7.71 56.01 23.45
C SER A 66 7.72 56.55 22.03
N THR A 67 7.65 55.67 21.04
CA THR A 67 7.61 56.12 19.64
C THR A 67 6.31 56.82 19.33
N ILE A 68 5.21 56.42 19.98
CA ILE A 68 3.93 57.08 19.80
C ILE A 68 4.03 58.55 20.21
N GLU A 69 4.65 58.80 21.37
CA GLU A 69 4.85 60.19 21.80
C GLU A 69 5.90 60.89 20.95
N TRP A 70 6.90 60.15 20.45
CA TRP A 70 7.90 60.78 19.59
C TRP A 70 7.28 61.32 18.31
N ILE A 71 6.36 60.56 17.71
CA ILE A 71 5.71 61.02 16.49
C ILE A 71 4.48 61.89 16.77
N CYS A 72 3.96 61.87 18.00
CA CYS A 72 2.79 62.67 18.32
C CYS A 72 3.14 64.15 18.50
N SER A 73 4.36 64.44 18.96
CA SER A 73 4.78 65.83 19.14
C SER A 73 4.93 66.54 17.80
N LYS A 74 5.42 65.83 16.78
CA LYS A 74 5.65 66.45 15.47
C LYS A 74 4.34 66.81 14.78
N LYS A 75 3.21 66.26 15.22
CA LYS A 75 1.91 66.58 14.65
C LYS A 75 1.17 67.65 15.44
N LYS A 76 1.84 68.27 16.41
CA LYS A 76 1.26 69.35 17.23
C LYS A 76 -0.01 68.89 17.93
N VAL A 77 -0.02 67.64 18.38
CA VAL A 77 -1.14 67.05 19.08
C VAL A 77 -0.63 66.30 20.30
N GLN A 78 -1.56 65.97 21.20
CA GLN A 78 -1.24 65.18 22.38
C GLN A 78 -2.50 64.51 22.87
N TYR A 79 -2.35 63.28 23.36
CA TYR A 79 -3.47 62.51 23.87
C TYR A 79 -3.10 61.87 25.20
N PRO A 80 -4.08 61.69 26.10
CA PRO A 80 -3.79 61.09 27.40
C PRO A 80 -3.55 59.60 27.29
N GLU A 81 -3.00 59.04 28.38
CA GLU A 81 -2.67 57.62 28.40
C GLU A 81 -3.90 56.73 28.41
N ARG A 82 -4.99 57.19 29.04
CA ARG A 82 -6.16 56.34 29.23
C ARG A 82 -6.79 55.95 27.90
N ASP A 83 -6.93 56.91 26.97
CA ASP A 83 -7.56 56.65 25.68
C ASP A 83 -6.72 57.30 24.58
N THR A 84 -6.04 56.46 23.80
CA THR A 84 -5.24 56.89 22.66
C THR A 84 -5.93 56.46 21.37
N PRO A 85 -6.14 57.37 20.42
CA PRO A 85 -6.84 57.00 19.18
C PRO A 85 -6.11 55.89 18.43
N ASP A 86 -6.90 55.01 17.80
CA ASP A 86 -6.32 53.86 17.11
C ASP A 86 -5.47 54.29 15.93
N LEU A 87 -5.93 55.26 15.15
CA LEU A 87 -5.20 55.69 13.97
C LEU A 87 -5.37 57.19 13.79
N TYR A 88 -4.61 57.76 12.85
CA TYR A 88 -4.64 59.19 12.59
C TYR A 88 -4.50 59.42 11.09
N ASP A 89 -5.30 60.33 10.57
CA ASP A 89 -5.31 60.68 9.16
C ASP A 89 -4.54 61.97 8.96
N ASN A 90 -3.43 61.89 8.20
CA ASN A 90 -2.59 63.06 7.95
C ASN A 90 -3.21 63.98 6.90
N GLU A 91 -3.84 63.42 5.88
CA GLU A 91 -4.43 64.23 4.82
C GLU A 91 -5.51 65.15 5.38
N ARG A 92 -6.39 64.61 6.23
CA ARG A 92 -7.39 65.40 6.92
C ARG A 92 -6.96 65.78 8.33
N ALA A 93 -5.89 65.16 8.84
CA ALA A 93 -5.31 65.49 10.14
C ALA A 93 -6.33 65.33 11.26
N VAL A 94 -6.91 64.13 11.34
CA VAL A 94 -7.94 63.83 12.33
C VAL A 94 -7.62 62.49 12.98
N ALA A 95 -7.73 62.42 14.30
CA ALA A 95 -7.53 61.17 15.02
C ALA A 95 -8.83 60.37 15.04
N TYR A 96 -8.74 59.10 14.67
CA TYR A 96 -9.90 58.22 14.60
C TYR A 96 -9.69 57.00 15.50
N LYS A 97 -10.74 56.61 16.20
CA LYS A 97 -10.75 55.43 17.04
C LYS A 97 -11.74 54.43 16.47
N VAL A 98 -11.32 53.18 16.34
CA VAL A 98 -12.17 52.13 15.78
C VAL A 98 -13.00 51.52 16.90
N LEU A 99 -14.32 51.52 16.72
CA LEU A 99 -15.25 50.97 17.69
C LEU A 99 -16.14 49.93 17.03
N LEU A 100 -16.46 48.88 17.78
CA LEU A 100 -17.41 47.87 17.36
C LEU A 100 -18.61 47.91 18.29
N VAL A 101 -19.81 48.07 17.72
CA VAL A 101 -21.04 48.17 18.49
C VAL A 101 -22.07 47.21 17.92
N SER A 102 -23.07 46.89 18.73
CA SER A 102 -24.13 45.97 18.34
C SER A 102 -25.33 46.67 17.71
N ASP A 103 -25.31 48.01 17.64
CA ASP A 103 -26.43 48.75 17.07
C ASP A 103 -25.94 50.12 16.66
N LEU A 104 -25.99 50.40 15.35
CA LEU A 104 -25.57 51.69 14.83
C LEU A 104 -26.69 52.74 14.85
N SER A 105 -27.94 52.33 15.12
CA SER A 105 -29.04 53.28 15.14
C SER A 105 -28.88 54.29 16.27
N ASP A 106 -28.45 53.83 17.44
CA ASP A 106 -28.27 54.69 18.61
C ASP A 106 -26.78 54.71 18.96
N HIS A 107 -26.05 55.63 18.33
CA HIS A 107 -24.64 55.82 18.59
C HIS A 107 -24.39 57.30 18.85
N SER A 108 -23.53 57.59 19.83
CA SER A 108 -23.24 58.96 20.19
C SER A 108 -21.74 59.22 20.15
N PRO A 109 -21.32 60.41 19.75
CA PRO A 109 -19.91 60.80 19.82
C PRO A 109 -19.29 60.52 21.17
N THR A 110 -17.97 60.62 21.20
CA THR A 110 -17.16 60.42 22.39
C THR A 110 -16.28 61.67 22.58
N SER A 111 -15.31 61.57 23.49
CA SER A 111 -14.42 62.69 23.78
C SER A 111 -13.83 63.26 22.50
N GLY A 112 -13.72 64.60 22.46
CA GLY A 112 -13.35 65.31 21.25
C GLY A 112 -11.92 65.10 20.79
N ILE A 113 -11.09 64.41 21.58
CA ILE A 113 -9.72 64.15 21.17
C ILE A 113 -9.65 63.26 19.93
N TYR A 114 -10.70 62.48 19.67
CA TYR A 114 -10.76 61.66 18.47
C TYR A 114 -12.21 61.43 18.09
N HIS A 115 -12.43 61.07 16.83
CA HIS A 115 -13.75 60.72 16.32
C HIS A 115 -13.89 59.20 16.21
N ASP A 116 -15.09 58.71 16.47
CA ASP A 116 -15.36 57.29 16.51
C ASP A 116 -15.67 56.76 15.11
N LEU A 117 -14.95 55.72 14.69
CA LEU A 117 -15.26 54.99 13.47
C LEU A 117 -16.02 53.73 13.87
N ALA A 118 -17.28 53.90 14.21
CA ALA A 118 -18.09 52.79 14.70
C ALA A 118 -18.44 51.84 13.56
N PHE A 119 -18.36 50.55 13.85
CA PHE A 119 -18.72 49.51 12.90
C PHE A 119 -19.64 48.50 13.57
N ASN A 120 -20.54 47.94 12.78
CA ASN A 120 -21.46 46.92 13.25
C ASN A 120 -20.85 45.53 13.05
N LEU A 121 -21.38 44.55 13.78
CA LEU A 121 -20.90 43.18 13.64
C LEU A 121 -21.23 42.56 12.30
N GLU A 122 -22.11 43.19 11.51
CA GLU A 122 -22.42 42.74 10.17
C GLU A 122 -21.62 43.49 9.10
N GLY A 123 -20.62 44.27 9.52
CA GLY A 123 -19.80 45.03 8.58
C GLY A 123 -20.30 46.42 8.26
N GLU A 124 -21.49 46.78 8.72
CA GLU A 124 -22.03 48.10 8.44
C GLU A 124 -21.26 49.16 9.23
N ALA A 125 -21.31 50.39 8.72
CA ALA A 125 -20.63 51.52 9.35
C ALA A 125 -21.61 52.66 9.55
N GLU A 126 -21.30 53.51 10.53
CA GLU A 126 -22.13 54.66 10.81
C GLU A 126 -22.03 55.66 9.66
N GLU A 127 -23.06 56.52 9.55
CA GLU A 127 -23.16 57.43 8.41
C GLU A 127 -21.92 58.28 8.25
N SER A 128 -21.47 58.92 9.33
CA SER A 128 -20.23 59.68 9.27
C SER A 128 -19.05 58.76 8.99
N CYS A 129 -19.00 57.62 9.67
CA CYS A 129 -17.95 56.64 9.40
C CYS A 129 -17.99 56.16 7.95
N ALA A 130 -19.18 56.07 7.37
CA ALA A 130 -19.28 55.67 5.98
C ALA A 130 -18.77 56.76 5.04
N LEU A 131 -19.08 58.02 5.33
CA LEU A 131 -18.69 59.09 4.43
C LEU A 131 -17.20 59.43 4.51
N VAL A 132 -16.58 59.25 5.68
CA VAL A 132 -15.16 59.55 5.80
C VAL A 132 -14.33 58.59 4.96
N LEU A 133 -14.65 57.30 5.01
CA LEU A 133 -13.82 56.29 4.36
C LEU A 133 -14.26 56.05 2.91
N ARG A 134 -13.35 55.48 2.12
CA ARG A 134 -13.62 55.20 0.72
C ARG A 134 -14.41 53.90 0.57
N GLY A 135 -14.99 53.73 -0.62
CA GLY A 135 -15.80 52.55 -0.87
C GLY A 135 -15.03 51.25 -0.76
N SER A 136 -13.78 51.25 -1.25
CA SER A 136 -12.96 50.05 -1.13
C SER A 136 -12.69 49.69 0.32
N GLN A 137 -12.43 50.70 1.16
CA GLN A 137 -12.23 50.46 2.58
C GLN A 137 -13.50 49.90 3.22
N LEU A 138 -14.66 50.45 2.87
CA LEU A 138 -15.92 49.92 3.38
C LEU A 138 -16.11 48.47 2.97
N GLN A 139 -15.83 48.13 1.71
CA GLN A 139 -16.01 46.75 1.28
C GLN A 139 -15.06 45.81 2.00
N ASP A 140 -13.80 46.21 2.16
CA ASP A 140 -12.83 45.36 2.84
C ASP A 140 -13.20 45.14 4.29
N ILE A 141 -13.60 46.22 4.98
CA ILE A 141 -13.98 46.11 6.39
C ILE A 141 -15.23 45.23 6.52
N LYS A 142 -16.22 45.43 5.64
CA LYS A 142 -17.42 44.61 5.69
C LYS A 142 -17.09 43.14 5.46
N GLY A 143 -16.22 42.85 4.48
CA GLY A 143 -15.84 41.48 4.22
C GLY A 143 -15.13 40.83 5.39
N PHE A 144 -14.17 41.55 5.99
CA PHE A 144 -13.44 40.99 7.13
C PHE A 144 -14.37 40.77 8.32
N LEU A 145 -15.20 41.77 8.65
CA LEU A 145 -16.12 41.62 9.77
C LEU A 145 -17.13 40.51 9.53
N CYS A 146 -17.53 40.31 8.28
CA CYS A 146 -18.50 39.27 7.97
C CYS A 146 -17.86 37.89 8.03
N ARG A 147 -16.60 37.76 7.61
CA ARG A 147 -15.88 36.51 7.82
C ARG A 147 -15.71 36.22 9.30
N ALA A 148 -15.43 37.25 10.09
CA ALA A 148 -15.36 37.08 11.54
C ALA A 148 -16.69 36.64 12.11
N LEU A 149 -17.79 37.22 11.62
CA LEU A 149 -19.12 36.82 12.07
C LEU A 149 -19.42 35.37 11.71
N GLU A 150 -19.00 34.95 10.51
CA GLU A 150 -19.18 33.54 10.12
C GLU A 150 -18.38 32.62 11.04
N TRP A 151 -17.15 33.01 11.39
CA TRP A 151 -16.37 32.23 12.33
C TRP A 151 -17.06 32.17 13.69
N VAL A 152 -17.64 33.29 14.12
CA VAL A 152 -18.31 33.33 15.42
C VAL A 152 -19.51 32.40 15.44
N VAL A 153 -20.36 32.50 14.41
CA VAL A 153 -21.57 31.67 14.39
C VAL A 153 -21.22 30.20 14.20
N SER A 154 -20.12 29.91 13.50
CA SER A 154 -19.70 28.52 13.34
C SER A 154 -19.30 27.92 14.68
N ASN A 155 -18.63 28.68 15.53
CA ASN A 155 -18.16 28.22 16.82
C ASN A 155 -19.15 28.47 17.95
N ASN A 156 -20.35 28.97 17.63
CA ASN A 156 -21.39 29.23 18.63
C ASN A 156 -20.90 30.17 19.72
N LEU A 157 -20.19 31.22 19.32
CA LEU A 157 -19.62 32.19 20.24
C LEU A 157 -20.33 33.53 20.19
N THR A 158 -21.56 33.57 19.67
CA THR A 158 -22.25 34.84 19.48
C THR A 158 -22.54 35.54 20.81
N GLN A 159 -22.96 34.78 21.82
CA GLN A 159 -23.28 35.38 23.11
C GLN A 159 -22.05 36.02 23.75
N GLU A 160 -20.92 35.30 23.74
CA GLU A 160 -19.71 35.83 24.33
C GLU A 160 -19.21 37.05 23.57
N VAL A 161 -19.27 37.02 22.23
CA VAL A 161 -18.83 38.16 21.44
C VAL A 161 -19.69 39.39 21.73
N VAL A 162 -21.01 39.19 21.78
CA VAL A 162 -21.91 40.31 22.09
C VAL A 162 -21.65 40.85 23.49
N GLU A 163 -21.40 39.95 24.44
CA GLU A 163 -21.11 40.38 25.81
C GLU A 163 -19.83 41.21 25.86
N THR A 164 -18.78 40.76 25.16
CA THR A 164 -17.53 41.52 25.18
C THR A 164 -17.68 42.85 24.46
N ILE A 165 -18.48 42.89 23.39
CA ILE A 165 -18.69 44.14 22.67
C ILE A 165 -19.45 45.13 23.54
N SER A 166 -20.53 44.67 24.20
CA SER A 166 -21.30 45.56 25.06
C SER A 166 -20.48 45.99 26.27
N GLY A 167 -19.73 45.07 26.87
CA GLY A 167 -18.87 45.40 27.98
C GLY A 167 -19.39 45.10 29.37
N GLU A 168 -20.51 44.39 29.50
CA GLU A 168 -21.02 44.05 30.82
C GLU A 168 -20.04 43.15 31.57
N ALA A 169 -19.49 42.15 30.87
CA ALA A 169 -18.37 41.35 31.34
C ALA A 169 -18.66 40.68 32.70
N LYS A 170 -19.63 39.77 32.66
CA LYS A 170 -19.90 38.93 33.82
C LYS A 170 -18.72 37.99 34.06
N LEU A 171 -18.37 37.80 35.33
CA LEU A 171 -17.14 37.10 35.70
C LEU A 171 -17.15 35.61 35.36
N GLN A 172 -18.23 35.10 34.78
CA GLN A 172 -18.34 33.71 34.31
C GLN A 172 -18.44 32.72 35.45
N PHE A 173 -18.22 33.18 36.69
CA PHE A 173 -18.36 32.35 37.87
C PHE A 173 -18.27 33.23 39.11
N SER A 174 -19.17 32.99 40.06
CA SER A 174 -19.16 33.74 41.30
C SER A 174 -19.82 32.89 42.38
N VAL A 175 -19.20 32.85 43.56
CA VAL A 175 -19.73 32.12 44.71
C VAL A 175 -20.48 33.10 45.59
N GLY A 176 -21.72 32.76 45.93
CA GLY A 176 -22.55 33.63 46.73
C GLY A 176 -22.14 33.72 48.18
N THR A 177 -23.06 34.13 49.05
CA THR A 177 -22.75 34.32 50.46
C THR A 177 -22.99 33.05 51.27
N THR A 178 -24.21 32.51 51.22
CA THR A 178 -24.52 31.33 52.01
C THR A 178 -23.79 30.09 51.50
N PHE A 179 -23.56 30.00 50.20
CA PHE A 179 -22.80 28.88 49.66
C PHE A 179 -21.37 28.89 50.17
N ARG A 180 -20.78 30.09 50.30
CA ARG A 180 -19.44 30.21 50.86
C ARG A 180 -19.41 29.75 52.31
N THR A 181 -20.43 30.10 53.09
CA THR A 181 -20.52 29.64 54.47
C THR A 181 -20.64 28.12 54.53
N LEU A 182 -21.45 27.54 53.63
CA LEU A 182 -21.55 26.08 53.57
C LEU A 182 -20.20 25.45 53.25
N LEU A 183 -19.47 26.04 52.30
CA LEU A 183 -18.19 25.47 51.87
C LEU A 183 -17.15 25.55 52.99
N LYS A 184 -17.11 26.65 53.72
CA LYS A 184 -16.09 26.87 54.73
C LYS A 184 -16.38 26.16 56.06
N ARG A 185 -17.31 25.21 56.08
CA ARG A 185 -17.68 24.57 57.34
C ARG A 185 -16.61 23.58 57.80
N ASP A 186 -16.07 22.78 56.89
CA ASP A 186 -15.17 21.69 57.23
C ASP A 186 -13.73 21.98 56.81
N THR A 187 -13.31 23.24 56.87
CA THR A 187 -11.93 23.60 56.55
C THR A 187 -11.56 24.84 57.34
N ASP A 188 -10.26 24.97 57.62
CA ASP A 188 -9.73 26.09 58.38
C ASP A 188 -9.35 27.27 57.48
N TRP A 189 -9.48 27.13 56.17
CA TRP A 189 -9.12 28.17 55.22
C TRP A 189 -10.37 28.67 54.51
N ASP A 190 -10.23 29.82 53.84
CA ASP A 190 -11.31 30.39 53.05
C ASP A 190 -11.40 29.66 51.72
N VAL A 191 -12.21 30.18 50.80
CA VAL A 191 -12.31 29.58 49.47
C VAL A 191 -10.96 29.66 48.76
N ILE A 192 -10.29 30.81 48.87
CA ILE A 192 -8.92 30.96 48.37
C ILE A 192 -8.00 30.99 49.59
N PRO A 193 -7.28 29.92 49.88
CA PRO A 193 -6.47 29.90 51.11
C PRO A 193 -5.27 30.81 50.99
N THR A 194 -5.02 31.56 52.07
CA THR A 194 -3.85 32.43 52.18
C THR A 194 -3.18 32.19 53.52
N PRO A 195 -2.48 31.06 53.67
CA PRO A 195 -1.78 30.82 54.94
C PRO A 195 -0.70 31.85 55.19
N ARG A 196 -0.49 32.16 56.47
CA ARG A 196 0.47 33.17 56.89
C ARG A 196 1.81 32.56 57.29
N VAL A 197 2.21 31.46 56.66
CA VAL A 197 3.45 30.77 56.97
C VAL A 197 4.43 30.98 55.82
N GLU A 198 5.70 31.11 56.16
CA GLU A 198 6.74 31.28 55.14
C GLU A 198 6.98 29.95 54.44
N PRO A 199 6.95 29.92 53.11
CA PRO A 199 7.21 28.66 52.39
C PRO A 199 8.62 28.15 52.67
N ASN A 200 8.70 26.93 53.20
CA ASN A 200 9.98 26.32 53.52
C ASN A 200 9.79 24.82 53.67
N VAL A 201 10.80 24.05 53.26
CA VAL A 201 10.81 22.60 53.41
C VAL A 201 11.72 22.26 54.58
N PRO A 202 11.23 21.69 55.66
CA PRO A 202 12.07 21.40 56.82
C PRO A 202 12.90 20.15 56.61
N ARG A 203 13.85 19.96 57.52
CA ARG A 203 14.72 18.79 57.53
C ARG A 203 14.19 17.81 58.58
N ILE A 204 13.82 16.62 58.14
CA ILE A 204 13.28 15.57 59.02
C ILE A 204 14.32 14.47 59.15
N GLU A 205 14.57 14.04 60.39
CA GLU A 205 15.46 12.92 60.63
C GLU A 205 14.76 11.63 60.22
N GLY A 206 15.28 10.97 59.18
CA GLY A 206 14.71 9.74 58.68
C GLY A 206 15.48 8.51 59.12
N ARG A 207 14.94 7.36 58.72
CA ARG A 207 15.53 6.08 59.07
C ARG A 207 16.59 5.70 58.04
N ARG A 208 17.08 4.46 58.12
CA ARG A 208 18.14 3.97 57.25
C ARG A 208 17.64 2.79 56.44
N TRP A 209 17.97 2.76 55.15
CA TRP A 209 17.59 1.66 54.28
C TRP A 209 18.49 0.46 54.54
N THR A 210 17.88 -0.71 54.68
CA THR A 210 18.59 -1.93 55.05
C THR A 210 18.61 -2.90 53.86
N GLN A 211 19.76 -3.53 53.65
CA GLN A 211 19.90 -4.51 52.60
C GLN A 211 19.16 -5.80 52.94
N MET A 212 18.53 -6.40 51.95
CA MET A 212 17.90 -7.71 52.09
C MET A 212 18.93 -8.75 51.69
N LYS A 213 19.75 -9.16 52.65
CA LYS A 213 20.85 -10.09 52.35
C LYS A 213 20.32 -11.46 51.94
N LYS A 214 19.26 -11.93 52.59
CA LYS A 214 18.68 -13.23 52.28
C LYS A 214 17.19 -13.06 51.97
N LEU A 215 16.70 -13.90 51.06
CA LEU A 215 15.30 -13.83 50.67
C LEU A 215 14.41 -14.27 51.82
N PRO A 216 13.22 -13.68 51.94
CA PRO A 216 12.32 -14.05 53.03
C PRO A 216 11.84 -15.49 52.91
N LEU A 217 11.55 -16.09 54.06
CA LEU A 217 11.07 -17.46 54.14
C LEU A 217 9.57 -17.42 54.41
N LEU A 218 8.78 -17.87 53.44
CA LEU A 218 7.33 -17.89 53.60
C LEU A 218 6.94 -18.94 54.62
N LYS A 219 6.10 -18.55 55.59
CA LYS A 219 5.70 -19.47 56.64
C LYS A 219 4.70 -20.49 56.11
N GLU A 220 4.76 -21.69 56.66
CA GLU A 220 3.86 -22.79 56.31
C GLU A 220 2.86 -22.98 57.44
N LYS A 221 1.58 -22.96 57.08
CA LYS A 221 0.53 -23.13 58.08
C LYS A 221 0.48 -24.56 58.58
N GLU A 222 -0.02 -24.72 59.81
CA GLU A 222 -0.13 -26.03 60.45
C GLU A 222 -1.59 -26.35 60.73
N GLY A 223 -1.98 -27.59 60.45
CA GLY A 223 -3.34 -28.03 60.64
C GLY A 223 -3.63 -29.29 59.86
N PRO A 224 -4.90 -29.69 59.80
CA PRO A 224 -5.27 -30.85 59.01
C PRO A 224 -5.00 -30.60 57.55
N PRO A 225 -4.65 -31.66 56.79
CA PRO A 225 -4.42 -31.48 55.35
C PRO A 225 -5.68 -30.99 54.65
N SER A 226 -5.49 -30.13 53.67
CA SER A 226 -6.61 -29.57 52.93
C SER A 226 -7.27 -30.65 52.07
N PRO A 227 -8.60 -30.77 52.10
CA PRO A 227 -9.27 -31.69 51.18
C PRO A 227 -9.27 -31.13 49.76
N TRP A 228 -9.65 -31.99 48.82
CA TRP A 228 -9.78 -31.57 47.43
C TRP A 228 -11.02 -30.71 47.30
N ARG A 229 -10.83 -29.38 47.34
CA ARG A 229 -11.94 -28.43 47.25
C ARG A 229 -11.97 -27.88 45.83
N ALA A 230 -12.61 -28.63 44.94
CA ALA A 230 -12.78 -28.22 43.56
C ALA A 230 -14.06 -28.83 43.03
N LEU A 231 -14.54 -28.27 41.91
CA LEU A 231 -15.80 -28.72 41.33
C LEU A 231 -15.71 -30.17 40.86
N LEU A 232 -14.59 -30.55 40.26
CA LEU A 232 -14.42 -31.88 39.68
C LEU A 232 -13.15 -32.52 40.24
N LEU A 233 -12.91 -33.78 39.83
CA LEU A 233 -11.89 -34.60 40.49
C LEU A 233 -10.47 -34.23 40.09
N GLY A 234 -10.23 -33.90 38.84
CA GLY A 234 -8.88 -33.62 38.38
C GLY A 234 -8.19 -34.89 37.87
N ALA A 235 -7.02 -35.20 38.43
CA ALA A 235 -6.25 -36.35 37.96
C ALA A 235 -6.93 -37.67 38.24
N ASP A 236 -7.81 -37.74 39.23
CA ASP A 236 -8.55 -38.96 39.51
C ASP A 236 -9.73 -39.17 38.58
N SER A 237 -10.00 -38.22 37.68
CA SER A 237 -11.13 -38.34 36.77
C SER A 237 -10.89 -39.47 35.77
N GLU A 238 -11.94 -40.25 35.53
CA GLU A 238 -11.92 -41.32 34.55
C GLU A 238 -13.21 -41.27 33.74
N TYR A 239 -13.26 -42.08 32.69
CA TYR A 239 -14.43 -42.13 31.84
C TYR A 239 -14.76 -43.58 31.51
N ILE A 240 -15.98 -43.78 31.01
CA ILE A 240 -16.47 -45.10 30.60
C ILE A 240 -16.66 -45.09 29.10
N VAL A 241 -16.13 -46.10 28.42
CA VAL A 241 -16.26 -46.20 26.97
C VAL A 241 -17.63 -46.76 26.64
N CYS A 242 -18.32 -46.09 25.72
CA CYS A 242 -19.68 -46.42 25.32
C CYS A 242 -19.77 -46.46 23.80
N PRO A 243 -20.71 -47.22 23.25
CA PRO A 243 -20.84 -47.28 21.79
C PRO A 243 -21.16 -45.91 21.22
N PRO A 244 -20.72 -45.64 20.00
CA PRO A 244 -20.95 -44.31 19.40
C PRO A 244 -22.43 -44.00 19.29
N GLY A 245 -22.75 -42.72 19.47
CA GLY A 245 -24.12 -42.26 19.39
C GLY A 245 -24.28 -40.94 20.10
N THR A 246 -25.55 -40.59 20.35
CA THR A 246 -25.86 -39.36 21.05
C THR A 246 -25.70 -39.55 22.56
N ASP A 247 -25.83 -38.43 23.29
CA ASP A 247 -25.72 -38.49 24.74
C ASP A 247 -26.86 -39.32 25.34
N GLN A 248 -28.07 -39.17 24.81
CA GLN A 248 -29.20 -39.94 25.33
C GLN A 248 -28.99 -41.43 25.13
N GLU A 249 -28.48 -41.83 23.96
CA GLU A 249 -28.21 -43.24 23.70
C GLU A 249 -27.15 -43.78 24.66
N ALA A 250 -26.08 -43.01 24.88
CA ALA A 250 -25.03 -43.45 25.78
C ALA A 250 -25.55 -43.60 27.20
N ILE A 251 -26.36 -42.65 27.67
CA ILE A 251 -26.89 -42.73 29.03
C ILE A 251 -27.87 -43.90 29.15
N SER A 252 -28.66 -44.15 28.11
CA SER A 252 -29.55 -45.30 28.12
C SER A 252 -28.77 -46.60 28.17
N TRP A 253 -27.65 -46.67 27.43
CA TRP A 253 -26.81 -47.86 27.47
C TRP A 253 -26.20 -48.07 28.86
N ILE A 254 -25.73 -46.99 29.48
CA ILE A 254 -25.10 -47.10 30.79
C ILE A 254 -26.12 -47.52 31.84
N HIS A 255 -27.27 -46.83 31.87
CA HIS A 255 -28.24 -47.05 32.94
C HIS A 255 -28.81 -48.46 32.91
N SER A 256 -29.10 -48.98 31.72
CA SER A 256 -29.69 -50.31 31.62
C SER A 256 -28.70 -51.43 31.88
N GLN A 257 -27.41 -51.12 31.98
CA GLN A 257 -26.36 -52.11 32.15
C GLN A 257 -25.43 -51.74 33.29
N SER A 258 -25.98 -51.21 34.38
CA SER A 258 -25.19 -50.73 35.49
C SER A 258 -25.75 -51.24 36.82
N GLU A 259 -24.85 -51.53 37.74
CA GLU A 259 -25.21 -51.85 39.12
C GLU A 259 -24.46 -50.92 40.07
N ILE A 260 -25.20 -50.34 41.02
CA ILE A 260 -24.66 -49.37 41.97
C ILE A 260 -24.65 -50.00 43.35
N GLU A 261 -23.50 -49.95 44.03
CA GLU A 261 -23.41 -50.43 45.40
C GLU A 261 -22.60 -49.45 46.23
N CYS A 262 -23.15 -49.02 47.36
CA CYS A 262 -22.43 -48.09 48.22
C CYS A 262 -21.26 -48.80 48.91
N ILE A 263 -20.07 -48.20 48.81
CA ILE A 263 -18.89 -48.73 49.47
C ILE A 263 -18.28 -47.75 50.47
N ARG A 264 -18.52 -46.45 50.32
CA ARG A 264 -18.04 -45.47 51.31
C ARG A 264 -19.04 -44.34 51.34
N GLU A 265 -19.62 -44.10 52.52
CA GLU A 265 -20.64 -43.07 52.70
C GLU A 265 -20.11 -41.97 53.61
N SER A 266 -20.29 -40.72 53.20
CA SER A 266 -19.86 -39.56 53.95
C SER A 266 -21.05 -38.85 54.56
N LYS A 267 -20.85 -38.26 55.73
CA LYS A 267 -21.92 -37.51 56.38
C LYS A 267 -22.31 -36.28 55.58
N SER A 268 -21.35 -35.64 54.90
CA SER A 268 -21.65 -34.46 54.11
C SER A 268 -22.60 -34.80 52.96
N THR A 269 -22.37 -35.91 52.28
CA THR A 269 -23.22 -36.35 51.18
C THR A 269 -23.85 -37.70 51.53
N PRO A 270 -25.09 -37.71 52.03
CA PRO A 270 -25.74 -38.99 52.35
C PRO A 270 -25.85 -39.88 51.12
N ALA A 271 -25.70 -41.19 51.34
CA ALA A 271 -25.79 -42.14 50.24
C ALA A 271 -27.20 -42.23 49.67
N SER A 272 -28.22 -41.90 50.46
CA SER A 272 -29.60 -42.07 50.03
C SER A 272 -29.94 -41.24 48.80
N VAL A 273 -29.13 -40.21 48.50
CA VAL A 273 -29.38 -39.38 47.32
C VAL A 273 -29.00 -40.08 46.02
N ILE A 274 -28.42 -41.29 46.08
CA ILE A 274 -28.03 -41.98 44.86
C ILE A 274 -29.24 -42.19 43.96
N THR A 275 -30.40 -42.48 44.56
CA THR A 275 -31.63 -42.66 43.80
C THR A 275 -31.86 -41.46 42.88
N CYS A 276 -31.64 -40.24 43.39
CA CYS A 276 -31.75 -39.04 42.57
C CYS A 276 -31.03 -39.22 41.25
N LEU A 277 -29.74 -39.55 41.32
CA LEU A 277 -28.97 -39.78 40.10
C LEU A 277 -29.65 -40.78 39.19
N THR A 278 -30.03 -41.94 39.75
CA THR A 278 -30.69 -42.95 38.94
C THR A 278 -31.98 -42.39 38.34
N SER A 279 -32.77 -41.67 39.14
CA SER A 279 -33.97 -41.05 38.61
C SER A 279 -33.63 -40.15 37.44
N SER A 280 -32.60 -39.31 37.61
CA SER A 280 -32.17 -38.46 36.51
C SER A 280 -31.82 -39.29 35.29
N LEU A 281 -31.07 -40.38 35.50
CA LEU A 281 -30.78 -41.29 34.39
C LEU A 281 -32.06 -41.71 33.70
N GLN A 282 -33.04 -42.19 34.49
CA GLN A 282 -34.33 -42.54 33.93
C GLN A 282 -34.90 -41.39 33.12
N SER A 283 -34.91 -40.20 33.72
CA SER A 283 -35.48 -39.04 33.03
C SER A 283 -34.73 -38.77 31.74
N PHE A 284 -33.42 -38.96 31.75
CA PHE A 284 -32.63 -38.66 30.57
C PHE A 284 -32.57 -39.84 29.62
N ALA A 285 -33.13 -40.99 30.01
CA ALA A 285 -33.15 -42.15 29.13
C ALA A 285 -34.18 -41.97 28.02
N GLU A 286 -35.34 -41.41 28.32
CA GLU A 286 -36.37 -41.14 27.34
C GLU A 286 -36.31 -39.72 26.80
N GLY A 287 -35.17 -39.06 26.92
CA GLY A 287 -35.01 -37.74 26.35
C GLY A 287 -35.67 -36.61 27.11
N ASN A 288 -35.77 -36.72 28.44
CA ASN A 288 -36.32 -35.67 29.28
C ASN A 288 -35.25 -35.22 30.26
N PRO A 289 -34.45 -34.21 29.90
CA PRO A 289 -33.39 -33.76 30.81
C PRO A 289 -33.92 -33.08 32.07
N VAL A 290 -35.21 -32.80 32.15
CA VAL A 290 -35.82 -32.18 33.32
C VAL A 290 -36.86 -33.14 33.89
N ARG A 291 -36.76 -33.40 35.19
CA ARG A 291 -37.65 -34.34 35.86
C ARG A 291 -38.28 -33.68 37.08
N SER A 292 -39.40 -34.24 37.52
CA SER A 292 -40.09 -33.75 38.69
C SER A 292 -39.30 -34.10 39.96
N ARG A 293 -39.59 -33.36 41.03
CA ARG A 293 -38.88 -33.54 42.28
C ARG A 293 -39.24 -34.87 42.94
N ILE A 294 -38.27 -35.45 43.64
CA ILE A 294 -38.50 -36.60 44.51
C ILE A 294 -38.11 -36.19 45.93
N HIS A 295 -38.36 -37.09 46.87
CA HIS A 295 -38.12 -36.78 48.28
C HIS A 295 -36.63 -36.54 48.54
N GLU A 296 -35.79 -37.46 48.08
CA GLU A 296 -34.35 -37.36 48.36
C GLU A 296 -33.73 -36.09 47.82
N ASP A 297 -34.34 -35.48 46.79
CA ASP A 297 -33.85 -34.21 46.27
C ASP A 297 -33.75 -33.17 47.38
N ILE A 298 -34.69 -33.17 48.32
CA ILE A 298 -34.65 -32.22 49.42
C ILE A 298 -33.35 -32.36 50.19
N ILE A 299 -32.90 -33.59 50.42
CA ILE A 299 -31.60 -33.79 51.05
C ILE A 299 -30.48 -33.42 50.08
N ALA A 300 -30.65 -33.76 48.80
CA ALA A 300 -29.55 -33.62 47.85
C ALA A 300 -29.26 -32.16 47.54
N PHE A 301 -30.29 -31.37 47.27
CA PHE A 301 -30.13 -30.00 46.81
C PHE A 301 -30.40 -28.97 47.90
N GLY A 302 -30.63 -29.40 49.14
CA GLY A 302 -30.86 -28.47 50.24
C GLY A 302 -32.08 -27.60 50.05
N ILE A 303 -33.19 -28.19 49.63
CA ILE A 303 -34.41 -27.43 49.42
C ILE A 303 -34.98 -27.00 50.77
N ASN A 304 -35.31 -25.70 50.89
CA ASN A 304 -35.84 -25.13 52.12
C ASN A 304 -34.86 -25.29 53.29
N LYS A 305 -33.57 -25.36 52.98
CA LYS A 305 -32.57 -25.52 54.04
C LYS A 305 -32.35 -24.22 54.80
N LYS A 306 -32.42 -23.08 54.09
CA LYS A 306 -32.20 -21.79 54.75
C LYS A 306 -33.25 -21.53 55.82
N GLN A 307 -34.52 -21.81 55.52
CA GLN A 307 -35.57 -21.59 56.50
C GLN A 307 -35.40 -22.50 57.70
N GLU A 308 -35.07 -23.78 57.48
CA GLU A 308 -34.88 -24.70 58.59
C GLU A 308 -33.71 -24.27 59.47
N LYS A 309 -32.60 -23.83 58.85
CA LYS A 309 -31.47 -23.36 59.63
C LYS A 309 -31.82 -22.11 60.41
N LYS A 310 -32.62 -21.21 59.81
CA LYS A 310 -33.04 -20.01 60.53
C LYS A 310 -33.89 -20.36 61.75
N GLN A 311 -34.84 -21.29 61.58
CA GLN A 311 -35.67 -21.70 62.72
C GLN A 311 -34.83 -22.38 63.80
N SER A 312 -33.90 -23.23 63.39
CA SER A 312 -33.04 -23.90 64.39
C SER A 312 -32.19 -22.89 65.14
N ALA A 313 -31.63 -21.89 64.43
CA ALA A 313 -30.84 -20.87 65.08
C ALA A 313 -31.69 -20.04 66.04
N SER A 314 -32.91 -19.68 65.63
CA SER A 314 -33.78 -18.90 66.50
C SER A 314 -34.14 -19.69 67.75
N SER A 315 -34.40 -21.00 67.60
CA SER A 315 -34.69 -21.83 68.76
C SER A 315 -33.48 -21.92 69.69
N SER A 316 -32.28 -22.03 69.11
CA SER A 316 -31.05 -22.16 69.89
C SER A 316 -30.40 -20.82 70.21
N ALA A 317 -31.03 -19.70 69.87
CA ALA A 317 -30.44 -18.40 70.11
C ALA A 317 -30.43 -18.08 71.60
N SER A 318 -29.27 -17.66 72.10
CA SER A 318 -29.12 -17.26 73.49
C SER A 318 -27.90 -16.37 73.62
N GLY A 319 -27.92 -15.52 74.64
CA GLY A 319 -26.80 -14.64 74.94
C GLY A 319 -27.06 -13.20 74.57
N GLU A 320 -25.97 -12.48 74.33
CA GLU A 320 -26.01 -11.07 73.99
C GLU A 320 -25.42 -10.86 72.60
N TRP A 321 -25.94 -9.86 71.89
CA TRP A 321 -25.45 -9.56 70.55
C TRP A 321 -23.99 -9.14 70.60
N LYS A 322 -23.18 -9.71 69.70
CA LYS A 322 -21.79 -9.35 69.57
C LYS A 322 -21.46 -9.21 68.09
N ARG A 323 -20.28 -8.68 67.80
CA ARG A 323 -19.86 -8.49 66.42
C ARG A 323 -19.69 -9.85 65.73
N ALA A 324 -19.47 -9.80 64.42
CA ALA A 324 -19.39 -11.02 63.62
C ALA A 324 -18.22 -11.90 64.06
N GLU A 325 -17.00 -11.38 63.89
CA GLU A 325 -15.77 -12.10 64.25
C GLU A 325 -15.73 -13.47 63.58
N TYR A 326 -15.63 -13.42 62.25
CA TYR A 326 -15.55 -14.63 61.46
C TYR A 326 -14.17 -15.27 61.59
N GLN A 327 -14.12 -16.59 61.38
CA GLN A 327 -12.89 -17.35 61.49
C GLN A 327 -12.72 -18.22 60.25
N VAL A 328 -11.49 -18.26 59.73
CA VAL A 328 -11.14 -19.11 58.60
C VAL A 328 -10.14 -20.14 59.08
N GLU A 329 -10.48 -21.41 58.91
CA GLU A 329 -9.62 -22.48 59.39
C GLU A 329 -8.35 -22.58 58.56
N GLU A 330 -7.21 -22.68 59.23
CA GLU A 330 -5.93 -22.85 58.57
C GLU A 330 -5.63 -24.34 58.39
N MET A 331 -5.24 -24.72 57.19
CA MET A 331 -4.94 -26.10 56.87
C MET A 331 -3.56 -26.19 56.22
N SER A 332 -2.89 -27.31 56.45
CA SER A 332 -1.54 -27.52 55.98
C SER A 332 -1.52 -28.07 54.55
N LEU A 333 -0.33 -28.16 53.99
CA LEU A 333 -0.16 -28.66 52.63
C LEU A 333 -0.47 -30.14 52.58
N PRO A 334 -1.43 -30.59 51.77
CA PRO A 334 -1.79 -32.00 51.75
C PRO A 334 -0.79 -32.81 50.94
N PRO A 335 -0.63 -34.10 51.25
CA PRO A 335 0.25 -34.95 50.45
C PRO A 335 -0.24 -35.16 49.02
N TRP A 336 -1.53 -35.00 48.74
CA TRP A 336 -2.06 -35.33 47.43
C TRP A 336 -1.70 -34.32 46.36
N VAL A 337 -1.16 -33.16 46.72
CA VAL A 337 -0.79 -32.18 45.70
C VAL A 337 0.40 -32.69 44.89
N GLU A 338 1.39 -33.28 45.55
CA GLU A 338 2.53 -33.85 44.85
C GLU A 338 2.10 -35.01 43.96
N GLU A 339 1.17 -35.84 44.44
CA GLU A 339 0.65 -36.93 43.63
C GLU A 339 -0.12 -36.39 42.42
N GLU A 340 -0.89 -35.32 42.62
CA GLU A 340 -1.58 -34.68 41.51
C GLU A 340 -0.60 -34.16 40.47
N MET A 341 0.52 -33.59 40.93
CA MET A 341 1.57 -33.12 40.02
C MET A 341 2.21 -34.30 39.28
N VAL A 342 2.51 -35.38 39.99
CA VAL A 342 3.13 -36.54 39.35
C VAL A 342 2.17 -37.20 38.39
N LEU A 343 0.92 -37.40 38.82
CA LEU A 343 -0.15 -37.78 37.92
C LEU A 343 -0.49 -36.56 37.07
N LEU A 344 -1.54 -36.67 36.27
CA LEU A 344 -2.01 -35.57 35.42
C LEU A 344 -0.99 -35.27 34.34
N ARG A 345 0.15 -35.95 34.37
CA ARG A 345 1.22 -35.75 33.40
C ARG A 345 1.51 -37.00 32.59
N SER A 346 0.99 -38.15 33.00
CA SER A 346 1.24 -39.40 32.29
C SER A 346 0.65 -39.34 30.88
N ASP A 347 1.29 -40.07 29.97
CA ASP A 347 0.89 -40.06 28.56
C ASP A 347 -0.48 -40.71 28.37
N GLN A 348 -1.18 -40.24 27.34
CA GLN A 348 -2.48 -40.78 26.96
C GLN A 348 -2.45 -41.27 25.52
N GLU A 349 -3.35 -42.20 25.20
CA GLU A 349 -3.40 -42.76 23.86
C GLU A 349 -3.81 -41.70 22.84
N ASP A 350 -4.81 -40.89 23.16
CA ASP A 350 -5.32 -39.89 22.23
C ASP A 350 -4.66 -38.54 22.46
N ASN A 351 -4.82 -37.64 21.48
CA ASN A 351 -4.20 -36.33 21.55
C ASN A 351 -4.95 -35.39 22.51
N TRP A 352 -6.27 -35.51 22.58
CA TRP A 352 -7.08 -34.75 23.53
C TRP A 352 -7.02 -33.24 23.31
N ILE A 353 -6.30 -32.80 22.29
CA ILE A 353 -6.29 -31.40 21.85
C ILE A 353 -6.45 -31.42 20.34
N GLU A 354 -7.68 -31.30 19.86
CA GLU A 354 -7.99 -31.34 18.43
C GLU A 354 -8.52 -29.97 18.04
N LEU A 355 -7.60 -29.06 17.72
CA LEU A 355 -7.95 -27.71 17.29
C LEU A 355 -7.72 -27.60 15.79
N GLU A 356 -8.70 -27.05 15.09
CA GLU A 356 -8.59 -26.90 13.65
C GLU A 356 -7.41 -25.99 13.30
N LYS A 357 -6.59 -26.45 12.37
CA LYS A 357 -5.40 -25.71 12.00
C LYS A 357 -5.78 -24.45 11.22
N ASN A 358 -5.10 -23.34 11.53
CA ASN A 358 -5.32 -22.11 10.80
C ASN A 358 -4.77 -22.22 9.39
N ALA A 359 -5.23 -21.33 8.52
CA ALA A 359 -4.74 -21.29 7.16
C ALA A 359 -3.26 -20.90 7.14
N ILE A 360 -2.57 -21.34 6.10
CA ILE A 360 -1.15 -21.03 5.90
C ILE A 360 -0.99 -20.39 4.54
N TYR A 361 -0.52 -19.16 4.52
CA TYR A 361 -0.28 -18.42 3.28
C TYR A 361 1.16 -17.98 3.12
N THR A 362 1.80 -17.53 4.19
CA THR A 362 3.17 -17.04 4.16
C THR A 362 4.07 -17.97 4.98
N GLU A 363 5.38 -17.73 4.86
CA GLU A 363 6.34 -18.51 5.63
C GLU A 363 6.27 -18.19 7.12
N VAL A 364 5.93 -16.95 7.47
CA VAL A 364 5.68 -16.61 8.88
C VAL A 364 4.53 -17.44 9.41
N ASP A 365 3.45 -17.56 8.61
CA ASP A 365 2.34 -18.41 9.00
C ASP A 365 2.80 -19.85 9.14
N GLY A 366 3.65 -20.32 8.23
CA GLY A 366 4.14 -21.68 8.32
C GLY A 366 4.90 -21.96 9.60
N VAL A 367 5.81 -21.06 9.97
CA VAL A 367 6.60 -21.28 11.19
C VAL A 367 5.71 -21.16 12.42
N ALA A 368 4.73 -20.25 12.39
CA ALA A 368 3.81 -20.11 13.52
C ALA A 368 3.01 -21.39 13.72
N GLU A 369 2.45 -21.94 12.64
CA GLU A 369 1.68 -23.18 12.78
C GLU A 369 2.58 -24.36 13.13
N GLY A 370 3.83 -24.36 12.67
CA GLY A 370 4.75 -25.40 13.09
C GLY A 370 5.02 -25.37 14.58
N LEU A 371 5.24 -24.17 15.12
CA LEU A 371 5.43 -24.02 16.56
C LEU A 371 4.19 -24.47 17.33
N VAL A 372 3.00 -24.08 16.86
CA VAL A 372 1.78 -24.47 17.53
C VAL A 372 1.59 -25.98 17.49
N ASP A 373 1.88 -26.61 16.34
CA ASP A 373 1.77 -28.05 16.24
C ASP A 373 2.75 -28.75 17.16
N LYS A 374 3.98 -28.25 17.26
CA LYS A 374 4.95 -28.83 18.18
C LYS A 374 4.46 -28.74 19.62
N TYR A 375 3.93 -27.58 20.02
CA TYR A 375 3.42 -27.43 21.37
C TYR A 375 2.26 -28.38 21.61
N ILE A 376 1.35 -28.50 20.66
CA ILE A 376 0.19 -29.38 20.83
C ILE A 376 0.64 -30.82 20.98
N GLU A 377 1.61 -31.26 20.17
CA GLU A 377 2.04 -32.65 20.27
C GLU A 377 2.96 -32.90 21.46
N ILE A 378 3.49 -31.86 22.11
CA ILE A 378 4.24 -32.10 23.34
C ILE A 378 3.40 -31.98 24.59
N VAL A 379 2.24 -31.31 24.54
CA VAL A 379 1.35 -31.26 25.69
C VAL A 379 0.01 -31.92 25.45
N GLY A 380 -0.25 -32.42 24.24
CA GLY A 380 -1.53 -33.02 23.93
C GLY A 380 -1.77 -34.34 24.62
N ARG A 381 -0.90 -35.32 24.35
CA ARG A 381 -1.08 -36.64 24.93
C ARG A 381 -0.72 -36.61 26.41
N THR A 382 -1.56 -35.93 27.21
CA THR A 382 -1.32 -35.72 28.62
C THR A 382 -2.66 -35.71 29.32
N LYS A 383 -2.67 -36.19 30.57
CA LYS A 383 -3.91 -36.23 31.34
C LYS A 383 -4.47 -34.83 31.57
N VAL A 384 -3.62 -33.80 31.55
CA VAL A 384 -4.10 -32.43 31.70
C VAL A 384 -5.10 -32.10 30.60
N ALA A 385 -4.79 -32.46 29.36
CA ALA A 385 -5.68 -32.14 28.25
C ALA A 385 -7.04 -32.81 28.42
N SER A 386 -7.04 -34.09 28.82
CA SER A 386 -8.30 -34.79 29.03
C SER A 386 -9.11 -34.16 30.16
N VAL A 387 -8.45 -33.81 31.26
CA VAL A 387 -9.18 -33.21 32.37
C VAL A 387 -9.69 -31.82 31.99
N ILE A 388 -8.92 -31.08 31.19
CA ILE A 388 -9.37 -29.77 30.72
C ILE A 388 -10.59 -29.91 29.84
N GLU A 389 -10.59 -30.89 28.94
CA GLU A 389 -11.76 -31.13 28.10
C GLU A 389 -12.96 -31.50 28.94
N LYS A 390 -12.78 -32.37 29.93
CA LYS A 390 -13.88 -32.75 30.82
C LYS A 390 -14.43 -31.53 31.55
N TRP A 391 -13.53 -30.71 32.10
CA TRP A 391 -13.96 -29.54 32.85
C TRP A 391 -14.73 -28.56 31.95
N GLN A 392 -14.22 -28.33 30.74
CA GLN A 392 -14.88 -27.41 29.83
C GLN A 392 -16.26 -27.93 29.43
N ILE A 393 -16.36 -29.23 29.12
CA ILE A 393 -17.65 -29.80 28.72
C ILE A 393 -18.65 -29.70 29.86
N ALA A 394 -18.22 -30.06 31.07
CA ALA A 394 -19.13 -30.01 32.22
C ALA A 394 -19.57 -28.57 32.50
N ALA A 395 -18.62 -27.62 32.45
CA ALA A 395 -18.95 -26.23 32.72
C ALA A 395 -19.93 -25.69 31.71
N THR A 396 -19.71 -25.96 30.42
CA THR A 396 -20.64 -25.47 29.41
C THR A 396 -22.02 -26.11 29.55
N ARG A 397 -22.06 -27.43 29.78
CA ARG A 397 -23.36 -28.11 29.88
C ARG A 397 -24.14 -27.62 31.09
N THR A 398 -23.46 -27.35 32.20
CA THR A 398 -24.16 -26.85 33.37
C THR A 398 -24.53 -25.38 33.24
N PHE A 399 -23.68 -24.58 32.58
CA PHE A 399 -23.95 -23.16 32.38
C PHE A 399 -25.16 -22.96 31.46
N SER A 400 -25.26 -23.76 30.40
CA SER A 400 -26.33 -23.56 29.43
C SER A 400 -27.71 -23.80 30.03
N GLN A 401 -27.79 -24.46 31.18
CA GLN A 401 -29.06 -24.76 31.83
C GLN A 401 -29.37 -23.83 32.99
N LEU A 402 -28.64 -22.72 33.12
CA LEU A 402 -28.79 -21.83 34.26
C LEU A 402 -29.32 -20.45 33.91
N HIS A 403 -29.63 -20.17 32.65
CA HIS A 403 -30.20 -18.88 32.28
C HIS A 403 -31.73 -18.91 32.29
N THR A 404 -32.29 -19.39 33.40
CA THR A 404 -33.73 -19.48 33.57
C THR A 404 -34.03 -19.82 35.02
N ASP A 405 -35.31 -19.84 35.36
CA ASP A 405 -35.77 -20.21 36.69
C ASP A 405 -36.51 -21.54 36.60
N ARG A 406 -36.06 -22.54 37.35
CA ARG A 406 -36.66 -23.85 37.35
C ARG A 406 -36.82 -24.35 38.78
N SER A 407 -37.96 -25.00 39.04
CA SER A 407 -38.19 -25.66 40.31
C SER A 407 -38.03 -27.17 40.21
N ARG A 408 -37.48 -27.66 39.11
CA ARG A 408 -37.34 -29.08 38.83
C ARG A 408 -35.85 -29.44 38.75
N ILE A 409 -35.56 -30.70 38.45
CA ILE A 409 -34.21 -31.23 38.44
C ILE A 409 -33.75 -31.39 37.01
N THR A 410 -32.57 -30.84 36.70
CA THR A 410 -31.99 -30.90 35.37
C THR A 410 -30.72 -31.73 35.38
N ALA A 411 -30.57 -32.57 34.37
CA ALA A 411 -29.41 -33.44 34.23
C ALA A 411 -28.49 -32.90 33.14
N CYS A 412 -27.19 -32.81 33.45
CA CYS A 412 -26.18 -32.29 32.54
C CYS A 412 -25.06 -33.32 32.42
N PRO A 413 -25.22 -34.31 31.54
CA PRO A 413 -24.20 -35.35 31.43
C PRO A 413 -22.89 -34.81 30.88
N ILE A 414 -21.79 -35.42 31.31
CA ILE A 414 -20.45 -35.08 30.84
C ILE A 414 -20.02 -36.21 29.92
N ILE A 415 -20.11 -35.98 28.62
CA ILE A 415 -19.77 -36.99 27.62
C ILE A 415 -18.88 -36.35 26.57
N THR A 416 -17.72 -36.96 26.33
CA THR A 416 -16.83 -36.57 25.24
C THR A 416 -16.83 -37.67 24.18
N ARG A 417 -16.11 -37.43 23.09
CA ARG A 417 -16.05 -38.39 22.00
C ARG A 417 -14.63 -38.48 21.45
N ASP A 418 -14.19 -39.72 21.24
CA ASP A 418 -12.87 -39.99 20.68
C ASP A 418 -12.92 -39.93 19.17
N PRO A 419 -11.76 -39.89 18.50
CA PRO A 419 -11.77 -39.92 17.03
C PRO A 419 -12.47 -41.14 16.46
N SER A 420 -12.43 -42.27 17.17
CA SER A 420 -13.15 -43.46 16.70
C SER A 420 -14.66 -43.28 16.79
N GLY A 421 -15.15 -42.33 17.60
CA GLY A 421 -16.57 -42.06 17.71
C GLY A 421 -17.21 -42.59 18.98
N ASN A 422 -16.53 -43.47 19.72
CA ASN A 422 -17.11 -44.02 20.94
C ASN A 422 -17.27 -42.93 21.99
N CYS A 423 -18.39 -42.97 22.70
CA CYS A 423 -18.65 -42.00 23.74
C CYS A 423 -17.79 -42.28 24.96
N GLN A 424 -17.46 -41.22 25.69
CA GLN A 424 -16.66 -41.29 26.91
C GLN A 424 -17.43 -40.60 28.01
N PHE A 425 -17.95 -41.38 28.96
CA PHE A 425 -18.76 -40.88 30.07
C PHE A 425 -17.84 -40.49 31.22
N TRP A 426 -17.68 -39.19 31.44
CA TRP A 426 -16.93 -38.70 32.59
C TRP A 426 -17.81 -38.57 33.82
N GLY A 427 -19.10 -38.44 33.65
CA GLY A 427 -20.01 -38.28 34.77
C GLY A 427 -21.22 -37.47 34.36
N MET A 428 -22.02 -37.11 35.35
CA MET A 428 -23.20 -36.29 35.15
C MET A 428 -23.28 -35.22 36.23
N VAL A 429 -23.87 -34.09 35.87
CA VAL A 429 -24.10 -32.98 36.78
C VAL A 429 -25.60 -32.76 36.86
N LEU A 430 -26.15 -32.81 38.07
CA LEU A 430 -27.56 -32.57 38.31
C LEU A 430 -27.73 -31.17 38.87
N LEU A 431 -28.52 -30.35 38.19
CA LEU A 431 -28.80 -28.99 38.61
C LEU A 431 -30.17 -28.96 39.28
N GLY A 432 -30.20 -28.63 40.57
CA GLY A 432 -31.43 -28.65 41.33
C GLY A 432 -32.27 -27.42 41.07
N PRO A 433 -33.32 -27.24 41.87
CA PRO A 433 -34.19 -26.06 41.68
C PRO A 433 -33.43 -24.76 41.90
N HIS A 434 -33.30 -23.98 40.84
CA HIS A 434 -32.54 -22.74 40.86
C HIS A 434 -33.42 -21.59 40.41
N HIS A 435 -33.41 -20.51 41.18
CA HIS A 435 -34.06 -19.25 40.82
C HIS A 435 -33.02 -18.16 41.05
N VAL A 436 -32.17 -17.92 40.06
CA VAL A 436 -31.04 -17.02 40.19
C VAL A 436 -31.50 -15.59 39.93
N LYS A 437 -31.15 -14.68 40.84
CA LYS A 437 -31.39 -13.26 40.66
C LYS A 437 -30.12 -12.48 40.32
N ARG A 438 -28.95 -13.03 40.62
CA ARG A 438 -27.68 -12.38 40.36
C ARG A 438 -26.74 -13.38 39.69
N ASP A 439 -25.59 -12.91 39.25
CA ASP A 439 -24.59 -13.77 38.64
C ASP A 439 -23.60 -14.35 39.64
N THR A 440 -23.64 -13.93 40.90
CA THR A 440 -22.71 -14.40 41.90
C THR A 440 -23.34 -15.32 42.95
N ASP A 441 -24.66 -15.43 42.98
CA ASP A 441 -25.29 -16.33 43.93
C ASP A 441 -25.08 -17.79 43.52
N ASN A 442 -25.16 -18.67 44.49
CA ASN A 442 -24.91 -20.09 44.27
C ASN A 442 -26.18 -20.81 43.85
N ALA A 443 -26.00 -21.91 43.13
CA ALA A 443 -27.05 -22.83 42.76
C ALA A 443 -26.62 -24.24 43.14
N PRO A 444 -27.56 -25.08 43.56
CA PRO A 444 -27.20 -26.44 43.98
C PRO A 444 -26.85 -27.32 42.80
N LEU A 445 -25.85 -28.18 43.01
CA LEU A 445 -25.41 -29.14 42.02
C LEU A 445 -25.07 -30.45 42.72
N LEU A 446 -25.28 -31.55 41.99
CA LEU A 446 -24.93 -32.89 42.44
C LEU A 446 -24.02 -33.48 41.38
N ILE A 447 -22.76 -33.69 41.72
CA ILE A 447 -21.71 -34.04 40.76
C ILE A 447 -21.42 -35.52 40.92
N ALA A 448 -21.88 -36.34 39.99
CA ALA A 448 -21.49 -37.74 39.94
C ALA A 448 -20.41 -37.88 38.87
N GLU A 449 -19.33 -38.57 39.20
CA GLU A 449 -18.24 -38.70 38.24
C GLU A 449 -17.36 -39.88 38.62
N ILE A 450 -16.59 -40.34 37.64
CA ILE A 450 -15.85 -41.58 37.75
C ILE A 450 -14.48 -41.31 38.36
N MET A 451 -14.16 -42.00 39.45
CA MET A 451 -12.84 -41.93 40.06
C MET A 451 -11.90 -42.97 39.46
N GLY A 452 -10.61 -42.82 39.76
CA GLY A 452 -9.62 -43.82 39.45
C GLY A 452 -9.04 -44.45 40.70
N GLU A 453 -9.05 -43.69 41.79
CA GLU A 453 -8.54 -44.15 43.07
C GLU A 453 -9.16 -43.31 44.18
N ASP A 454 -9.53 -43.97 45.27
CA ASP A 454 -10.26 -43.34 46.36
C ASP A 454 -9.33 -43.09 47.54
N THR A 455 -9.33 -41.86 48.06
CA THR A 455 -8.56 -41.48 49.23
C THR A 455 -9.48 -40.84 50.24
N GLU A 456 -9.46 -41.34 51.48
CA GLU A 456 -10.30 -40.77 52.53
C GLU A 456 -9.88 -39.35 52.87
N GLU A 457 -8.57 -39.10 52.97
CA GLU A 457 -8.09 -37.79 53.37
C GLU A 457 -8.20 -36.76 52.26
N LYS A 458 -8.41 -37.20 51.02
CA LYS A 458 -8.53 -36.29 49.89
C LYS A 458 -9.96 -35.95 49.53
N TYR A 459 -10.89 -36.88 49.73
CA TYR A 459 -12.30 -36.68 49.40
C TYR A 459 -13.15 -37.04 50.61
N PRO A 460 -13.12 -36.22 51.66
CA PRO A 460 -13.91 -36.55 52.86
C PRO A 460 -15.40 -36.32 52.69
N LYS A 461 -15.79 -35.41 51.79
CA LYS A 461 -17.20 -35.11 51.56
C LYS A 461 -17.78 -35.89 50.39
N HIS A 462 -17.01 -36.76 49.76
CA HIS A 462 -17.48 -37.56 48.64
C HIS A 462 -17.95 -38.92 49.14
N SER A 463 -19.10 -39.36 48.66
CA SER A 463 -19.65 -40.68 48.97
C SER A 463 -19.33 -41.59 47.78
N VAL A 464 -18.35 -42.47 47.94
CA VAL A 464 -17.86 -43.28 46.84
C VAL A 464 -18.77 -44.48 46.64
N PHE A 465 -19.17 -44.71 45.38
CA PHE A 465 -19.97 -45.87 45.01
C PHE A 465 -19.21 -46.76 44.04
N SER A 466 -19.50 -48.05 44.09
CA SER A 466 -18.97 -49.01 43.13
C SER A 466 -19.99 -49.22 42.03
N LEU A 467 -19.54 -49.03 40.79
CA LEU A 467 -20.38 -49.14 39.61
C LEU A 467 -19.90 -50.31 38.76
N LYS A 468 -20.81 -51.24 38.47
CA LYS A 468 -20.52 -52.42 37.68
C LYS A 468 -21.18 -52.26 36.32
N VAL A 469 -20.38 -52.28 35.26
CA VAL A 469 -20.87 -52.14 33.89
C VAL A 469 -20.10 -53.11 33.01
N GLU A 470 -20.80 -54.09 32.44
CA GLU A 470 -20.24 -55.04 31.48
C GLU A 470 -18.94 -55.65 31.98
N GLU A 471 -19.03 -56.26 33.16
CA GLU A 471 -17.89 -56.91 33.81
C GLU A 471 -16.72 -55.94 34.01
N LYS A 472 -17.04 -54.67 34.26
CA LYS A 472 -16.04 -53.65 34.52
C LYS A 472 -16.41 -52.89 35.78
N GLN A 473 -15.40 -52.59 36.60
CA GLN A 473 -15.58 -51.92 37.87
C GLN A 473 -15.13 -50.46 37.76
N PHE A 474 -15.94 -49.56 38.31
CA PHE A 474 -15.61 -48.14 38.34
C PHE A 474 -16.05 -47.56 39.68
N LEU A 475 -15.56 -46.37 39.97
CA LEU A 475 -15.92 -45.66 41.19
C LEU A 475 -16.69 -44.39 40.85
N LEU A 476 -17.58 -44.00 41.76
CA LEU A 476 -18.46 -42.85 41.56
C LEU A 476 -18.33 -41.89 42.73
N SER A 477 -18.29 -40.59 42.41
CA SER A 477 -18.01 -39.55 43.40
C SER A 477 -19.28 -39.06 44.09
N LEU A 478 -20.18 -38.46 43.32
CA LEU A 478 -21.53 -38.08 43.78
C LEU A 478 -21.44 -37.17 45.00
N LYS A 479 -20.92 -35.97 44.78
CA LYS A 479 -20.78 -34.96 45.81
C LYS A 479 -21.85 -33.87 45.66
N ILE A 480 -22.29 -33.32 46.80
CA ILE A 480 -23.21 -32.20 46.82
C ILE A 480 -22.40 -30.91 46.89
N THR A 481 -22.72 -29.95 46.03
CA THR A 481 -21.95 -28.72 45.94
C THR A 481 -22.92 -27.57 45.62
N SER A 482 -22.47 -26.35 45.90
CA SER A 482 -23.14 -25.14 45.45
C SER A 482 -22.16 -24.32 44.63
N PHE A 483 -22.56 -23.92 43.43
CA PHE A 483 -21.63 -23.29 42.51
C PHE A 483 -22.32 -22.13 41.80
N SER A 484 -21.54 -21.15 41.36
CA SER A 484 -22.09 -19.90 40.87
C SER A 484 -22.09 -19.84 39.34
N ARG A 485 -22.86 -18.88 38.82
CA ARG A 485 -22.93 -18.69 37.37
C ARG A 485 -21.61 -18.17 36.80
N ASN A 486 -21.01 -17.18 37.48
CA ASN A 486 -19.78 -16.59 36.97
C ASN A 486 -18.65 -17.61 36.92
N LYS A 487 -18.53 -18.43 37.96
CA LYS A 487 -17.49 -19.45 37.98
C LYS A 487 -17.70 -20.48 36.86
N LEU A 488 -18.95 -20.88 36.64
CA LEU A 488 -19.25 -21.82 35.57
C LEU A 488 -18.91 -21.23 34.20
N TYR A 489 -19.25 -19.96 33.99
CA TYR A 489 -18.90 -19.32 32.72
C TYR A 489 -17.39 -19.23 32.55
N THR A 490 -16.67 -18.94 33.64
CA THR A 490 -15.22 -18.87 33.55
C THR A 490 -14.62 -20.23 33.19
N PHE A 491 -15.13 -21.30 33.80
CA PHE A 491 -14.60 -22.63 33.51
C PHE A 491 -15.08 -23.15 32.16
N SER A 492 -16.12 -22.54 31.59
CA SER A 492 -16.53 -22.87 30.22
C SER A 492 -15.45 -22.52 29.21
N ASN A 493 -14.57 -21.57 29.53
CA ASN A 493 -13.49 -21.15 28.66
C ASN A 493 -12.13 -21.52 29.25
N ILE A 494 -12.05 -22.68 29.90
CA ILE A 494 -10.83 -23.10 30.57
C ILE A 494 -9.74 -23.51 29.61
N ARG A 495 -10.05 -23.67 28.32
CA ARG A 495 -9.04 -24.03 27.34
C ARG A 495 -7.99 -22.95 27.16
N ARG A 496 -8.25 -21.73 27.63
CA ARG A 496 -7.29 -20.64 27.51
C ARG A 496 -6.06 -20.84 28.38
N VAL A 497 -6.09 -21.81 29.31
CA VAL A 497 -4.95 -22.01 30.19
C VAL A 497 -3.73 -22.55 29.45
N LEU A 498 -3.92 -23.07 28.23
CA LEU A 498 -2.80 -23.61 27.46
C LEU A 498 -1.87 -22.55 26.94
N ILE A 499 -2.24 -21.26 27.01
CA ILE A 499 -1.44 -20.22 26.38
C ILE A 499 -0.14 -19.98 27.14
N GLN A 500 -0.20 -19.93 28.47
CA GLN A 500 0.98 -19.58 29.26
C GLN A 500 2.12 -20.58 29.11
N PRO A 501 1.93 -21.89 29.28
CA PRO A 501 3.02 -22.83 28.96
C PRO A 501 3.44 -22.74 27.51
N ALA A 502 2.50 -22.51 26.60
CA ALA A 502 2.86 -22.25 25.21
C ALA A 502 3.68 -20.98 25.10
N SER A 503 3.39 -19.98 25.92
CA SER A 503 4.20 -18.76 25.92
C SER A 503 5.63 -19.07 26.32
N ILE A 504 5.83 -19.86 27.38
CA ILE A 504 7.17 -20.20 27.81
C ILE A 504 7.90 -20.98 26.72
N TYR A 505 7.23 -21.98 26.14
CA TYR A 505 7.85 -22.81 25.12
C TYR A 505 8.23 -21.98 23.89
N SER A 506 7.31 -21.14 23.42
CA SER A 506 7.58 -20.32 22.25
C SER A 506 8.68 -19.31 22.52
N GLN A 507 8.71 -18.73 23.72
CA GLN A 507 9.77 -17.79 24.05
C GLN A 507 11.13 -18.48 24.02
N VAL A 508 11.22 -19.68 24.59
CA VAL A 508 12.50 -20.39 24.58
C VAL A 508 12.94 -20.69 23.15
N VAL A 509 12.02 -21.24 22.34
CA VAL A 509 12.38 -21.65 20.98
C VAL A 509 12.76 -20.43 20.14
N LEU A 510 11.98 -19.35 20.24
CA LEU A 510 12.26 -18.18 19.43
C LEU A 510 13.50 -17.45 19.89
N SER A 511 13.79 -17.45 21.20
CA SER A 511 15.05 -16.88 21.67
C SER A 511 16.24 -17.65 21.13
N ARG A 512 16.16 -18.99 21.14
CA ARG A 512 17.24 -19.78 20.56
C ARG A 512 17.37 -19.53 19.07
N ALA A 513 16.25 -19.39 18.37
CA ALA A 513 16.29 -19.12 16.93
C ALA A 513 16.93 -17.76 16.64
N ALA A 514 16.58 -16.75 17.44
CA ALA A 514 17.16 -15.43 17.23
C ALA A 514 18.64 -15.40 17.58
N GLU A 515 19.04 -16.17 18.60
CA GLU A 515 20.46 -16.25 18.94
C GLU A 515 21.27 -16.85 17.82
N ASN A 516 20.75 -17.90 17.19
CA ASN A 516 21.44 -18.58 16.09
C ASN A 516 21.08 -18.03 14.73
N ASN A 517 20.18 -17.05 14.65
CA ASN A 517 19.77 -16.43 13.39
C ASN A 517 19.13 -17.42 12.44
N SER A 518 18.58 -18.51 12.98
CA SER A 518 17.93 -19.53 12.16
C SER A 518 16.98 -20.33 13.04
N LEU A 519 15.84 -20.70 12.48
CA LEU A 519 14.83 -21.46 13.22
C LEU A 519 15.14 -22.95 13.17
N ASN A 520 15.06 -23.60 14.32
CA ASN A 520 15.29 -25.04 14.43
C ASN A 520 13.99 -25.82 14.59
N LEU A 521 13.11 -25.35 15.48
CA LEU A 521 11.77 -25.90 15.72
C LEU A 521 11.81 -27.26 16.39
N GLU A 522 12.99 -27.86 16.58
CA GLU A 522 13.11 -29.16 17.24
C GLU A 522 14.03 -29.09 18.46
N VAL A 523 14.32 -27.89 18.95
CA VAL A 523 15.21 -27.75 20.10
C VAL A 523 14.50 -28.23 21.36
N ASN A 524 15.22 -29.00 22.17
CA ASN A 524 14.76 -29.45 23.48
C ASN A 524 15.90 -29.22 24.46
N PRO A 525 16.18 -27.95 24.79
CA PRO A 525 17.36 -27.65 25.61
C PRO A 525 17.23 -28.15 27.06
N GLU A 526 18.29 -27.94 27.85
CA GLU A 526 18.36 -28.44 29.22
C GLU A 526 18.18 -27.25 30.16
N ILE A 527 16.94 -27.04 30.61
CA ILE A 527 16.67 -25.99 31.59
C ILE A 527 17.21 -26.41 32.95
N GLN A 528 17.92 -25.51 33.61
CA GLN A 528 18.43 -25.76 34.96
C GLN A 528 17.40 -25.28 35.97
N LEU A 529 16.99 -26.18 36.86
CA LEU A 529 15.95 -25.86 37.84
C LEU A 529 16.34 -26.43 39.19
N TYR A 530 15.81 -25.82 40.26
CA TYR A 530 15.94 -26.36 41.60
C TYR A 530 14.88 -27.44 41.78
N LEU A 531 15.27 -28.70 41.67
CA LEU A 531 14.29 -29.78 41.72
C LEU A 531 14.00 -30.24 43.14
N GLU A 532 15.03 -30.70 43.86
CA GLU A 532 14.85 -31.17 45.23
C GLU A 532 15.73 -30.38 46.18
N GLY A 533 15.75 -29.05 46.02
CA GLY A 533 16.68 -28.21 46.72
C GLY A 533 18.03 -28.10 46.06
N ALA A 534 18.26 -28.81 44.96
CA ALA A 534 19.51 -28.75 44.22
C ALA A 534 19.21 -28.45 42.76
N GLN A 535 20.17 -27.81 42.11
CA GLN A 535 20.02 -27.41 40.71
C GLN A 535 20.40 -28.57 39.80
N ARG A 536 19.43 -29.04 39.03
CA ARG A 536 19.65 -30.11 38.07
C ARG A 536 19.06 -29.71 36.72
N GLY A 537 19.58 -30.34 35.67
CA GLY A 537 19.04 -30.12 34.35
C GLY A 537 17.75 -30.87 34.12
N MET A 538 17.00 -30.42 33.11
CA MET A 538 15.69 -31.00 32.83
C MET A 538 15.26 -30.59 31.43
N THR A 539 14.67 -31.53 30.70
CA THR A 539 14.27 -31.25 29.32
C THR A 539 13.14 -30.23 29.28
N LEU A 540 13.09 -29.47 28.19
CA LEU A 540 12.11 -28.40 28.05
C LEU A 540 10.69 -28.94 27.91
N TYR A 541 10.53 -30.09 27.25
CA TYR A 541 9.19 -30.60 26.96
C TYR A 541 8.43 -30.93 28.26
N GLN A 542 9.06 -31.66 29.16
CA GLN A 542 8.40 -32.00 30.42
C GLN A 542 8.31 -30.78 31.35
N TRP A 543 9.21 -29.81 31.20
CA TRP A 543 9.04 -28.54 31.92
C TRP A 543 7.76 -27.86 31.51
N VAL A 544 7.52 -27.75 30.20
CA VAL A 544 6.27 -27.19 29.71
C VAL A 544 5.09 -28.05 30.17
N ARG A 545 5.28 -29.36 30.21
CA ARG A 545 4.20 -30.25 30.62
C ARG A 545 3.74 -29.96 32.04
N MET A 546 4.68 -29.95 33.00
CA MET A 546 4.15 -29.68 34.34
C MET A 546 3.93 -28.20 34.62
N ILE A 547 4.46 -27.29 33.80
CA ILE A 547 3.99 -25.91 33.86
C ILE A 547 2.51 -25.85 33.51
N LEU A 548 2.10 -26.59 32.48
CA LEU A 548 0.68 -26.69 32.15
C LEU A 548 -0.09 -27.34 33.29
N CYS A 549 0.46 -28.39 33.89
CA CYS A 549 -0.19 -29.03 35.02
C CYS A 549 -0.46 -28.04 36.16
N LEU A 550 0.57 -27.29 36.54
CA LEU A 550 0.45 -26.35 37.65
C LEU A 550 -0.44 -25.17 37.28
N GLU A 551 -0.40 -24.71 36.03
CA GLU A 551 -1.30 -23.65 35.59
C GLU A 551 -2.75 -24.09 35.69
N PHE A 552 -3.06 -25.31 35.24
CA PHE A 552 -4.41 -25.83 35.36
C PHE A 552 -4.80 -25.97 36.83
N LEU A 553 -3.89 -26.44 37.66
CA LEU A 553 -4.19 -26.63 39.07
C LEU A 553 -4.49 -25.31 39.75
N MET A 554 -3.76 -24.25 39.38
CA MET A 554 -4.03 -22.93 39.95
C MET A 554 -5.31 -22.33 39.39
N ALA A 555 -5.62 -22.59 38.12
CA ALA A 555 -6.83 -22.01 37.52
C ALA A 555 -8.09 -22.53 38.21
N ILE A 556 -8.13 -23.82 38.52
CA ILE A 556 -9.31 -24.39 39.18
C ILE A 556 -9.32 -24.14 40.67
N TYR A 557 -8.24 -23.61 41.23
CA TYR A 557 -8.15 -23.30 42.65
C TYR A 557 -7.93 -21.81 42.88
N ASN A 558 -8.51 -20.98 42.04
CA ASN A 558 -8.32 -19.53 42.11
C ASN A 558 -9.36 -18.95 43.07
N ASN A 559 -8.89 -18.39 44.17
CA ASN A 559 -9.73 -17.73 45.16
C ASN A 559 -9.02 -16.46 45.61
N PRO A 560 -9.64 -15.64 46.47
CA PRO A 560 -8.93 -14.44 46.96
C PRO A 560 -7.56 -14.72 47.54
N GLN A 561 -7.39 -15.84 48.26
CA GLN A 561 -6.07 -16.18 48.78
C GLN A 561 -5.07 -16.38 47.66
N MET A 562 -5.47 -17.11 46.62
CA MET A 562 -4.56 -17.35 45.50
C MET A 562 -4.27 -16.05 44.75
N GLU A 563 -5.28 -15.21 44.55
CA GLU A 563 -5.06 -13.93 43.86
C GLU A 563 -4.07 -13.07 44.62
N GLY A 564 -4.27 -12.94 45.94
CA GLY A 564 -3.35 -12.14 46.73
C GLY A 564 -1.95 -12.71 46.78
N PHE A 565 -1.85 -14.04 46.93
CA PHE A 565 -0.55 -14.69 46.97
C PHE A 565 0.22 -14.47 45.68
N LEU A 566 -0.45 -14.67 44.54
CA LEU A 566 0.23 -14.50 43.25
C LEU A 566 0.56 -13.04 42.98
N ALA A 567 -0.31 -12.12 43.40
CA ALA A 567 -0.04 -10.71 43.20
C ALA A 567 1.16 -10.25 44.02
N ASN A 568 1.30 -10.76 45.24
CA ASN A 568 2.39 -10.33 46.10
C ASN A 568 3.66 -11.14 45.93
N MET A 569 3.60 -12.29 45.25
CA MET A 569 4.80 -13.09 45.00
C MET A 569 5.65 -12.52 43.88
N ARG A 570 5.12 -11.60 43.07
CA ARG A 570 5.88 -11.07 41.95
C ARG A 570 7.05 -10.22 42.42
N ARG A 571 6.86 -9.46 43.51
CA ARG A 571 7.97 -8.69 44.06
C ARG A 571 9.10 -9.59 44.54
N LEU A 572 8.76 -10.68 45.22
CA LEU A 572 9.79 -11.60 45.70
C LEU A 572 10.46 -12.33 44.54
N HIS A 573 9.68 -12.67 43.52
CA HIS A 573 10.26 -13.28 42.32
C HIS A 573 11.26 -12.34 41.64
N MET A 574 10.90 -11.06 41.53
CA MET A 574 11.80 -10.07 40.95
C MET A 574 13.04 -9.89 41.81
N SER A 575 12.87 -9.89 43.14
CA SER A 575 14.01 -9.77 44.04
C SER A 575 14.97 -10.95 43.89
N ARG A 576 14.42 -12.17 43.80
CA ARG A 576 15.27 -13.33 43.59
C ARG A 576 16.00 -13.26 42.26
N HIS A 577 15.29 -12.87 41.20
CA HIS A 577 15.93 -12.76 39.90
C HIS A 577 17.03 -11.70 39.92
N ALA A 578 16.81 -10.61 40.65
CA ALA A 578 17.85 -9.60 40.79
C ALA A 578 19.06 -10.15 41.54
N MET A 579 18.83 -10.89 42.62
CA MET A 579 19.97 -11.34 43.43
C MET A 579 20.76 -12.44 42.75
N MET A 580 20.14 -13.23 41.87
CA MET A 580 20.95 -14.20 41.14
C MET A 580 21.87 -13.56 40.12
N GLU A 581 21.71 -12.27 39.83
CA GLU A 581 22.60 -11.54 38.93
C GLU A 581 23.54 -10.61 39.68
N ARG A 582 23.87 -10.96 40.93
CA ARG A 582 24.82 -10.20 41.76
C ARG A 582 24.34 -8.77 42.00
N ARG A 583 23.03 -8.56 42.03
CA ARG A 583 22.45 -7.27 42.33
C ARG A 583 21.98 -7.23 43.78
N GLN A 584 22.36 -6.18 44.50
CA GLN A 584 21.95 -6.02 45.87
C GLN A 584 20.54 -5.45 45.95
N VAL A 585 19.79 -5.88 46.97
CA VAL A 585 18.42 -5.43 47.18
C VAL A 585 18.36 -4.71 48.51
N PHE A 586 17.86 -3.48 48.50
CA PHE A 586 17.74 -2.65 49.68
C PHE A 586 16.28 -2.36 49.96
N LEU A 587 15.96 -2.21 51.24
CA LEU A 587 14.57 -2.11 51.69
C LEU A 587 14.39 -0.93 52.62
N PRO A 588 13.18 -0.38 52.70
CA PRO A 588 12.92 0.71 53.65
C PRO A 588 12.98 0.25 55.10
N PHE A 589 12.64 1.17 56.02
CA PHE A 589 12.78 0.88 57.44
C PHE A 589 11.93 -0.30 57.87
N GLY A 590 10.60 -0.14 57.81
CA GLY A 590 9.70 -1.19 58.26
C GLY A 590 9.27 -2.11 57.14
N SER A 591 10.22 -2.58 56.35
CA SER A 591 9.93 -3.37 55.15
C SER A 591 9.90 -4.85 55.49
N ARG A 592 8.75 -5.49 55.30
CA ARG A 592 8.61 -6.93 55.45
C ARG A 592 7.79 -7.45 54.28
N PRO A 593 8.43 -7.65 53.13
CA PRO A 593 7.68 -8.11 51.95
C PRO A 593 7.03 -9.47 52.13
N GLU A 594 7.52 -10.28 53.07
CA GLU A 594 6.95 -11.61 53.27
C GLU A 594 5.59 -11.57 53.95
N ASP A 595 5.27 -10.51 54.69
CA ASP A 595 4.01 -10.45 55.40
C ASP A 595 2.82 -10.39 54.45
N LYS A 596 2.95 -9.61 53.36
CA LYS A 596 1.88 -9.49 52.39
C LYS A 596 1.62 -10.80 51.65
N VAL A 597 2.60 -11.69 51.63
CA VAL A 597 2.40 -13.02 51.06
C VAL A 597 1.87 -13.99 52.10
N ASN A 598 2.37 -13.89 53.33
CA ASN A 598 1.97 -14.81 54.40
C ASN A 598 0.51 -14.60 54.77
N GLU A 599 0.00 -13.37 54.67
CA GLU A 599 -1.39 -13.13 55.00
C GLU A 599 -2.34 -13.83 54.05
N CYS A 600 -1.89 -14.20 52.85
CA CYS A 600 -2.71 -14.88 51.87
C CYS A 600 -2.55 -16.40 51.91
N ILE A 601 -1.70 -16.93 52.79
CA ILE A 601 -1.49 -18.36 52.93
C ILE A 601 -2.33 -18.81 54.13
N ILE A 602 -3.52 -19.34 53.85
CA ILE A 602 -4.41 -19.78 54.93
C ILE A 602 -4.73 -21.26 54.77
N ASN A 603 -5.47 -21.61 53.73
CA ASN A 603 -5.87 -23.00 53.55
C ASN A 603 -5.85 -23.49 52.11
N ASN A 604 -5.39 -22.70 51.16
CA ASN A 604 -5.40 -23.12 49.76
C ASN A 604 -4.26 -24.11 49.53
N PRO A 605 -4.55 -25.35 49.12
CA PRO A 605 -3.47 -26.35 48.98
C PRO A 605 -2.41 -25.97 47.96
N ILE A 606 -2.78 -25.35 46.85
CA ILE A 606 -1.79 -25.01 45.84
C ILE A 606 -1.01 -23.75 46.23
N VAL A 607 -1.61 -22.84 46.99
CA VAL A 607 -0.83 -21.75 47.57
C VAL A 607 0.23 -22.30 48.50
N ALA A 608 -0.13 -23.29 49.33
CA ALA A 608 0.84 -23.93 50.21
C ALA A 608 1.91 -24.66 49.41
N TYR A 609 1.51 -25.30 48.31
CA TYR A 609 2.48 -26.00 47.46
C TYR A 609 3.49 -25.03 46.86
N LEU A 610 3.01 -23.88 46.37
CA LEU A 610 3.90 -22.87 45.83
C LEU A 610 4.80 -22.30 46.93
N ALA A 611 4.26 -22.12 48.14
CA ALA A 611 5.08 -21.64 49.25
C ALA A 611 6.18 -22.64 49.60
N LYS A 612 5.86 -23.93 49.60
CA LYS A 612 6.88 -24.94 49.87
C LYS A 612 7.93 -24.93 48.76
N GLY A 613 7.51 -24.79 47.51
CA GLY A 613 8.46 -24.70 46.42
C GLY A 613 9.38 -23.51 46.56
N TRP A 614 8.84 -22.36 46.98
CA TRP A 614 9.67 -21.19 47.21
C TRP A 614 10.64 -21.41 48.36
N ASN A 615 10.19 -22.06 49.43
CA ASN A 615 11.05 -22.29 50.58
C ASN A 615 12.15 -23.30 50.27
N SER A 616 11.89 -24.24 49.37
CA SER A 616 12.86 -25.28 49.06
C SER A 616 14.09 -24.71 48.37
N MET A 617 13.91 -23.77 47.45
CA MET A 617 15.03 -23.23 46.69
C MET A 617 15.89 -22.34 47.59
N PRO A 618 17.17 -22.15 47.23
CA PRO A 618 18.07 -21.37 48.09
C PRO A 618 17.60 -19.95 48.30
N ASN A 619 17.88 -19.41 49.49
CA ASN A 619 17.52 -18.05 49.83
C ASN A 619 18.70 -17.10 49.83
N VAL A 620 19.93 -17.61 49.95
CA VAL A 620 21.14 -16.80 49.96
C VAL A 620 21.91 -17.09 48.68
N TYR A 621 22.25 -16.03 47.95
CA TYR A 621 22.97 -16.14 46.69
C TYR A 621 24.36 -15.54 46.84
N TYR A 622 25.37 -16.32 46.51
CA TYR A 622 26.76 -15.86 46.61
C TYR A 622 27.33 -15.53 45.23
N MET B 1 6.87 -23.13 43.01
CA MET B 1 7.62 -21.93 42.65
C MET B 1 8.92 -22.28 41.94
N ASN B 2 9.47 -23.46 42.27
CA ASN B 2 10.71 -23.89 41.64
C ASN B 2 10.53 -24.17 40.16
N LEU B 3 9.32 -24.53 39.74
CA LEU B 3 9.03 -24.71 38.32
C LEU B 3 8.96 -23.39 37.57
N PHE B 4 8.85 -22.27 38.28
CA PHE B 4 8.72 -20.95 37.66
C PHE B 4 10.03 -20.17 37.70
N THR B 5 11.15 -20.79 38.08
CA THR B 5 12.42 -20.11 38.25
C THR B 5 13.48 -20.82 37.41
N PRO B 6 13.50 -20.56 36.09
CA PRO B 6 14.56 -21.11 35.25
C PRO B 6 15.89 -20.43 35.54
N LEU B 7 16.98 -21.15 35.25
CA LEU B 7 18.32 -20.67 35.53
C LEU B 7 19.28 -20.71 34.35
N SER B 8 18.90 -21.33 33.23
CA SER B 8 19.83 -21.53 32.12
C SER B 8 19.45 -20.76 30.86
N GLU B 9 18.24 -20.97 30.34
CA GLU B 9 17.87 -20.39 29.05
C GLU B 9 17.18 -19.04 29.20
N ILE B 10 16.05 -19.01 29.90
CA ILE B 10 15.29 -17.79 30.10
C ILE B 10 15.38 -17.38 31.57
N ASN B 11 15.22 -16.09 31.80
CA ASN B 11 15.29 -15.52 33.13
C ASN B 11 13.93 -15.58 33.83
N PRO B 12 13.92 -15.47 35.15
CA PRO B 12 12.64 -15.50 35.88
C PRO B 12 11.68 -14.39 35.48
N THR B 13 12.18 -13.26 34.96
CA THR B 13 11.30 -12.17 34.56
C THR B 13 10.33 -12.62 33.47
N THR B 14 10.83 -13.37 32.49
CA THR B 14 9.94 -13.88 31.45
C THR B 14 8.91 -14.85 32.00
N THR B 15 9.11 -15.38 33.20
CA THR B 15 8.14 -16.26 33.84
C THR B 15 7.19 -15.50 34.77
N GLN B 16 7.29 -14.17 34.83
CA GLN B 16 6.32 -13.39 35.59
C GLN B 16 4.90 -13.62 35.08
N GLU B 17 4.75 -13.98 33.81
CA GLU B 17 3.44 -14.30 33.25
C GLU B 17 2.85 -15.57 33.85
N LEU B 18 3.69 -16.45 34.41
CA LEU B 18 3.19 -17.66 35.06
C LEU B 18 2.64 -17.39 36.45
N LEU B 19 2.90 -16.23 37.02
CA LEU B 19 2.34 -15.87 38.33
C LEU B 19 0.99 -15.16 38.17
N TYR B 20 0.11 -15.76 37.40
CA TYR B 20 -1.20 -15.20 37.11
C TYR B 20 -2.20 -16.35 37.08
N ALA B 21 -3.14 -16.35 38.03
CA ALA B 21 -4.17 -17.38 38.10
C ALA B 21 -5.40 -17.02 37.26
N TYR B 22 -5.23 -16.16 36.26
CA TYR B 22 -6.36 -15.79 35.42
C TYR B 22 -6.81 -16.99 34.60
N THR B 23 -7.95 -16.85 33.93
CA THR B 23 -8.77 -17.91 33.36
C THR B 23 -9.44 -18.73 34.43
N GLY B 24 -9.16 -18.46 35.71
CA GLY B 24 -9.95 -18.98 36.80
C GLY B 24 -10.89 -17.90 37.30
N PRO B 25 -11.78 -18.25 38.21
CA PRO B 25 -12.77 -17.27 38.69
C PRO B 25 -12.13 -16.13 39.44
N ALA B 26 -12.76 -14.96 39.33
CA ALA B 26 -12.31 -13.79 40.08
C ALA B 26 -13.12 -13.64 41.36
N PRO B 27 -12.51 -13.21 42.45
CA PRO B 27 -13.25 -13.07 43.71
C PRO B 27 -14.34 -12.02 43.62
N VAL B 28 -15.41 -12.25 44.37
CA VAL B 28 -16.55 -11.34 44.43
C VAL B 28 -16.88 -11.04 45.88
N ALA B 29 -17.53 -9.91 46.10
CA ALA B 29 -18.01 -9.53 47.42
C ALA B 29 -19.45 -9.97 47.59
N TYR B 30 -19.78 -10.37 48.82
CA TYR B 30 -21.04 -11.06 49.08
C TYR B 30 -22.05 -10.23 49.86
N GLY B 31 -21.67 -9.70 51.02
CA GLY B 31 -22.66 -9.11 51.90
C GLY B 31 -22.58 -7.61 52.07
N THR B 32 -22.40 -7.17 53.31
CA THR B 32 -22.51 -5.75 53.67
C THR B 32 -21.17 -5.06 53.53
N ARG B 33 -21.20 -3.84 53.00
CA ARG B 33 -20.01 -3.02 52.81
C ARG B 33 -19.73 -2.10 53.98
N THR B 34 -20.56 -2.12 55.02
CA THR B 34 -20.45 -1.13 56.10
C THR B 34 -19.10 -1.23 56.80
N ARG B 35 -18.62 -2.45 57.04
CA ARG B 35 -17.34 -2.62 57.73
C ARG B 35 -16.21 -1.99 56.94
N ALA B 36 -16.15 -2.26 55.63
CA ALA B 36 -15.09 -1.71 54.80
C ALA B 36 -15.19 -0.19 54.71
N VAL B 37 -16.41 0.34 54.57
CA VAL B 37 -16.60 1.78 54.52
C VAL B 37 -16.12 2.43 55.81
N LEU B 38 -16.47 1.84 56.96
CA LEU B 38 -16.06 2.41 58.24
C LEU B 38 -14.56 2.29 58.46
N GLU B 39 -13.93 1.22 57.97
CA GLU B 39 -12.48 1.14 58.03
C GLU B 39 -11.85 2.25 57.20
N ASN B 40 -12.37 2.50 56.00
CA ASN B 40 -11.84 3.57 55.17
C ASN B 40 -12.06 4.94 55.80
N ILE B 41 -13.16 5.10 56.54
CA ILE B 41 -13.41 6.36 57.24
C ILE B 41 -12.44 6.53 58.40
N ILE B 42 -12.19 5.46 59.15
CA ILE B 42 -11.42 5.59 60.39
C ILE B 42 -9.91 5.58 60.16
N ARG B 43 -9.44 5.05 59.02
CA ARG B 43 -8.00 5.01 58.78
C ARG B 43 -7.34 6.38 58.74
N PRO B 44 -7.88 7.41 58.07
CA PRO B 44 -7.21 8.72 58.10
C PRO B 44 -7.05 9.29 59.49
N TYR B 45 -8.01 9.04 60.39
CA TYR B 45 -7.92 9.57 61.74
C TYR B 45 -6.89 8.82 62.57
N GLN B 46 -6.64 7.55 62.25
CA GLN B 46 -5.66 6.76 62.99
C GLN B 46 -4.23 7.10 62.63
N TYR B 47 -4.00 7.74 61.48
CA TYR B 47 -2.65 8.02 61.00
C TYR B 47 -2.25 9.48 61.16
N PHE B 48 -3.14 10.34 61.66
CA PHE B 48 -2.79 11.74 61.80
C PHE B 48 -1.71 11.95 62.84
N TYR B 49 -1.76 11.22 63.94
CA TYR B 49 -0.78 11.31 65.01
C TYR B 49 0.12 10.09 65.00
N LYS B 50 1.31 10.24 65.59
CA LYS B 50 2.22 9.10 65.72
C LYS B 50 1.59 7.99 66.54
N GLU B 51 0.97 8.33 67.67
CA GLU B 51 0.21 7.30 68.35
C GLU B 51 -1.26 7.39 67.95
N PRO B 52 -1.94 6.24 67.79
CA PRO B 52 -3.34 6.27 67.36
C PRO B 52 -4.21 6.96 68.41
N ASN B 53 -4.80 8.09 68.01
CA ASN B 53 -5.73 8.84 68.87
C ASN B 53 -6.84 9.36 67.96
N VAL B 54 -7.90 8.56 67.81
CA VAL B 54 -8.98 8.93 66.90
C VAL B 54 -9.79 10.09 67.47
N GLN B 55 -10.11 10.05 68.76
CA GLN B 55 -10.98 11.06 69.35
C GLN B 55 -10.38 12.45 69.25
N ARG B 56 -9.07 12.58 69.51
CA ARG B 56 -8.44 13.89 69.43
C ARG B 56 -8.31 14.37 67.99
N ALA B 57 -8.27 13.44 67.04
CA ALA B 57 -8.11 13.79 65.63
C ALA B 57 -9.44 13.95 64.90
N LEU B 58 -10.57 13.82 65.59
CA LEU B 58 -11.86 13.95 64.93
C LEU B 58 -12.35 15.40 64.85
N ASP B 59 -11.82 16.29 65.65
CA ASP B 59 -12.27 17.68 65.67
C ASP B 59 -11.41 18.61 64.82
N ILE B 60 -10.42 18.08 64.13
CA ILE B 60 -9.58 18.88 63.25
C ILE B 60 -10.22 18.98 61.88
N LYS B 61 -10.05 20.13 61.23
CA LYS B 61 -10.64 20.38 59.92
C LYS B 61 -9.61 20.32 58.80
N THR B 62 -8.52 21.07 58.89
CA THR B 62 -7.46 21.05 57.90
C THR B 62 -6.32 20.18 58.44
N GLY B 63 -5.97 19.14 57.69
CA GLY B 63 -4.96 18.21 58.14
C GLY B 63 -3.54 18.69 57.98
N CYS B 64 -3.22 19.84 58.57
CA CYS B 64 -1.87 20.40 58.54
C CYS B 64 -1.18 20.09 59.87
N LYS B 65 0.05 19.60 59.79
CA LYS B 65 0.78 19.17 60.97
C LYS B 65 2.22 19.66 60.89
N GLU B 66 2.85 19.78 62.05
CA GLU B 66 4.23 20.21 62.13
C GLU B 66 5.17 19.11 61.63
N PRO B 67 6.39 19.48 61.22
CA PRO B 67 7.32 18.45 60.73
C PRO B 67 7.61 17.35 61.73
N GLU B 68 7.73 17.70 63.02
CA GLU B 68 7.95 16.68 64.04
C GLU B 68 6.72 15.83 64.30
N ASP B 69 5.54 16.25 63.84
CA ASP B 69 4.34 15.45 63.99
C ASP B 69 4.32 14.30 62.97
N ILE B 70 4.90 14.53 61.79
CA ILE B 70 4.86 13.54 60.72
C ILE B 70 5.51 12.25 61.18
N ASN B 71 4.82 11.14 60.96
CA ASN B 71 5.32 9.82 61.32
C ASN B 71 6.25 9.29 60.24
N VAL B 72 7.45 8.88 60.63
CA VAL B 72 8.43 8.34 59.69
C VAL B 72 8.50 6.82 59.72
N GLU B 73 7.85 6.17 60.68
CA GLU B 73 7.88 4.72 60.81
C GLU B 73 6.52 4.09 60.51
N GLY B 74 5.64 4.82 59.83
CA GLY B 74 4.32 4.33 59.50
C GLY B 74 3.55 5.32 58.65
N PRO B 75 2.31 4.98 58.31
CA PRO B 75 1.48 5.89 57.52
C PRO B 75 1.26 7.21 58.25
N SER B 76 1.26 8.30 57.50
CA SER B 76 1.09 9.65 58.05
C SER B 76 0.02 10.36 57.24
N SER B 77 -1.14 10.58 57.87
CA SER B 77 -2.25 11.29 57.24
C SER B 77 -2.12 12.78 57.56
N GLY B 78 -1.88 13.59 56.54
CA GLY B 78 -1.70 15.01 56.74
C GLY B 78 -0.54 15.58 55.95
N PHE B 79 -0.45 16.90 55.89
CA PHE B 79 0.57 17.57 55.09
C PHE B 79 1.19 18.70 55.89
N HIS B 80 2.33 19.17 55.40
CA HIS B 80 3.00 20.36 55.94
C HIS B 80 2.72 21.52 54.99
N THR B 81 2.08 22.57 55.52
CA THR B 81 1.62 23.67 54.66
C THR B 81 2.79 24.39 54.01
N ALA B 82 3.82 24.72 54.78
CA ALA B 82 4.98 25.41 54.24
C ALA B 82 5.69 24.54 53.20
N SER B 83 5.80 23.23 53.47
CA SER B 83 6.40 22.32 52.51
C SER B 83 5.61 22.31 51.21
N VAL B 84 4.27 22.25 51.30
CA VAL B 84 3.45 22.23 50.10
C VAL B 84 3.63 23.52 49.31
N LEU B 85 3.65 24.67 50.00
CA LEU B 85 3.85 25.94 49.31
C LEU B 85 5.19 25.98 48.60
N LYS B 86 6.26 25.61 49.30
CA LYS B 86 7.59 25.67 48.69
C LYS B 86 7.73 24.70 47.53
N LEU B 87 7.19 23.48 47.69
CA LEU B 87 7.30 22.49 46.62
C LEU B 87 6.48 22.86 45.40
N ALA B 88 5.31 23.46 45.61
CA ALA B 88 4.52 23.95 44.48
C ALA B 88 5.24 25.11 43.79
N ASP B 89 5.89 25.98 44.58
CA ASP B 89 6.70 27.05 44.00
C ASP B 89 7.80 26.48 43.12
N ASN B 90 8.52 25.47 43.63
CA ASN B 90 9.60 24.86 42.86
C ASN B 90 9.08 24.18 41.60
N PHE B 91 7.93 23.50 41.71
CA PHE B 91 7.36 22.82 40.55
C PHE B 91 6.86 23.81 39.52
N PHE B 92 6.42 25.00 39.94
CA PHE B 92 6.00 26.01 38.97
C PHE B 92 7.21 26.65 38.30
N ARG B 93 8.27 26.92 39.07
CA ARG B 93 9.46 27.55 38.48
C ARG B 93 10.06 26.67 37.40
N LYS B 94 10.16 25.36 37.67
CA LYS B 94 10.49 24.41 36.63
C LYS B 94 9.24 24.07 35.82
N TYR B 95 9.45 23.40 34.69
CA TYR B 95 8.33 22.96 33.84
C TYR B 95 7.45 24.13 33.41
N ARG B 96 8.08 25.24 33.04
CA ARG B 96 7.32 26.40 32.57
C ARG B 96 6.46 26.11 31.34
N PRO B 97 6.89 25.31 30.35
CA PRO B 97 5.98 24.98 29.24
C PRO B 97 4.67 24.35 29.71
N ALA B 98 4.72 23.51 30.75
CA ALA B 98 3.49 22.93 31.27
C ALA B 98 2.55 24.01 31.80
N MET B 99 3.10 25.01 32.48
CA MET B 99 2.26 26.10 32.98
C MET B 99 1.73 26.97 31.84
N GLU B 100 2.52 27.14 30.78
CA GLU B 100 2.00 27.85 29.60
C GLU B 100 0.85 27.08 28.97
N LYS B 101 0.97 25.76 28.90
CA LYS B 101 -0.13 24.95 28.40
C LYS B 101 -1.35 25.04 29.31
N LEU B 102 -1.13 25.12 30.63
CA LEU B 102 -2.24 25.33 31.55
C LEU B 102 -2.94 26.66 31.29
N LYS B 103 -2.15 27.71 31.06
CA LYS B 103 -2.73 29.02 30.76
C LYS B 103 -3.52 28.97 29.46
N TYR B 104 -2.98 28.30 28.44
CA TYR B 104 -3.71 28.15 27.18
C TYR B 104 -5.01 27.39 27.39
N TRP B 105 -4.98 26.33 28.18
CA TRP B 105 -6.19 25.56 28.46
C TRP B 105 -7.23 26.40 29.17
N ILE B 106 -6.79 27.21 30.13
CA ILE B 106 -7.72 28.10 30.84
C ILE B 106 -8.33 29.11 29.88
N LEU B 107 -7.50 29.71 29.03
CA LEU B 107 -7.98 30.76 28.15
C LEU B 107 -8.83 30.19 27.01
N VAL B 108 -8.41 29.06 26.45
CA VAL B 108 -9.02 28.52 25.22
C VAL B 108 -9.91 27.33 25.51
N LYS B 109 -9.34 26.24 26.05
CA LYS B 109 -10.09 25.00 26.15
C LYS B 109 -11.15 25.05 27.24
N LEU B 110 -10.87 25.73 28.34
CA LEU B 110 -11.82 25.76 29.46
C LEU B 110 -13.17 26.38 29.09
N PRO B 111 -13.24 27.54 28.44
CA PRO B 111 -14.57 28.11 28.13
C PRO B 111 -15.41 27.26 27.20
N LYS B 112 -14.80 26.41 26.38
CA LYS B 112 -15.54 25.60 25.42
C LYS B 112 -15.86 24.19 25.93
N LEU B 113 -15.51 23.86 27.17
CA LEU B 113 -15.94 22.59 27.74
C LEU B 113 -17.45 22.55 27.88
N LYS B 114 -18.05 21.44 27.49
CA LYS B 114 -19.49 21.26 27.52
C LYS B 114 -19.87 20.34 28.66
N TYR B 115 -20.97 20.66 29.36
CA TYR B 115 -21.40 19.81 30.46
C TYR B 115 -21.90 18.46 29.99
N ALA B 116 -22.20 18.32 28.69
CA ALA B 116 -22.57 17.02 28.15
C ALA B 116 -21.45 16.00 28.27
N GLU B 117 -20.21 16.45 28.49
CA GLU B 117 -19.11 15.53 28.77
C GLU B 117 -19.38 14.72 30.03
N LEU B 118 -20.14 15.28 30.97
CA LEU B 118 -20.51 14.53 32.17
C LEU B 118 -21.33 13.30 31.82
N SER B 119 -21.96 13.27 30.65
CA SER B 119 -22.71 12.10 30.21
C SER B 119 -21.80 10.92 29.88
N LYS B 120 -20.49 11.16 29.72
CA LYS B 120 -19.56 10.08 29.39
C LYS B 120 -19.32 9.13 30.55
N GLY B 121 -19.80 9.45 31.74
CA GLY B 121 -19.53 8.65 32.92
C GLY B 121 -20.37 7.39 32.98
N ARG B 122 -20.26 6.72 34.14
CA ARG B 122 -20.96 5.47 34.41
C ARG B 122 -21.93 5.69 35.57
N GLN B 123 -22.48 4.60 36.11
CA GLN B 123 -23.44 4.65 37.20
C GLN B 123 -23.11 5.73 38.22
N THR B 124 -24.04 6.65 38.41
CA THR B 124 -23.86 7.85 39.21
C THR B 124 -24.97 7.94 40.24
N TYR B 125 -24.60 8.32 41.47
CA TYR B 125 -25.59 8.53 42.50
C TYR B 125 -26.48 9.72 42.15
N SER B 126 -27.79 9.58 42.40
CA SER B 126 -28.76 10.61 42.09
C SER B 126 -29.28 11.21 43.39
N PHE B 127 -29.15 12.53 43.53
CA PHE B 127 -29.67 13.20 44.71
C PHE B 127 -31.19 13.28 44.72
N ILE B 128 -31.85 12.93 43.61
CA ILE B 128 -33.30 12.97 43.51
C ILE B 128 -33.88 11.64 43.94
N HIS B 129 -33.46 10.55 43.29
CA HIS B 129 -34.00 9.23 43.54
C HIS B 129 -33.23 8.45 44.59
N LYS B 130 -32.11 8.99 45.09
CA LYS B 130 -31.29 8.31 46.09
C LYS B 130 -30.86 6.93 45.62
N ARG B 131 -30.52 6.83 44.34
CA ARG B 131 -30.17 5.56 43.72
C ARG B 131 -29.12 5.80 42.66
N ASN B 132 -28.41 4.74 42.28
CA ASN B 132 -27.48 4.82 41.16
C ASN B 132 -28.25 4.73 39.86
N LEU B 133 -28.01 5.69 38.97
CA LEU B 133 -28.65 5.78 37.68
C LEU B 133 -27.59 6.01 36.62
N PRO B 134 -27.87 5.64 35.36
CA PRO B 134 -26.90 5.90 34.30
C PRO B 134 -26.59 7.39 34.19
N ALA B 135 -25.35 7.69 33.82
CA ALA B 135 -24.90 9.08 33.78
C ALA B 135 -25.76 10.00 32.92
N PRO B 136 -26.19 9.61 31.70
CA PRO B 136 -27.08 10.51 30.95
C PRO B 136 -28.38 10.83 31.69
N ILE B 137 -28.96 9.84 32.37
CA ILE B 137 -30.21 10.07 33.08
C ILE B 137 -30.01 11.05 34.22
N ALA B 138 -28.95 10.85 35.01
CA ALA B 138 -28.67 11.77 36.11
C ALA B 138 -28.36 13.17 35.60
N LEU B 139 -27.61 13.27 34.50
CA LEU B 139 -27.29 14.57 33.93
C LEU B 139 -28.56 15.29 33.49
N GLU B 140 -29.46 14.59 32.81
CA GLU B 140 -30.70 15.21 32.35
C GLU B 140 -31.58 15.63 33.51
N GLU B 141 -31.71 14.78 34.54
CA GLU B 141 -32.57 15.16 35.66
C GLU B 141 -31.98 16.35 36.41
N THR B 142 -30.66 16.38 36.59
CA THR B 142 -30.03 17.53 37.24
C THR B 142 -30.21 18.80 36.42
N VAL B 143 -30.05 18.69 35.09
CA VAL B 143 -30.22 19.87 34.24
C VAL B 143 -31.64 20.39 34.31
N GLU B 144 -32.62 19.49 34.28
CA GLU B 144 -34.03 19.92 34.38
C GLU B 144 -34.30 20.55 35.74
N PHE B 145 -33.74 19.98 36.81
CA PHE B 145 -33.87 20.55 38.14
C PHE B 145 -33.35 21.98 38.17
N LEU B 146 -32.15 22.20 37.60
CA LEU B 146 -31.59 23.53 37.55
C LEU B 146 -32.44 24.47 36.70
N GLU B 147 -32.92 23.99 35.55
CA GLU B 147 -33.76 24.78 34.67
C GLU B 147 -34.98 25.30 35.41
N GLN B 148 -35.70 24.42 36.09
CA GLN B 148 -36.95 24.82 36.71
C GLN B 148 -36.77 25.46 38.08
N ASN B 149 -35.58 25.39 38.67
CA ASN B 149 -35.35 26.11 39.92
C ASN B 149 -34.80 27.50 39.71
N LEU B 150 -33.94 27.68 38.71
CA LEU B 150 -33.38 29.00 38.43
C LEU B 150 -34.20 29.82 37.45
N ARG B 151 -35.21 29.21 36.82
CA ARG B 151 -36.09 29.90 35.88
C ARG B 151 -35.30 30.56 34.75
N ARG B 152 -34.25 29.87 34.29
CA ARG B 152 -33.44 30.35 33.19
C ARG B 152 -32.90 29.14 32.44
N LYS B 153 -32.21 29.40 31.33
CA LYS B 153 -31.66 28.35 30.48
C LYS B 153 -30.16 28.25 30.70
N ILE B 154 -29.68 27.04 30.96
CA ILE B 154 -28.25 26.80 31.14
C ILE B 154 -27.59 26.73 29.78
N GLY B 155 -26.48 27.46 29.61
CA GLY B 155 -25.70 27.38 28.41
C GLY B 155 -25.03 26.02 28.29
N PRO B 156 -24.68 25.63 27.06
CA PRO B 156 -24.05 24.32 26.86
C PRO B 156 -22.70 24.18 27.53
N THR B 157 -22.04 25.29 27.86
CA THR B 157 -20.71 25.23 28.45
C THR B 157 -20.76 24.69 29.87
N LEU B 158 -19.66 24.07 30.30
CA LEU B 158 -19.58 23.54 31.65
C LEU B 158 -19.49 24.65 32.69
N LEU B 159 -18.95 25.81 32.30
CA LEU B 159 -18.92 26.95 33.21
C LEU B 159 -20.33 27.40 33.59
N SER B 160 -21.24 27.41 32.61
CA SER B 160 -22.63 27.76 32.90
C SER B 160 -23.26 26.74 33.84
N TYR B 161 -22.95 25.45 33.65
CA TYR B 161 -23.47 24.42 34.54
C TYR B 161 -22.95 24.61 35.96
N CYS B 162 -21.66 24.90 36.11
CA CYS B 162 -21.11 25.14 37.44
C CYS B 162 -21.70 26.38 38.08
N GLN B 163 -21.92 27.43 37.30
CA GLN B 163 -22.56 28.63 37.83
C GLN B 163 -23.98 28.34 38.28
N ALA B 164 -24.71 27.52 37.52
CA ALA B 164 -26.06 27.13 37.93
C ALA B 164 -26.03 26.33 39.22
N ILE B 165 -25.07 25.42 39.36
CA ILE B 165 -24.94 24.65 40.60
C ILE B 165 -24.65 25.59 41.77
N ALA B 166 -23.78 26.59 41.56
CA ALA B 166 -23.50 27.55 42.62
C ALA B 166 -24.74 28.37 42.97
N ASP B 167 -25.53 28.74 41.96
CA ASP B 167 -26.68 29.60 42.19
C ASP B 167 -27.81 28.86 42.91
N VAL B 168 -28.04 27.59 42.55
CA VAL B 168 -29.16 26.87 43.15
C VAL B 168 -28.96 26.66 44.65
N MET B 169 -27.72 26.71 45.12
CA MET B 169 -27.45 26.60 46.55
C MET B 169 -27.85 27.85 47.32
N GLU B 170 -28.04 28.98 46.64
CA GLU B 170 -28.46 30.20 47.32
C GLU B 170 -29.93 30.16 47.70
N LEU B 171 -30.76 29.44 46.95
CA LEU B 171 -32.19 29.41 47.22
C LEU B 171 -32.46 28.69 48.54
N ASP B 172 -33.46 29.20 49.27
CA ASP B 172 -33.82 28.57 50.54
C ASP B 172 -34.43 27.19 50.32
N GLU B 173 -35.31 27.05 49.34
CA GLU B 173 -35.97 25.79 49.04
C GLU B 173 -35.96 25.55 47.54
N THR B 174 -35.99 24.27 47.16
CA THR B 174 -36.00 23.87 45.76
C THR B 174 -36.98 22.72 45.58
N THR B 175 -37.46 22.58 44.35
CA THR B 175 -38.44 21.56 44.01
C THR B 175 -38.06 20.89 42.70
N TYR B 176 -38.37 19.60 42.58
CA TYR B 176 -38.09 18.85 41.36
C TYR B 176 -39.33 18.68 40.49
N GLU B 177 -40.39 18.10 41.05
CA GLU B 177 -41.64 17.87 40.31
C GLU B 177 -41.36 17.11 39.01
N GLY B 178 -40.93 15.87 39.19
CA GLY B 178 -40.56 15.05 38.05
C GLY B 178 -41.70 14.80 37.09
N ALA B 179 -42.88 14.49 37.62
CA ALA B 179 -44.09 14.23 36.83
C ALA B 179 -43.84 13.13 35.80
N ARG B 180 -43.59 11.92 36.32
CA ARG B 180 -43.33 10.76 35.48
C ARG B 180 -44.52 10.41 34.59
N THR B 209 -46.88 14.38 38.69
CA THR B 209 -47.35 13.19 39.40
C THR B 209 -46.75 13.10 40.79
N TYR B 210 -45.42 13.18 40.87
CA TYR B 210 -44.71 13.14 42.14
C TYR B 210 -43.90 14.41 42.30
N THR B 211 -43.90 14.95 43.51
CA THR B 211 -43.22 16.20 43.82
C THR B 211 -42.38 16.01 45.08
N ILE B 212 -41.10 16.38 45.00
CA ILE B 212 -40.19 16.30 46.13
C ILE B 212 -39.58 17.67 46.37
N LYS B 213 -39.24 17.94 47.63
CA LYS B 213 -38.73 19.23 48.05
C LYS B 213 -37.38 19.07 48.72
N PHE B 214 -36.54 20.10 48.58
CA PHE B 214 -35.23 20.15 49.20
C PHE B 214 -35.04 21.49 49.89
N SER B 215 -34.33 21.46 51.01
CA SER B 215 -33.89 22.68 51.67
C SER B 215 -32.44 22.95 51.28
N ARG B 216 -31.92 24.08 51.75
CA ARG B 216 -30.50 24.35 51.54
C ARG B 216 -29.63 23.29 52.21
N GLU B 217 -29.99 22.91 53.44
CA GLU B 217 -29.22 21.89 54.15
C GLU B 217 -29.37 20.53 53.49
N GLU B 218 -30.59 20.18 53.06
CA GLU B 218 -30.80 18.89 52.42
C GLU B 218 -30.04 18.79 51.10
N LEU B 219 -30.10 19.84 50.28
CA LEU B 219 -29.36 19.84 49.03
C LEU B 219 -27.86 19.84 49.27
N TRP B 220 -27.41 20.56 50.31
CA TRP B 220 -26.00 20.54 50.68
C TRP B 220 -25.56 19.12 51.05
N ASP B 221 -26.36 18.42 51.83
CA ASP B 221 -26.04 17.05 52.21
C ASP B 221 -26.02 16.13 50.99
N GLN B 222 -26.97 16.31 50.08
CA GLN B 222 -27.05 15.44 48.92
C GLN B 222 -25.88 15.68 47.96
N MET B 223 -25.41 16.92 47.85
CA MET B 223 -24.31 17.21 46.94
C MET B 223 -23.00 16.62 47.44
N ARG B 224 -22.78 16.65 48.75
CA ARG B 224 -21.56 16.14 49.35
C ARG B 224 -21.67 14.69 49.79
N THR B 225 -22.58 13.93 49.18
CA THR B 225 -22.82 12.54 49.55
C THR B 225 -22.21 11.61 48.51
N LEU B 226 -21.44 10.64 48.99
CA LEU B 226 -20.80 9.63 48.14
C LEU B 226 -21.50 8.30 48.39
N ASN B 227 -22.25 7.83 47.39
CA ASN B 227 -22.84 6.50 47.49
C ASN B 227 -21.77 5.44 47.31
N THR B 228 -21.70 4.51 48.25
CA THR B 228 -20.67 3.48 48.26
C THR B 228 -21.26 2.14 47.85
N MET B 229 -20.42 1.29 47.27
CA MET B 229 -20.84 -0.05 46.87
C MET B 229 -19.61 -0.94 46.78
N TRP B 230 -19.86 -2.24 46.69
CA TRP B 230 -18.78 -3.20 46.55
C TRP B 230 -18.20 -3.16 45.14
N LYS B 231 -16.91 -3.45 45.03
CA LYS B 231 -16.26 -3.65 43.74
C LYS B 231 -16.11 -5.14 43.52
N HIS B 232 -16.79 -5.66 42.50
CA HIS B 232 -16.81 -7.09 42.22
C HIS B 232 -15.85 -7.43 41.08
N LEU B 233 -15.50 -8.71 41.01
CA LEU B 233 -14.70 -9.26 39.92
C LEU B 233 -13.35 -8.54 39.80
N GLU B 234 -12.77 -8.18 40.94
CA GLU B 234 -11.46 -7.55 40.98
C GLU B 234 -10.42 -8.60 41.36
N ARG B 235 -9.31 -8.62 40.63
CA ARG B 235 -8.27 -9.61 40.81
C ARG B 235 -7.02 -8.98 41.41
N GLY B 236 -6.25 -9.79 42.13
CA GLY B 236 -4.98 -9.36 42.67
C GLY B 236 -4.99 -8.87 44.10
N ARG B 237 -6.09 -9.05 44.83
CA ARG B 237 -6.17 -8.60 46.21
C ARG B 237 -6.89 -9.64 47.05
N LEU B 238 -6.41 -9.83 48.28
CA LEU B 238 -7.05 -10.79 49.19
C LEU B 238 -8.36 -10.23 49.75
N ASN B 239 -8.38 -8.95 50.10
CA ASN B 239 -9.52 -8.33 50.77
C ASN B 239 -10.31 -7.47 49.80
N ARG B 240 -11.64 -7.62 49.85
CA ARG B 240 -12.51 -6.83 48.99
C ARG B 240 -12.46 -5.35 49.38
N ARG B 241 -12.47 -4.48 48.38
CA ARG B 241 -12.45 -3.05 48.60
C ARG B 241 -13.77 -2.42 48.16
N THR B 242 -14.03 -1.23 48.67
CA THR B 242 -15.27 -0.50 48.43
C THR B 242 -15.01 0.68 47.50
N ILE B 243 -15.88 0.85 46.51
CA ILE B 243 -15.82 1.99 45.61
C ILE B 243 -16.96 2.94 45.95
N ALA B 244 -16.86 4.17 45.46
CA ALA B 244 -17.84 5.20 45.75
C ALA B 244 -18.13 6.01 44.50
N THR B 245 -19.20 6.79 44.55
CA THR B 245 -19.57 7.68 43.45
C THR B 245 -20.44 8.83 43.96
N PRO B 246 -20.13 10.07 43.59
CA PRO B 246 -20.97 11.21 43.99
C PRO B 246 -22.07 11.51 43.00
N SER B 247 -22.83 12.56 43.26
CA SER B 247 -23.91 12.98 42.38
C SER B 247 -23.37 13.89 41.27
N MET B 248 -24.26 14.20 40.32
CA MET B 248 -23.90 15.10 39.22
C MET B 248 -23.67 16.54 39.69
N LEU B 249 -24.04 16.86 40.93
CA LEU B 249 -23.88 18.22 41.43
C LEU B 249 -22.43 18.59 41.70
N ILE B 250 -21.50 17.63 41.69
CA ILE B 250 -20.11 17.93 41.99
C ILE B 250 -19.20 17.32 40.92
N ARG B 251 -19.75 16.41 40.11
CA ARG B 251 -18.96 15.82 39.03
C ARG B 251 -18.52 16.88 38.04
N GLY B 252 -19.42 17.81 37.71
CA GLY B 252 -19.04 18.91 36.84
C GLY B 252 -17.89 19.73 37.41
N PHE B 253 -17.95 20.04 38.70
CA PHE B 253 -16.88 20.80 39.33
C PHE B 253 -15.56 20.05 39.28
N VAL B 254 -15.59 18.74 39.55
CA VAL B 254 -14.37 17.94 39.49
C VAL B 254 -13.84 17.84 38.07
N LYS B 255 -14.71 17.98 37.07
CA LYS B 255 -14.30 17.79 35.68
C LYS B 255 -13.28 18.85 35.25
N ILE B 256 -13.50 20.12 35.63
CA ILE B 256 -12.54 21.17 35.28
C ILE B 256 -11.17 20.90 35.89
N VAL B 257 -11.16 20.52 37.17
CA VAL B 257 -9.90 20.27 37.86
C VAL B 257 -9.18 19.10 37.21
N GLU B 258 -9.92 18.03 36.86
CA GLU B 258 -9.29 16.89 36.22
C GLU B 258 -8.73 17.24 34.85
N ASP B 259 -9.45 18.05 34.07
CA ASP B 259 -8.94 18.46 32.77
C ASP B 259 -7.67 19.31 32.91
N ALA B 260 -7.66 20.23 33.86
CA ALA B 260 -6.46 21.05 34.07
C ALA B 260 -5.29 20.21 34.52
N ALA B 261 -5.53 19.26 35.42
CA ALA B 261 -4.47 18.38 35.88
C ALA B 261 -3.93 17.53 34.72
N LYS B 262 -4.82 17.03 33.85
CA LYS B 262 -4.37 16.29 32.68
C LYS B 262 -3.53 17.16 31.76
N GLU B 263 -3.95 18.42 31.56
CA GLU B 263 -3.19 19.32 30.71
C GLU B 263 -1.79 19.56 31.26
N ILE B 264 -1.67 19.73 32.58
CA ILE B 264 -0.35 19.90 33.17
C ILE B 264 0.46 18.61 33.06
N LEU B 265 -0.18 17.47 33.31
CA LEU B 265 0.57 16.21 33.39
C LEU B 265 1.05 15.73 32.03
N GLU B 266 0.34 16.09 30.95
CA GLU B 266 0.77 15.68 29.63
C GLU B 266 2.09 16.32 29.21
N ASN B 267 2.52 17.38 29.90
CA ASN B 267 3.68 18.15 29.49
C ASN B 267 4.80 18.14 30.54
N VAL B 268 4.74 17.23 31.50
CA VAL B 268 5.81 17.13 32.50
C VAL B 268 6.51 15.78 32.36
N PRO B 269 7.84 15.73 32.40
CA PRO B 269 8.54 14.45 32.25
C PRO B 269 8.21 13.42 33.32
N THR B 270 7.93 13.86 34.54
CA THR B 270 7.80 12.93 35.67
C THR B 270 6.43 12.29 35.76
N SER B 271 5.49 12.64 34.89
CA SER B 271 4.17 12.03 34.93
C SER B 271 4.16 10.69 34.20
N GLY B 272 3.29 9.80 34.65
CA GLY B 272 3.14 8.51 34.00
C GLY B 272 1.68 8.12 33.79
N VAL B 273 0.77 8.91 34.33
CA VAL B 273 -0.66 8.61 34.25
C VAL B 273 -1.30 9.02 32.92
N PRO B 274 -1.01 10.19 32.33
CA PRO B 274 -1.76 10.57 31.12
C PRO B 274 -1.34 9.79 29.89
N VAL B 275 -0.16 9.19 29.88
CA VAL B 275 0.31 8.36 28.79
C VAL B 275 0.01 6.91 29.12
N GLY B 276 -0.37 6.14 28.10
CA GLY B 276 -0.68 4.73 28.29
C GLY B 276 -0.25 3.92 27.10
N GLY B 277 -0.30 2.60 27.28
CA GLY B 277 0.07 1.70 26.19
C GLY B 277 1.54 1.80 25.86
N GLU B 278 1.83 1.87 24.56
CA GLU B 278 3.23 1.92 24.12
C GLU B 278 3.88 3.26 24.40
N GLU B 279 3.09 4.34 24.46
CA GLU B 279 3.67 5.65 24.76
C GLU B 279 4.25 5.68 26.16
N LYS B 280 3.55 5.07 27.12
CA LYS B 280 4.07 4.99 28.48
C LYS B 280 5.37 4.19 28.53
N LEU B 281 5.43 3.09 27.77
CA LEU B 281 6.65 2.30 27.72
C LEU B 281 7.80 3.08 27.10
N ALA B 282 7.52 3.86 26.04
CA ALA B 282 8.55 4.69 25.44
C ALA B 282 9.05 5.75 26.43
N LYS B 283 8.13 6.37 27.17
CA LYS B 283 8.52 7.35 28.17
C LYS B 283 9.37 6.71 29.26
N LEU B 284 9.01 5.50 29.68
CA LEU B 284 9.80 4.79 30.67
C LEU B 284 11.19 4.45 30.14
N ALA B 285 11.28 4.01 28.89
CA ALA B 285 12.56 3.67 28.30
C ALA B 285 13.44 4.89 28.11
N SER B 286 12.83 6.07 27.93
CA SER B 286 13.62 7.29 27.80
C SER B 286 14.39 7.62 29.07
N LYS B 287 13.96 7.10 30.22
CA LYS B 287 14.59 7.40 31.50
C LYS B 287 15.44 6.26 32.04
N GLN B 288 15.52 5.14 31.32
CA GLN B 288 16.34 4.01 31.76
C GLN B 288 17.79 4.17 31.30
N THR B 289 18.38 5.28 31.73
CA THR B 289 19.77 5.59 31.44
C THR B 289 20.59 5.42 32.72
N PHE B 290 21.54 4.50 32.68
CA PHE B 290 22.37 4.16 33.83
C PHE B 290 23.83 4.28 33.42
N HIS B 291 24.47 5.41 33.74
CA HIS B 291 25.82 5.69 33.29
C HIS B 291 26.80 5.98 34.41
N THR B 292 26.35 6.40 35.58
CA THR B 292 27.25 6.75 36.67
C THR B 292 27.83 5.48 37.31
N ALA B 293 28.70 5.69 38.30
CA ALA B 293 29.34 4.58 38.98
C ALA B 293 28.33 3.71 39.71
N VAL B 294 27.36 4.33 40.37
CA VAL B 294 26.29 3.63 41.07
C VAL B 294 24.97 4.01 40.42
N THR B 295 24.22 3.00 39.99
CA THR B 295 22.96 3.22 39.26
C THR B 295 21.91 2.30 39.84
N GLY B 296 21.05 2.85 40.69
CA GLY B 296 20.01 2.07 41.34
C GLY B 296 18.63 2.34 40.79
N GLU B 297 17.68 1.44 41.07
CA GLU B 297 16.32 1.57 40.58
C GLU B 297 15.36 1.12 41.67
N LEU B 298 14.44 2.00 42.04
CA LEU B 298 13.49 1.77 43.12
C LEU B 298 12.08 1.74 42.54
N SER B 299 11.42 0.59 42.62
CA SER B 299 10.05 0.44 42.16
C SER B 299 9.16 0.19 43.35
N GLY B 300 8.07 0.94 43.48
CA GLY B 300 7.24 0.78 44.66
C GLY B 300 5.85 1.32 44.48
N ASP B 301 5.04 1.13 45.51
CA ASP B 301 3.70 1.66 45.61
C ASP B 301 3.61 2.58 46.82
N GLN B 302 2.47 3.25 46.96
CA GLN B 302 2.20 4.12 48.10
C GLN B 302 1.11 3.48 48.93
N GLU B 303 1.39 3.27 50.22
CA GLU B 303 0.43 2.61 51.10
C GLU B 303 -0.66 3.57 51.54
N LYS B 304 -1.86 3.01 51.76
CA LYS B 304 -3.00 3.76 52.27
C LYS B 304 -3.28 5.00 51.42
N PHE B 305 -3.13 4.85 50.11
CA PHE B 305 -3.38 5.94 49.19
C PHE B 305 -4.88 6.18 49.08
N ASN B 306 -5.25 7.40 48.69
CA ASN B 306 -6.63 7.87 48.61
C ASN B 306 -7.29 8.01 49.98
N GLU B 307 -6.53 7.86 51.06
CA GLU B 307 -7.05 8.12 52.39
C GLU B 307 -6.03 8.78 53.31
N CYS B 308 -4.83 9.10 52.81
CA CYS B 308 -3.86 9.89 53.55
C CYS B 308 -3.64 11.26 52.92
N LEU B 309 -4.36 11.57 51.84
CA LEU B 309 -4.24 12.85 51.16
C LEU B 309 -5.35 13.77 51.63
N ASP B 310 -4.98 14.90 52.18
CA ASP B 310 -5.97 15.90 52.56
C ASP B 310 -6.28 16.77 51.34
N PRO B 311 -7.55 16.94 50.98
CA PRO B 311 -7.88 17.80 49.84
C PRO B 311 -7.45 19.24 50.02
N ASP B 312 -7.19 19.69 51.25
CA ASP B 312 -6.68 21.03 51.45
C ASP B 312 -5.28 21.20 50.86
N ALA B 313 -4.46 20.14 50.88
CA ALA B 313 -3.16 20.20 50.23
C ALA B 313 -3.32 20.41 48.72
N MET B 314 -4.28 19.72 48.11
CA MET B 314 -4.57 19.94 46.70
C MET B 314 -5.08 21.35 46.45
N ARG B 315 -5.92 21.88 47.34
CA ARG B 315 -6.34 23.26 47.25
C ARG B 315 -5.15 24.21 47.24
N LEU B 316 -4.22 24.00 48.18
CA LEU B 316 -3.07 24.88 48.28
C LEU B 316 -2.20 24.80 47.03
N MET B 317 -1.95 23.58 46.54
CA MET B 317 -1.13 23.43 45.35
C MET B 317 -1.77 24.09 44.14
N TRP B 318 -3.07 23.87 43.94
CA TRP B 318 -3.76 24.49 42.81
C TRP B 318 -3.80 26.00 42.94
N THR B 319 -3.99 26.50 44.16
CA THR B 319 -4.00 27.95 44.38
C THR B 319 -2.64 28.55 44.05
N VAL B 320 -1.56 27.89 44.45
CA VAL B 320 -0.23 28.38 44.10
C VAL B 320 -0.04 28.37 42.59
N PHE B 321 -0.45 27.29 41.93
CA PHE B 321 -0.29 27.20 40.48
C PHE B 321 -1.03 28.32 39.77
N LEU B 322 -2.27 28.57 40.18
CA LEU B 322 -3.07 29.60 39.52
C LEU B 322 -2.70 31.01 39.96
N ARG B 323 -2.01 31.15 41.09
CA ARG B 323 -1.61 32.47 41.55
C ARG B 323 -0.31 32.92 40.91
N LYS B 324 0.62 31.99 40.69
CA LYS B 324 1.83 32.36 39.98
C LYS B 324 1.60 32.55 38.49
N LEU B 325 0.46 32.06 37.96
CA LEU B 325 0.10 32.28 36.58
C LEU B 325 -0.65 33.58 36.35
N GLY B 326 -1.02 34.29 37.42
CA GLY B 326 -1.76 35.53 37.28
C GLY B 326 -3.24 35.35 37.07
N CYS B 327 -3.79 34.17 37.33
CA CYS B 327 -5.21 33.94 37.13
C CYS B 327 -6.03 34.77 38.12
N PRO B 328 -7.23 35.20 37.72
CA PRO B 328 -8.08 36.00 38.62
C PRO B 328 -8.71 35.16 39.73
N ASP B 329 -9.56 35.79 40.53
CA ASP B 329 -10.10 35.13 41.71
C ASP B 329 -11.14 34.07 41.37
N TRP B 330 -11.90 34.27 40.30
CA TRP B 330 -12.97 33.33 39.98
C TRP B 330 -12.41 31.97 39.54
N ILE B 331 -11.28 31.96 38.84
CA ILE B 331 -10.61 30.71 38.52
C ILE B 331 -10.22 29.97 39.79
N MET B 332 -9.64 30.68 40.74
CA MET B 332 -9.23 30.08 42.00
C MET B 332 -10.43 29.49 42.74
N GLU B 333 -11.52 30.26 42.81
CA GLU B 333 -12.72 29.79 43.50
C GLU B 333 -13.28 28.54 42.83
N LEU B 334 -13.36 28.55 41.49
CA LEU B 334 -13.87 27.39 40.76
C LEU B 334 -13.01 26.17 41.00
N PHE B 335 -11.68 26.34 41.00
CA PHE B 335 -10.79 25.21 41.23
C PHE B 335 -10.88 24.72 42.67
N ASN B 336 -11.24 25.60 43.61
CA ASN B 336 -11.29 25.20 45.01
C ASN B 336 -12.64 24.61 45.43
N ILE B 337 -13.69 24.82 44.64
CA ILE B 337 -15.00 24.25 45.02
C ILE B 337 -14.95 22.74 45.25
N PRO B 338 -14.42 21.92 44.33
CA PRO B 338 -14.53 20.46 44.53
C PRO B 338 -13.83 19.94 45.77
N PHE B 339 -12.63 20.45 46.05
CA PHE B 339 -11.88 19.97 47.21
C PHE B 339 -12.56 20.39 48.51
N MET B 340 -13.11 21.61 48.55
CA MET B 340 -13.86 22.03 49.72
C MET B 340 -15.10 21.16 49.92
N VAL B 341 -15.78 20.80 48.83
CA VAL B 341 -16.94 19.94 48.95
C VAL B 341 -16.54 18.56 49.48
N PHE B 342 -15.45 18.00 48.97
CA PHE B 342 -14.99 16.70 49.43
C PHE B 342 -14.41 16.75 50.85
N LYS B 343 -14.02 17.93 51.33
CA LYS B 343 -13.67 18.06 52.74
C LYS B 343 -14.89 17.84 53.63
N SER B 344 -16.09 18.00 53.10
CA SER B 344 -17.33 17.76 53.81
C SER B 344 -18.03 16.49 53.32
N LYS B 345 -17.25 15.51 52.86
CA LYS B 345 -17.84 14.35 52.21
C LYS B 345 -18.62 13.51 53.22
N LEU B 346 -19.81 13.09 52.80
CA LEU B 346 -20.68 12.19 53.55
C LEU B 346 -20.65 10.84 52.82
N ALA B 347 -19.74 9.97 53.23
CA ALA B 347 -19.69 8.64 52.66
C ALA B 347 -20.92 7.85 53.10
N ASP B 348 -21.63 7.28 52.12
CA ASP B 348 -22.83 6.52 52.42
C ASP B 348 -22.45 5.19 53.04
N MET B 349 -22.80 5.01 54.31
CA MET B 349 -22.62 3.72 54.94
C MET B 349 -23.48 2.68 54.25
N GLY B 350 -23.13 1.41 54.46
CA GLY B 350 -23.88 0.34 53.82
C GLY B 350 -25.22 0.12 54.48
N GLU B 351 -25.66 -1.14 54.55
CA GLU B 351 -26.94 -1.48 55.14
C GLU B 351 -26.82 -2.00 56.57
N GLY B 352 -25.64 -1.89 57.18
CA GLY B 352 -25.50 -2.15 58.60
C GLY B 352 -24.49 -3.22 58.98
N LEU B 353 -23.75 -2.97 60.06
CA LEU B 353 -22.82 -3.96 60.58
C LEU B 353 -23.57 -5.21 61.03
N VAL B 354 -22.95 -6.37 60.84
CA VAL B 354 -23.57 -7.65 61.15
C VAL B 354 -23.23 -8.03 62.58
N TYR B 355 -24.24 -8.46 63.34
CA TYR B 355 -24.09 -8.89 64.72
C TYR B 355 -24.68 -10.28 64.88
N THR B 356 -24.07 -11.07 65.76
CA THR B 356 -24.52 -12.43 66.01
C THR B 356 -24.75 -12.63 67.50
N LYS B 357 -25.90 -13.18 67.86
CA LYS B 357 -26.18 -13.58 69.24
C LYS B 357 -25.77 -15.02 69.48
N GLY B 358 -26.39 -15.94 68.76
CA GLY B 358 -25.97 -17.33 68.74
C GLY B 358 -25.53 -17.72 67.34
N LYS B 359 -26.40 -18.40 66.61
CA LYS B 359 -26.22 -18.62 65.18
C LYS B 359 -26.97 -17.58 64.36
N LEU B 360 -27.67 -16.65 64.99
CA LEU B 360 -28.36 -15.59 64.28
C LEU B 360 -27.38 -14.60 63.66
N THR B 361 -27.81 -13.97 62.57
CA THR B 361 -27.05 -12.93 61.89
C THR B 361 -28.00 -11.75 61.66
N ASP B 362 -28.08 -10.85 62.62
CA ASP B 362 -28.86 -9.64 62.46
C ASP B 362 -27.96 -8.51 61.94
N ARG B 363 -28.59 -7.42 61.52
CA ARG B 363 -27.89 -6.33 60.86
C ARG B 363 -28.35 -5.02 61.46
N LYS B 364 -27.41 -4.28 62.05
CA LYS B 364 -27.75 -3.09 62.83
C LYS B 364 -26.90 -1.91 62.39
N PRO B 365 -27.43 -0.68 62.55
CA PRO B 365 -26.62 0.51 62.24
C PRO B 365 -25.42 0.66 63.16
N LEU B 366 -24.60 1.68 62.90
CA LEU B 366 -23.37 1.87 63.66
C LEU B 366 -23.66 2.19 65.12
N GLY B 367 -24.62 3.06 65.39
CA GLY B 367 -24.84 3.57 66.73
C GLY B 367 -25.70 2.72 67.64
N GLU B 368 -26.27 1.61 67.15
CA GLU B 368 -27.18 0.83 67.99
C GLU B 368 -26.44 0.14 69.12
N MET B 369 -25.33 -0.52 68.82
CA MET B 369 -24.57 -1.25 69.83
C MET B 369 -23.08 -0.97 69.65
N PRO B 370 -22.30 -1.10 70.73
CA PRO B 370 -20.87 -0.80 70.63
C PRO B 370 -20.14 -1.72 69.67
N SER B 371 -19.15 -1.17 69.00
CA SER B 371 -18.31 -1.91 68.07
C SER B 371 -16.93 -1.28 68.07
N GLU B 372 -16.12 -1.60 67.07
CA GLU B 372 -14.79 -1.02 66.94
C GLU B 372 -14.81 0.35 66.27
N PHE B 373 -15.98 0.84 65.86
CA PHE B 373 -16.13 2.13 65.19
C PHE B 373 -17.00 3.08 66.02
N ASP B 374 -16.97 2.94 67.34
CA ASP B 374 -17.80 3.79 68.19
C ASP B 374 -17.36 5.25 68.11
N ASP B 375 -16.05 5.50 68.01
CA ASP B 375 -15.54 6.87 67.98
C ASP B 375 -16.11 7.68 66.83
N LEU B 376 -16.56 7.04 65.76
CA LEU B 376 -17.11 7.73 64.60
C LEU B 376 -18.60 7.96 64.70
N VAL B 377 -19.24 7.58 65.81
CA VAL B 377 -20.69 7.74 65.94
C VAL B 377 -21.08 9.22 65.83
N ARG B 378 -20.25 10.11 66.37
CA ARG B 378 -20.53 11.53 66.29
C ARG B 378 -20.55 12.05 64.86
N ASN B 379 -19.96 11.32 63.91
CA ASN B 379 -19.92 11.76 62.53
C ASN B 379 -21.06 11.21 61.68
N VAL B 380 -22.02 10.52 62.29
CA VAL B 380 -23.10 9.89 61.54
C VAL B 380 -24.16 10.96 61.23
N VAL B 381 -24.46 11.13 59.95
CA VAL B 381 -25.50 12.04 59.49
C VAL B 381 -26.51 11.21 58.72
N GLY B 382 -27.63 10.88 59.35
CA GLY B 382 -28.59 9.99 58.72
C GLY B 382 -27.98 8.61 58.53
N ASN B 383 -28.00 8.13 57.29
CA ASN B 383 -27.37 6.87 56.94
C ASN B 383 -25.96 7.03 56.40
N SER B 384 -25.43 8.25 56.41
CA SER B 384 -24.10 8.55 55.93
C SER B 384 -23.21 8.98 57.10
N ILE B 385 -21.91 8.99 56.84
CA ILE B 385 -20.92 9.36 57.85
C ILE B 385 -19.95 10.37 57.23
N SER B 386 -19.66 11.44 57.97
CA SER B 386 -18.79 12.50 57.45
C SER B 386 -17.33 12.12 57.62
N CYS B 387 -16.49 12.60 56.70
CA CYS B 387 -15.06 12.33 56.77
C CYS B 387 -14.30 13.57 56.30
N ARG B 388 -13.76 14.33 57.25
CA ARG B 388 -12.99 15.52 56.89
C ARG B 388 -11.62 15.17 56.32
N LEU B 389 -10.91 14.22 56.94
CA LEU B 389 -9.59 13.84 56.48
C LEU B 389 -9.67 12.81 55.38
N GLY B 390 -8.61 12.76 54.57
CA GLY B 390 -8.55 11.81 53.47
C GLY B 390 -9.43 12.24 52.31
N MET B 391 -9.47 11.39 51.30
CA MET B 391 -10.27 11.65 50.10
C MET B 391 -11.16 10.49 49.68
N PHE B 392 -10.93 9.28 50.19
CA PHE B 392 -11.92 8.20 50.22
C PHE B 392 -12.27 7.65 48.85
N MET B 393 -11.75 8.25 47.79
CA MET B 393 -12.20 7.92 46.44
C MET B 393 -11.10 8.30 45.47
N GLY B 394 -11.21 7.80 44.24
CA GLY B 394 -10.23 8.10 43.21
C GLY B 394 -10.67 9.11 42.16
N MET B 395 -11.34 10.19 42.58
CA MET B 395 -11.67 11.26 41.63
C MET B 395 -10.52 12.21 41.34
N TYR B 396 -9.41 12.10 42.07
CA TYR B 396 -8.28 12.99 41.79
C TYR B 396 -7.01 12.20 41.54
N ASN B 397 -7.10 11.18 40.68
CA ASN B 397 -5.90 10.46 40.27
C ASN B 397 -4.89 11.40 39.64
N LEU B 398 -5.35 12.29 38.76
CA LEU B 398 -4.45 13.25 38.12
C LEU B 398 -3.98 14.31 39.12
N THR B 399 -4.89 14.80 39.96
CA THR B 399 -4.51 15.81 40.94
C THR B 399 -3.60 15.22 42.01
N SER B 400 -3.87 13.98 42.45
CA SER B 400 -2.96 13.32 43.38
C SER B 400 -1.61 13.03 42.74
N THR B 401 -1.61 12.71 41.44
CA THR B 401 -0.34 12.58 40.73
C THR B 401 0.45 13.88 40.74
N LEU B 402 -0.23 15.00 40.49
CA LEU B 402 0.46 16.29 40.54
C LEU B 402 0.96 16.59 41.94
N LEU B 403 0.16 16.24 42.96
CA LEU B 403 0.57 16.45 44.35
C LEU B 403 1.81 15.62 44.68
N ALA B 404 1.87 14.39 44.17
CA ALA B 404 3.08 13.59 44.34
C ALA B 404 4.26 14.20 43.61
N LEU B 405 4.04 14.72 42.40
CA LEU B 405 5.14 15.22 41.58
C LEU B 405 5.73 16.52 42.14
N ILE B 406 4.91 17.37 42.76
CA ILE B 406 5.46 18.63 43.28
C ILE B 406 6.46 18.36 44.39
N SER B 407 6.27 17.29 45.16
CA SER B 407 7.20 16.96 46.24
C SER B 407 8.55 16.50 45.70
N ILE B 408 8.59 15.99 44.47
CA ILE B 408 9.84 15.49 43.90
C ILE B 408 10.83 16.63 43.68
N GLU B 409 10.33 17.80 43.30
CA GLU B 409 11.17 18.90 42.84
C GLU B 409 11.91 19.54 44.02
N ARG B 410 13.17 19.14 44.21
CA ARG B 410 14.06 19.79 45.15
C ARG B 410 15.49 19.46 44.76
N GLU B 411 16.43 20.20 45.34
CA GLU B 411 17.84 20.06 44.95
C GLU B 411 18.41 18.71 45.37
N GLU B 412 17.90 18.12 46.46
CA GLU B 412 18.44 16.86 46.94
C GLU B 412 18.20 15.72 45.95
N LEU B 413 17.02 15.68 45.35
CA LEU B 413 16.65 14.61 44.44
C LEU B 413 17.15 14.93 43.03
N THR B 414 18.03 14.08 42.51
CA THR B 414 18.57 14.26 41.17
C THR B 414 18.25 13.10 40.23
N GLY B 415 17.50 12.10 40.68
CA GLY B 415 17.15 10.98 39.84
C GLY B 415 15.96 11.28 38.96
N SER B 416 15.47 10.23 38.30
CA SER B 416 14.33 10.32 37.39
C SER B 416 13.14 9.60 38.03
N HIS B 417 12.02 10.31 38.16
CA HIS B 417 10.85 9.80 38.84
C HIS B 417 9.67 9.70 37.88
N VAL B 418 8.91 8.61 38.00
CA VAL B 418 7.67 8.43 37.24
C VAL B 418 6.59 7.97 38.22
N GLU B 419 5.47 8.69 38.22
CA GLU B 419 4.37 8.47 39.15
C GLU B 419 3.06 8.51 38.37
N SER B 420 2.26 7.44 38.45
CA SER B 420 0.97 7.49 37.77
C SER B 420 -0.16 7.90 38.71
N SER B 421 -0.51 7.04 39.68
CA SER B 421 -1.41 7.47 40.75
C SER B 421 -0.77 7.21 42.10
N ASP B 422 -0.40 5.96 42.34
CA ASP B 422 0.30 5.56 43.54
C ASP B 422 1.39 4.52 43.26
N ASP B 423 1.60 4.18 42.00
CA ASP B 423 2.71 3.32 41.60
C ASP B 423 3.81 4.20 41.04
N PHE B 424 5.01 4.08 41.59
CA PHE B 424 6.11 4.94 41.18
C PHE B 424 7.36 4.12 40.91
N ILE B 425 8.18 4.66 40.01
CA ILE B 425 9.49 4.09 39.70
C ILE B 425 10.50 5.23 39.65
N HIS B 426 11.65 5.01 40.28
CA HIS B 426 12.69 6.03 40.42
C HIS B 426 14.02 5.44 40.00
N PHE B 427 14.84 6.25 39.34
CA PHE B 427 16.16 5.86 38.88
C PHE B 427 17.18 6.79 39.50
N PHE B 428 18.12 6.22 40.25
CA PHE B 428 19.18 6.98 40.93
C PHE B 428 20.48 6.78 40.17
N ASN B 429 21.14 7.89 39.84
CA ASN B 429 22.47 7.88 39.24
C ASN B 429 23.39 8.62 40.20
N CYS B 430 24.00 7.87 41.13
CA CYS B 430 24.80 8.44 42.20
C CYS B 430 26.21 7.89 42.13
N LYS B 431 27.16 8.69 42.63
CA LYS B 431 28.55 8.26 42.64
C LYS B 431 28.81 7.19 43.69
N THR B 432 28.17 7.30 44.86
CA THR B 432 28.42 6.41 45.98
C THR B 432 27.10 5.83 46.48
N HIS B 433 27.21 4.69 47.18
CA HIS B 433 26.03 4.02 47.70
C HIS B 433 25.33 4.85 48.78
N GLU B 434 26.10 5.47 49.68
CA GLU B 434 25.48 6.24 50.76
C GLU B 434 24.73 7.45 50.20
N GLU B 435 25.22 8.03 49.11
CA GLU B 435 24.48 9.11 48.46
C GLU B 435 23.14 8.61 47.92
N MET B 436 23.12 7.41 47.33
CA MET B 436 21.86 6.84 46.88
C MET B 436 20.91 6.57 48.04
N PHE B 437 21.44 6.08 49.16
CA PHE B 437 20.61 5.84 50.33
C PHE B 437 20.02 7.13 50.86
N LYS B 438 20.83 8.19 50.93
CA LYS B 438 20.33 9.49 51.37
C LYS B 438 19.27 10.02 50.42
N GLN B 439 19.47 9.84 49.12
CA GLN B 439 18.48 10.29 48.14
C GLN B 439 17.17 9.54 48.30
N ALA B 440 17.24 8.21 48.51
CA ALA B 440 16.02 7.43 48.70
C ALA B 440 15.28 7.83 49.96
N GLU B 441 16.01 8.03 51.06
CA GLU B 441 15.37 8.47 52.30
C GLU B 441 14.77 9.86 52.14
N THR B 442 15.46 10.75 51.42
CA THR B 442 14.91 12.08 51.16
C THR B 442 13.64 11.99 50.32
N LEU B 443 13.62 11.09 49.33
CA LEU B 443 12.42 10.88 48.53
C LEU B 443 11.25 10.44 49.41
N ARG B 444 11.50 9.48 50.29
CA ARG B 444 10.46 9.02 51.20
C ARG B 444 9.96 10.14 52.10
N LEU B 445 10.89 10.95 52.65
CA LEU B 445 10.49 12.02 53.55
C LEU B 445 9.71 13.11 52.82
N THR B 446 10.11 13.44 51.59
CA THR B 446 9.38 14.44 50.82
C THR B 446 7.99 13.95 50.46
N LEU B 447 7.85 12.67 50.13
CA LEU B 447 6.51 12.14 49.89
C LEU B 447 5.69 12.20 51.17
N LYS B 448 6.31 11.96 52.32
CA LYS B 448 5.59 12.06 53.59
C LYS B 448 5.24 13.50 53.95
N LEU B 449 5.99 14.48 53.44
CA LEU B 449 5.69 15.88 53.73
C LEU B 449 4.37 16.32 53.15
N VAL B 450 3.80 15.55 52.23
CA VAL B 450 2.57 15.91 51.55
C VAL B 450 1.39 15.05 51.98
N GLY B 451 1.62 13.81 52.41
CA GLY B 451 0.54 12.94 52.80
C GLY B 451 0.54 11.66 52.00
N ILE B 452 1.69 11.34 51.42
CA ILE B 452 1.86 10.14 50.60
C ILE B 452 2.91 9.28 51.28
N ASN B 453 2.53 8.06 51.64
CA ASN B 453 3.39 7.16 52.41
C ASN B 453 3.83 6.01 51.52
N MET B 454 5.15 5.87 51.35
CA MET B 454 5.67 4.70 50.66
C MET B 454 5.30 3.43 51.42
N SER B 455 4.86 2.42 50.67
CA SER B 455 4.60 1.13 51.28
C SER B 455 5.93 0.41 51.46
N PRO B 456 6.41 0.27 52.70
CA PRO B 456 7.73 -0.36 52.89
C PRO B 456 7.79 -1.78 52.39
N SER B 457 6.71 -2.54 52.53
CA SER B 457 6.70 -3.92 52.07
C SER B 457 6.59 -4.03 50.55
N LYS B 458 6.17 -2.97 49.88
CA LYS B 458 5.98 -2.99 48.42
C LYS B 458 7.01 -2.16 47.67
N CYS B 459 8.01 -1.60 48.35
CA CYS B 459 9.05 -0.80 47.73
C CYS B 459 10.33 -1.62 47.68
N ILE B 460 10.83 -1.85 46.46
CA ILE B 460 12.02 -2.65 46.25
C ILE B 460 13.05 -1.81 45.50
N LEU B 461 14.26 -1.73 46.04
CA LEU B 461 15.35 -0.98 45.42
C LEU B 461 16.47 -1.95 45.05
N ILE B 462 16.85 -1.94 43.78
CA ILE B 462 17.94 -2.76 43.27
C ILE B 462 19.11 -1.84 42.97
N SER B 463 20.24 -2.06 43.63
CA SER B 463 21.33 -1.08 43.56
C SER B 463 22.03 -1.09 42.21
N PRO B 464 22.16 -2.23 41.51
CA PRO B 464 22.42 -2.15 40.07
C PRO B 464 21.13 -2.05 39.29
N ALA B 465 20.90 -0.93 38.62
CA ALA B 465 19.64 -0.74 37.91
C ALA B 465 19.55 -1.64 36.69
N GLY B 466 18.32 -1.89 36.26
CA GLY B 466 18.07 -2.71 35.10
C GLY B 466 16.87 -3.63 35.23
N ILE B 467 16.53 -4.00 36.46
CA ILE B 467 15.39 -4.87 36.75
C ILE B 467 14.39 -4.06 37.54
N GLY B 468 13.16 -3.99 37.04
CA GLY B 468 12.17 -3.18 37.73
C GLY B 468 10.76 -3.47 37.26
N GLU B 469 9.81 -2.85 37.95
CA GLU B 469 8.39 -3.01 37.68
C GLU B 469 7.69 -1.67 37.75
N PHE B 470 6.72 -1.47 36.87
CA PHE B 470 5.88 -0.27 36.90
C PHE B 470 4.56 -0.58 36.20
N ASN B 471 3.45 -0.38 36.90
CA ASN B 471 2.11 -0.65 36.38
C ASN B 471 1.99 -2.09 35.87
N SER B 472 2.50 -3.02 36.69
CA SER B 472 2.54 -4.45 36.37
C SER B 472 3.31 -4.75 35.09
N LYS B 473 4.20 -3.86 34.69
CA LYS B 473 5.09 -4.07 33.56
C LYS B 473 6.48 -4.30 34.09
N PHE B 474 7.05 -5.47 33.82
CA PHE B 474 8.37 -5.84 34.30
C PHE B 474 9.39 -5.68 33.19
N HIS B 475 10.56 -5.15 33.55
CA HIS B 475 11.65 -4.97 32.60
C HIS B 475 12.95 -5.46 33.19
N HIS B 476 13.69 -6.24 32.39
CA HIS B 476 15.05 -6.64 32.70
C HIS B 476 16.03 -6.07 31.69
N ARG B 477 15.82 -6.34 30.41
CA ARG B 477 16.49 -5.64 29.31
C ARG B 477 15.51 -4.93 28.40
N ASP B 478 14.27 -5.42 28.31
CA ASP B 478 13.19 -4.73 27.63
C ASP B 478 11.90 -5.15 28.32
N PHE B 479 10.86 -4.34 28.12
CA PHE B 479 9.58 -4.62 28.75
C PHE B 479 9.01 -5.93 28.22
N VAL B 480 9.02 -6.97 29.06
CA VAL B 480 8.62 -8.29 28.61
C VAL B 480 7.11 -8.35 28.43
N GLY B 481 6.67 -9.20 27.50
CA GLY B 481 5.26 -9.40 27.30
C GLY B 481 4.61 -10.11 28.48
N ASN B 482 3.35 -9.79 28.72
CA ASN B 482 2.60 -10.34 29.84
C ASN B 482 1.38 -11.07 29.29
N VAL B 483 1.56 -12.36 28.99
CA VAL B 483 0.41 -13.22 28.72
C VAL B 483 -0.42 -13.36 30.00
N ALA B 484 -1.67 -13.75 29.82
CA ALA B 484 -2.75 -13.86 30.81
C ALA B 484 -3.35 -12.50 31.13
N THR B 485 -2.78 -11.40 30.66
CA THR B 485 -3.47 -10.12 30.68
C THR B 485 -4.29 -9.91 29.42
N GLU B 486 -4.23 -10.85 28.48
CA GLU B 486 -4.98 -10.78 27.23
C GLU B 486 -5.96 -11.92 27.05
N LEU B 487 -5.92 -12.94 27.91
CA LEU B 487 -6.83 -14.07 27.86
C LEU B 487 -8.26 -13.72 28.28
N PRO B 488 -8.48 -12.85 29.28
CA PRO B 488 -9.87 -12.49 29.61
C PRO B 488 -10.64 -11.86 28.46
N ALA B 489 -9.96 -11.30 27.48
CA ALA B 489 -10.61 -10.72 26.31
C ALA B 489 -10.75 -11.70 25.16
N LEU B 490 -10.29 -12.94 25.32
CA LEU B 490 -10.33 -13.92 24.24
C LEU B 490 -11.60 -14.77 24.32
N VAL B 491 -12.74 -14.08 24.35
CA VAL B 491 -14.05 -14.71 24.40
C VAL B 491 -14.96 -14.01 23.40
N PRO B 492 -15.71 -14.74 22.57
CA PRO B 492 -16.64 -14.08 21.65
C PRO B 492 -17.70 -13.29 22.40
N ASN B 493 -18.06 -12.13 21.84
CA ASN B 493 -19.13 -11.31 22.40
C ASN B 493 -20.47 -11.84 21.90
N GLY B 494 -21.54 -11.09 22.13
CA GLY B 494 -22.86 -11.57 21.76
C GLY B 494 -23.56 -10.70 20.72
N THR B 495 -22.79 -10.07 19.84
CA THR B 495 -23.40 -9.21 18.82
C THR B 495 -23.86 -10.04 17.63
N ASN B 496 -22.93 -10.65 16.91
CA ASN B 496 -23.21 -11.45 15.73
C ASN B 496 -21.89 -12.11 15.29
N PRO B 497 -21.96 -13.17 14.48
CA PRO B 497 -20.73 -13.88 14.10
C PRO B 497 -19.65 -12.99 13.49
N MET B 498 -20.03 -12.06 12.61
CA MET B 498 -19.02 -11.23 11.96
C MET B 498 -18.35 -10.27 12.93
N THR B 499 -19.15 -9.61 13.78
CA THR B 499 -18.57 -8.70 14.76
C THR B 499 -17.71 -9.44 15.76
N ASP B 500 -18.16 -10.62 16.21
CA ASP B 500 -17.36 -11.41 17.13
C ASP B 500 -16.03 -11.81 16.51
N LEU B 501 -16.06 -12.28 15.26
CA LEU B 501 -14.83 -12.69 14.60
C LEU B 501 -13.88 -11.51 14.44
N ALA B 502 -14.40 -10.36 13.99
CA ALA B 502 -13.55 -9.18 13.82
C ALA B 502 -12.95 -8.74 15.14
N MET B 503 -13.76 -8.71 16.21
CA MET B 503 -13.25 -8.26 17.49
C MET B 503 -12.18 -9.21 18.02
N GLY B 504 -12.41 -10.52 17.93
CA GLY B 504 -11.41 -11.46 18.41
C GLY B 504 -10.11 -11.37 17.64
N LEU B 505 -10.20 -11.35 16.30
CA LEU B 505 -8.99 -11.25 15.48
C LEU B 505 -8.23 -9.97 15.76
N ASN B 506 -8.94 -8.85 15.90
CA ASN B 506 -8.25 -7.59 16.13
C ASN B 506 -7.66 -7.49 17.54
N VAL B 507 -8.32 -8.10 18.54
CA VAL B 507 -7.75 -8.14 19.88
C VAL B 507 -6.46 -8.95 19.87
N ILE B 508 -6.47 -10.12 19.21
CA ILE B 508 -5.25 -10.91 19.12
C ILE B 508 -4.18 -10.15 18.34
N LYS B 509 -4.58 -9.43 17.31
CA LYS B 509 -3.61 -8.66 16.53
C LYS B 509 -2.96 -7.57 17.36
N HIS B 510 -3.76 -6.85 18.16
CA HIS B 510 -3.17 -5.82 19.02
C HIS B 510 -2.25 -6.45 20.07
N SER B 511 -2.62 -7.62 20.60
CA SER B 511 -1.75 -8.30 21.55
C SER B 511 -0.43 -8.67 20.90
N VAL B 512 -0.47 -9.14 19.65
CA VAL B 512 0.77 -9.50 18.95
C VAL B 512 1.60 -8.25 18.69
N ASN B 513 0.98 -7.17 18.23
CA ASN B 513 1.70 -5.95 17.92
C ASN B 513 2.34 -5.36 19.17
N THR B 514 1.61 -5.37 20.29
CA THR B 514 2.14 -4.87 21.55
C THR B 514 3.31 -5.73 22.04
N GLY B 515 3.32 -7.00 21.68
CA GLY B 515 4.36 -7.91 22.11
C GLY B 515 3.97 -8.85 23.23
N GLN B 516 2.71 -8.79 23.68
CA GLN B 516 2.27 -9.68 24.75
C GLN B 516 2.31 -11.14 24.33
N MET B 517 1.82 -11.45 23.13
CA MET B 517 1.89 -12.80 22.60
C MET B 517 2.66 -12.80 21.28
N ASN B 518 3.51 -13.82 21.10
CA ASN B 518 4.38 -13.94 19.96
C ASN B 518 3.71 -14.78 18.86
N LEU B 519 4.51 -15.24 17.90
CA LEU B 519 3.97 -15.95 16.74
C LEU B 519 3.20 -17.19 17.16
N CYS B 520 3.84 -18.07 17.95
CA CYS B 520 3.20 -19.31 18.36
C CYS B 520 2.00 -19.05 19.26
N THR B 521 2.17 -18.16 20.23
CA THR B 521 1.05 -17.82 21.12
C THR B 521 -0.07 -17.13 20.35
N GLY B 522 0.28 -16.26 19.40
CA GLY B 522 -0.75 -15.63 18.59
C GLY B 522 -1.55 -16.65 17.79
N ALA B 523 -0.87 -17.58 17.14
CA ALA B 523 -1.57 -18.58 16.35
C ALA B 523 -2.39 -19.52 17.23
N LEU B 524 -1.86 -19.91 18.39
CA LEU B 524 -2.61 -20.78 19.28
C LEU B 524 -3.85 -20.08 19.84
N ALA B 525 -3.71 -18.79 20.19
CA ALA B 525 -4.86 -18.02 20.63
C ALA B 525 -5.89 -17.90 19.51
N MET B 526 -5.42 -17.74 18.27
CA MET B 526 -6.33 -17.69 17.13
C MET B 526 -7.10 -19.00 17.00
N ARG B 527 -6.41 -20.14 17.12
CA ARG B 527 -7.07 -21.43 17.01
C ARG B 527 -8.07 -21.66 18.14
N ILE B 528 -7.69 -21.30 19.37
CA ILE B 528 -8.59 -21.47 20.50
C ILE B 528 -9.82 -20.58 20.35
N PHE B 529 -9.62 -19.33 19.95
CA PHE B 529 -10.75 -18.43 19.72
C PHE B 529 -11.63 -18.94 18.59
N ASN B 530 -11.03 -19.48 17.54
CA ASN B 530 -11.81 -20.02 16.44
C ASN B 530 -12.67 -21.19 16.90
N HIS B 531 -12.10 -22.07 17.72
CA HIS B 531 -12.87 -23.22 18.20
C HIS B 531 -14.01 -22.77 19.11
N ALA B 532 -13.74 -21.84 20.03
CA ALA B 532 -14.79 -21.33 20.90
C ALA B 532 -15.86 -20.59 20.11
N TYR B 533 -15.45 -19.82 19.10
CA TYR B 533 -16.38 -19.08 18.25
C TYR B 533 -17.27 -20.02 17.45
N LYS B 534 -16.70 -21.10 16.92
CA LYS B 534 -17.50 -22.08 16.19
C LYS B 534 -18.46 -22.81 17.12
N TYR B 535 -18.02 -23.15 18.33
CA TYR B 535 -18.93 -23.80 19.27
C TYR B 535 -20.07 -22.89 19.67
N ALA B 536 -19.77 -21.60 19.90
CA ALA B 536 -20.78 -20.68 20.38
C ALA B 536 -21.90 -20.46 19.36
N TYR B 537 -21.64 -20.74 18.09
CA TYR B 537 -22.64 -20.56 17.04
C TYR B 537 -23.07 -21.88 16.43
N MET B 538 -22.99 -22.97 17.20
CA MET B 538 -23.55 -24.27 16.83
C MET B 538 -22.95 -24.79 15.54
N ALA B 539 -21.64 -24.57 15.35
CA ALA B 539 -20.96 -24.96 14.13
C ALA B 539 -20.06 -26.18 14.30
N LEU B 540 -20.10 -26.84 15.46
CA LEU B 540 -19.29 -28.03 15.71
C LEU B 540 -20.19 -29.18 16.13
N GLY B 541 -19.76 -30.39 15.78
CA GLY B 541 -20.51 -31.58 16.12
C GLY B 541 -21.81 -31.67 15.33
N VAL B 542 -22.76 -32.38 15.91
CA VAL B 542 -24.08 -32.58 15.32
C VAL B 542 -25.06 -31.77 16.16
N THR B 543 -25.43 -30.60 15.66
CA THR B 543 -26.39 -29.71 16.31
C THR B 543 -27.60 -29.53 15.38
N ARG B 544 -28.57 -28.74 15.87
CA ARG B 544 -29.73 -28.43 15.04
C ARG B 544 -29.33 -27.67 13.78
N ARG B 545 -28.41 -26.71 13.92
CA ARG B 545 -27.94 -25.96 12.76
C ARG B 545 -27.21 -26.86 11.78
N THR B 546 -26.32 -27.72 12.29
CA THR B 546 -25.59 -28.63 11.41
C THR B 546 -26.53 -29.61 10.72
N ARG B 547 -27.53 -30.12 11.45
CA ARG B 547 -28.50 -31.02 10.84
C ARG B 547 -29.30 -30.32 9.76
N PHE B 548 -29.72 -29.07 10.01
CA PHE B 548 -30.46 -28.33 9.00
C PHE B 548 -29.61 -28.11 7.75
N MET B 549 -28.33 -27.75 7.93
CA MET B 549 -27.47 -27.53 6.78
C MET B 549 -27.20 -28.82 6.02
N GLU B 550 -27.02 -29.93 6.74
CA GLU B 550 -26.72 -31.19 6.08
C GLU B 550 -27.93 -31.75 5.33
N GLU B 551 -29.12 -31.62 5.92
CA GLU B 551 -30.32 -32.16 5.28
C GLU B 551 -30.79 -31.34 4.09
N ASN B 552 -30.24 -30.14 3.88
CA ASN B 552 -30.62 -29.30 2.76
C ASN B 552 -29.45 -29.03 1.81
N ALA B 553 -28.37 -29.80 1.92
CA ALA B 553 -27.20 -29.65 1.05
C ALA B 553 -26.66 -28.22 1.07
N ILE B 554 -26.58 -27.63 2.26
CA ILE B 554 -26.08 -26.27 2.43
C ILE B 554 -24.62 -26.39 2.87
N THR B 555 -23.70 -26.18 1.94
CA THR B 555 -22.28 -26.18 2.28
C THR B 555 -21.96 -24.98 3.17
N PRO B 556 -21.05 -25.12 4.14
CA PRO B 556 -20.81 -24.02 5.09
C PRO B 556 -20.37 -22.71 4.46
N LEU B 557 -19.23 -22.71 3.79
CA LEU B 557 -18.66 -21.56 3.08
C LEU B 557 -18.24 -20.41 4.00
N LEU B 558 -18.46 -20.51 5.31
CA LEU B 558 -18.09 -19.46 6.24
C LEU B 558 -17.60 -20.06 7.54
N THR B 559 -16.78 -19.29 8.26
CA THR B 559 -16.19 -19.77 9.50
C THR B 559 -17.24 -20.09 10.55
N ASN B 560 -18.22 -19.19 10.71
CA ASN B 560 -19.30 -19.43 11.67
C ASN B 560 -20.23 -20.55 11.23
N GLN B 561 -20.14 -20.99 9.98
CA GLN B 561 -20.94 -22.09 9.47
C GLN B 561 -20.20 -23.42 9.52
N GLY B 562 -19.00 -23.45 10.10
CA GLY B 562 -18.24 -24.68 10.22
C GLY B 562 -17.25 -24.93 9.12
N ALA B 563 -17.07 -23.99 8.19
CA ALA B 563 -16.08 -24.17 7.15
C ALA B 563 -14.67 -24.04 7.70
N SER B 564 -13.69 -24.48 6.92
CA SER B 564 -12.31 -24.40 7.35
C SER B 564 -11.91 -22.94 7.53
N PRO B 565 -11.10 -22.61 8.53
CA PRO B 565 -10.73 -21.22 8.76
C PRO B 565 -10.04 -20.62 7.56
N VAL B 566 -10.38 -19.37 7.25
CA VAL B 566 -9.72 -18.64 6.18
C VAL B 566 -8.69 -17.65 6.72
N HIS B 567 -8.84 -17.20 7.96
CA HIS B 567 -7.88 -16.28 8.55
C HIS B 567 -6.63 -17.02 8.97
N SER B 568 -5.49 -16.48 8.58
CA SER B 568 -4.19 -17.00 8.97
C SER B 568 -3.56 -16.04 9.98
N PHE B 569 -2.32 -16.33 10.37
CA PHE B 569 -1.63 -15.43 11.28
C PHE B 569 -1.41 -14.05 10.65
N SER B 570 -1.04 -14.03 9.37
CA SER B 570 -0.80 -12.78 8.66
C SER B 570 -2.07 -12.11 8.19
N THR B 571 -3.21 -12.78 8.24
CA THR B 571 -4.48 -12.24 7.79
C THR B 571 -5.42 -11.94 8.96
N MET B 572 -4.85 -11.48 10.08
CA MET B 572 -5.67 -11.07 11.21
C MET B 572 -6.56 -9.89 10.87
N HIS B 573 -6.01 -8.93 10.12
CA HIS B 573 -6.70 -7.69 9.83
C HIS B 573 -7.68 -7.79 8.67
N LEU B 574 -7.69 -8.90 7.94
CA LEU B 574 -8.51 -9.02 6.74
C LEU B 574 -9.90 -9.53 7.08
N ASP B 575 -10.90 -8.95 6.44
CA ASP B 575 -12.28 -9.40 6.61
C ASP B 575 -12.46 -10.78 6.00
N GLU B 576 -13.35 -11.57 6.61
CA GLU B 576 -13.55 -12.94 6.17
C GLU B 576 -14.15 -13.00 4.77
N VAL B 577 -15.21 -12.23 4.52
CA VAL B 577 -15.93 -12.33 3.25
C VAL B 577 -15.03 -11.90 2.10
N ALA B 578 -14.33 -10.78 2.26
CA ALA B 578 -13.47 -10.28 1.19
C ALA B 578 -12.33 -11.24 0.92
N LEU B 579 -11.72 -11.79 1.97
CA LEU B 579 -10.61 -12.73 1.79
C LEU B 579 -11.07 -14.01 1.11
N ARG B 580 -12.24 -14.52 1.51
CA ARG B 580 -12.78 -15.72 0.86
C ARG B 580 -13.10 -15.46 -0.59
N ARG B 581 -13.65 -14.29 -0.90
CA ARG B 581 -13.92 -13.94 -2.29
C ARG B 581 -12.62 -13.86 -3.10
N HIS B 582 -11.59 -13.25 -2.52
CA HIS B 582 -10.31 -13.13 -3.22
C HIS B 582 -9.68 -14.50 -3.47
N LEU B 583 -9.76 -15.40 -2.49
CA LEU B 583 -9.17 -16.73 -2.64
C LEU B 583 -10.05 -17.68 -3.44
N GLY B 584 -11.26 -17.28 -3.81
CA GLY B 584 -12.14 -18.14 -4.56
C GLY B 584 -12.94 -19.11 -3.74
N LEU B 585 -12.82 -19.08 -2.42
CA LEU B 585 -13.58 -19.97 -1.56
C LEU B 585 -15.05 -19.59 -1.46
N LEU B 586 -15.43 -18.42 -1.97
CA LEU B 586 -16.79 -17.93 -1.87
C LEU B 586 -17.19 -17.37 -3.24
N ASP B 587 -18.01 -18.12 -3.97
CA ASP B 587 -18.38 -17.73 -5.32
C ASP B 587 -19.34 -16.54 -5.30
N GLU B 588 -19.47 -15.89 -6.46
CA GLU B 588 -20.35 -14.73 -6.57
C GLU B 588 -21.82 -15.11 -6.40
N GLU B 589 -22.17 -16.37 -6.68
CA GLU B 589 -23.55 -16.80 -6.53
C GLU B 589 -24.03 -16.64 -5.09
N THR B 590 -23.21 -17.06 -4.13
CA THR B 590 -23.56 -16.89 -2.73
C THR B 590 -23.21 -15.50 -2.21
N LEU B 591 -22.23 -14.84 -2.84
CA LEU B 591 -21.90 -13.46 -2.45
C LEU B 591 -23.07 -12.52 -2.71
N ARG B 592 -23.74 -12.69 -3.85
CA ARG B 592 -24.89 -11.87 -4.18
C ARG B 592 -26.08 -12.13 -3.27
N ARG B 593 -26.05 -13.20 -2.48
CA ARG B 593 -27.11 -13.54 -1.54
C ARG B 593 -26.80 -13.10 -0.11
N ILE B 594 -25.57 -13.38 0.36
CA ILE B 594 -25.24 -13.02 1.74
C ILE B 594 -25.09 -11.51 1.89
N LEU B 595 -24.66 -10.81 0.84
CA LEU B 595 -24.47 -9.37 0.87
C LEU B 595 -25.64 -8.62 0.25
N ASN B 596 -26.85 -9.14 0.39
CA ASN B 596 -28.03 -8.48 -0.15
C ASN B 596 -28.46 -7.36 0.79
N PRO B 597 -28.52 -6.11 0.31
CA PRO B 597 -29.02 -5.01 1.16
C PRO B 597 -30.52 -5.03 1.38
N ASN B 598 -31.22 -6.08 0.96
CA ASN B 598 -32.67 -6.19 1.13
C ASN B 598 -33.06 -7.50 1.80
N ASN B 599 -32.11 -8.18 2.43
CA ASN B 599 -32.42 -9.44 3.09
C ASN B 599 -33.32 -9.22 4.30
N PRO B 600 -34.33 -10.06 4.50
CA PRO B 600 -35.22 -9.87 5.67
C PRO B 600 -34.54 -10.11 7.00
N VAL B 601 -33.39 -10.76 7.03
CA VAL B 601 -32.78 -11.15 8.30
C VAL B 601 -32.34 -9.91 9.08
N THR B 602 -31.66 -8.99 8.41
CA THR B 602 -31.09 -7.81 9.05
C THR B 602 -31.74 -6.52 8.58
N GLN B 603 -33.03 -6.56 8.26
CA GLN B 603 -33.73 -5.38 7.78
C GLN B 603 -34.09 -4.48 8.96
N LYS B 604 -33.72 -3.20 8.86
CA LYS B 604 -34.02 -2.24 9.91
C LYS B 604 -35.52 -1.95 9.95
N GLY B 605 -36.01 -1.61 11.13
CA GLY B 605 -37.42 -1.35 11.31
C GLY B 605 -37.90 0.00 10.83
N ASP B 606 -36.98 0.90 10.47
CA ASP B 606 -37.34 2.23 10.01
C ASP B 606 -36.62 2.56 8.71
N PRO B 607 -37.24 3.34 7.84
CA PRO B 607 -36.54 3.78 6.63
C PRO B 607 -35.36 4.68 6.97
N SER B 608 -34.34 4.63 6.13
CA SER B 608 -33.10 5.37 6.37
C SER B 608 -32.76 6.23 5.17
N MET B 609 -31.94 7.24 5.44
CA MET B 609 -31.54 8.25 4.46
C MET B 609 -30.21 7.88 3.83
N PHE B 610 -30.04 8.26 2.56
CA PHE B 610 -28.88 7.92 1.77
C PHE B 610 -28.44 9.13 0.97
N PHE B 611 -27.12 9.33 0.89
CA PHE B 611 -26.55 10.36 0.04
C PHE B 611 -26.62 9.94 -1.43
N ARG B 612 -26.45 10.92 -2.30
CA ARG B 612 -26.39 10.69 -3.74
C ARG B 612 -25.36 11.65 -4.32
N ILE B 613 -24.18 11.12 -4.65
CA ILE B 613 -23.07 11.96 -5.11
C ILE B 613 -23.34 12.38 -6.54
N GLU B 614 -23.27 13.69 -6.79
CA GLU B 614 -23.49 14.28 -8.11
C GLU B 614 -24.83 13.84 -8.69
N ASN B 615 -25.89 14.13 -7.95
CA ASN B 615 -27.24 13.79 -8.34
C ASN B 615 -28.14 14.99 -8.10
N LYS B 616 -29.25 15.03 -8.86
CA LYS B 616 -30.20 16.14 -8.72
C LYS B 616 -30.79 16.20 -7.32
N MET B 617 -31.10 15.04 -6.74
CA MET B 617 -31.60 14.96 -5.37
C MET B 617 -30.59 14.23 -4.51
N PRO B 618 -29.77 14.93 -3.72
CA PRO B 618 -28.74 14.27 -2.92
C PRO B 618 -29.26 13.57 -1.67
N GLN B 619 -30.56 13.37 -1.54
CA GLN B 619 -31.14 12.81 -0.32
C GLN B 619 -32.23 11.84 -0.74
N ILE B 620 -32.00 10.53 -0.56
CA ILE B 620 -32.98 9.52 -0.92
C ILE B 620 -33.26 8.66 0.31
N MET B 621 -34.53 8.58 0.71
CA MET B 621 -34.92 7.85 1.91
C MET B 621 -35.67 6.58 1.50
N GLU B 622 -35.20 5.43 1.95
CA GLU B 622 -35.88 4.18 1.63
C GLU B 622 -35.52 3.14 2.67
N ASP B 623 -36.19 1.99 2.58
CA ASP B 623 -35.91 0.87 3.48
C ASP B 623 -34.51 0.32 3.21
N TYR B 624 -33.86 -0.13 4.28
CA TYR B 624 -32.49 -0.61 4.21
C TYR B 624 -32.33 -1.82 5.11
N SER B 625 -31.33 -2.63 4.78
CA SER B 625 -30.94 -3.78 5.58
C SER B 625 -29.43 -3.80 5.71
N VAL B 626 -28.96 -4.32 6.83
CA VAL B 626 -27.50 -4.52 6.97
C VAL B 626 -27.04 -5.50 5.92
N PRO B 627 -26.00 -5.18 5.12
CA PRO B 627 -25.63 -6.02 3.98
C PRO B 627 -25.47 -7.49 4.29
N SER B 628 -24.61 -7.82 5.25
CA SER B 628 -24.39 -9.22 5.61
C SER B 628 -25.60 -9.77 6.35
N CYS B 629 -26.06 -10.95 5.93
CA CYS B 629 -27.16 -11.61 6.61
C CYS B 629 -26.74 -12.24 7.93
N PHE B 630 -25.44 -12.29 8.22
CA PHE B 630 -24.92 -12.82 9.47
C PHE B 630 -24.60 -11.73 10.47
N LYS B 631 -25.00 -10.49 10.20
CA LYS B 631 -24.89 -9.38 11.15
C LYS B 631 -26.22 -9.10 11.82
N TYR B 632 -26.98 -10.15 12.11
CA TYR B 632 -28.31 -10.02 12.70
C TYR B 632 -28.21 -9.62 14.16
N THR B 633 -29.37 -9.50 14.81
CA THR B 633 -29.46 -9.18 16.22
C THR B 633 -30.09 -10.35 16.97
N LEU B 634 -29.69 -10.51 18.22
CA LEU B 634 -30.18 -11.59 19.06
C LEU B 634 -31.29 -11.07 19.96
N SER B 635 -32.43 -11.75 19.95
CA SER B 635 -33.57 -11.30 20.74
C SER B 635 -33.28 -11.41 22.23
N ARG B 636 -33.83 -10.47 22.99
CA ARG B 636 -33.66 -10.42 24.43
C ARG B 636 -34.99 -10.68 25.12
N ASN B 637 -34.95 -11.36 26.26
CA ASN B 637 -36.16 -11.64 27.02
C ASN B 637 -36.78 -10.35 27.53
N ARG B 638 -38.11 -10.33 27.56
CA ARG B 638 -38.85 -9.16 28.03
C ARG B 638 -38.63 -8.91 29.51
N HIS B 645 -36.21 6.08 36.96
CA HIS B 645 -35.79 6.52 35.63
C HIS B 645 -36.63 5.83 34.55
N LYS B 646 -37.92 5.68 34.80
CA LYS B 646 -38.80 5.03 33.85
C LYS B 646 -39.32 6.01 32.80
N ALA B 647 -39.96 7.10 33.25
CA ALA B 647 -40.45 8.10 32.30
C ALA B 647 -39.31 8.86 31.63
N LEU B 648 -38.17 8.98 32.32
CA LEU B 648 -37.01 9.60 31.68
C LEU B 648 -36.53 8.78 30.50
N LEU B 649 -36.77 7.47 30.51
CA LEU B 649 -36.48 6.66 29.33
C LEU B 649 -37.38 7.04 28.16
N ASN B 650 -38.66 7.32 28.43
CA ASN B 650 -39.54 7.81 27.38
C ASN B 650 -39.11 9.17 26.87
N LYS B 651 -38.67 10.05 27.78
CA LYS B 651 -38.14 11.34 27.37
C LYS B 651 -36.91 11.16 26.48
N GLU B 652 -36.04 10.22 26.83
CA GLU B 652 -34.87 9.95 26.02
C GLU B 652 -35.23 9.33 24.67
N GLU B 653 -36.32 8.55 24.61
CA GLU B 653 -36.82 8.08 23.33
C GLU B 653 -37.29 9.24 22.47
N ARG B 654 -37.97 10.21 23.08
CA ARG B 654 -38.34 11.41 22.34
C ARG B 654 -37.11 12.16 21.85
N TYR B 655 -36.06 12.22 22.67
CA TYR B 655 -34.80 12.82 22.25
C TYR B 655 -34.20 12.06 21.06
N GLN B 656 -34.29 10.72 21.09
CA GLN B 656 -33.84 9.92 19.96
C GLN B 656 -34.61 10.27 18.69
N ARG B 657 -35.92 10.41 18.79
CA ARG B 657 -36.73 10.76 17.62
C ARG B 657 -36.33 12.13 17.07
N VAL B 658 -36.14 13.11 17.95
CA VAL B 658 -35.73 14.44 17.52
C VAL B 658 -34.35 14.40 16.87
N THR B 659 -33.43 13.64 17.47
CA THR B 659 -32.09 13.52 16.91
C THR B 659 -32.13 12.87 15.53
N SER B 660 -32.97 11.85 15.36
CA SER B 660 -33.07 11.17 14.08
C SER B 660 -33.60 12.10 13.00
N ILE B 661 -34.66 12.85 13.31
CA ILE B 661 -35.21 13.76 12.31
C ILE B 661 -34.23 14.89 12.00
N ILE B 662 -33.48 15.36 13.02
CA ILE B 662 -32.48 16.39 12.78
C ILE B 662 -31.37 15.86 11.86
N ASN B 663 -30.90 14.63 12.11
CA ASN B 663 -29.87 14.06 11.27
C ASN B 663 -30.36 13.86 9.83
N LYS B 664 -31.61 13.42 9.67
CA LYS B 664 -32.15 13.25 8.33
C LYS B 664 -32.28 14.59 7.60
N LEU B 665 -32.72 15.63 8.31
CA LEU B 665 -32.94 16.92 7.68
C LEU B 665 -31.69 17.80 7.64
N PHE B 666 -30.72 17.55 8.50
CA PHE B 666 -29.49 18.36 8.58
C PHE B 666 -28.30 17.43 8.45
N PRO B 667 -27.96 17.01 7.24
CA PRO B 667 -26.78 16.15 7.07
C PRO B 667 -25.47 16.84 7.43
N GLU B 668 -25.42 18.17 7.38
CA GLU B 668 -24.16 18.87 7.60
C GLU B 668 -23.70 18.78 9.06
N VAL B 669 -24.63 18.68 10.01
CA VAL B 669 -24.23 18.47 11.40
C VAL B 669 -23.69 17.06 11.60
N LEU B 670 -23.83 16.20 10.60
CA LEU B 670 -23.24 14.88 10.63
C LEU B 670 -21.72 14.91 10.55
N ILE B 671 -21.13 16.06 10.18
CA ILE B 671 -19.69 16.17 10.01
C ILE B 671 -19.14 17.28 10.90
N GLN B 672 -19.99 18.26 11.24
CA GLN B 672 -19.57 19.39 12.05
C GLN B 672 -20.61 19.66 13.14
N GLU B 673 -20.27 20.55 14.06
CA GLU B 673 -21.15 20.83 15.18
C GLU B 673 -22.37 21.63 14.75
N ALA B 674 -23.45 21.51 15.51
CA ALA B 674 -24.70 22.19 15.19
C ALA B 674 -24.59 23.67 15.54
N SER B 675 -24.95 24.53 14.59
CA SER B 675 -24.89 25.97 14.81
C SER B 675 -26.08 26.71 14.20
N ALA B 676 -27.13 26.01 13.78
CA ALA B 676 -28.27 26.68 13.17
C ALA B 676 -28.99 27.53 14.21
N PRO B 677 -29.46 28.71 13.83
CA PRO B 677 -30.12 29.59 14.80
C PRO B 677 -31.57 29.22 15.01
N GLY B 678 -32.13 29.74 16.10
CA GLY B 678 -33.52 29.52 16.42
C GLY B 678 -33.76 28.18 17.10
N THR B 679 -35.03 27.89 17.31
CA THR B 679 -35.43 26.66 17.96
C THR B 679 -35.39 25.49 16.98
N VAL B 680 -35.54 24.28 17.51
CA VAL B 680 -35.51 23.08 16.67
C VAL B 680 -36.67 23.10 15.67
N ARG B 681 -37.87 23.42 16.15
CA ARG B 681 -39.05 23.38 15.29
C ARG B 681 -38.90 24.31 14.09
N GLU B 682 -38.55 25.57 14.36
CA GLU B 682 -38.42 26.55 13.28
C GLU B 682 -37.27 26.21 12.35
N SER B 683 -36.16 25.73 12.90
CA SER B 683 -35.00 25.41 12.06
C SER B 683 -35.32 24.27 11.10
N LEU B 684 -35.91 23.19 11.61
CA LEU B 684 -36.29 22.09 10.72
C LEU B 684 -37.41 22.49 9.77
N LYS B 685 -38.32 23.39 10.18
CA LYS B 685 -39.33 23.86 9.24
C LYS B 685 -38.70 24.61 8.08
N ARG B 686 -37.78 25.52 8.38
CA ARG B 686 -37.11 26.27 7.32
C ARG B 686 -36.29 25.35 6.42
N ARG B 687 -35.58 24.38 7.03
CA ARG B 687 -34.78 23.47 6.22
C ARG B 687 -35.66 22.60 5.33
N LEU B 688 -36.81 22.16 5.84
CA LEU B 688 -37.74 21.38 5.03
C LEU B 688 -38.27 22.19 3.87
N GLU B 689 -38.66 23.45 4.12
CA GLU B 689 -39.11 24.30 3.03
C GLU B 689 -38.01 24.50 1.99
N LEU B 690 -36.77 24.70 2.45
CA LEU B 690 -35.66 24.89 1.52
C LEU B 690 -35.41 23.66 0.67
N VAL B 691 -35.40 22.47 1.29
CA VAL B 691 -35.08 21.26 0.54
C VAL B 691 -36.21 20.93 -0.45
N VAL B 692 -37.46 21.17 -0.05
CA VAL B 692 -38.56 20.96 -1.00
C VAL B 692 -38.48 21.98 -2.14
N GLU B 693 -38.04 23.20 -1.83
CA GLU B 693 -37.89 24.21 -2.88
C GLU B 693 -36.84 23.80 -3.90
N ARG B 694 -35.84 23.03 -3.49
CA ARG B 694 -34.77 22.58 -4.38
C ARG B 694 -35.01 21.19 -4.94
N SER B 695 -36.26 20.70 -4.90
CA SER B 695 -36.56 19.34 -5.31
C SER B 695 -36.72 19.18 -6.81
N ASP B 696 -36.68 20.28 -7.57
CA ASP B 696 -36.82 20.25 -9.02
C ASP B 696 -38.19 19.76 -9.47
N LEU B 697 -39.10 19.56 -8.52
CA LEU B 697 -40.48 19.23 -8.86
C LEU B 697 -41.21 20.48 -9.35
N ASP B 698 -42.38 20.27 -9.93
CA ASP B 698 -43.17 21.39 -10.40
C ASP B 698 -43.83 22.11 -9.22
N GLU B 699 -44.50 23.22 -9.53
CA GLU B 699 -44.98 24.12 -8.49
C GLU B 699 -46.07 23.47 -7.63
N GLU B 700 -47.04 22.82 -8.28
CA GLU B 700 -48.20 22.28 -7.55
C GLU B 700 -47.77 21.22 -6.55
N ARG B 701 -46.80 20.39 -6.92
CA ARG B 701 -46.26 19.40 -5.99
C ARG B 701 -45.76 20.10 -4.74
N LYS B 702 -45.01 21.18 -4.93
CA LYS B 702 -44.38 21.90 -3.82
C LYS B 702 -45.43 22.52 -2.91
N LYS B 703 -46.43 23.20 -3.49
CA LYS B 703 -47.47 23.78 -2.64
C LYS B 703 -48.23 22.72 -1.86
N ARG B 704 -48.61 21.60 -2.50
CA ARG B 704 -49.40 20.67 -1.70
C ARG B 704 -48.53 19.91 -0.70
N ILE B 705 -47.21 19.87 -0.90
CA ILE B 705 -46.33 19.29 0.11
C ILE B 705 -46.20 20.23 1.30
N LEU B 706 -45.90 21.51 1.05
CA LEU B 706 -45.80 22.45 2.16
C LEU B 706 -47.14 22.73 2.83
N SER B 707 -48.26 22.35 2.20
CA SER B 707 -49.55 22.55 2.84
C SER B 707 -49.73 21.70 4.09
N ARG B 708 -49.15 20.50 4.10
CA ARG B 708 -49.38 19.54 5.18
C ARG B 708 -48.32 19.59 6.28
N ILE B 709 -47.38 20.52 6.21
CA ILE B 709 -46.36 20.64 7.23
C ILE B 709 -46.96 21.33 8.45
N PHE B 710 -46.81 20.69 9.62
CA PHE B 710 -47.32 21.25 10.86
C PHE B 710 -46.31 22.22 11.49
N GLU C 8 -39.40 8.28 -6.66
CA GLU C 8 -38.91 9.61 -7.01
C GLU C 8 -38.51 10.39 -5.76
N SER C 9 -38.20 11.67 -5.96
CA SER C 9 -37.90 12.55 -4.83
C SER C 9 -39.13 12.88 -4.02
N GLU C 10 -40.33 12.69 -4.59
CA GLU C 10 -41.56 13.05 -3.91
C GLU C 10 -41.79 12.18 -2.67
N CYS C 11 -41.48 10.89 -2.77
CA CYS C 11 -41.66 9.99 -1.62
C CYS C 11 -40.73 10.37 -0.47
N THR C 12 -39.49 10.77 -0.79
CA THR C 12 -38.58 11.22 0.26
C THR C 12 -39.12 12.45 0.97
N LEU C 13 -39.67 13.40 0.22
CA LEU C 13 -40.25 14.59 0.82
C LEU C 13 -41.44 14.23 1.70
N ARG C 14 -42.29 13.31 1.23
CA ARG C 14 -43.41 12.85 2.04
C ARG C 14 -42.93 12.24 3.34
N ALA C 15 -41.89 11.38 3.26
CA ALA C 15 -41.37 10.74 4.47
C ALA C 15 -40.81 11.77 5.44
N LEU C 16 -40.07 12.76 4.93
CA LEU C 16 -39.51 13.79 5.80
C LEU C 16 -40.62 14.62 6.45
N VAL C 17 -41.65 14.97 5.69
CA VAL C 17 -42.74 15.77 6.25
C VAL C 17 -43.48 14.98 7.32
N GLU C 18 -43.76 13.70 7.06
CA GLU C 18 -44.45 12.88 8.06
C GLU C 18 -43.60 12.71 9.30
N GLU C 19 -42.29 12.52 9.14
CA GLU C 19 -41.42 12.40 10.30
C GLU C 19 -41.38 13.69 11.11
N TYR C 20 -41.33 14.83 10.43
CA TYR C 20 -41.37 16.11 11.14
C TYR C 20 -42.68 16.30 11.88
N ASN C 21 -43.80 15.93 11.25
CA ASN C 21 -45.09 16.04 11.90
C ASN C 21 -45.17 15.14 13.13
N GLY C 22 -44.66 13.90 13.01
CA GLY C 22 -44.66 13.00 14.14
C GLY C 22 -43.80 13.51 15.28
N ALA C 23 -42.63 14.06 14.95
CA ALA C 23 -41.77 14.62 15.99
C ALA C 23 -42.43 15.80 16.69
N CYS C 24 -43.11 16.66 15.92
CA CYS C 24 -43.80 17.79 16.51
C CYS C 24 -44.95 17.34 17.41
N LYS C 25 -45.68 16.31 16.98
CA LYS C 25 -46.85 15.88 17.73
C LYS C 25 -46.49 14.98 18.90
N GLU C 26 -45.66 13.96 18.66
CA GLU C 26 -45.31 13.03 19.72
C GLU C 26 -44.40 13.66 20.77
N ALA C 27 -43.64 14.68 20.38
CA ALA C 27 -42.73 15.38 21.29
C ALA C 27 -43.01 16.87 21.23
N PRO C 28 -44.03 17.35 21.94
CA PRO C 28 -44.25 18.81 22.00
C PRO C 28 -43.06 19.54 22.60
N LYS C 29 -42.41 18.96 23.59
CA LYS C 29 -41.13 19.45 24.10
C LYS C 29 -40.01 18.84 23.25
N GLU C 30 -38.77 19.00 23.70
CA GLU C 30 -37.59 18.44 23.03
C GLU C 30 -37.41 19.05 21.64
N MET C 31 -38.30 19.96 21.26
CA MET C 31 -38.16 20.73 20.03
C MET C 31 -38.36 22.22 20.23
N SER C 32 -38.93 22.66 21.35
CA SER C 32 -38.88 24.06 21.73
C SER C 32 -37.48 24.49 22.16
N LYS C 33 -36.59 23.52 22.37
CA LYS C 33 -35.21 23.83 22.71
C LYS C 33 -34.47 24.37 21.49
N GLN C 34 -33.32 25.01 21.75
CA GLN C 34 -32.50 25.53 20.67
C GLN C 34 -31.93 24.39 19.83
N PHE C 35 -31.66 24.70 18.56
CA PHE C 35 -31.08 23.69 17.68
C PHE C 35 -29.68 23.29 18.14
N THR C 36 -28.90 24.26 18.63
CA THR C 36 -27.56 23.96 19.11
C THR C 36 -27.58 22.98 20.28
N ASP C 37 -28.70 22.87 20.99
CA ASP C 37 -28.83 21.89 22.06
C ASP C 37 -28.69 20.47 21.55
N TYR C 38 -28.80 20.26 20.23
CA TYR C 38 -28.52 18.94 19.66
C TYR C 38 -27.12 18.47 20.04
N ASN C 39 -26.19 19.39 20.26
CA ASN C 39 -24.84 19.01 20.66
C ASN C 39 -24.82 18.28 21.99
N THR C 40 -25.89 18.39 22.79
CA THR C 40 -25.97 17.72 24.08
C THR C 40 -26.89 16.51 24.05
N PHE C 41 -28.16 16.69 23.67
CA PHE C 41 -29.11 15.60 23.81
C PHE C 41 -28.92 14.50 22.77
N LYS C 42 -28.02 14.68 21.81
CA LYS C 42 -27.64 13.56 20.96
C LYS C 42 -26.89 12.49 21.73
N ARG C 43 -26.36 12.82 22.90
CA ARG C 43 -25.57 11.89 23.69
C ARG C 43 -26.42 11.00 24.59
N TYR C 44 -27.74 11.16 24.57
CA TYR C 44 -28.64 10.37 25.42
C TYR C 44 -29.09 9.15 24.62
N THR C 45 -28.34 8.06 24.75
CA THR C 45 -28.62 6.82 24.01
C THR C 45 -28.65 5.63 24.96
N THR C 46 -29.36 5.77 26.08
CA THR C 46 -29.56 4.64 26.98
C THR C 46 -30.57 3.67 26.34
N SER C 47 -30.86 2.57 27.04
CA SER C 47 -31.65 1.43 26.59
C SER C 47 -30.93 0.62 25.52
N LYS C 48 -29.75 1.05 25.09
CA LYS C 48 -28.86 0.25 24.25
C LYS C 48 -27.82 -0.49 25.08
N LYS C 49 -28.05 -0.61 26.38
CA LYS C 49 -27.07 -1.15 27.32
C LYS C 49 -27.48 -2.56 27.71
N ASP C 50 -26.52 -3.49 27.68
CA ASP C 50 -26.72 -4.85 28.16
C ASP C 50 -25.64 -5.22 29.15
N HIS C 51 -25.96 -6.15 30.05
CA HIS C 51 -25.04 -6.49 31.13
C HIS C 51 -23.74 -7.06 30.59
N ALA C 52 -23.82 -8.23 29.95
CA ALA C 52 -22.63 -8.90 29.44
C ALA C 52 -23.01 -9.84 28.31
N PRO C 53 -22.93 -9.39 27.06
CA PRO C 53 -23.33 -10.26 25.94
C PRO C 53 -22.43 -11.48 25.79
N GLN C 54 -21.20 -11.44 26.27
CA GLN C 54 -20.30 -12.59 26.15
C GLN C 54 -20.72 -13.74 27.04
N MET C 55 -21.45 -13.48 28.11
CA MET C 55 -21.90 -14.52 29.03
C MET C 55 -23.28 -15.06 28.67
N ARG C 56 -23.88 -14.60 27.58
CA ARG C 56 -25.19 -15.07 27.15
C ARG C 56 -25.20 -15.66 25.74
N LEU C 57 -24.09 -15.55 24.99
CA LEU C 57 -24.10 -15.95 23.59
C LEU C 57 -24.44 -17.42 23.42
N VAL C 58 -23.81 -18.28 24.23
CA VAL C 58 -24.04 -19.72 24.10
C VAL C 58 -25.50 -20.05 24.36
N TYR C 59 -26.08 -19.46 25.40
CA TYR C 59 -27.49 -19.70 25.69
C TYR C 59 -28.40 -19.00 24.67
N SER C 60 -28.04 -17.78 24.27
CA SER C 60 -28.89 -17.02 23.36
C SER C 60 -29.02 -17.70 22.01
N VAL C 61 -27.92 -18.26 21.49
CA VAL C 61 -27.97 -18.92 20.20
C VAL C 61 -28.89 -20.14 20.26
N ARG C 62 -28.90 -20.83 21.39
CA ARG C 62 -29.63 -22.09 21.53
C ARG C 62 -31.06 -21.91 22.03
N LYS C 63 -31.54 -20.68 22.14
CA LYS C 63 -32.94 -20.46 22.45
C LYS C 63 -33.82 -20.93 21.29
N PRO C 64 -35.08 -21.29 21.56
CA PRO C 64 -35.94 -21.80 20.49
C PRO C 64 -36.06 -20.88 19.29
N TRP C 65 -36.16 -19.57 19.52
CA TRP C 65 -36.29 -18.58 18.44
C TRP C 65 -35.33 -17.43 18.74
N PRO C 66 -34.03 -17.61 18.46
CA PRO C 66 -33.05 -16.61 18.91
C PRO C 66 -33.08 -15.30 18.13
N ILE C 67 -33.26 -15.36 16.82
CA ILE C 67 -33.04 -14.19 15.97
C ILE C 67 -34.29 -13.33 15.94
N SER C 68 -34.13 -12.04 16.18
CA SER C 68 -35.22 -11.07 16.11
C SER C 68 -35.13 -10.32 14.78
N MET C 69 -36.22 -10.33 14.01
CA MET C 69 -36.23 -9.69 12.71
C MET C 69 -37.62 -9.14 12.43
N THR C 70 -37.67 -8.18 11.50
CA THR C 70 -38.92 -7.60 11.07
C THR C 70 -39.72 -8.60 10.23
N PRO C 71 -41.05 -8.53 10.29
CA PRO C 71 -41.86 -9.44 9.47
C PRO C 71 -41.58 -9.30 7.99
N SER C 72 -41.57 -10.43 7.29
CA SER C 72 -41.37 -10.46 5.85
C SER C 72 -41.97 -11.74 5.30
N LYS C 73 -42.22 -11.73 3.99
CA LYS C 73 -42.77 -12.89 3.31
C LYS C 73 -41.73 -13.67 2.52
N GLU C 74 -40.50 -13.17 2.44
CA GLU C 74 -39.46 -13.90 1.72
C GLU C 74 -39.07 -15.18 2.45
N ILE C 75 -39.02 -15.14 3.78
CA ILE C 75 -38.71 -16.32 4.57
C ILE C 75 -39.98 -17.15 4.74
N PRO C 76 -40.00 -18.39 4.28
CA PRO C 76 -41.20 -19.21 4.43
C PRO C 76 -41.50 -19.51 5.89
N LEU C 77 -42.79 -19.66 6.20
CA LEU C 77 -43.20 -19.95 7.56
C LEU C 77 -42.68 -21.31 8.01
N VAL C 78 -42.73 -22.30 7.13
CA VAL C 78 -42.19 -23.63 7.40
C VAL C 78 -41.45 -24.10 6.16
N PHE C 79 -40.14 -24.32 6.29
CA PHE C 79 -39.33 -24.87 5.22
C PHE C 79 -39.39 -26.40 5.28
N ASN C 80 -38.50 -27.07 4.55
CA ASN C 80 -38.47 -28.52 4.53
C ASN C 80 -38.29 -29.10 5.92
N GLY C 81 -39.33 -29.74 6.44
CA GLY C 81 -39.28 -30.34 7.75
C GLY C 81 -39.35 -29.35 8.90
N THR C 82 -38.43 -28.39 8.91
CA THR C 82 -38.31 -27.47 10.04
C THR C 82 -39.22 -26.26 9.86
N LYS C 83 -39.52 -25.62 10.97
CA LYS C 83 -40.26 -24.36 11.01
C LYS C 83 -39.28 -23.23 11.22
N LEU C 84 -39.34 -22.23 10.34
CA LEU C 84 -38.33 -21.17 10.35
C LEU C 84 -38.67 -20.02 11.28
N LYS C 85 -39.82 -19.38 11.07
CA LYS C 85 -40.18 -18.16 11.77
C LYS C 85 -41.34 -18.39 12.73
N ASP C 86 -41.29 -17.69 13.86
CA ASP C 86 -42.38 -17.69 14.83
C ASP C 86 -43.26 -16.46 14.61
N THR C 87 -44.00 -16.49 13.51
CA THR C 87 -44.85 -15.39 13.08
C THR C 87 -46.30 -15.52 13.54
N ILE C 88 -46.53 -16.20 14.67
CA ILE C 88 -47.88 -16.52 15.10
C ILE C 88 -48.33 -15.67 16.29
N LEU C 89 -47.43 -15.24 17.16
CA LEU C 89 -47.83 -14.67 18.44
C LEU C 89 -48.35 -13.24 18.30
N ASP C 90 -47.48 -12.31 17.89
CA ASP C 90 -47.81 -10.89 17.91
C ASP C 90 -47.33 -10.21 16.63
N LEU C 91 -47.62 -10.84 15.49
CA LEU C 91 -47.19 -10.31 14.20
C LEU C 91 -47.64 -8.87 13.99
N GLY C 92 -46.66 -7.99 13.77
CA GLY C 92 -46.92 -6.60 13.46
C GLY C 92 -46.28 -5.59 14.40
N GLU C 93 -45.56 -6.01 15.43
CA GLU C 93 -44.98 -5.06 16.39
C GLU C 93 -43.49 -4.83 16.06
N SER C 94 -43.29 -4.05 14.99
CA SER C 94 -41.96 -3.66 14.54
C SER C 94 -41.03 -4.85 14.38
N LYS C 95 -39.88 -4.82 15.06
CA LYS C 95 -38.95 -5.95 15.03
C LYS C 95 -39.48 -7.07 15.91
N ARG C 96 -40.54 -7.73 15.44
CA ARG C 96 -41.26 -8.68 16.27
C ARG C 96 -40.99 -10.14 15.92
N THR C 97 -40.89 -10.48 14.63
CA THR C 97 -40.80 -11.88 14.26
C THR C 97 -39.54 -12.51 14.84
N ARG C 98 -39.67 -13.76 15.29
CA ARG C 98 -38.56 -14.52 15.82
C ARG C 98 -38.30 -15.72 14.93
N ALA C 99 -37.02 -15.92 14.59
CA ALA C 99 -36.60 -16.95 13.66
C ALA C 99 -35.42 -17.71 14.23
N ASN C 100 -35.23 -18.93 13.73
CA ASN C 100 -34.15 -19.78 14.21
C ASN C 100 -32.79 -19.23 13.80
N ILE C 101 -31.75 -19.82 14.40
CA ILE C 101 -30.38 -19.49 14.05
C ILE C 101 -30.04 -19.94 12.63
N VAL C 102 -30.82 -20.87 12.07
CA VAL C 102 -30.54 -21.40 10.73
C VAL C 102 -31.08 -20.52 9.62
N VAL C 103 -31.86 -19.49 9.93
CA VAL C 103 -32.42 -18.63 8.90
C VAL C 103 -31.34 -17.94 8.07
N PRO C 104 -30.28 -17.37 8.65
CA PRO C 104 -29.18 -16.88 7.80
C PRO C 104 -28.56 -17.97 6.94
N ASP C 105 -28.44 -19.18 7.46
CA ASP C 105 -27.96 -20.29 6.66
C ASP C 105 -28.94 -20.61 5.53
N TYR C 106 -30.24 -20.54 5.80
CA TYR C 106 -31.23 -20.72 4.76
C TYR C 106 -31.15 -19.62 3.71
N TRP C 107 -30.73 -18.42 4.11
CA TRP C 107 -30.63 -17.31 3.16
C TRP C 107 -29.34 -17.34 2.36
N SER C 108 -28.29 -17.99 2.89
CA SER C 108 -27.06 -18.12 2.13
C SER C 108 -27.29 -18.86 0.82
N LYS C 109 -28.25 -19.76 0.79
CA LYS C 109 -28.76 -20.40 -0.41
C LYS C 109 -30.21 -19.99 -0.59
N TYR C 110 -30.87 -20.52 -1.63
CA TYR C 110 -32.30 -20.38 -1.83
C TYR C 110 -32.82 -18.96 -1.57
N GLY C 111 -32.04 -17.94 -1.92
CA GLY C 111 -32.41 -16.58 -1.60
C GLY C 111 -32.29 -15.67 -2.81
N SER C 112 -32.96 -14.53 -2.71
CA SER C 112 -32.88 -13.53 -3.77
C SER C 112 -31.48 -12.94 -3.83
N GLN C 113 -30.98 -12.75 -5.04
CA GLN C 113 -29.63 -12.26 -5.27
C GLN C 113 -29.63 -10.76 -5.47
N THR C 114 -28.44 -10.21 -5.68
CA THR C 114 -28.25 -8.78 -5.85
C THR C 114 -27.28 -8.56 -7.00
N SER C 115 -27.36 -7.39 -7.63
CA SER C 115 -26.48 -7.08 -8.74
C SER C 115 -25.03 -7.05 -8.28
N LEU C 116 -24.12 -7.38 -9.20
CA LEU C 116 -22.71 -7.57 -8.85
C LEU C 116 -22.06 -6.27 -8.41
N GLU C 117 -22.46 -5.14 -8.99
CA GLU C 117 -21.84 -3.87 -8.62
C GLU C 117 -22.14 -3.52 -7.16
N VAL C 118 -23.32 -3.90 -6.66
CA VAL C 118 -23.63 -3.70 -5.25
C VAL C 118 -22.66 -4.49 -4.37
N VAL C 119 -22.43 -5.76 -4.73
CA VAL C 119 -21.52 -6.59 -3.95
C VAL C 119 -20.11 -6.01 -3.99
N ASN C 120 -19.69 -5.52 -5.16
CA ASN C 120 -18.37 -4.90 -5.26
C ASN C 120 -18.29 -3.64 -4.40
N ALA C 121 -19.36 -2.85 -4.36
CA ALA C 121 -19.34 -1.62 -3.57
C ALA C 121 -19.29 -1.92 -2.08
N ILE C 122 -20.00 -2.96 -1.64
CA ILE C 122 -20.02 -3.28 -0.21
C ILE C 122 -18.65 -3.71 0.27
N LEU C 123 -17.93 -4.50 -0.52
CA LEU C 123 -16.65 -5.06 -0.12
C LEU C 123 -15.46 -4.21 -0.55
N TYR C 124 -15.69 -3.01 -1.09
CA TYR C 124 -14.60 -2.22 -1.67
C TYR C 124 -13.54 -1.89 -0.61
N ALA C 125 -13.97 -1.39 0.55
CA ALA C 125 -13.01 -0.98 1.57
C ALA C 125 -12.20 -2.16 2.07
N GLU C 126 -12.83 -3.32 2.25
CA GLU C 126 -12.11 -4.50 2.69
C GLU C 126 -11.30 -5.13 1.57
N ASP C 127 -11.80 -5.06 0.33
CA ASP C 127 -11.03 -5.57 -0.80
C ASP C 127 -9.74 -4.80 -0.98
N LEU C 128 -9.74 -3.49 -0.69
CA LEU C 128 -8.51 -2.73 -0.73
C LEU C 128 -7.46 -3.35 0.18
N LYS C 129 -7.84 -3.65 1.43
CA LYS C 129 -6.91 -4.28 2.36
C LYS C 129 -6.49 -5.66 1.87
N VAL C 130 -7.42 -6.43 1.31
CA VAL C 130 -7.11 -7.79 0.90
C VAL C 130 -6.06 -7.79 -0.21
N GLN C 131 -6.28 -6.98 -1.26
CA GLN C 131 -5.28 -6.92 -2.33
C GLN C 131 -4.00 -6.24 -1.87
N ARG C 132 -4.09 -5.29 -0.94
CA ARG C 132 -2.87 -4.66 -0.42
C ARG C 132 -2.01 -5.68 0.31
N PHE C 133 -2.65 -6.59 1.05
CA PHE C 133 -1.89 -7.69 1.67
C PHE C 133 -1.37 -8.65 0.62
N PHE C 134 -2.22 -9.07 -0.31
CA PHE C 134 -1.75 -9.93 -1.41
C PHE C 134 -1.19 -9.12 -2.55
N SER C 135 -0.39 -8.09 -2.26
CA SER C 135 0.40 -7.40 -3.26
C SER C 135 1.82 -7.08 -2.79
N THR C 136 2.07 -7.02 -1.49
CA THR C 136 3.41 -6.78 -0.98
C THR C 136 4.26 -8.03 -1.15
N GLU C 137 5.50 -7.84 -1.62
CA GLU C 137 6.39 -8.97 -1.81
C GLU C 137 6.87 -9.49 -0.44
N TRP C 138 6.57 -10.75 -0.16
CA TRP C 138 6.94 -11.37 1.10
C TRP C 138 8.39 -11.79 1.03
N GLY C 139 9.24 -11.15 1.82
CA GLY C 139 10.67 -11.42 1.76
C GLY C 139 11.07 -12.67 2.50
N GLU C 140 12.19 -12.62 3.21
CA GLU C 140 12.70 -13.75 3.96
C GLU C 140 12.77 -13.38 5.44
N ILE C 141 12.43 -14.33 6.30
CA ILE C 141 12.43 -14.08 7.74
C ILE C 141 13.86 -14.02 8.24
N ARG C 142 14.18 -12.96 8.96
CA ARG C 142 15.49 -12.81 9.59
C ARG C 142 15.29 -12.67 11.09
N TYR C 143 15.97 -13.54 11.85
CA TYR C 143 15.87 -13.58 13.30
C TYR C 143 17.10 -12.89 13.90
N GLY C 144 16.87 -11.89 14.74
CA GLY C 144 17.99 -11.12 15.27
C GLY C 144 17.88 -10.56 16.67
N ARG C 145 16.84 -10.92 17.41
CA ARG C 145 16.61 -10.42 18.77
C ARG C 145 16.52 -8.90 18.75
N MET C 146 15.42 -8.43 18.18
CA MET C 146 15.26 -7.01 17.89
C MET C 146 15.04 -6.21 19.17
N LEU C 147 15.59 -4.99 19.20
CA LEU C 147 15.36 -4.07 20.30
C LEU C 147 14.30 -3.07 19.89
N PRO C 148 13.13 -3.07 20.52
CA PRO C 148 12.01 -2.27 20.00
C PRO C 148 12.26 -0.78 20.09
N PHE C 149 11.68 -0.06 19.11
CA PHE C 149 11.63 1.39 19.11
C PHE C 149 10.16 1.79 19.06
N ARG C 150 9.67 2.42 20.13
CA ARG C 150 8.25 2.72 20.26
C ARG C 150 7.96 4.07 19.64
N LYS C 151 7.17 4.08 18.57
CA LYS C 151 6.86 5.30 17.87
C LYS C 151 5.42 5.26 17.39
N PRO C 152 4.81 6.43 17.14
CA PRO C 152 3.48 6.45 16.53
C PRO C 152 3.56 6.27 15.03
N VAL C 153 2.78 5.33 14.51
CA VAL C 153 2.73 5.04 13.08
C VAL C 153 1.28 5.09 12.63
N GLN C 154 1.08 5.38 11.36
CA GLN C 154 -0.27 5.49 10.80
C GLN C 154 -0.92 4.10 10.75
N ALA C 155 -2.20 4.04 11.12
CA ALA C 155 -2.88 2.76 11.21
C ALA C 155 -3.09 2.13 9.83
N CYS C 156 -3.61 2.89 8.89
CA CYS C 156 -3.90 2.39 7.55
C CYS C 156 -3.51 3.43 6.52
N PRO C 157 -3.14 2.99 5.31
CA PRO C 157 -2.79 3.97 4.27
C PRO C 157 -4.00 4.78 3.84
N THR C 158 -3.72 5.99 3.36
CA THR C 158 -4.76 6.92 2.93
C THR C 158 -4.64 7.20 1.45
N ILE C 159 -5.78 7.42 0.80
CA ILE C 159 -5.78 7.79 -0.61
C ILE C 159 -5.18 9.18 -0.79
N GLU C 160 -5.30 10.04 0.22
CA GLU C 160 -4.72 11.37 0.18
C GLU C 160 -4.33 11.78 1.59
N GLU C 161 -3.37 12.71 1.67
CA GLU C 161 -2.92 13.26 2.94
C GLU C 161 -3.58 14.62 3.15
N VAL C 162 -4.44 14.71 4.15
CA VAL C 162 -5.18 15.92 4.46
C VAL C 162 -4.97 16.26 5.93
N ASN C 163 -4.62 17.52 6.21
CA ASN C 163 -4.45 17.95 7.58
C ASN C 163 -5.78 17.86 8.32
N PRO C 164 -5.76 17.58 9.63
CA PRO C 164 -7.02 17.38 10.36
C PRO C 164 -7.99 18.53 10.26
N ALA C 165 -7.49 19.77 10.31
CA ALA C 165 -8.37 20.94 10.28
C ALA C 165 -9.19 20.98 8.99
N SER C 166 -8.68 20.41 7.91
CA SER C 166 -9.39 20.39 6.64
C SER C 166 -10.25 19.17 6.45
N ILE C 167 -10.25 18.22 7.40
CA ILE C 167 -11.08 17.02 7.25
C ILE C 167 -12.57 17.35 7.22
N PRO C 168 -13.13 18.09 8.18
CA PRO C 168 -14.58 18.34 8.12
C PRO C 168 -15.03 19.09 6.88
N HIS C 169 -14.21 20.02 6.37
CA HIS C 169 -14.59 20.77 5.19
C HIS C 169 -14.50 19.94 3.92
N THR C 170 -13.56 19.00 3.86
CA THR C 170 -13.46 18.13 2.71
C THR C 170 -14.69 17.24 2.58
N LEU C 171 -15.07 16.57 3.66
CA LEU C 171 -16.23 15.68 3.62
C LEU C 171 -17.50 16.45 3.26
N LEU C 172 -17.66 17.65 3.83
CA LEU C 172 -18.82 18.46 3.47
C LEU C 172 -18.82 18.80 1.99
N GLN C 173 -17.65 18.94 1.37
CA GLN C 173 -17.60 19.19 -0.06
C GLN C 173 -17.93 17.94 -0.89
N VAL C 174 -17.94 16.77 -0.27
CA VAL C 174 -18.22 15.53 -1.00
C VAL C 174 -19.69 15.16 -0.88
N PHE C 175 -20.25 15.22 0.32
CA PHE C 175 -21.59 14.72 0.56
C PHE C 175 -22.65 15.82 0.47
N CYS C 176 -22.36 17.01 1.01
CA CYS C 176 -23.33 18.10 1.07
C CYS C 176 -22.70 19.39 0.56
N PRO C 177 -22.42 19.48 -0.75
CA PRO C 177 -21.97 20.77 -1.30
C PRO C 177 -23.01 21.85 -1.16
N GLN C 178 -24.30 21.50 -1.17
CA GLN C 178 -25.38 22.48 -1.12
C GLN C 178 -25.47 23.21 0.21
N TYR C 179 -24.77 22.74 1.24
CA TYR C 179 -24.82 23.34 2.57
C TYR C 179 -23.45 23.80 3.01
N THR C 180 -22.70 24.40 2.09
CA THR C 180 -21.33 24.82 2.34
C THR C 180 -21.13 26.24 1.84
N THR C 181 -20.15 26.92 2.43
CA THR C 181 -19.77 28.27 2.04
C THR C 181 -18.45 28.23 1.27
N LEU C 182 -18.11 29.37 0.66
CA LEU C 182 -16.89 29.45 -0.14
C LEU C 182 -15.64 29.29 0.72
N ASP C 183 -15.70 29.71 1.98
CA ASP C 183 -14.57 29.47 2.88
C ASP C 183 -14.35 27.98 3.11
N SER C 184 -15.44 27.24 3.31
CA SER C 184 -15.33 25.78 3.44
C SER C 184 -14.80 25.17 2.14
N LYS C 185 -15.23 25.71 1.00
CA LYS C 185 -14.73 25.24 -0.29
C LYS C 185 -13.23 25.46 -0.40
N ARG C 186 -12.73 26.63 0.03
CA ARG C 186 -11.31 26.91 -0.10
C ARG C 186 -10.49 26.11 0.90
N LYS C 187 -11.04 25.80 2.07
CA LYS C 187 -10.30 25.04 3.06
C LYS C 187 -10.29 23.54 2.79
N ALA C 188 -11.02 23.06 1.79
CA ALA C 188 -11.08 21.65 1.48
C ALA C 188 -10.00 21.28 0.48
N HIS C 189 -9.56 20.01 0.53
CA HIS C 189 -8.58 19.47 -0.41
C HIS C 189 -9.33 18.93 -1.61
N MET C 190 -9.29 19.66 -2.72
CA MET C 190 -10.15 19.34 -3.85
C MET C 190 -9.74 18.04 -4.53
N GLY C 191 -8.45 17.71 -4.54
CA GLY C 191 -8.04 16.40 -5.05
C GLY C 191 -8.66 15.28 -4.25
N ALA C 192 -8.60 15.40 -2.91
CA ALA C 192 -9.25 14.42 -2.06
C ALA C 192 -10.76 14.43 -2.27
N VAL C 193 -11.35 15.61 -2.52
CA VAL C 193 -12.78 15.68 -2.77
C VAL C 193 -13.14 14.88 -4.01
N GLU C 194 -12.39 15.07 -5.09
CA GLU C 194 -12.68 14.34 -6.33
C GLU C 194 -12.47 12.84 -6.16
N LYS C 195 -11.37 12.45 -5.51
CA LYS C 195 -11.13 11.02 -5.28
C LYS C 195 -12.23 10.40 -4.44
N LEU C 196 -12.65 11.09 -3.38
CA LEU C 196 -13.71 10.57 -2.52
C LEU C 196 -15.03 10.50 -3.25
N LYS C 197 -15.33 11.49 -4.10
CA LYS C 197 -16.57 11.43 -4.86
C LYS C 197 -16.59 10.24 -5.80
N ARG C 198 -15.47 10.02 -6.51
CA ARG C 198 -15.40 8.86 -7.40
C ARG C 198 -15.52 7.55 -6.62
N VAL C 199 -14.87 7.47 -5.45
CA VAL C 199 -14.88 6.25 -4.67
C VAL C 199 -16.27 5.96 -4.12
N MET C 200 -16.91 6.98 -3.54
CA MET C 200 -18.16 6.82 -2.80
C MET C 200 -19.40 6.99 -3.65
N GLU C 201 -19.27 7.28 -4.94
CA GLU C 201 -20.46 7.30 -5.79
C GLU C 201 -21.20 5.96 -5.78
N PRO C 202 -20.55 4.80 -5.89
CA PRO C 202 -21.29 3.54 -5.71
C PRO C 202 -21.50 3.17 -4.25
N ILE C 203 -20.58 3.59 -3.38
CA ILE C 203 -20.63 3.18 -1.98
C ILE C 203 -21.84 3.79 -1.28
N CYS C 204 -22.14 5.07 -1.57
CA CYS C 204 -23.24 5.74 -0.90
C CYS C 204 -24.60 5.12 -1.26
N LYS C 205 -24.66 4.31 -2.30
CA LYS C 205 -25.91 3.64 -2.66
C LYS C 205 -26.22 2.43 -1.79
N VAL C 206 -25.25 1.96 -1.00
CA VAL C 206 -25.43 0.76 -0.19
C VAL C 206 -25.11 1.05 1.27
N GLN C 207 -24.63 2.26 1.54
CA GLN C 207 -24.27 2.67 2.89
C GLN C 207 -25.08 3.90 3.27
N THR C 208 -25.49 3.97 4.54
CA THR C 208 -26.25 5.10 5.03
C THR C 208 -25.35 6.34 5.14
N GLN C 209 -25.96 7.45 5.54
CA GLN C 209 -25.24 8.72 5.61
C GLN C 209 -24.07 8.65 6.57
N GLU C 210 -24.34 8.26 7.81
CA GLU C 210 -23.29 8.18 8.82
C GLU C 210 -22.24 7.14 8.47
N SER C 211 -22.68 6.01 7.92
CA SER C 211 -21.72 4.99 7.50
C SER C 211 -20.82 5.51 6.38
N ALA C 212 -21.42 6.16 5.38
CA ALA C 212 -20.63 6.70 4.28
C ALA C 212 -19.62 7.73 4.77
N VAL C 213 -20.05 8.60 5.68
CA VAL C 213 -19.12 9.55 6.29
C VAL C 213 -18.00 8.82 7.00
N HIS C 214 -18.33 7.72 7.68
CA HIS C 214 -17.31 6.96 8.41
C HIS C 214 -16.25 6.39 7.47
N ILE C 215 -16.68 5.73 6.38
CA ILE C 215 -15.71 5.20 5.43
C ILE C 215 -14.90 6.33 4.79
N ALA C 216 -15.55 7.44 4.44
CA ALA C 216 -14.80 8.53 3.82
C ALA C 216 -13.71 9.06 4.74
N ARG C 217 -14.07 9.33 6.00
CA ARG C 217 -13.08 9.83 6.96
C ARG C 217 -11.98 8.80 7.19
N SER C 218 -12.35 7.52 7.32
CA SER C 218 -11.34 6.49 7.50
C SER C 218 -10.40 6.41 6.30
N LEU C 219 -10.90 6.71 5.10
CA LEU C 219 -10.02 6.75 3.93
C LEU C 219 -9.10 7.96 3.96
N ILE C 220 -9.54 9.08 4.52
CA ILE C 220 -8.69 10.26 4.47
C ILE C 220 -8.25 10.75 5.85
N ASP C 221 -8.22 9.88 6.86
CA ASP C 221 -7.68 10.25 8.16
C ASP C 221 -6.46 9.41 8.50
N SER C 222 -5.58 9.98 9.32
CA SER C 222 -4.34 9.29 9.67
C SER C 222 -4.56 8.29 10.79
N ASN C 223 -4.99 8.76 11.96
CA ASN C 223 -5.23 7.93 13.14
C ASN C 223 -3.97 7.16 13.53
N LYS C 224 -2.94 7.92 13.91
CA LYS C 224 -1.67 7.32 14.30
C LYS C 224 -1.80 6.67 15.67
N LYS C 225 -1.12 5.53 15.84
CA LYS C 225 -1.12 4.78 17.09
C LYS C 225 0.29 4.36 17.43
N TRP C 226 0.57 4.25 18.72
CA TRP C 226 1.92 3.94 19.18
C TRP C 226 2.18 2.44 19.12
N LEU C 227 3.25 2.05 18.45
CA LEU C 227 3.64 0.64 18.35
C LEU C 227 5.15 0.52 18.44
N PRO C 228 5.66 -0.64 18.87
CA PRO C 228 7.10 -0.92 18.80
C PRO C 228 7.47 -1.45 17.43
N THR C 229 8.31 -0.71 16.72
CA THR C 229 8.81 -1.09 15.42
C THR C 229 10.32 -1.35 15.50
N VAL C 230 10.90 -1.67 14.36
CA VAL C 230 12.34 -1.91 14.23
C VAL C 230 12.95 -0.72 13.50
N VAL C 231 14.13 -0.29 13.95
CA VAL C 231 14.81 0.82 13.30
C VAL C 231 15.04 0.49 11.83
N ASP C 232 14.93 1.53 10.99
CA ASP C 232 15.06 1.55 9.52
C ASP C 232 14.47 0.29 8.89
N HIS C 233 13.36 -0.19 9.45
CA HIS C 233 12.57 -1.25 8.84
C HIS C 233 11.07 -1.03 9.03
N THR C 234 10.67 0.20 9.37
CA THR C 234 9.27 0.48 9.63
C THR C 234 8.45 0.34 8.35
N PRO C 235 7.33 -0.39 8.38
CA PRO C 235 6.51 -0.53 7.18
C PRO C 235 5.63 0.69 6.93
N ARG C 236 5.95 1.80 7.59
CA ARG C 236 5.26 3.09 7.47
C ARG C 236 3.74 2.98 7.60
N THR C 237 3.27 1.87 8.16
CA THR C 237 1.85 1.60 8.38
C THR C 237 1.73 0.39 9.28
N ALA C 238 0.79 0.45 10.23
CA ALA C 238 0.56 -0.63 11.17
C ALA C 238 -0.33 -1.73 10.61
N GLU C 239 -0.67 -1.68 9.31
CA GLU C 239 -1.59 -2.65 8.74
C GLU C 239 -1.02 -4.06 8.79
N MET C 240 0.26 -4.22 8.49
CA MET C 240 0.92 -5.52 8.48
C MET C 240 2.05 -5.60 9.50
N ALA C 241 1.92 -4.86 10.60
CA ALA C 241 2.97 -4.88 11.62
C ALA C 241 3.04 -6.23 12.32
N HIS C 242 1.89 -6.88 12.52
CA HIS C 242 1.88 -8.18 13.18
C HIS C 242 2.56 -9.26 12.33
N PHE C 243 2.69 -9.05 11.04
CA PHE C 243 3.25 -10.02 10.10
C PHE C 243 4.73 -9.75 9.83
N LEU C 244 5.12 -8.49 9.69
CA LEU C 244 6.48 -8.14 9.28
C LEU C 244 7.45 -7.96 10.44
N CYS C 245 6.99 -8.02 11.69
CA CYS C 245 7.90 -7.89 12.83
C CYS C 245 7.23 -8.45 14.07
N SER C 246 7.96 -9.27 14.83
CA SER C 246 7.42 -9.89 16.03
C SER C 246 8.44 -9.97 17.16
N LYS C 247 9.37 -9.00 17.21
CA LYS C 247 10.33 -8.85 18.30
C LYS C 247 11.39 -9.95 18.25
N TYR C 248 11.19 -10.94 17.38
CA TYR C 248 12.17 -12.00 17.15
C TYR C 248 12.61 -12.10 15.71
N HIS C 249 12.03 -11.31 14.81
CA HIS C 249 12.29 -11.44 13.39
C HIS C 249 11.75 -10.21 12.67
N TYR C 250 12.23 -10.02 11.45
CA TYR C 250 11.53 -9.16 10.49
C TYR C 250 11.49 -9.84 9.14
N VAL C 251 10.52 -9.43 8.34
CA VAL C 251 10.42 -9.84 6.94
C VAL C 251 10.90 -8.67 6.10
N HIS C 252 12.01 -8.87 5.39
CA HIS C 252 12.59 -7.80 4.58
C HIS C 252 11.67 -7.50 3.41
N THR C 253 10.99 -6.36 3.48
CA THR C 253 10.04 -5.96 2.46
C THR C 253 10.57 -4.74 1.70
N ASN C 254 10.25 -4.70 0.41
CA ASN C 254 10.67 -3.62 -0.47
C ASN C 254 9.47 -2.79 -0.87
N THR C 255 9.58 -1.47 -0.68
CA THR C 255 8.50 -0.56 -1.04
C THR C 255 9.09 0.82 -1.27
N GLN C 256 8.73 1.44 -2.40
CA GLN C 256 9.18 2.79 -2.69
C GLN C 256 8.41 3.79 -1.82
N ASP C 257 8.81 5.06 -1.92
CA ASP C 257 8.15 6.10 -1.12
C ASP C 257 6.68 6.23 -1.50
N LEU C 258 6.38 6.22 -2.79
CA LEU C 258 5.03 6.38 -3.33
C LEU C 258 4.34 7.58 -2.68
N SER C 259 4.97 8.74 -2.83
CA SER C 259 4.48 9.97 -2.24
C SER C 259 5.10 11.15 -2.95
N ASP C 260 4.50 12.32 -2.73
CA ASP C 260 5.00 13.58 -3.28
C ASP C 260 5.80 14.38 -2.27
N THR C 261 6.20 13.76 -1.15
CA THR C 261 6.92 14.49 -0.11
C THR C 261 8.28 14.96 -0.62
N ARG C 262 8.96 14.14 -1.41
CA ARG C 262 10.27 14.52 -1.93
C ARG C 262 10.18 15.73 -2.87
N SER C 263 9.14 15.76 -3.71
CA SER C 263 8.96 16.92 -4.60
C SER C 263 8.68 18.19 -3.79
N ILE C 264 7.87 18.08 -2.74
CA ILE C 264 7.61 19.22 -1.88
C ILE C 264 8.89 19.68 -1.20
N ASP C 265 9.72 18.72 -0.77
CA ASP C 265 11.03 19.08 -0.22
C ASP C 265 11.88 19.81 -1.25
N ASN C 266 11.85 19.35 -2.50
CA ASN C 266 12.63 20.04 -3.53
C ASN C 266 12.16 21.47 -3.72
N LEU C 267 10.84 21.68 -3.76
CA LEU C 267 10.30 23.03 -3.88
C LEU C 267 10.70 23.88 -2.69
N CYS C 268 10.58 23.34 -1.47
CA CYS C 268 10.94 24.08 -0.27
C CYS C 268 12.42 24.41 -0.25
N GLY C 269 13.26 23.47 -0.70
CA GLY C 269 14.68 23.74 -0.75
C GLY C 269 15.04 24.83 -1.74
N GLU C 270 14.39 24.82 -2.90
CA GLU C 270 14.61 25.89 -3.86
C GLU C 270 14.19 27.24 -3.29
N LEU C 271 13.03 27.28 -2.63
CA LEU C 271 12.56 28.52 -2.02
C LEU C 271 13.51 29.00 -0.94
N VAL C 272 14.03 28.10 -0.11
CA VAL C 272 14.95 28.48 0.96
C VAL C 272 16.26 28.98 0.38
N LYS C 273 16.80 28.27 -0.62
CA LYS C 273 18.07 28.67 -1.22
C LYS C 273 17.95 30.04 -1.87
N ARG C 274 16.86 30.29 -2.61
CA ARG C 274 16.69 31.57 -3.26
C ARG C 274 16.30 32.68 -2.27
N SER C 275 15.72 32.33 -1.14
CA SER C 275 15.34 33.34 -0.15
C SER C 275 16.53 33.85 0.64
N LEU C 276 17.55 33.01 0.84
CA LEU C 276 18.72 33.41 1.63
C LEU C 276 19.58 34.44 0.93
N LYS C 277 19.34 34.73 -0.34
CA LYS C 277 20.14 35.66 -1.11
C LYS C 277 19.63 37.09 -1.05
N CYS C 278 18.58 37.35 -0.25
CA CYS C 278 17.99 38.67 -0.15
C CYS C 278 17.96 39.13 1.31
N ARG C 279 17.57 40.38 1.51
CA ARG C 279 17.53 40.95 2.85
C ARG C 279 16.40 40.35 3.67
N CYS C 280 16.74 39.98 4.92
CA CYS C 280 15.83 39.35 5.87
C CYS C 280 15.12 38.17 5.22
N PRO C 281 15.83 37.05 5.02
CA PRO C 281 15.22 35.93 4.29
C PRO C 281 13.95 35.39 4.93
N LYS C 282 13.80 35.54 6.24
CA LYS C 282 12.63 34.97 6.92
C LYS C 282 11.33 35.57 6.41
N GLU C 283 11.25 36.91 6.37
CA GLU C 283 10.02 37.55 5.90
C GLU C 283 9.78 37.25 4.43
N THR C 284 10.86 37.16 3.64
CA THR C 284 10.71 36.84 2.23
C THR C 284 10.11 35.46 2.04
N LEU C 285 10.62 34.46 2.76
CA LEU C 285 10.07 33.12 2.65
C LEU C 285 8.63 33.05 3.14
N VAL C 286 8.33 33.72 4.26
CA VAL C 286 6.97 33.70 4.78
C VAL C 286 6.00 34.35 3.79
N ALA C 287 6.40 35.47 3.18
CA ALA C 287 5.55 36.12 2.20
C ALA C 287 5.33 35.26 0.97
N ASN C 288 6.40 34.62 0.48
CA ASN C 288 6.25 33.79 -0.72
C ASN C 288 5.41 32.56 -0.45
N LEU C 289 5.59 31.91 0.70
CA LEU C 289 4.80 30.73 1.01
C LEU C 289 3.31 31.04 1.16
N ASP C 290 2.95 32.29 1.41
CA ASP C 290 1.55 32.70 1.51
C ASP C 290 0.96 33.04 0.15
N LYS C 291 1.75 32.99 -0.92
CA LYS C 291 1.28 33.32 -2.26
C LYS C 291 1.49 32.22 -3.28
N ILE C 292 2.26 31.19 -2.95
CA ILE C 292 2.46 30.03 -3.83
C ILE C 292 1.37 29.01 -3.54
N THR C 293 0.87 28.36 -4.59
CA THR C 293 -0.13 27.32 -4.46
C THR C 293 0.26 26.11 -5.30
N ILE C 294 -0.06 24.92 -4.80
CA ILE C 294 0.16 23.67 -5.50
C ILE C 294 -1.21 23.10 -5.86
N GLN C 295 -1.42 22.82 -7.14
CA GLN C 295 -2.75 22.51 -7.69
C GLN C 295 -3.65 23.68 -7.35
N GLY C 296 -4.77 23.48 -6.66
CA GLY C 296 -5.57 24.57 -6.17
C GLY C 296 -5.45 24.82 -4.67
N ARG C 297 -4.49 24.19 -4.00
CA ARG C 297 -4.37 24.27 -2.55
C ARG C 297 -3.28 25.25 -2.18
N PRO C 298 -3.51 26.15 -1.22
CA PRO C 298 -2.44 27.07 -0.80
C PRO C 298 -1.29 26.34 -0.13
N MET C 299 -0.12 26.98 -0.17
CA MET C 299 1.11 26.32 0.26
C MET C 299 1.09 26.03 1.76
N ARG C 300 0.45 26.89 2.56
CA ARG C 300 0.35 26.65 3.99
C ARG C 300 -0.35 25.33 4.28
N GLU C 301 -1.47 25.08 3.61
CA GLU C 301 -2.24 23.87 3.88
C GLU C 301 -1.54 22.61 3.37
N VAL C 302 -0.86 22.71 2.22
CA VAL C 302 -0.14 21.52 1.74
C VAL C 302 1.07 21.24 2.62
N LEU C 303 1.70 22.28 3.19
CA LEU C 303 2.73 22.05 4.19
C LEU C 303 2.15 21.39 5.43
N ALA C 304 0.98 21.82 5.86
CA ALA C 304 0.32 21.18 7.00
C ALA C 304 -0.06 19.74 6.69
N ASP C 305 -0.29 19.42 5.42
CA ASP C 305 -0.66 18.06 5.04
C ASP C 305 0.52 17.11 5.19
N HIS C 306 1.68 17.50 4.68
CA HIS C 306 2.86 16.63 4.61
C HIS C 306 3.76 16.94 5.80
N ASP C 307 3.63 16.15 6.86
CA ASP C 307 4.45 16.30 8.07
C ASP C 307 5.55 15.23 7.97
N GLY C 308 6.60 15.58 7.23
CA GLY C 308 7.67 14.65 6.93
C GLY C 308 8.87 14.79 7.85
N GLU C 309 9.88 13.99 7.56
CA GLU C 309 11.11 13.93 8.33
C GLU C 309 12.24 14.76 7.74
N LEU C 310 12.00 15.43 6.61
CA LEU C 310 12.99 16.10 5.77
C LEU C 310 13.31 17.50 6.28
N PRO C 311 14.54 17.97 6.03
CA PRO C 311 14.98 19.27 6.58
C PRO C 311 14.23 20.47 6.02
N TYR C 312 14.21 20.61 4.69
CA TYR C 312 13.60 21.80 4.08
C TYR C 312 12.09 21.84 4.33
N LEU C 313 11.44 20.67 4.29
CA LEU C 313 10.03 20.60 4.64
C LEU C 313 9.80 21.06 6.07
N GLY C 314 10.69 20.67 6.99
CA GLY C 314 10.58 21.13 8.36
C GLY C 314 10.78 22.63 8.49
N ILE C 315 11.73 23.18 7.75
CA ILE C 315 11.96 24.62 7.77
C ILE C 315 10.72 25.37 7.31
N CYS C 316 10.11 24.91 6.22
CA CYS C 316 8.93 25.59 5.71
C CYS C 316 7.73 25.40 6.63
N ARG C 317 7.59 24.24 7.26
CA ARG C 317 6.50 24.04 8.21
C ARG C 317 6.68 24.93 9.44
N VAL C 318 7.91 25.08 9.92
CA VAL C 318 8.16 25.96 11.05
C VAL C 318 7.90 27.41 10.66
N ALA C 319 8.24 27.79 9.43
CA ALA C 319 7.98 29.15 8.95
C ALA C 319 6.49 29.46 8.95
N MET C 320 5.64 28.44 8.83
CA MET C 320 4.20 28.61 8.84
C MET C 320 3.59 28.37 10.21
N GLY C 321 4.41 28.26 11.25
CA GLY C 321 3.91 28.04 12.59
C GLY C 321 3.66 26.61 12.97
N LEU C 322 3.98 25.66 12.10
CA LEU C 322 3.78 24.24 12.39
C LEU C 322 5.04 23.67 13.05
N SER C 323 4.94 22.40 13.45
CA SER C 323 6.05 21.72 14.10
C SER C 323 6.86 20.94 13.06
N THR C 324 7.81 20.14 13.53
CA THR C 324 8.60 19.29 12.65
C THR C 324 9.10 18.08 13.43
N HIS C 325 9.37 17.00 12.70
CA HIS C 325 9.91 15.78 13.28
C HIS C 325 11.36 15.54 12.86
N HIS C 326 12.00 16.50 12.21
CA HIS C 326 13.39 16.33 11.81
C HIS C 326 14.28 16.17 13.03
N THR C 327 15.29 15.31 12.88
CA THR C 327 16.28 15.09 13.93
C THR C 327 17.66 15.28 13.35
N MET C 328 18.60 15.66 14.22
CA MET C 328 19.98 15.88 13.78
C MET C 328 20.53 14.61 13.17
N LYS C 329 21.16 14.73 12.02
CA LYS C 329 21.64 13.58 11.26
C LYS C 329 22.99 13.91 10.65
N ILE C 330 24.00 13.11 10.98
N ILE C 330 24.00 13.10 10.97
CA ILE C 330 25.32 13.22 10.39
CA ILE C 330 25.33 13.21 10.41
C ILE C 330 25.53 12.00 9.51
C ILE C 330 25.53 11.99 9.51
N ARG C 331 25.62 12.22 8.21
CA ARG C 331 25.65 11.17 7.19
C ARG C 331 24.61 10.08 7.48
N SER C 332 25.01 8.92 7.99
CA SER C 332 24.09 7.81 8.18
C SER C 332 23.61 7.65 9.62
N THR C 333 24.05 8.50 10.54
CA THR C 333 23.75 8.33 11.97
C THR C 333 22.85 9.46 12.45
N LYS C 334 21.75 9.10 13.11
CA LYS C 334 20.83 10.08 13.65
C LYS C 334 21.00 10.20 15.16
N PHE C 335 20.99 11.44 15.64
CA PHE C 335 21.24 11.78 17.03
C PHE C 335 20.04 12.48 17.63
N SER C 336 19.86 12.31 18.94
N SER C 336 19.88 12.32 18.94
CA SER C 336 18.79 12.95 19.67
CA SER C 336 18.79 12.95 19.67
C SER C 336 19.24 13.18 21.11
C SER C 336 19.24 13.18 21.11
N ILE C 337 19.21 14.43 21.56
CA ILE C 337 19.66 14.77 22.91
C ILE C 337 18.57 14.35 23.89
N LEU C 338 18.85 13.33 24.71
CA LEU C 338 17.90 12.92 25.73
C LEU C 338 17.72 14.01 26.78
N ASN C 339 18.83 14.54 27.29
CA ASN C 339 18.80 15.66 28.21
C ASN C 339 20.20 16.27 28.26
N SER C 340 20.24 17.57 28.56
CA SER C 340 21.51 18.27 28.65
C SER C 340 21.35 19.47 29.57
N ASP C 341 22.46 19.91 30.16
CA ASP C 341 22.44 21.08 31.02
C ASP C 341 22.32 22.36 30.21
N HIS C 342 23.04 22.44 29.09
CA HIS C 342 23.03 23.62 28.24
C HIS C 342 22.99 23.18 26.79
N PRO C 343 22.43 24.01 25.91
CA PRO C 343 22.40 23.67 24.48
C PRO C 343 23.80 23.52 23.89
N ARG C 344 23.85 22.97 22.68
CA ARG C 344 25.10 22.79 21.97
C ARG C 344 25.65 24.15 21.59
N ILE C 345 26.69 24.59 22.30
CA ILE C 345 27.25 25.93 22.10
C ILE C 345 28.09 25.95 20.84
N GLU C 346 27.96 27.02 20.05
CA GLU C 346 28.75 27.19 18.85
C GLU C 346 30.08 27.86 19.20
N VAL C 347 31.13 27.43 18.50
CA VAL C 347 32.47 28.02 18.63
C VAL C 347 32.85 28.59 17.27
N LYS C 348 33.20 29.88 17.26
CA LYS C 348 33.54 30.59 16.04
C LYS C 348 35.06 30.60 15.85
N LYS C 349 35.61 29.39 15.70
CA LYS C 349 37.05 29.22 15.60
C LYS C 349 37.54 29.66 14.23
N VAL C 350 38.54 30.56 14.23
CA VAL C 350 39.05 31.16 13.01
C VAL C 350 40.37 30.49 12.64
N PHE C 351 40.52 30.13 11.37
CA PHE C 351 41.74 29.49 10.88
C PHE C 351 42.38 30.35 9.79
N SER C 352 42.55 31.64 10.07
CA SER C 352 43.02 32.63 9.11
C SER C 352 44.19 32.11 8.28
N LEU C 353 44.06 32.23 6.96
CA LEU C 353 45.13 31.87 6.04
C LEU C 353 46.25 32.90 6.01
N SER C 354 45.99 34.11 6.50
CA SER C 354 46.95 35.19 6.45
C SER C 354 46.57 36.21 7.51
N PRO C 355 47.50 37.08 7.92
CA PRO C 355 47.13 38.17 8.84
C PRO C 355 45.95 39.00 8.36
N ASP C 356 45.85 39.22 7.05
CA ASP C 356 44.75 39.99 6.46
C ASP C 356 43.65 39.12 5.88
N VAL C 357 44.00 38.00 5.26
CA VAL C 357 43.03 37.09 4.65
C VAL C 357 42.73 35.99 5.66
N GLN C 358 41.45 35.83 6.01
CA GLN C 358 41.04 34.90 7.04
C GLN C 358 39.93 33.99 6.52
N VAL C 359 40.00 32.71 6.88
CA VAL C 359 38.97 31.74 6.59
C VAL C 359 38.55 31.10 7.90
N THR C 360 37.24 31.06 8.16
CA THR C 360 36.69 30.62 9.43
C THR C 360 35.80 29.41 9.24
N ILE C 361 35.91 28.45 10.15
CA ILE C 361 35.09 27.24 10.12
C ILE C 361 34.43 27.06 11.48
N PRO C 362 33.31 27.73 11.75
CA PRO C 362 32.61 27.53 13.02
C PRO C 362 32.19 26.07 13.21
N TYR C 363 32.21 25.62 14.46
CA TYR C 363 31.75 24.28 14.80
C TYR C 363 30.86 24.37 16.04
N ARG C 364 30.41 23.22 16.52
CA ARG C 364 29.52 23.16 17.69
C ARG C 364 30.02 22.11 18.67
N ARG C 365 29.67 22.30 19.94
CA ARG C 365 30.12 21.42 21.00
C ARG C 365 29.08 21.42 22.12
N PHE C 366 29.42 20.74 23.22
CA PHE C 366 28.60 20.70 24.42
C PHE C 366 29.29 21.47 25.54
N LYS C 367 28.53 22.24 26.29
CA LYS C 367 29.03 22.94 27.47
C LYS C 367 28.24 22.44 28.67
N GLY C 368 28.89 21.63 29.50
CA GLY C 368 28.23 20.99 30.62
C GLY C 368 28.10 19.49 30.42
N LYS C 369 27.11 18.88 31.07
CA LYS C 369 26.87 17.45 30.95
C LYS C 369 25.71 17.21 30.00
N ALA C 370 25.86 16.19 29.14
CA ALA C 370 24.83 15.88 28.15
C ALA C 370 24.78 14.38 27.93
N LYS C 371 23.61 13.94 27.45
CA LYS C 371 23.38 12.53 27.12
C LYS C 371 22.65 12.49 25.80
N VAL C 372 23.22 11.81 24.81
CA VAL C 372 22.68 11.81 23.45
C VAL C 372 22.50 10.37 23.00
N TYR C 373 21.27 10.02 22.60
CA TYR C 373 20.99 8.77 21.94
C TYR C 373 21.38 8.88 20.48
N PHE C 374 21.87 7.77 19.92
CA PHE C 374 22.27 7.71 18.53
C PHE C 374 21.82 6.39 17.94
N GLN C 375 21.59 6.39 16.62
CA GLN C 375 21.33 5.13 15.94
C GLN C 375 21.76 5.22 14.49
N ASN C 376 22.28 4.10 13.97
CA ASN C 376 22.71 3.99 12.59
C ASN C 376 22.56 2.53 12.18
N ASP C 377 21.73 2.29 11.16
CA ASP C 377 21.45 0.95 10.65
C ASP C 377 20.88 0.13 11.80
N GLN C 378 21.45 -1.02 12.15
CA GLN C 378 20.97 -1.82 13.27
C GLN C 378 21.65 -1.47 14.58
N ILE C 379 22.65 -0.60 14.56
CA ILE C 379 23.39 -0.20 15.75
C ILE C 379 22.62 0.93 16.42
N GLN C 380 22.48 0.86 17.75
CA GLN C 380 21.82 1.96 18.44
C GLN C 380 22.26 1.98 19.89
N GLY C 381 22.22 3.17 20.49
CA GLY C 381 22.61 3.29 21.88
C GLY C 381 22.62 4.73 22.32
N TYR C 382 23.41 5.03 23.34
CA TYR C 382 23.55 6.40 23.77
C TYR C 382 24.96 6.62 24.31
N PHE C 383 25.32 7.88 24.43
CA PHE C 383 26.58 8.26 25.05
C PHE C 383 26.37 9.45 25.97
N SER C 384 27.00 9.40 27.14
CA SER C 384 26.98 10.49 28.10
C SER C 384 28.37 11.14 28.13
N CYS C 385 28.40 12.46 28.04
CA CYS C 385 29.65 13.21 27.99
C CYS C 385 29.53 14.43 28.88
N THR C 386 30.70 14.95 29.28
CA THR C 386 30.81 16.22 29.99
C THR C 386 31.68 17.15 29.17
N ASP C 387 31.14 18.31 28.80
CA ASP C 387 31.83 19.26 27.94
C ASP C 387 32.29 18.60 26.64
N ARG C 388 33.56 18.22 26.60
CA ARG C 388 34.13 17.57 25.42
C ARG C 388 34.70 16.19 25.74
N GLN C 389 34.81 15.83 27.01
CA GLN C 389 35.29 14.52 27.40
C GLN C 389 34.14 13.53 27.45
N ILE C 390 34.28 12.41 26.74
CA ILE C 390 33.27 11.36 26.75
C ILE C 390 33.34 10.62 28.08
N ASP C 391 32.20 10.47 28.75
CA ASP C 391 32.14 9.78 30.04
C ASP C 391 31.77 8.32 29.90
N GLU C 392 30.75 8.00 29.10
CA GLU C 392 30.30 6.61 29.00
C GLU C 392 29.61 6.41 27.67
N ILE C 393 29.71 5.18 27.14
CA ILE C 393 29.04 4.81 25.90
C ILE C 393 28.34 3.46 26.11
N LYS C 394 27.06 3.41 25.80
CA LYS C 394 26.27 2.18 25.81
C LYS C 394 25.81 1.90 24.39
N ILE C 395 26.12 0.70 23.90
CA ILE C 395 25.87 0.33 22.51
C ILE C 395 25.18 -1.03 22.45
N SER C 396 24.20 -1.16 21.56
CA SER C 396 23.59 -2.43 21.22
C SER C 396 23.68 -2.59 19.71
N ALA C 397 24.30 -3.68 19.27
CA ALA C 397 24.60 -3.89 17.86
C ALA C 397 24.75 -5.38 17.61
N PRO C 398 24.57 -5.83 16.37
CA PRO C 398 24.83 -7.25 16.07
C PRO C 398 26.29 -7.60 16.24
N LYS C 399 26.55 -8.87 16.50
CA LYS C 399 27.90 -9.33 16.75
C LYS C 399 28.79 -9.14 15.52
N ASN C 400 30.05 -8.81 15.76
CA ASN C 400 31.07 -8.64 14.72
C ASN C 400 30.75 -7.50 13.76
N ALA C 401 29.84 -6.61 14.14
CA ALA C 401 29.51 -5.48 13.29
C ALA C 401 30.63 -4.43 13.33
N PRO C 402 30.89 -3.76 12.21
CA PRO C 402 31.91 -2.70 12.20
C PRO C 402 31.32 -1.39 12.71
N LEU C 403 31.89 -0.88 13.80
CA LEU C 403 31.39 0.34 14.45
C LEU C 403 32.28 1.54 14.18
N LEU C 404 32.85 1.65 12.98
CA LEU C 404 33.68 2.79 12.66
C LEU C 404 32.82 4.03 12.44
N GLU C 405 31.91 3.97 11.46
CA GLU C 405 31.11 5.16 11.13
C GLU C 405 30.25 5.66 12.28
N PRO C 406 29.59 4.82 13.11
CA PRO C 406 28.81 5.41 14.21
C PRO C 406 29.67 6.13 15.23
N LEU C 407 30.81 5.55 15.62
CA LEU C 407 31.68 6.21 16.58
C LEU C 407 32.27 7.50 16.02
N LEU C 408 32.67 7.50 14.75
CA LEU C 408 33.17 8.73 14.16
C LEU C 408 32.08 9.78 14.02
N ASP C 409 30.84 9.38 13.75
CA ASP C 409 29.75 10.33 13.74
C ASP C 409 29.51 10.92 15.13
N ILE C 410 29.63 10.09 16.16
CA ILE C 410 29.53 10.59 17.54
C ILE C 410 30.62 11.61 17.82
N CYS C 411 31.86 11.29 17.40
CA CYS C 411 32.97 12.20 17.62
C CYS C 411 32.75 13.53 16.91
N TYR C 412 32.27 13.48 15.67
CA TYR C 412 31.99 14.72 14.95
C TYR C 412 30.86 15.50 15.61
N TYR C 413 29.82 14.81 16.08
CA TYR C 413 28.69 15.47 16.72
C TYR C 413 29.11 16.20 17.99
N GLY C 414 29.95 15.55 18.79
CA GLY C 414 30.38 16.15 20.03
C GLY C 414 31.70 16.90 19.99
N SER C 415 32.40 16.86 18.85
CA SER C 415 33.74 17.45 18.72
C SER C 415 34.68 16.95 19.82
N PHE C 416 34.53 15.67 20.19
CA PHE C 416 35.33 15.11 21.26
C PHE C 416 36.78 14.96 20.83
N ILE C 417 37.01 14.68 19.55
CA ILE C 417 38.32 14.32 19.02
C ILE C 417 38.91 15.55 18.33
N GLU C 418 40.17 15.88 18.65
CA GLU C 418 40.71 17.11 18.09
C GLU C 418 41.99 16.96 17.26
N PRO C 419 42.12 15.94 16.42
CA PRO C 419 42.82 16.17 15.13
C PRO C 419 41.83 16.60 14.07
N GLY C 420 41.37 17.84 14.17
CA GLY C 420 40.32 18.33 13.29
C GLY C 420 39.35 19.25 13.98
N PHE C 421 39.55 19.46 15.28
CA PHE C 421 38.82 20.47 16.04
C PHE C 421 39.80 21.24 16.91
N GLU C 422 39.57 22.54 17.02
CA GLU C 422 40.40 23.48 17.78
C GLU C 422 41.77 23.68 17.13
N GLN C 423 42.10 22.93 16.08
CA GLN C 423 43.38 23.04 15.42
C GLN C 423 43.21 22.68 13.95
N THR C 424 44.31 22.79 13.20
CA THR C 424 44.29 22.58 11.76
C THR C 424 45.00 21.28 11.41
N PHE C 425 44.48 20.59 10.38
CA PHE C 425 45.09 19.35 9.93
C PHE C 425 46.51 19.57 9.42
N GLY C 426 46.72 20.65 8.69
CA GLY C 426 47.92 20.83 7.89
C GLY C 426 47.78 22.02 6.97
N PHE C 427 47.98 21.80 5.68
CA PHE C 427 47.73 22.83 4.67
C PHE C 427 46.40 23.52 4.93
N TYR C 428 46.36 24.82 4.62
CA TYR C 428 45.22 25.65 4.99
C TYR C 428 43.96 25.13 4.33
N PRO C 429 42.89 24.87 5.09
CA PRO C 429 41.66 24.34 4.48
C PRO C 429 41.02 25.35 3.53
N ALA C 430 40.41 24.83 2.46
CA ALA C 430 39.71 25.69 1.51
C ALA C 430 38.36 26.15 2.03
N GLY C 431 37.67 25.31 2.80
CA GLY C 431 36.36 25.67 3.29
C GLY C 431 35.79 24.59 4.17
N LYS C 432 34.54 24.78 4.58
CA LYS C 432 33.88 23.82 5.47
C LYS C 432 33.74 22.46 4.81
N ARG C 433 33.34 22.43 3.54
CA ARG C 433 33.16 21.16 2.82
C ARG C 433 34.46 20.36 2.78
N GLU C 434 35.54 20.99 2.31
CA GLU C 434 36.81 20.30 2.21
C GLU C 434 37.34 19.90 3.59
N PHE C 435 37.15 20.76 4.59
CA PHE C 435 37.65 20.47 5.93
C PHE C 435 36.94 19.24 6.51
N VAL C 436 35.61 19.18 6.38
CA VAL C 436 34.87 18.04 6.92
C VAL C 436 35.20 16.76 6.14
N ASP C 437 35.31 16.86 4.81
CA ASP C 437 35.66 15.68 4.03
C ASP C 437 37.05 15.18 4.40
N SER C 438 38.00 16.09 4.60
CA SER C 438 39.34 15.69 5.03
C SER C 438 39.29 15.03 6.40
N PHE C 439 38.48 15.58 7.32
CA PHE C 439 38.32 14.97 8.63
C PHE C 439 37.85 13.53 8.49
N PHE C 440 36.79 13.30 7.72
CA PHE C 440 36.25 11.95 7.60
C PHE C 440 37.23 11.00 6.91
N MET C 441 37.89 11.45 5.83
CA MET C 441 38.79 10.55 5.12
C MET C 441 40.04 10.25 5.95
N HIS C 442 40.51 11.21 6.75
CA HIS C 442 41.67 10.96 7.59
C HIS C 442 41.31 10.00 8.73
N HIS C 443 40.19 10.24 9.40
CA HIS C 443 39.82 9.40 10.53
C HIS C 443 39.26 8.04 10.12
N SER C 444 38.90 7.86 8.84
CA SER C 444 38.48 6.53 8.40
C SER C 444 39.63 5.53 8.50
N LYS C 445 40.83 5.95 8.10
CA LYS C 445 42.01 5.10 8.17
C LYS C 445 42.79 5.27 9.47
N ASP C 446 42.39 6.20 10.32
CA ASP C 446 43.09 6.48 11.58
C ASP C 446 42.02 6.59 12.68
N HIS C 447 41.73 5.46 13.32
CA HIS C 447 40.81 5.43 14.45
C HIS C 447 41.54 5.36 15.79
N LYS C 448 42.87 5.53 15.79
CA LYS C 448 43.63 5.51 17.03
C LYS C 448 43.34 6.74 17.89
N ALA C 449 42.75 7.79 17.32
CA ALA C 449 42.37 8.94 18.11
C ALA C 449 41.32 8.57 19.15
N PHE C 450 40.36 7.73 18.77
CA PHE C 450 39.38 7.20 19.72
C PHE C 450 40.08 6.45 20.86
N LEU C 451 41.03 5.58 20.50
CA LEU C 451 41.72 4.76 21.49
C LEU C 451 42.50 5.62 22.46
N ILE C 452 43.21 6.62 21.96
CA ILE C 452 43.96 7.51 22.86
C ILE C 452 43.01 8.43 23.61
N HIS C 453 41.80 8.64 23.10
CA HIS C 453 40.82 9.48 23.79
C HIS C 453 40.31 8.78 25.05
N MET C 454 39.93 7.50 24.94
CA MET C 454 39.42 6.80 26.11
C MET C 454 40.29 5.62 26.53
N GLY C 455 41.55 5.59 26.11
CA GLY C 455 42.49 4.62 26.64
C GLY C 455 42.13 3.17 26.29
N LEU C 456 42.77 2.26 27.01
CA LEU C 456 42.54 0.83 26.89
C LEU C 456 42.26 0.24 28.26
N ASP C 457 41.55 -0.88 28.27
CA ASP C 457 41.21 -1.58 29.50
C ASP C 457 41.71 -3.02 29.41
N LYS C 458 42.25 -3.52 30.51
CA LYS C 458 42.77 -4.88 30.57
C LYS C 458 41.68 -5.92 30.79
N ASP C 459 40.44 -5.50 31.05
CA ASP C 459 39.36 -6.43 31.28
C ASP C 459 38.81 -6.90 29.94
N LEU C 460 38.64 -8.20 29.79
CA LEU C 460 38.22 -8.78 28.53
C LEU C 460 36.70 -8.85 28.36
N SER C 461 35.93 -8.55 29.41
CA SER C 461 34.48 -8.60 29.29
C SER C 461 33.92 -7.44 28.47
N LEU C 462 34.69 -6.38 28.27
CA LEU C 462 34.22 -5.26 27.47
C LEU C 462 34.10 -5.70 26.01
N PRO C 463 32.94 -5.49 25.39
CA PRO C 463 32.71 -6.08 24.06
C PRO C 463 33.41 -5.36 22.91
N LEU C 464 33.78 -4.10 23.06
CA LEU C 464 34.34 -3.34 21.94
C LEU C 464 35.82 -3.70 21.75
N SER C 465 36.16 -4.11 20.53
CA SER C 465 37.53 -4.41 20.18
C SER C 465 38.28 -3.14 19.82
N PRO C 466 39.61 -3.15 19.93
CA PRO C 466 40.39 -1.94 19.54
C PRO C 466 40.19 -1.55 18.09
N GLU C 467 39.99 -2.51 17.20
CA GLU C 467 39.71 -2.22 15.80
C GLU C 467 38.21 -2.05 15.52
N LEU C 468 37.43 -1.72 16.54
CA LEU C 468 36.03 -1.30 16.39
C LEU C 468 35.18 -2.40 15.76
N ASN C 469 35.11 -3.53 16.45
CA ASN C 469 34.17 -4.60 16.12
C ASN C 469 33.46 -5.03 17.39
N TRP C 470 32.14 -5.16 17.31
CA TRP C 470 31.34 -5.44 18.49
C TRP C 470 31.46 -6.90 18.89
N LYS C 471 31.74 -7.15 20.17
CA LYS C 471 31.81 -8.50 20.73
C LYS C 471 32.80 -9.38 19.96
N GLU C 472 33.98 -8.81 19.69
CA GLU C 472 35.03 -9.53 19.00
C GLU C 472 36.20 -9.78 19.94
N PRO C 473 36.66 -11.02 20.08
CA PRO C 473 37.79 -11.30 20.97
C PRO C 473 39.05 -10.56 20.52
N ALA C 474 39.83 -10.12 21.48
CA ALA C 474 41.08 -9.41 21.23
C ALA C 474 41.94 -9.48 22.49
N LEU C 475 43.05 -8.74 22.48
CA LEU C 475 43.92 -8.72 23.66
C LEU C 475 43.44 -7.69 24.68
N SER C 476 43.29 -6.45 24.26
CA SER C 476 42.76 -5.38 25.08
C SER C 476 41.40 -4.94 24.55
N LYS C 477 40.68 -4.17 25.36
CA LYS C 477 39.34 -3.71 25.01
C LYS C 477 39.22 -2.22 25.32
N VAL C 478 38.34 -1.56 24.58
CA VAL C 478 38.13 -0.12 24.73
C VAL C 478 37.34 0.14 26.01
N CYS C 479 37.84 1.06 26.83
CA CYS C 479 37.22 1.32 28.12
C CYS C 479 35.96 2.17 27.97
N ARG C 480 35.05 2.01 28.94
CA ARG C 480 33.84 2.81 29.06
C ARG C 480 32.94 2.71 27.82
N VAL C 481 32.92 1.54 27.18
CA VAL C 481 31.98 1.24 26.11
C VAL C 481 31.42 -0.15 26.40
N THR C 482 30.15 -0.21 26.78
CA THR C 482 29.55 -1.47 27.20
C THR C 482 28.22 -1.70 26.51
N GLU C 483 27.76 -2.94 26.58
CA GLU C 483 26.47 -3.32 26.02
C GLU C 483 25.34 -2.57 26.71
N LEU C 484 24.32 -2.20 25.94
CA LEU C 484 23.17 -1.48 26.48
C LEU C 484 22.45 -2.34 27.51
N ASP C 485 22.31 -1.81 28.72
CA ASP C 485 21.67 -2.58 29.80
C ASP C 485 20.17 -2.73 29.53
N SER C 486 19.45 -1.61 29.48
CA SER C 486 18.02 -1.61 29.22
C SER C 486 17.74 -0.75 27.99
N THR C 487 16.56 -0.97 27.41
CA THR C 487 16.17 -0.22 26.22
C THR C 487 16.17 1.29 26.48
N VAL C 488 16.72 2.04 25.53
CA VAL C 488 16.81 3.48 25.62
C VAL C 488 16.27 4.07 24.32
N GLN C 489 15.37 5.04 24.43
CA GLN C 489 14.70 5.61 23.28
C GLN C 489 14.41 7.07 23.54
N PRO C 490 14.55 7.95 22.54
CA PRO C 490 14.22 9.36 22.76
C PRO C 490 12.73 9.57 22.88
N TYR C 491 12.31 10.20 23.96
CA TYR C 491 10.92 10.59 24.16
C TYR C 491 10.87 12.01 24.68
N THR C 492 9.93 12.80 24.16
CA THR C 492 9.70 14.15 24.62
C THR C 492 8.28 14.25 25.18
N SER C 493 8.16 14.83 26.37
CA SER C 493 6.87 14.94 27.05
C SER C 493 6.15 16.22 26.68
N ALA C 494 6.77 17.36 26.96
CA ALA C 494 6.20 18.65 26.57
C ALA C 494 6.32 18.83 25.06
N THR C 495 5.26 19.36 24.45
CA THR C 495 5.26 19.58 23.01
C THR C 495 6.28 20.66 22.67
N ARG C 496 7.27 20.31 21.87
CA ARG C 496 8.31 21.25 21.49
C ARG C 496 7.73 22.34 20.60
N GLU C 497 8.16 23.57 20.83
CA GLU C 497 7.81 24.69 19.96
C GLU C 497 9.10 25.23 19.34
N PHE C 498 9.08 25.44 18.03
CA PHE C 498 10.28 25.75 17.27
C PHE C 498 10.35 27.23 16.94
N VAL C 499 11.56 27.77 16.92
CA VAL C 499 11.82 29.17 16.62
C VAL C 499 12.59 29.25 15.31
N LEU C 500 12.08 30.05 14.38
CA LEU C 500 12.73 30.25 13.09
C LEU C 500 13.51 31.56 13.16
N GLY C 501 14.83 31.45 13.36
CA GLY C 501 15.68 32.61 13.36
C GLY C 501 16.27 32.90 12.00
N GLU C 502 16.92 34.06 11.89
CA GLU C 502 17.49 34.54 10.64
C GLU C 502 18.42 33.51 10.03
N THR C 503 18.64 33.61 8.72
CA THR C 503 19.29 32.58 7.91
C THR C 503 18.50 31.28 7.93
N LEU C 504 17.21 31.39 8.26
CA LEU C 504 16.27 30.25 8.25
C LEU C 504 16.76 29.11 9.15
N ASN C 505 17.25 29.46 10.33
CA ASN C 505 17.73 28.46 11.28
C ASN C 505 16.58 28.02 12.18
N VAL C 506 16.28 26.72 12.18
CA VAL C 506 15.21 26.18 13.01
C VAL C 506 15.83 25.72 14.31
N TYR C 507 15.53 26.44 15.39
CA TYR C 507 15.99 26.12 16.74
C TYR C 507 14.86 25.50 17.54
N THR C 508 15.23 24.63 18.48
CA THR C 508 14.31 24.06 19.44
C THR C 508 14.51 24.77 20.78
N GLN C 509 13.41 25.16 21.41
CA GLN C 509 13.46 25.95 22.64
C GLN C 509 13.92 25.08 23.80
N HIS C 510 15.19 25.20 24.16
CA HIS C 510 15.74 24.56 25.35
C HIS C 510 15.58 25.50 26.54
N GLU C 511 15.68 24.93 27.74
CA GLU C 511 15.47 25.71 28.95
C GLU C 511 16.49 26.84 29.07
N ASN C 512 17.78 26.52 28.96
CA ASN C 512 18.84 27.52 29.08
C ASN C 512 19.33 27.96 27.70
N GLY C 513 18.40 28.45 26.88
CA GLY C 513 18.78 28.98 25.57
C GLY C 513 18.01 28.38 24.41
N LEU C 514 18.69 28.25 23.26
CA LEU C 514 18.08 27.73 22.05
C LEU C 514 18.91 26.56 21.52
N GLU C 515 18.24 25.46 21.20
CA GLU C 515 18.88 24.27 20.66
C GLU C 515 18.71 24.25 19.15
N LEU C 516 19.83 24.32 18.43
CA LEU C 516 19.78 24.24 16.98
C LEU C 516 19.29 22.88 16.53
N LEU C 517 18.32 22.86 15.62
CA LEU C 517 17.80 21.64 15.03
C LEU C 517 18.10 21.53 13.55
N ILE C 518 17.78 22.56 12.77
CA ILE C 518 18.04 22.57 11.34
C ILE C 518 18.81 23.84 11.01
N CYS C 519 19.90 23.69 10.28
CA CYS C 519 20.74 24.82 9.88
C CYS C 519 21.05 24.74 8.39
N PRO C 520 20.52 25.65 7.57
CA PRO C 520 20.88 25.68 6.15
C PRO C 520 22.37 25.92 5.96
N THR C 521 22.79 25.89 4.70
CA THR C 521 24.15 26.07 4.17
C THR C 521 25.01 24.82 4.35
N GLU C 522 24.52 23.78 5.02
CA GLU C 522 25.17 22.47 4.98
C GLU C 522 24.20 21.34 4.67
N ILE C 523 22.96 21.67 4.33
CA ILE C 523 22.01 20.66 3.86
C ILE C 523 22.33 20.34 2.41
N ARG C 524 22.53 19.06 2.12
CA ARG C 524 23.00 18.63 0.80
C ARG C 524 21.90 17.81 0.13
N SER C 525 21.42 18.29 -1.01
CA SER C 525 20.36 17.60 -1.75
C SER C 525 20.38 18.09 -3.19
N THR C 526 20.40 17.17 -4.13
CA THR C 526 20.38 17.53 -5.53
C THR C 526 19.01 18.06 -5.93
N ARG C 527 19.00 18.85 -7.00
CA ARG C 527 17.75 19.39 -7.52
C ARG C 527 16.83 18.26 -7.99
N GLY C 528 15.56 18.35 -7.61
CA GLY C 528 14.59 17.35 -7.98
C GLY C 528 13.36 17.94 -8.63
N PRO C 529 12.51 17.09 -9.19
CA PRO C 529 11.29 17.58 -9.85
C PRO C 529 10.39 18.34 -8.88
N LEU C 530 9.79 19.40 -9.37
CA LEU C 530 8.83 20.16 -8.59
C LEU C 530 7.52 19.39 -8.49
N PRO C 531 6.74 19.63 -7.44
CA PRO C 531 5.42 18.98 -7.32
C PRO C 531 4.55 19.33 -8.50
N PRO C 532 3.76 18.39 -9.00
CA PRO C 532 2.85 18.69 -10.11
C PRO C 532 1.82 19.72 -9.69
N GLY C 533 1.49 20.62 -10.62
CA GLY C 533 0.54 21.67 -10.36
C GLY C 533 1.06 22.86 -9.58
N THR C 534 2.38 22.94 -9.38
CA THR C 534 2.95 24.08 -8.68
C THR C 534 2.72 25.36 -9.47
N ASN C 535 2.30 26.42 -8.78
CA ASN C 535 2.00 27.71 -9.39
C ASN C 535 2.84 28.77 -8.69
N LEU C 536 4.05 29.02 -9.21
CA LEU C 536 4.94 30.02 -8.66
C LEU C 536 4.72 31.39 -9.27
N SER C 537 3.55 31.64 -9.84
CA SER C 537 3.23 32.96 -10.40
C SER C 537 2.87 33.98 -9.34
N GLY C 538 3.00 33.63 -8.06
CA GLY C 538 2.68 34.54 -6.98
C GLY C 538 3.52 35.80 -7.01
N SER C 539 4.81 35.69 -6.72
CA SER C 539 5.70 36.84 -6.77
C SER C 539 7.14 36.38 -6.54
N GLU C 540 8.07 37.09 -7.19
CA GLU C 540 9.47 37.16 -6.81
C GLU C 540 10.24 35.87 -7.10
N PHE C 541 9.54 34.80 -7.47
CA PHE C 541 10.19 33.51 -7.73
C PHE C 541 9.53 32.85 -8.94
N ILE C 542 10.13 33.08 -10.11
CA ILE C 542 9.68 32.43 -11.34
C ILE C 542 10.80 31.64 -12.01
N ASP C 543 12.07 31.97 -11.76
CA ASP C 543 13.19 31.27 -12.36
C ASP C 543 13.33 29.84 -11.86
N ILE C 544 12.60 29.46 -10.82
CA ILE C 544 12.65 28.09 -10.32
C ILE C 544 12.23 27.11 -11.40
N TYR C 545 11.23 27.47 -12.20
CA TYR C 545 10.82 26.64 -13.33
C TYR C 545 11.97 26.46 -14.30
N GLN C 546 12.31 25.20 -14.59
CA GLN C 546 13.31 24.92 -15.60
C GLN C 546 12.76 25.08 -17.01
N ASP C 547 11.48 24.77 -17.20
CA ASP C 547 10.87 24.90 -18.51
C ASP C 547 10.70 26.37 -18.88
N PRO C 548 11.20 26.83 -20.02
CA PRO C 548 10.87 28.18 -20.49
C PRO C 548 9.37 28.40 -20.67
N PHE C 549 8.63 27.37 -21.06
CA PHE C 549 7.19 27.51 -21.26
C PHE C 549 6.49 27.97 -19.99
N SER C 550 6.59 27.16 -18.92
CA SER C 550 5.94 27.52 -17.66
C SER C 550 6.56 28.78 -17.07
N ARG C 551 7.86 29.00 -17.29
CA ARG C 551 8.52 30.17 -16.74
C ARG C 551 7.95 31.45 -17.36
N ALA C 552 7.66 31.44 -18.66
CA ALA C 552 7.01 32.59 -19.28
C ALA C 552 5.53 32.66 -18.94
N LYS C 553 4.88 31.49 -18.80
CA LYS C 553 3.45 31.47 -18.51
C LYS C 553 3.15 32.08 -17.15
N SER C 554 3.97 31.75 -16.14
CA SER C 554 3.75 32.31 -14.80
C SER C 554 3.95 33.82 -14.80
N LEU C 555 4.99 34.30 -15.49
CA LEU C 555 5.22 35.73 -15.55
C LEU C 555 4.07 36.46 -16.24
N LEU C 556 3.57 35.90 -17.34
CA LEU C 556 2.46 36.55 -18.05
C LEU C 556 1.17 36.49 -17.23
N LYS C 557 0.94 35.40 -16.51
CA LYS C 557 -0.23 35.34 -15.63
C LYS C 557 -0.13 36.38 -14.53
N SER C 558 1.08 36.58 -13.99
CA SER C 558 1.27 37.61 -12.96
C SER C 558 1.00 38.99 -13.52
N THR C 559 1.50 39.28 -14.73
CA THR C 559 1.37 40.62 -15.29
C THR C 559 -0.07 40.91 -15.71
N ILE C 560 -0.72 39.98 -16.41
CA ILE C 560 -2.04 40.24 -16.96
C ILE C 560 -3.09 40.37 -15.86
N LEU C 561 -3.08 39.43 -14.91
CA LEU C 561 -4.16 39.35 -13.93
C LEU C 561 -4.08 40.44 -12.86
N HIS C 562 -2.99 41.21 -12.82
CA HIS C 562 -2.81 42.25 -11.80
C HIS C 562 -2.33 43.53 -12.46
N ALA C 563 -3.13 44.58 -12.37
CA ALA C 563 -2.74 45.86 -12.95
C ALA C 563 -1.55 46.48 -12.22
N GLU C 564 -1.55 46.41 -10.89
CA GLU C 564 -0.45 46.96 -10.12
C GLU C 564 0.86 46.23 -10.43
N ARG C 565 0.80 44.90 -10.55
CA ARG C 565 1.99 44.15 -10.92
C ARG C 565 2.48 44.52 -12.30
N CYS C 566 1.56 44.73 -13.25
CA CYS C 566 1.96 45.15 -14.59
C CYS C 566 2.63 46.52 -14.55
N LYS C 567 2.08 47.45 -13.77
CA LYS C 567 2.68 48.78 -13.66
C LYS C 567 4.08 48.69 -13.07
N GLU C 568 4.23 47.92 -11.99
CA GLU C 568 5.54 47.76 -11.37
C GLU C 568 6.54 47.11 -12.31
N PHE C 569 6.09 46.09 -13.05
CA PHE C 569 6.97 45.40 -13.99
C PHE C 569 7.44 46.35 -15.08
N VAL C 570 6.52 47.12 -15.66
CA VAL C 570 6.89 48.06 -16.72
C VAL C 570 7.84 49.12 -16.19
N GLY C 571 7.54 49.67 -15.00
CA GLY C 571 8.40 50.70 -14.43
C GLY C 571 9.81 50.20 -14.13
N ASN C 572 9.91 48.99 -13.55
CA ASN C 572 11.22 48.44 -13.24
C ASN C 572 11.94 47.94 -14.48
N MET C 573 11.21 47.64 -15.56
CA MET C 573 11.82 47.10 -16.76
C MET C 573 12.20 48.18 -17.77
N LEU C 574 11.67 49.39 -17.61
CA LEU C 574 11.95 50.49 -18.53
C LEU C 574 13.17 51.30 -18.09
N GLU C 575 13.21 51.74 -16.83
CA GLU C 575 14.29 52.57 -16.32
C GLU C 575 15.39 51.77 -15.64
N GLU C 576 15.57 50.49 -16.03
CA GLU C 576 16.65 49.64 -15.52
C GLU C 576 16.64 49.57 -13.99
N TYR C 577 15.45 49.48 -13.41
CA TYR C 577 15.33 49.34 -11.97
C TYR C 577 15.49 47.87 -11.58
N GLN C 578 15.46 47.61 -10.27
CA GLN C 578 15.61 46.26 -9.75
C GLN C 578 14.27 45.54 -9.85
N ASP C 579 14.20 44.54 -10.72
CA ASP C 579 13.00 43.76 -10.95
C ASP C 579 13.17 42.37 -10.36
N PRO C 580 12.24 41.93 -9.50
CA PRO C 580 12.36 40.58 -8.92
C PRO C 580 12.35 39.45 -9.95
N ALA C 581 12.13 39.75 -11.23
CA ALA C 581 12.09 38.73 -12.28
C ALA C 581 13.04 39.08 -13.41
N GLU C 582 14.18 39.69 -13.09
CA GLU C 582 15.16 40.02 -14.14
C GLU C 582 15.70 38.76 -14.79
N THR C 583 16.02 37.74 -14.00
CA THR C 583 16.59 36.52 -14.54
C THR C 583 15.61 35.83 -15.50
N THR C 584 14.33 35.85 -15.16
CA THR C 584 13.32 35.28 -16.05
C THR C 584 13.32 35.97 -17.40
N VAL C 585 13.31 37.31 -17.40
CA VAL C 585 13.29 38.05 -18.66
C VAL C 585 14.57 37.78 -19.46
N GLN C 586 15.71 37.73 -18.78
CA GLN C 586 16.96 37.47 -19.47
C GLN C 586 16.98 36.07 -20.09
N SER C 587 16.43 35.09 -19.38
CA SER C 587 16.44 33.71 -19.86
C SER C 587 15.34 33.41 -20.87
N LEU C 588 14.33 34.28 -21.00
CA LEU C 588 13.26 34.01 -21.96
C LEU C 588 13.58 34.51 -23.36
N VAL C 589 14.27 35.63 -23.47
CA VAL C 589 14.53 36.28 -24.76
C VAL C 589 15.99 36.03 -25.14
N PRO C 590 16.28 35.62 -26.36
CA PRO C 590 17.68 35.42 -26.76
C PRO C 590 18.40 36.74 -26.94
N ILE C 591 19.72 36.64 -27.15
CA ILE C 591 20.54 37.81 -27.36
C ILE C 591 20.10 38.49 -28.66
N ASN C 592 19.79 39.78 -28.57
CA ASN C 592 19.26 40.53 -29.69
C ASN C 592 19.69 41.98 -29.56
N THR C 593 19.12 42.84 -30.41
CA THR C 593 19.39 44.27 -30.43
C THR C 593 18.09 45.05 -30.55
N TRP C 594 17.10 44.68 -29.74
CA TRP C 594 15.79 45.31 -29.78
C TRP C 594 15.45 46.06 -28.50
N GLY C 595 16.44 46.33 -27.65
CA GLY C 595 16.19 46.95 -26.37
C GLY C 595 15.71 48.39 -26.45
N LYS C 596 16.52 49.26 -27.07
CA LYS C 596 16.17 50.68 -27.13
C LYS C 596 14.92 50.91 -27.94
N SER C 597 14.70 50.14 -29.01
CA SER C 597 13.47 50.28 -29.79
C SER C 597 12.24 49.94 -28.94
N ALA C 598 12.32 48.85 -28.19
CA ALA C 598 11.20 48.49 -27.32
C ALA C 598 10.98 49.53 -26.23
N LYS C 599 12.07 50.07 -25.68
CA LYS C 599 11.94 51.13 -24.68
C LYS C 599 11.26 52.36 -25.27
N ARG C 600 11.64 52.73 -26.49
CA ARG C 600 11.00 53.86 -27.15
C ARG C 600 9.51 53.59 -27.36
N LYS C 601 9.17 52.38 -27.81
CA LYS C 601 7.76 52.01 -27.98
C LYS C 601 7.00 52.14 -26.67
N LEU C 602 7.63 51.68 -25.58
CA LEU C 602 7.06 51.89 -24.25
C LEU C 602 6.82 53.37 -24.00
N GLN C 603 7.77 54.22 -24.43
CA GLN C 603 7.60 55.67 -24.24
C GLN C 603 6.36 56.17 -24.96
N GLU C 604 6.20 55.82 -26.25
CA GLU C 604 5.02 56.34 -26.95
C GLU C 604 3.73 55.80 -26.32
N GLU C 605 3.72 54.54 -25.91
CA GLU C 605 2.46 53.98 -25.43
C GLU C 605 2.18 54.37 -23.97
N ILE C 606 3.15 54.94 -23.25
CA ILE C 606 2.84 55.46 -21.92
C ILE C 606 2.46 56.92 -22.03
N THR C 607 3.05 57.64 -22.99
CA THR C 607 2.71 59.06 -23.15
C THR C 607 1.34 59.22 -23.79
N SER C 608 1.03 58.43 -24.82
CA SER C 608 -0.23 58.58 -25.52
C SER C 608 -1.42 58.21 -24.64
N ASP C 609 -1.32 57.10 -23.91
CA ASP C 609 -2.40 56.62 -23.05
C ASP C 609 -1.83 56.30 -21.67
N PRO C 610 -1.72 57.29 -20.79
CA PRO C 610 -1.26 57.01 -19.43
C PRO C 610 -2.19 56.09 -18.65
N ASP C 611 -3.44 55.97 -19.10
CA ASP C 611 -4.43 55.10 -18.45
C ASP C 611 -4.43 53.69 -19.04
N TRP C 612 -3.29 53.23 -19.55
CA TRP C 612 -3.23 51.95 -20.25
C TRP C 612 -3.46 50.77 -19.32
N HIS C 613 -3.08 50.90 -18.05
CA HIS C 613 -3.05 49.74 -17.16
C HIS C 613 -4.42 49.40 -16.60
N GLN C 614 -5.43 49.32 -17.47
CA GLN C 614 -6.71 48.70 -17.13
C GLN C 614 -7.26 47.79 -18.21
N CYS C 615 -6.83 47.93 -19.47
CA CYS C 615 -7.25 47.04 -20.53
C CYS C 615 -6.28 45.86 -20.61
N PRO C 616 -6.72 44.62 -20.42
CA PRO C 616 -5.79 43.49 -20.46
C PRO C 616 -5.01 43.37 -21.77
N ARG C 617 -5.61 43.76 -22.90
CA ARG C 617 -4.86 43.75 -24.15
C ARG C 617 -3.68 44.71 -24.09
N LYS C 618 -3.91 45.92 -23.56
CA LYS C 618 -2.83 46.88 -23.40
C LYS C 618 -1.78 46.36 -22.43
N ARG C 619 -2.21 45.69 -21.36
CA ARG C 619 -1.26 45.09 -20.44
C ARG C 619 -0.40 44.05 -21.13
N ALA C 620 -1.00 43.22 -21.98
CA ALA C 620 -0.25 42.20 -22.69
C ALA C 620 0.77 42.83 -23.63
N LYS C 621 0.36 43.86 -24.38
CA LYS C 621 1.29 44.52 -25.29
C LYS C 621 2.43 45.18 -24.54
N MET C 622 2.12 45.86 -23.43
CA MET C 622 3.16 46.51 -22.64
C MET C 622 4.12 45.49 -22.03
N SER C 623 3.58 44.37 -21.53
CA SER C 623 4.45 43.34 -20.98
C SER C 623 5.35 42.73 -22.05
N TYR C 624 4.81 42.50 -23.24
CA TYR C 624 5.63 41.99 -24.34
C TYR C 624 6.77 42.95 -24.67
N LEU C 625 6.44 44.25 -24.79
CA LEU C 625 7.47 45.23 -25.12
C LEU C 625 8.50 45.34 -24.00
N ALA C 626 8.06 45.29 -22.74
CA ALA C 626 8.98 45.38 -21.62
C ALA C 626 9.91 44.18 -21.54
N ILE C 627 9.37 42.97 -21.79
CA ILE C 627 10.20 41.77 -21.77
C ILE C 627 11.25 41.83 -22.87
N ILE C 628 10.87 42.32 -24.06
CA ILE C 628 11.88 42.49 -25.10
C ILE C 628 12.89 43.57 -24.72
N ALA C 629 12.43 44.63 -24.04
CA ALA C 629 13.30 45.78 -23.79
C ALA C 629 14.50 45.41 -22.93
N GLY C 630 14.29 44.61 -21.90
CA GLY C 630 15.37 44.29 -20.97
C GLY C 630 16.09 43.00 -21.25
N SER C 631 15.99 42.51 -22.49
CA SER C 631 16.70 41.30 -22.87
C SER C 631 18.20 41.55 -22.91
N ILE C 632 18.96 40.49 -23.15
CA ILE C 632 20.41 40.58 -23.23
C ILE C 632 20.77 41.25 -24.55
N GLN C 633 21.13 42.52 -24.51
CA GLN C 633 21.45 43.27 -25.72
C GLN C 633 22.82 42.86 -26.24
N ASP C 634 22.91 42.59 -27.54
CA ASP C 634 24.17 42.21 -28.15
C ASP C 634 25.12 43.40 -28.17
N ARG C 635 26.40 43.13 -27.90
CA ARG C 635 27.38 44.21 -27.79
C ARG C 635 27.79 44.77 -29.14
N ASP C 636 27.84 43.93 -30.17
CA ASP C 636 28.43 44.33 -31.46
C ASP C 636 27.39 44.90 -32.42
N LYS C 637 26.35 44.13 -32.71
CA LYS C 637 25.40 44.51 -33.74
C LYS C 637 24.62 45.76 -33.34
N LYS C 638 24.26 46.56 -34.34
CA LYS C 638 23.50 47.79 -34.12
C LYS C 638 22.04 47.47 -33.81
N GLN C 639 21.39 48.42 -33.14
CA GLN C 639 19.99 48.26 -32.78
C GLN C 639 19.10 48.27 -34.01
N THR C 640 18.07 47.42 -34.00
CA THR C 640 17.11 47.33 -35.09
C THR C 640 15.70 47.48 -34.51
N ASN C 641 14.73 47.57 -35.42
CA ASN C 641 13.34 47.69 -35.01
C ASN C 641 12.87 46.42 -34.33
N VAL C 642 11.97 46.58 -33.36
CA VAL C 642 11.45 45.44 -32.62
C VAL C 642 10.59 44.58 -33.54
N PRO C 643 10.79 43.26 -33.56
CA PRO C 643 9.96 42.40 -34.41
C PRO C 643 8.54 42.27 -33.86
N ARG C 644 7.61 41.95 -34.76
CA ARG C 644 6.23 41.74 -34.35
C ARG C 644 6.13 40.52 -33.43
N ALA C 645 6.86 39.45 -33.74
CA ALA C 645 6.90 38.25 -32.92
C ALA C 645 8.32 37.72 -32.89
N PHE C 646 8.66 37.02 -31.81
CA PHE C 646 9.99 36.47 -31.64
C PHE C 646 9.88 35.06 -31.08
N MET C 647 11.04 34.44 -30.83
CA MET C 647 11.14 33.04 -30.45
C MET C 647 11.82 32.94 -29.09
N LEU C 648 11.30 32.07 -28.23
CA LEU C 648 11.89 31.87 -26.92
C LEU C 648 13.20 31.08 -27.02
N ARG C 649 14.03 31.19 -25.99
CA ARG C 649 15.31 30.53 -25.98
C ARG C 649 15.14 29.02 -25.80
N GLY C 650 15.87 28.25 -26.61
CA GLY C 650 15.87 26.80 -26.47
C GLY C 650 14.52 26.15 -26.66
N SER C 651 13.64 26.76 -27.45
CA SER C 651 12.32 26.21 -27.68
C SER C 651 11.77 26.79 -28.98
N GLN C 652 10.76 26.10 -29.53
CA GLN C 652 10.07 26.56 -30.71
C GLN C 652 8.77 27.30 -30.37
N ILE C 653 8.73 27.94 -29.21
CA ILE C 653 7.55 28.66 -28.75
C ILE C 653 7.64 30.09 -29.24
N GLU C 654 6.62 30.54 -29.96
CA GLU C 654 6.60 31.88 -30.56
C GLU C 654 5.78 32.82 -29.69
N TYR C 655 6.35 33.99 -29.38
CA TYR C 655 5.67 35.00 -28.60
C TYR C 655 5.36 36.19 -29.51
N ASP C 656 4.10 36.62 -29.50
CA ASP C 656 3.57 37.57 -30.46
C ASP C 656 3.14 38.86 -29.77
N MET C 657 3.28 39.97 -30.50
CA MET C 657 2.85 41.27 -29.96
C MET C 657 1.33 41.36 -29.91
N LYS C 658 0.67 41.22 -31.06
CA LYS C 658 -0.78 41.32 -31.13
C LYS C 658 -1.48 40.13 -30.49
N ALA C 659 -0.74 39.10 -30.10
CA ALA C 659 -1.29 37.91 -29.46
C ALA C 659 -2.34 37.24 -30.35
N THR C 660 -2.06 37.16 -31.65
CA THR C 660 -2.92 36.45 -32.57
C THR C 660 -2.60 34.96 -32.64
N ARG C 661 -1.41 34.55 -32.23
CA ARG C 661 -1.01 33.16 -32.27
C ARG C 661 0.13 32.94 -31.28
N GLY C 662 0.34 31.68 -30.92
CA GLY C 662 1.48 31.30 -30.12
C GLY C 662 1.13 31.20 -28.64
N LEU C 663 1.99 31.78 -27.79
CA LEU C 663 1.86 31.61 -26.36
C LEU C 663 0.65 32.36 -25.80
N VAL C 664 0.34 33.53 -26.36
CA VAL C 664 -0.79 34.34 -25.93
C VAL C 664 -1.74 34.52 -27.10
N VAL C 665 -3.01 34.21 -26.89
CA VAL C 665 -4.05 34.40 -27.89
C VAL C 665 -5.18 35.20 -27.25
N ASP C 666 -5.44 36.40 -27.77
CA ASP C 666 -6.44 37.30 -27.19
C ASP C 666 -7.56 37.54 -28.20
N THR C 667 -8.57 36.67 -28.17
CA THR C 667 -9.76 36.91 -28.94
C THR C 667 -10.69 37.82 -28.16
N THR C 668 -11.59 38.50 -28.88
CA THR C 668 -12.47 39.47 -28.26
C THR C 668 -13.27 38.86 -27.11
N ASN C 669 -13.59 37.56 -27.21
CA ASN C 669 -14.31 36.90 -26.14
C ASN C 669 -13.43 36.53 -24.95
N ARG C 670 -12.17 36.15 -25.17
CA ARG C 670 -11.36 35.68 -24.05
C ARG C 670 -9.87 35.77 -24.39
N ILE C 671 -9.06 35.78 -23.34
CA ILE C 671 -7.60 35.79 -23.46
C ILE C 671 -7.07 34.50 -22.85
N ILE C 672 -6.25 33.79 -23.63
CA ILE C 672 -5.67 32.52 -23.25
C ILE C 672 -4.15 32.67 -23.25
N VAL C 673 -3.52 32.31 -22.13
CA VAL C 673 -2.06 32.36 -22.00
C VAL C 673 -1.56 30.95 -21.76
N GLY C 674 -0.69 30.47 -22.64
CA GLY C 674 -0.13 29.14 -22.49
C GLY C 674 -1.15 28.02 -22.55
N GLY C 675 -2.18 28.18 -23.38
CA GLY C 675 -3.20 27.18 -23.50
C GLY C 675 -4.27 27.20 -22.43
N GLU C 676 -4.18 28.11 -21.46
CA GLU C 676 -5.16 28.23 -20.40
C GLU C 676 -5.84 29.60 -20.51
N THR C 677 -7.18 29.60 -20.42
CA THR C 677 -7.92 30.84 -20.52
C THR C 677 -7.75 31.69 -19.26
N VAL C 678 -6.80 32.61 -19.30
CA VAL C 678 -6.55 33.45 -18.14
C VAL C 678 -7.70 34.42 -17.91
N LEU C 679 -8.29 34.94 -18.98
CA LEU C 679 -9.38 35.90 -18.86
C LEU C 679 -10.57 35.46 -19.70
N ARG C 680 -11.75 35.47 -19.09
CA ARG C 680 -13.00 35.20 -19.78
C ARG C 680 -13.87 36.44 -19.66
N GLU C 681 -14.02 37.18 -20.75
CA GLU C 681 -14.73 38.45 -20.71
C GLU C 681 -16.23 38.21 -20.51
N GLY C 682 -16.80 38.96 -19.56
CA GLY C 682 -18.22 38.88 -19.30
C GLY C 682 -18.59 38.10 -18.05
N LYS C 683 -17.92 36.99 -17.83
CA LYS C 683 -18.20 36.12 -16.70
C LYS C 683 -16.90 35.66 -16.06
N GLY C 684 -16.85 35.69 -14.73
CA GLY C 684 -15.66 35.25 -14.02
C GLY C 684 -14.54 36.27 -14.03
N GLY C 685 -14.76 37.42 -13.37
CA GLY C 685 -13.78 38.47 -13.32
C GLY C 685 -12.49 38.03 -12.68
N PRO C 686 -11.39 38.73 -12.99
CA PRO C 686 -10.08 38.31 -12.47
C PRO C 686 -10.01 38.27 -10.96
N GLU C 687 -10.69 39.19 -10.27
CA GLU C 687 -10.64 39.27 -8.82
C GLU C 687 -11.71 38.39 -8.19
N GLY C 688 -11.42 37.91 -6.99
CA GLY C 688 -12.28 36.98 -6.30
C GLY C 688 -13.52 37.62 -5.71
N TYR C 689 -14.04 37.00 -4.65
CA TYR C 689 -15.25 37.44 -3.98
C TYR C 689 -15.00 37.60 -2.50
N VAL C 690 -15.83 38.43 -1.86
CA VAL C 690 -15.82 38.58 -0.41
C VAL C 690 -17.21 38.25 0.12
N GLN C 691 -17.26 37.82 1.38
CA GLN C 691 -18.46 37.18 1.89
C GLN C 691 -19.63 38.17 1.96
N THR C 692 -19.41 39.33 2.58
CA THR C 692 -20.35 40.46 2.55
C THR C 692 -21.75 40.05 3.04
N GLY C 693 -21.83 39.68 4.32
CA GLY C 693 -23.13 39.52 4.94
C GLY C 693 -23.52 38.11 5.32
N VAL C 694 -23.97 37.94 6.56
CA VAL C 694 -24.53 36.68 7.06
C VAL C 694 -25.91 36.96 7.60
N PHE C 695 -26.91 36.25 7.10
CA PHE C 695 -28.30 36.49 7.46
C PHE C 695 -29.01 35.17 7.75
N GLU C 696 -30.05 35.25 8.56
CA GLU C 696 -30.92 34.12 8.85
C GLU C 696 -32.13 34.06 7.92
N GLU C 697 -32.27 35.03 7.02
CA GLU C 697 -33.39 35.09 6.10
C GLU C 697 -32.86 35.33 4.69
N GLN C 698 -33.54 34.74 3.70
CA GLN C 698 -33.18 34.82 2.29
C GLN C 698 -32.95 36.26 1.85
N PRO C 699 -31.72 36.62 1.48
CA PRO C 699 -31.48 37.97 0.97
C PRO C 699 -32.07 38.16 -0.41
N ARG C 700 -32.13 39.42 -0.84
CA ARG C 700 -32.68 39.78 -2.15
C ARG C 700 -31.60 39.60 -3.21
N CYS C 701 -31.25 38.34 -3.45
CA CYS C 701 -30.23 37.98 -4.44
C CYS C 701 -30.64 36.64 -5.05
N TYR C 702 -29.69 36.01 -5.73
CA TYR C 702 -29.91 34.70 -6.34
C TYR C 702 -29.26 33.63 -5.46
N LEU C 703 -30.05 32.63 -5.07
CA LEU C 703 -29.57 31.54 -4.23
C LEU C 703 -29.05 30.43 -5.13
N VAL C 704 -27.73 30.34 -5.23
CA VAL C 704 -27.13 29.27 -6.02
C VAL C 704 -27.19 27.95 -5.24
N ASP C 705 -27.13 26.85 -5.99
CA ASP C 705 -27.25 25.53 -5.37
C ASP C 705 -26.06 25.22 -4.48
N THR C 706 -24.85 25.39 -5.00
CA THR C 706 -23.63 25.03 -4.28
C THR C 706 -22.58 26.12 -4.47
N PRO C 707 -21.49 26.12 -3.70
CA PRO C 707 -20.38 27.02 -4.05
C PRO C 707 -19.89 26.82 -5.47
N ASP C 708 -19.85 25.59 -5.95
CA ASP C 708 -19.74 25.34 -7.38
C ASP C 708 -21.11 25.49 -8.03
N HIS C 709 -21.10 25.80 -9.33
CA HIS C 709 -22.22 26.40 -10.05
C HIS C 709 -22.33 27.87 -9.63
N GLY C 710 -21.57 28.23 -8.60
CA GLY C 710 -21.21 29.60 -8.33
C GLY C 710 -19.75 29.79 -8.71
N LEU C 711 -19.33 31.05 -8.76
CA LEU C 711 -18.02 31.48 -9.23
C LEU C 711 -17.83 31.21 -10.72
N SER C 712 -18.83 30.62 -11.39
CA SER C 712 -18.78 30.33 -12.82
C SER C 712 -19.73 31.19 -13.63
N MET C 713 -20.94 31.44 -13.13
CA MET C 713 -21.86 32.35 -13.81
C MET C 713 -21.37 33.79 -13.74
N GLY C 714 -20.44 34.10 -12.85
CA GLY C 714 -19.92 35.44 -12.73
C GLY C 714 -20.92 36.47 -12.28
N LEU C 715 -21.86 36.08 -11.42
CA LEU C 715 -22.84 37.02 -10.92
C LEU C 715 -22.20 37.96 -9.90
N SER C 716 -22.77 39.15 -9.78
CA SER C 716 -22.30 40.14 -8.83
C SER C 716 -23.01 40.04 -7.48
N ARG C 717 -23.93 39.08 -7.32
CA ARG C 717 -24.68 38.90 -6.09
C ARG C 717 -25.21 37.47 -6.08
N PHE C 718 -24.74 36.65 -5.15
CA PHE C 718 -25.28 35.30 -5.04
C PHE C 718 -25.15 34.80 -3.61
N CYS C 719 -26.17 34.09 -3.15
CA CYS C 719 -26.23 33.57 -1.79
C CYS C 719 -26.01 32.07 -1.77
N VAL C 720 -25.46 31.60 -0.64
CA VAL C 720 -25.31 30.18 -0.36
C VAL C 720 -25.91 29.92 1.01
N HIS C 721 -26.30 28.67 1.25
CA HIS C 721 -26.94 28.25 2.48
C HIS C 721 -25.99 27.41 3.32
N SER C 722 -26.05 27.60 4.64
CA SER C 722 -25.24 26.81 5.56
C SER C 722 -25.90 26.85 6.93
N GLN C 723 -26.42 25.70 7.36
CA GLN C 723 -27.02 25.53 8.69
C GLN C 723 -28.02 26.64 9.01
N GLY C 724 -28.95 26.86 8.08
CA GLY C 724 -30.00 27.83 8.30
C GLY C 724 -29.57 29.27 8.17
N ARG C 725 -28.36 29.55 7.71
CA ARG C 725 -27.89 30.91 7.50
C ARG C 725 -27.55 31.12 6.03
N TYR C 726 -27.67 32.36 5.59
CA TYR C 726 -27.43 32.73 4.19
C TYR C 726 -26.22 33.64 4.09
N PHE C 727 -25.37 33.37 3.10
CA PHE C 727 -24.13 34.09 2.88
C PHE C 727 -24.16 34.65 1.46
N GLN C 728 -24.22 35.98 1.32
CA GLN C 728 -24.38 36.60 0.01
C GLN C 728 -23.04 37.21 -0.44
N TYR C 729 -22.28 36.42 -1.20
CA TYR C 729 -21.06 36.94 -1.81
C TYR C 729 -21.42 37.85 -2.97
N GLU C 730 -20.75 39.01 -3.04
CA GLU C 730 -21.10 40.03 -4.02
C GLU C 730 -19.99 40.23 -5.05
N LYS C 731 -18.82 40.73 -4.63
CA LYS C 731 -17.72 41.04 -5.53
C LYS C 731 -16.60 41.64 -4.70
N LYS C 732 -15.39 41.62 -5.25
CA LYS C 732 -14.25 42.32 -4.66
C LYS C 732 -13.88 43.48 -5.57
N ILE C 733 -13.83 44.69 -5.00
CA ILE C 733 -13.48 45.88 -5.77
C ILE C 733 -12.15 46.49 -5.33
N SER C 734 -11.61 46.11 -4.18
CA SER C 734 -10.32 46.61 -3.75
C SER C 734 -9.21 45.91 -4.52
N ILE C 735 -8.28 46.70 -5.06
CA ILE C 735 -7.22 46.14 -5.90
C ILE C 735 -6.26 45.30 -5.08
N TRP C 736 -6.06 45.65 -3.80
CA TRP C 736 -5.11 44.94 -2.97
C TRP C 736 -5.79 43.81 -2.20
N GLU C 737 -5.03 43.16 -1.32
CA GLU C 737 -5.50 42.02 -0.57
C GLU C 737 -5.26 42.26 0.92
N GLU C 738 -6.06 41.60 1.76
CA GLU C 738 -5.98 41.80 3.20
C GLU C 738 -4.60 41.45 3.73
N THR C 739 -4.02 40.35 3.24
CA THR C 739 -2.67 39.97 3.67
C THR C 739 -1.66 41.06 3.31
N ASP C 740 -1.74 41.58 2.09
CA ASP C 740 -0.83 42.65 1.68
C ASP C 740 -1.05 43.91 2.52
N ASN C 741 -2.31 44.22 2.83
CA ASN C 741 -2.60 45.39 3.65
C ASN C 741 -1.99 45.25 5.04
N ILE C 742 -2.15 44.08 5.65
CA ILE C 742 -1.59 43.83 6.98
C ILE C 742 -0.06 43.91 6.92
N LYS C 743 0.53 43.31 5.89
CA LYS C 743 1.98 43.35 5.76
C LYS C 743 2.48 44.78 5.61
N ALA C 744 1.80 45.58 4.80
CA ALA C 744 2.20 46.97 4.62
C ALA C 744 2.07 47.76 5.90
N THR C 745 0.97 47.56 6.63
CA THR C 745 0.79 48.29 7.89
C THR C 745 1.86 47.91 8.90
N ILE C 746 2.15 46.62 9.03
CA ILE C 746 3.17 46.19 9.99
C ILE C 746 4.55 46.70 9.58
N ASP C 747 4.84 46.67 8.28
CA ASP C 747 6.14 47.18 7.80
C ASP C 747 6.26 48.66 8.09
N SER C 748 5.20 49.44 7.85
CA SER C 748 5.23 50.86 8.14
C SER C 748 5.42 51.11 9.63
N GLN C 749 4.72 50.35 10.47
CA GLN C 749 4.87 50.53 11.91
C GLN C 749 6.29 50.22 12.37
N ARG C 750 6.88 49.13 11.86
CA ARG C 750 8.24 48.78 12.27
C ARG C 750 9.26 49.78 11.75
N ASP C 751 9.07 50.28 10.53
CA ASP C 751 9.98 51.30 10.01
C ASP C 751 9.87 52.59 10.81
N LEU C 752 8.66 52.98 11.19
CA LEU C 752 8.47 54.18 11.99
C LEU C 752 9.06 54.01 13.38
N LYS C 753 8.96 52.80 13.94
CA LYS C 753 9.63 52.51 15.21
C LYS C 753 11.14 52.63 15.07
N ARG C 754 11.71 52.07 14.00
CA ARG C 754 13.16 52.13 13.80
C ARG C 754 13.61 53.55 13.50
N ARG C 755 12.87 54.26 12.66
CA ARG C 755 13.23 55.63 12.30
C ARG C 755 12.64 56.61 13.32
N SER H 174 41.51 -42.36 -39.59
CA SER H 174 41.86 -43.56 -38.83
C SER H 174 40.70 -44.02 -37.96
N VAL H 175 40.77 -45.28 -37.51
CA VAL H 175 39.74 -45.88 -36.68
C VAL H 175 40.39 -46.41 -35.40
N GLY H 176 39.74 -46.18 -34.27
CA GLY H 176 40.25 -46.64 -32.99
C GLY H 176 39.72 -48.01 -32.61
N THR H 177 40.14 -48.46 -31.43
CA THR H 177 39.71 -49.77 -30.93
C THR H 177 38.31 -49.68 -30.31
N THR H 178 38.18 -48.88 -29.24
CA THR H 178 36.86 -48.67 -28.65
C THR H 178 35.98 -47.79 -29.52
N PHE H 179 36.58 -47.01 -30.43
CA PHE H 179 35.82 -46.23 -31.40
C PHE H 179 34.85 -47.11 -32.18
N ARG H 180 35.32 -48.27 -32.63
CA ARG H 180 34.53 -49.12 -33.51
C ARG H 180 33.25 -49.59 -32.82
N THR H 181 33.38 -50.29 -31.68
CA THR H 181 32.20 -50.76 -30.96
C THR H 181 31.35 -49.59 -30.45
N LEU H 182 32.01 -48.55 -29.94
CA LEU H 182 31.33 -47.36 -29.45
C LEU H 182 30.39 -46.80 -30.52
N LEU H 183 30.80 -46.86 -31.78
CA LEU H 183 29.91 -46.53 -32.88
C LEU H 183 28.91 -47.64 -33.15
N LYS H 184 29.28 -48.90 -32.91
CA LYS H 184 28.36 -50.00 -33.20
C LYS H 184 27.09 -49.95 -32.37
N ARG H 185 27.17 -49.55 -31.10
CA ARG H 185 26.07 -49.85 -30.18
C ARG H 185 24.70 -49.41 -30.70
N ASP H 186 24.64 -48.28 -31.40
CA ASP H 186 23.37 -47.70 -31.81
C ASP H 186 23.18 -47.76 -33.32
N THR H 187 23.58 -48.87 -33.94
CA THR H 187 23.34 -49.08 -35.36
C THR H 187 23.36 -50.58 -35.65
N ASP H 188 22.32 -51.06 -36.33
CA ASP H 188 22.27 -52.46 -36.71
C ASP H 188 23.39 -52.81 -37.69
N TRP H 189 23.61 -51.94 -38.67
CA TRP H 189 24.69 -52.13 -39.63
C TRP H 189 26.02 -51.70 -39.01
N ASP H 190 27.10 -52.00 -39.74
CA ASP H 190 28.43 -51.61 -39.31
C ASP H 190 28.70 -50.16 -39.71
N VAL H 191 29.91 -49.68 -39.40
CA VAL H 191 30.27 -48.30 -39.72
C VAL H 191 30.26 -48.08 -41.23
N ILE H 192 30.83 -49.02 -41.98
CA ILE H 192 30.85 -48.97 -43.44
C ILE H 192 29.84 -50.00 -43.94
N PRO H 193 28.69 -49.57 -44.45
CA PRO H 193 27.60 -50.53 -44.73
C PRO H 193 27.84 -51.30 -46.02
N THR H 194 27.72 -52.62 -45.92
CA THR H 194 27.88 -53.52 -47.07
C THR H 194 26.69 -54.48 -47.10
N PRO H 195 25.51 -54.00 -47.49
CA PRO H 195 24.33 -54.87 -47.52
C PRO H 195 24.45 -55.94 -48.60
N ARG H 196 23.86 -57.10 -48.31
CA ARG H 196 23.91 -58.24 -49.22
C ARG H 196 22.65 -58.36 -50.07
N VAL H 197 21.71 -57.43 -49.96
CA VAL H 197 20.47 -57.50 -50.73
C VAL H 197 20.71 -57.04 -52.16
N GLU H 198 20.00 -57.65 -53.09
CA GLU H 198 20.14 -57.31 -54.50
C GLU H 198 19.39 -56.01 -54.80
N PRO H 199 20.04 -55.03 -55.43
CA PRO H 199 19.36 -53.76 -55.72
C PRO H 199 18.25 -53.95 -56.75
N ASN H 200 17.05 -53.51 -56.39
CA ASN H 200 15.90 -53.61 -57.29
C ASN H 200 14.83 -52.63 -56.82
N VAL H 201 13.89 -52.35 -57.70
CA VAL H 201 12.75 -51.48 -57.40
C VAL H 201 11.52 -52.37 -57.19
N PRO H 202 10.94 -52.39 -56.00
CA PRO H 202 9.71 -53.16 -55.78
C PRO H 202 8.49 -52.45 -56.36
N ARG H 203 7.45 -53.25 -56.62
CA ARG H 203 6.18 -52.74 -57.11
C ARG H 203 5.19 -52.73 -55.95
N ILE H 204 4.62 -51.56 -55.67
CA ILE H 204 3.72 -51.37 -54.54
C ILE H 204 2.38 -50.87 -55.07
N GLU H 205 1.29 -51.49 -54.64
CA GLU H 205 -0.03 -51.01 -54.99
C GLU H 205 -0.30 -49.68 -54.31
N GLY H 206 -0.84 -48.72 -55.06
CA GLY H 206 -1.08 -47.40 -54.53
C GLY H 206 -2.52 -46.97 -54.74
N ARG H 207 -2.90 -45.93 -54.00
CA ARG H 207 -4.27 -45.43 -54.06
C ARG H 207 -4.50 -44.69 -55.38
N ARG H 208 -5.73 -44.25 -55.58
CA ARG H 208 -6.18 -43.75 -56.87
C ARG H 208 -6.09 -42.23 -56.93
N TRP H 209 -5.49 -41.71 -57.99
CA TRP H 209 -5.53 -40.28 -58.28
C TRP H 209 -6.97 -39.84 -58.48
N THR H 210 -7.35 -38.73 -57.85
CA THR H 210 -8.72 -38.24 -57.92
C THR H 210 -8.73 -36.82 -58.48
N GLN H 211 -9.88 -36.44 -59.03
CA GLN H 211 -10.09 -35.13 -59.62
C GLN H 211 -11.34 -34.51 -59.02
N MET H 212 -11.34 -33.18 -58.90
CA MET H 212 -12.34 -32.45 -58.14
C MET H 212 -13.21 -31.59 -59.05
N LYS H 213 -14.46 -31.38 -58.62
CA LYS H 213 -15.41 -30.50 -59.27
C LYS H 213 -15.71 -29.24 -58.47
N LYS H 214 -16.05 -29.38 -57.20
CA LYS H 214 -16.47 -28.27 -56.36
C LYS H 214 -15.29 -27.77 -55.53
N LEU H 215 -15.03 -26.46 -55.62
CA LEU H 215 -13.98 -25.86 -54.82
C LEU H 215 -14.32 -25.97 -53.33
N PRO H 216 -13.32 -26.15 -52.48
CA PRO H 216 -13.59 -26.32 -51.04
C PRO H 216 -14.29 -25.11 -50.46
N LEU H 217 -15.22 -25.38 -49.55
CA LEU H 217 -15.97 -24.34 -48.86
C LEU H 217 -15.37 -24.16 -47.47
N LEU H 218 -14.88 -22.96 -47.18
CA LEU H 218 -14.25 -22.68 -45.91
C LEU H 218 -15.30 -22.65 -44.81
N LYS H 219 -15.15 -23.53 -43.83
CA LYS H 219 -16.09 -23.57 -42.71
C LYS H 219 -15.95 -22.32 -41.86
N GLU H 220 -17.07 -21.82 -41.35
CA GLU H 220 -17.12 -20.58 -40.59
C GLU H 220 -17.30 -20.91 -39.12
N LYS H 221 -16.37 -20.43 -38.29
CA LYS H 221 -16.49 -20.59 -36.86
C LYS H 221 -17.68 -19.79 -36.33
N GLU H 222 -18.32 -20.32 -35.29
CA GLU H 222 -19.49 -19.70 -34.70
C GLU H 222 -19.27 -19.45 -33.22
N GLY H 223 -19.91 -18.41 -32.70
CA GLY H 223 -19.77 -18.03 -31.32
C GLY H 223 -19.84 -16.51 -31.17
N PRO H 224 -19.27 -16.00 -30.07
CA PRO H 224 -19.26 -14.56 -29.88
C PRO H 224 -18.38 -13.89 -30.92
N PRO H 225 -18.70 -12.66 -31.31
CA PRO H 225 -17.86 -11.96 -32.29
C PRO H 225 -16.55 -11.52 -31.66
N SER H 226 -15.46 -11.67 -32.40
CA SER H 226 -14.14 -11.34 -31.87
C SER H 226 -14.00 -9.82 -31.79
N PRO H 227 -13.64 -9.29 -30.62
CA PRO H 227 -13.52 -7.84 -30.46
C PRO H 227 -12.26 -7.31 -31.13
N TRP H 228 -12.17 -5.98 -31.20
CA TRP H 228 -11.01 -5.33 -31.79
C TRP H 228 -9.82 -5.43 -30.84
N ARG H 229 -8.68 -5.83 -31.38
CA ARG H 229 -7.44 -5.92 -30.61
C ARG H 229 -6.28 -5.51 -31.51
N ALA H 230 -5.66 -4.38 -31.19
CA ALA H 230 -4.56 -3.86 -31.99
C ALA H 230 -3.87 -2.78 -31.16
N LEU H 231 -2.75 -2.27 -31.68
CA LEU H 231 -2.02 -1.21 -30.99
C LEU H 231 -2.85 0.07 -30.89
N LEU H 232 -3.57 0.42 -31.96
CA LEU H 232 -4.42 1.60 -31.96
C LEU H 232 -5.85 1.26 -32.37
N LEU H 233 -6.66 2.28 -32.65
CA LEU H 233 -8.09 2.11 -32.88
C LEU H 233 -8.45 1.80 -34.34
N GLY H 234 -7.79 2.42 -35.29
CA GLY H 234 -8.07 2.16 -36.70
C GLY H 234 -9.02 3.22 -37.29
N ALA H 235 -10.18 2.77 -37.78
CA ALA H 235 -11.12 3.69 -38.41
C ALA H 235 -11.75 4.64 -37.40
N ASP H 236 -11.85 4.21 -36.15
CA ASP H 236 -12.42 5.04 -35.10
C ASP H 236 -11.42 6.06 -34.56
N SER H 237 -10.35 6.35 -35.30
CA SER H 237 -9.34 7.29 -34.88
C SER H 237 -9.66 8.67 -35.44
N GLU H 238 -9.88 9.64 -34.56
CA GLU H 238 -10.06 11.03 -34.92
C GLU H 238 -9.05 11.87 -34.15
N TYR H 239 -9.03 13.17 -34.43
CA TYR H 239 -8.06 14.07 -33.84
C TYR H 239 -8.76 15.35 -33.40
N ILE H 240 -8.13 16.04 -32.46
CA ILE H 240 -8.60 17.34 -31.99
C ILE H 240 -7.76 18.41 -32.66
N VAL H 241 -8.41 19.44 -33.19
CA VAL H 241 -7.72 20.55 -33.84
C VAL H 241 -7.26 21.53 -32.76
N CYS H 242 -5.99 21.88 -32.80
CA CYS H 242 -5.36 22.74 -31.82
C CYS H 242 -4.63 23.87 -32.52
N PRO H 243 -4.50 25.02 -31.87
CA PRO H 243 -3.83 26.17 -32.49
C PRO H 243 -2.37 25.87 -32.78
N PRO H 244 -1.78 26.56 -33.76
CA PRO H 244 -0.39 26.27 -34.11
C PRO H 244 0.56 26.42 -32.93
N GLY H 245 1.52 25.53 -32.85
CA GLY H 245 2.48 25.54 -31.76
C GLY H 245 3.20 24.21 -31.67
N THR H 246 3.99 24.08 -30.61
CA THR H 246 4.75 22.87 -30.37
C THR H 246 3.86 21.81 -29.73
N ASP H 247 4.45 20.64 -29.45
CA ASP H 247 3.72 19.58 -28.78
C ASP H 247 3.28 20.00 -27.39
N GLN H 248 4.18 20.68 -26.66
CA GLN H 248 3.86 21.10 -25.29
C GLN H 248 2.71 22.10 -25.27
N GLU H 249 2.69 23.04 -26.21
CA GLU H 249 1.60 24.00 -26.25
C GLU H 249 0.26 23.32 -26.51
N ALA H 250 0.24 22.37 -27.45
CA ALA H 250 -1.00 21.66 -27.74
C ALA H 250 -1.46 20.83 -26.53
N ILE H 251 -0.53 20.16 -25.87
CA ILE H 251 -0.89 19.37 -24.70
C ILE H 251 -1.42 20.26 -23.59
N SER H 252 -0.78 21.42 -23.36
CA SER H 252 -1.25 22.35 -22.35
C SER H 252 -2.64 22.89 -22.70
N TRP H 253 -2.88 23.20 -23.97
CA TRP H 253 -4.20 23.68 -24.38
C TRP H 253 -5.26 22.61 -24.15
N ILE H 254 -4.95 21.36 -24.49
CA ILE H 254 -5.92 20.29 -24.30
C ILE H 254 -6.20 20.06 -22.82
N HIS H 255 -5.15 20.07 -21.99
CA HIS H 255 -5.34 19.79 -20.57
C HIS H 255 -6.07 20.93 -19.86
N SER H 256 -5.79 22.18 -20.26
CA SER H 256 -6.36 23.33 -19.57
C SER H 256 -7.73 23.74 -20.09
N GLN H 257 -8.19 23.20 -21.20
CA GLN H 257 -9.46 23.57 -21.80
C GLN H 257 -10.33 22.33 -22.02
N SER H 258 -10.39 21.46 -21.02
CA SER H 258 -11.19 20.24 -21.15
C SER H 258 -11.52 19.69 -19.77
N GLU H 259 -12.61 18.94 -19.70
CA GLU H 259 -12.98 18.20 -18.51
C GLU H 259 -13.38 16.78 -18.91
N ILE H 260 -13.15 15.84 -18.01
CA ILE H 260 -13.32 14.42 -18.28
C ILE H 260 -14.41 13.87 -17.38
N GLU H 261 -15.39 13.21 -17.97
CA GLU H 261 -16.39 12.43 -17.23
C GLU H 261 -16.60 11.11 -17.94
N CYS H 262 -16.76 10.05 -17.15
CA CYS H 262 -16.80 8.69 -17.69
C CYS H 262 -18.19 8.39 -18.27
N ILE H 263 -18.21 7.81 -19.47
CA ILE H 263 -19.43 7.35 -20.10
C ILE H 263 -19.60 5.84 -19.94
N ARG H 264 -18.62 5.07 -20.40
CA ARG H 264 -18.68 3.62 -20.36
C ARG H 264 -17.52 3.09 -19.52
N GLU H 265 -17.82 2.21 -18.58
CA GLU H 265 -16.85 1.65 -17.67
C GLU H 265 -16.60 0.18 -18.00
N SER H 266 -15.34 -0.22 -18.07
CA SER H 266 -14.95 -1.59 -18.32
C SER H 266 -14.09 -2.11 -17.17
N LYS H 267 -14.32 -3.36 -16.79
CA LYS H 267 -13.55 -3.96 -15.72
C LYS H 267 -12.09 -4.15 -16.12
N SER H 268 -11.82 -4.27 -17.42
CA SER H 268 -10.44 -4.44 -17.88
C SER H 268 -9.65 -3.14 -17.74
N THR H 269 -10.31 -1.99 -17.90
CA THR H 269 -9.68 -0.68 -17.77
C THR H 269 -10.48 0.14 -16.77
N PRO H 270 -10.08 0.14 -15.50
CA PRO H 270 -10.82 0.90 -14.50
C PRO H 270 -10.78 2.41 -14.79
N ALA H 271 -11.79 3.12 -14.29
CA ALA H 271 -11.88 4.55 -14.52
C ALA H 271 -10.70 5.30 -13.93
N SER H 272 -10.19 4.83 -12.79
CA SER H 272 -9.19 5.58 -12.03
C SER H 272 -7.94 5.88 -12.85
N VAL H 273 -7.66 5.11 -13.89
CA VAL H 273 -6.48 5.35 -14.71
C VAL H 273 -6.53 6.69 -15.43
N ILE H 274 -7.71 7.29 -15.54
CA ILE H 274 -7.79 8.64 -16.11
C ILE H 274 -6.98 9.60 -15.26
N THR H 275 -6.95 9.38 -13.94
CA THR H 275 -6.11 10.20 -13.07
C THR H 275 -4.66 10.13 -13.50
N CYS H 276 -4.22 8.97 -14.01
CA CYS H 276 -2.88 8.88 -14.58
C CYS H 276 -2.75 9.79 -15.80
N LEU H 277 -3.71 9.72 -16.72
CA LEU H 277 -3.61 10.48 -17.95
C LEU H 277 -3.58 11.98 -17.67
N THR H 278 -4.51 12.45 -16.83
CA THR H 278 -4.50 13.86 -16.44
C THR H 278 -3.24 14.21 -15.68
N SER H 279 -2.62 13.23 -15.00
CA SER H 279 -1.35 13.48 -14.35
C SER H 279 -0.24 13.68 -15.36
N SER H 280 -0.35 13.05 -16.53
CA SER H 280 0.67 13.17 -17.56
C SER H 280 0.44 14.39 -18.45
N LEU H 281 -0.81 14.59 -18.89
CA LEU H 281 -1.14 15.77 -19.69
C LEU H 281 -0.67 17.04 -19.01
N GLN H 282 -0.87 17.14 -17.70
CA GLN H 282 -0.35 18.28 -16.96
C GLN H 282 1.17 18.27 -16.91
N SER H 283 1.76 17.11 -16.57
CA SER H 283 3.20 17.04 -16.41
C SER H 283 3.92 17.33 -17.72
N PHE H 284 3.44 16.76 -18.82
CA PHE H 284 4.04 17.06 -20.12
C PHE H 284 3.86 18.52 -20.48
N ALA H 285 2.80 19.15 -19.97
CA ALA H 285 2.60 20.58 -20.20
C ALA H 285 3.60 21.44 -19.44
N GLU H 286 4.33 20.85 -18.49
CA GLU H 286 5.30 21.59 -17.68
C GLU H 286 6.74 21.23 -18.02
N GLY H 287 6.97 20.69 -19.22
CA GLY H 287 8.32 20.31 -19.62
C GLY H 287 8.84 19.07 -18.96
N ASN H 288 7.97 18.19 -18.49
CA ASN H 288 8.35 16.95 -17.81
C ASN H 288 7.69 15.79 -18.53
N PRO H 289 8.29 15.32 -19.63
CA PRO H 289 7.73 14.15 -20.33
C PRO H 289 7.72 12.89 -19.49
N VAL H 290 8.54 12.82 -18.45
CA VAL H 290 8.57 11.69 -17.52
C VAL H 290 8.22 12.20 -16.13
N ARG H 291 7.27 11.54 -15.47
CA ARG H 291 6.76 11.97 -14.18
C ARG H 291 6.88 10.86 -13.16
N SER H 292 6.82 11.25 -11.89
CA SER H 292 6.90 10.29 -10.81
C SER H 292 5.60 9.49 -10.71
N ARG H 293 5.70 8.34 -10.05
CA ARG H 293 4.57 7.43 -9.94
C ARG H 293 3.54 7.93 -8.94
N ILE H 294 2.27 7.61 -9.20
CA ILE H 294 1.17 7.91 -8.31
C ILE H 294 0.45 6.62 -7.95
N HIS H 295 -0.50 6.71 -7.03
CA HIS H 295 -1.22 5.52 -6.58
C HIS H 295 -2.04 4.91 -7.70
N GLU H 296 -2.71 5.74 -8.50
CA GLU H 296 -3.51 5.23 -9.61
C GLU H 296 -2.65 4.50 -10.65
N ASP H 297 -1.35 4.79 -10.70
CA ASP H 297 -0.46 4.05 -11.57
C ASP H 297 -0.31 2.59 -11.16
N ILE H 298 -0.54 2.28 -9.88
CA ILE H 298 -0.37 0.91 -9.38
C ILE H 298 -1.18 -0.05 -10.24
N ILE H 299 -2.51 0.11 -10.23
CA ILE H 299 -3.29 -0.58 -11.24
C ILE H 299 -3.46 0.34 -12.45
N ALA H 300 -2.37 0.52 -13.18
CA ALA H 300 -2.40 1.06 -14.54
C ALA H 300 -1.42 0.37 -15.48
N PHE H 301 -0.36 -0.26 -14.95
CA PHE H 301 0.70 -0.84 -15.74
C PHE H 301 1.06 -2.24 -15.28
N GLY H 302 0.27 -2.83 -14.37
CA GLY H 302 0.60 -4.13 -13.83
C GLY H 302 1.76 -4.14 -12.87
N ILE H 303 1.93 -3.06 -12.10
CA ILE H 303 3.01 -3.00 -11.12
C ILE H 303 2.73 -3.99 -10.00
N ASN H 304 3.71 -4.84 -9.71
CA ASN H 304 3.61 -5.89 -8.69
C ASN H 304 2.49 -6.88 -8.99
N LYS H 305 2.08 -6.99 -10.25
CA LYS H 305 1.00 -7.91 -10.60
C LYS H 305 1.46 -9.36 -10.62
N LYS H 306 2.71 -9.62 -11.04
CA LYS H 306 3.22 -10.99 -11.04
C LYS H 306 3.27 -11.55 -9.62
N GLN H 307 3.77 -10.76 -8.67
CA GLN H 307 3.79 -11.20 -7.28
C GLN H 307 2.39 -11.41 -6.75
N GLU H 308 1.47 -10.49 -7.08
CA GLU H 308 0.07 -10.64 -6.66
C GLU H 308 -0.50 -11.96 -7.14
N LYS H 309 -0.37 -12.25 -8.44
CA LYS H 309 -0.95 -13.46 -8.99
C LYS H 309 -0.29 -14.71 -8.42
N LYS H 310 1.04 -14.70 -8.29
CA LYS H 310 1.73 -15.87 -7.77
C LYS H 310 1.34 -16.16 -6.33
N GLN H 311 1.30 -15.13 -5.49
CA GLN H 311 0.93 -15.33 -4.09
C GLN H 311 -0.53 -15.75 -3.96
N SER H 312 -1.42 -15.16 -4.75
CA SER H 312 -2.82 -15.58 -4.71
C SER H 312 -2.98 -17.03 -5.14
N ALA H 313 -2.28 -17.44 -6.19
CA ALA H 313 -2.36 -18.82 -6.64
C ALA H 313 -1.78 -19.78 -5.61
N SER H 314 -0.67 -19.41 -4.97
CA SER H 314 -0.11 -20.25 -3.92
C SER H 314 -1.07 -20.39 -2.75
N SER H 315 -1.73 -19.30 -2.37
CA SER H 315 -2.66 -19.35 -1.25
C SER H 315 -3.92 -20.13 -1.60
N SER H 316 -4.35 -20.09 -2.86
CA SER H 316 -5.56 -20.77 -3.30
C SER H 316 -5.28 -22.07 -4.03
N ALA H 317 -4.05 -22.58 -3.98
CA ALA H 317 -3.70 -23.80 -4.69
C ALA H 317 -4.40 -25.00 -4.07
N SER H 318 -4.98 -25.84 -4.92
CA SER H 318 -5.65 -27.05 -4.48
C SER H 318 -5.61 -28.08 -5.60
N GLY H 319 -5.78 -29.35 -5.21
CA GLY H 319 -5.81 -30.42 -6.18
C GLY H 319 -4.47 -31.10 -6.38
N GLU H 320 -4.20 -31.55 -7.61
CA GLU H 320 -2.96 -32.22 -7.93
C GLU H 320 -2.54 -31.85 -9.34
N TRP H 321 -1.24 -31.91 -9.60
CA TRP H 321 -0.69 -31.42 -10.85
C TRP H 321 -1.20 -32.23 -12.04
N LYS H 322 -1.60 -31.53 -13.10
CA LYS H 322 -2.05 -32.16 -14.33
C LYS H 322 -1.44 -31.41 -15.50
N ARG H 323 -1.60 -31.97 -16.70
CA ARG H 323 -1.06 -31.34 -17.90
C ARG H 323 -1.75 -30.00 -18.15
N ALA H 324 -1.01 -29.09 -18.78
CA ALA H 324 -1.52 -27.73 -19.00
C ALA H 324 -2.77 -27.75 -19.87
N GLU H 325 -2.69 -28.40 -21.03
CA GLU H 325 -3.81 -28.53 -21.97
C GLU H 325 -4.43 -27.16 -22.26
N TYR H 326 -3.64 -26.32 -22.91
CA TYR H 326 -4.13 -25.00 -23.31
C TYR H 326 -5.06 -25.10 -24.50
N GLN H 327 -6.06 -24.21 -24.52
CA GLN H 327 -7.03 -24.17 -25.60
C GLN H 327 -7.29 -22.72 -25.99
N VAL H 328 -7.72 -22.54 -27.24
CA VAL H 328 -8.09 -21.23 -27.76
C VAL H 328 -9.56 -21.29 -28.16
N GLU H 329 -10.32 -20.29 -27.74
CA GLU H 329 -11.75 -20.25 -28.04
C GLU H 329 -11.99 -19.81 -29.47
N GLU H 330 -12.95 -20.46 -30.13
CA GLU H 330 -13.33 -20.12 -31.48
C GLU H 330 -14.40 -19.05 -31.47
N MET H 331 -14.18 -17.98 -32.23
CA MET H 331 -15.07 -16.84 -32.23
C MET H 331 -15.42 -16.47 -33.66
N SER H 332 -16.66 -16.03 -33.88
CA SER H 332 -17.21 -15.87 -35.21
C SER H 332 -16.75 -14.56 -35.83
N LEU H 333 -17.25 -14.31 -37.04
CA LEU H 333 -16.91 -13.08 -37.76
C LEU H 333 -17.56 -11.88 -37.09
N PRO H 334 -16.80 -10.85 -36.72
CA PRO H 334 -17.41 -9.69 -36.07
C PRO H 334 -18.32 -8.94 -37.04
N PRO H 335 -19.38 -8.31 -36.53
CA PRO H 335 -20.23 -7.50 -37.41
C PRO H 335 -19.61 -6.19 -37.84
N TRP H 336 -18.50 -5.77 -37.23
CA TRP H 336 -17.91 -4.46 -37.50
C TRP H 336 -16.83 -4.49 -38.58
N VAL H 337 -16.59 -5.64 -39.21
CA VAL H 337 -15.48 -5.72 -40.16
C VAL H 337 -15.78 -4.91 -41.41
N GLU H 338 -17.03 -4.97 -41.91
CA GLU H 338 -17.35 -4.25 -43.15
C GLU H 338 -17.38 -2.75 -42.92
N GLU H 339 -17.83 -2.30 -41.75
CA GLU H 339 -17.79 -0.87 -41.45
C GLU H 339 -16.36 -0.37 -41.36
N GLU H 340 -15.46 -1.16 -40.75
CA GLU H 340 -14.04 -0.85 -40.82
C GLU H 340 -13.56 -0.79 -42.26
N MET H 341 -13.94 -1.76 -43.08
CA MET H 341 -13.38 -1.87 -44.42
C MET H 341 -13.85 -0.73 -45.31
N VAL H 342 -15.06 -0.19 -45.05
CA VAL H 342 -15.58 0.92 -45.83
C VAL H 342 -15.28 2.28 -45.21
N LEU H 343 -14.88 2.34 -43.94
CA LEU H 343 -14.65 3.61 -43.27
C LEU H 343 -13.21 4.09 -43.42
N LEU H 344 -12.26 3.18 -43.64
CA LEU H 344 -10.89 3.57 -43.93
C LEU H 344 -10.74 4.31 -45.24
N ARG H 345 -11.76 4.29 -46.09
CA ARG H 345 -11.70 4.91 -47.41
C ARG H 345 -12.24 6.33 -47.43
N SER H 346 -12.63 6.88 -46.29
CA SER H 346 -13.22 8.21 -46.26
C SER H 346 -12.24 9.24 -46.80
N ASP H 347 -12.73 10.11 -47.67
CA ASP H 347 -11.88 11.13 -48.28
C ASP H 347 -11.42 12.13 -47.21
N GLN H 348 -10.19 12.60 -47.36
CA GLN H 348 -9.59 13.54 -46.42
C GLN H 348 -9.10 14.77 -47.18
N GLU H 349 -9.16 15.91 -46.50
CA GLU H 349 -8.75 17.17 -47.11
C GLU H 349 -7.23 17.30 -47.24
N ASP H 350 -6.47 16.52 -46.48
CA ASP H 350 -5.01 16.58 -46.52
C ASP H 350 -4.44 15.32 -47.17
N ASN H 351 -3.19 15.43 -47.61
CA ASN H 351 -2.52 14.32 -48.26
C ASN H 351 -2.09 13.24 -47.26
N TRP H 352 -1.76 13.64 -46.03
CA TRP H 352 -1.42 12.74 -44.93
C TRP H 352 -0.17 11.92 -45.20
N ILE H 353 0.50 12.16 -46.33
CA ILE H 353 1.75 11.49 -46.66
C ILE H 353 2.76 12.56 -47.09
N GLU H 354 3.91 12.59 -46.43
CA GLU H 354 4.97 13.54 -46.76
C GLU H 354 6.26 12.73 -46.93
N LEU H 355 6.63 12.48 -48.18
CA LEU H 355 7.86 11.78 -48.51
C LEU H 355 8.73 12.70 -49.36
N GLU H 356 9.99 12.84 -48.98
CA GLU H 356 10.88 13.77 -49.67
C GLU H 356 11.15 13.27 -51.09
N LYS H 357 10.99 14.19 -52.05
CA LYS H 357 11.20 13.83 -53.45
C LYS H 357 12.67 13.56 -53.74
N ASN H 358 12.92 12.51 -54.51
CA ASN H 358 14.28 12.19 -54.93
C ASN H 358 14.65 12.98 -56.19
N ALA H 359 15.93 12.98 -56.50
CA ALA H 359 16.42 13.66 -57.69
C ALA H 359 16.08 12.85 -58.95
N ILE H 360 16.05 13.55 -60.08
CA ILE H 360 15.75 12.94 -61.38
C ILE H 360 16.88 13.28 -62.34
N TYR H 361 17.45 12.25 -62.96
CA TYR H 361 18.52 12.43 -63.94
C TYR H 361 18.25 11.79 -65.29
N THR H 362 17.33 10.82 -65.39
CA THR H 362 17.02 10.17 -66.65
C THR H 362 15.51 10.05 -66.78
N GLU H 363 15.06 9.59 -67.95
CA GLU H 363 13.63 9.56 -68.24
C GLU H 363 12.91 8.48 -67.44
N VAL H 364 13.54 7.30 -67.28
CA VAL H 364 12.88 6.23 -66.55
C VAL H 364 12.74 6.58 -65.07
N ASP H 365 13.75 7.26 -64.51
CA ASP H 365 13.65 7.71 -63.12
C ASP H 365 12.53 8.72 -62.95
N GLY H 366 12.39 9.65 -63.91
CA GLY H 366 11.28 10.59 -63.85
C GLY H 366 9.93 9.91 -63.96
N VAL H 367 9.84 8.88 -64.82
CA VAL H 367 8.60 8.13 -64.93
C VAL H 367 8.27 7.42 -63.63
N ALA H 368 9.28 6.82 -62.99
CA ALA H 368 9.06 6.15 -61.71
C ALA H 368 8.62 7.14 -60.64
N GLU H 369 9.25 8.32 -60.60
CA GLU H 369 8.85 9.33 -59.63
C GLU H 369 7.44 9.81 -59.87
N GLY H 370 7.05 9.98 -61.14
CA GLY H 370 5.68 10.36 -61.44
C GLY H 370 4.68 9.29 -61.04
N LEU H 371 5.04 8.02 -61.24
CA LEU H 371 4.17 6.93 -60.81
C LEU H 371 4.00 6.93 -59.30
N VAL H 372 5.10 7.11 -58.56
CA VAL H 372 5.00 7.15 -57.10
C VAL H 372 4.17 8.34 -56.66
N ASP H 373 4.34 9.49 -57.30
CA ASP H 373 3.50 10.64 -57.00
C ASP H 373 2.03 10.29 -57.20
N LYS H 374 1.65 9.91 -58.42
CA LYS H 374 0.24 9.62 -58.70
C LYS H 374 -0.30 8.60 -57.71
N TYR H 375 0.51 7.63 -57.31
CA TYR H 375 0.13 6.74 -56.20
C TYR H 375 -0.16 7.54 -54.94
N ILE H 376 0.69 8.50 -54.62
CA ILE H 376 0.55 9.24 -53.36
C ILE H 376 -0.75 10.03 -53.34
N GLU H 377 -1.05 10.75 -54.42
CA GLU H 377 -2.33 11.47 -54.45
C GLU H 377 -3.49 10.68 -55.06
N ILE H 378 -3.37 9.36 -55.18
CA ILE H 378 -4.59 8.55 -55.30
C ILE H 378 -4.89 7.77 -54.03
N VAL H 379 -3.90 7.57 -53.14
CA VAL H 379 -4.15 6.90 -51.88
C VAL H 379 -3.84 7.77 -50.67
N GLY H 380 -3.46 9.03 -50.88
CA GLY H 380 -3.12 9.90 -49.77
C GLY H 380 -4.32 10.53 -49.08
N ARG H 381 -5.24 11.09 -49.86
CA ARG H 381 -6.42 11.75 -49.31
C ARG H 381 -7.49 10.73 -48.92
N THR H 382 -7.06 9.77 -48.09
CA THR H 382 -7.93 8.73 -47.57
C THR H 382 -7.69 8.57 -46.08
N LYS H 383 -8.70 8.04 -45.39
CA LYS H 383 -8.59 7.86 -43.95
C LYS H 383 -7.50 6.85 -43.59
N VAL H 384 -7.32 5.83 -44.43
CA VAL H 384 -6.34 4.79 -44.12
C VAL H 384 -4.93 5.38 -44.09
N ALA H 385 -4.65 6.36 -44.96
CA ALA H 385 -3.34 7.00 -44.93
C ALA H 385 -3.12 7.73 -43.61
N SER H 386 -4.14 8.43 -43.13
CA SER H 386 -4.03 9.12 -41.85
C SER H 386 -3.85 8.12 -40.71
N VAL H 387 -4.54 6.99 -40.76
CA VAL H 387 -4.39 5.97 -39.72
C VAL H 387 -2.98 5.39 -39.74
N ILE H 388 -2.43 5.15 -40.93
CA ILE H 388 -1.06 4.64 -41.04
C ILE H 388 -0.08 5.66 -40.47
N GLU H 389 -0.27 6.94 -40.79
CA GLU H 389 0.60 7.98 -40.24
C GLU H 389 0.52 8.04 -38.72
N LYS H 390 -0.71 7.95 -38.19
CA LYS H 390 -0.89 7.96 -36.73
C LYS H 390 -0.20 6.76 -36.09
N TRP H 391 -0.36 5.57 -36.67
CA TRP H 391 0.30 4.39 -36.14
C TRP H 391 1.81 4.55 -36.18
N GLN H 392 2.35 5.09 -37.27
CA GLN H 392 3.79 5.28 -37.38
C GLN H 392 4.29 6.23 -36.29
N ILE H 393 3.61 7.35 -36.11
CA ILE H 393 4.03 8.33 -35.10
C ILE H 393 3.98 7.72 -33.71
N ALA H 394 2.86 7.05 -33.39
CA ALA H 394 2.70 6.48 -32.06
C ALA H 394 3.76 5.43 -31.77
N ALA H 395 3.96 4.51 -32.71
CA ALA H 395 4.93 3.44 -32.51
C ALA H 395 6.35 4.01 -32.42
N THR H 396 6.68 4.99 -33.26
CA THR H 396 8.02 5.57 -33.22
C THR H 396 8.28 6.27 -31.89
N ARG H 397 7.31 7.06 -31.42
CA ARG H 397 7.51 7.77 -30.16
C ARG H 397 7.57 6.82 -28.98
N THR H 398 6.78 5.74 -29.01
CA THR H 398 6.85 4.75 -27.94
C THR H 398 8.17 3.99 -27.95
N PHE H 399 8.66 3.65 -29.14
CA PHE H 399 9.92 2.90 -29.26
C PHE H 399 11.12 3.76 -28.89
N SER H 400 11.05 5.07 -29.15
CA SER H 400 12.18 5.94 -28.84
C SER H 400 12.43 6.07 -27.34
N GLN H 401 11.47 5.66 -26.50
CA GLN H 401 11.59 5.78 -25.05
C GLN H 401 11.68 4.42 -24.36
N LEU H 402 11.97 3.36 -25.11
CA LEU H 402 11.97 2.02 -24.55
C LEU H 402 13.34 1.59 -24.04
N HIS H 403 14.40 1.90 -24.78
CA HIS H 403 15.73 1.42 -24.42
C HIS H 403 16.19 1.96 -23.07
N THR H 404 15.91 3.22 -22.80
CA THR H 404 16.29 3.83 -21.52
C THR H 404 15.49 3.19 -20.40
N ASP H 405 16.15 2.36 -19.59
CA ASP H 405 15.48 1.72 -18.47
C ASP H 405 15.06 2.78 -17.46
N ARG H 406 13.80 2.75 -17.05
CA ARG H 406 13.24 3.75 -16.16
C ARG H 406 12.42 3.08 -15.08
N SER H 407 12.05 3.87 -14.07
CA SER H 407 11.09 3.47 -13.05
C SER H 407 9.98 4.50 -12.92
N ARG H 408 9.85 5.40 -13.89
CA ARG H 408 8.90 6.51 -13.85
C ARG H 408 8.14 6.55 -15.16
N ILE H 409 6.89 7.02 -15.10
CA ILE H 409 6.01 6.97 -16.26
C ILE H 409 6.46 8.00 -17.29
N THR H 410 6.58 7.55 -18.54
CA THR H 410 6.98 8.40 -19.66
C THR H 410 5.77 8.73 -20.52
N ALA H 411 5.73 9.95 -21.03
CA ALA H 411 4.62 10.44 -21.83
C ALA H 411 5.05 10.60 -23.28
N CYS H 412 4.25 10.05 -24.20
CA CYS H 412 4.52 10.13 -25.64
C CYS H 412 3.26 10.59 -26.35
N PRO H 413 3.06 11.91 -26.49
CA PRO H 413 1.88 12.40 -27.18
C PRO H 413 1.90 12.06 -28.66
N ILE H 414 0.70 11.94 -29.24
CA ILE H 414 0.52 11.64 -30.66
C ILE H 414 -0.12 12.88 -31.28
N ILE H 415 0.70 13.75 -31.85
CA ILE H 415 0.24 14.99 -32.47
C ILE H 415 0.92 15.12 -33.82
N THR H 416 0.12 15.39 -34.86
CA THR H 416 0.61 15.62 -36.21
C THR H 416 0.35 17.07 -36.60
N ARG H 417 0.88 17.46 -37.76
CA ARG H 417 0.71 18.81 -38.29
C ARG H 417 0.04 18.74 -39.65
N ASP H 418 -1.12 19.38 -39.77
CA ASP H 418 -1.76 19.56 -41.06
C ASP H 418 -1.01 20.63 -41.85
N PRO H 419 -1.18 20.68 -43.20
CA PRO H 419 -0.51 21.72 -44.00
C PRO H 419 -1.20 23.08 -43.91
N SER H 420 -1.56 23.47 -42.70
CA SER H 420 -2.06 24.81 -42.41
C SER H 420 -1.49 25.38 -41.12
N GLY H 421 -0.59 24.67 -40.45
CA GLY H 421 0.02 25.12 -39.22
C GLY H 421 -0.62 24.59 -37.95
N ASN H 422 -1.86 24.12 -38.03
CA ASN H 422 -2.55 23.65 -36.83
C ASN H 422 -1.96 22.35 -36.33
N CYS H 423 -2.43 21.92 -35.16
CA CYS H 423 -2.02 20.66 -34.55
C CYS H 423 -3.20 19.69 -34.53
N GLN H 424 -2.91 18.41 -34.77
CA GLN H 424 -3.93 17.36 -34.76
C GLN H 424 -3.57 16.37 -33.67
N PHE H 425 -4.38 16.33 -32.63
CA PHE H 425 -4.14 15.46 -31.48
C PHE H 425 -4.91 14.16 -31.68
N TRP H 426 -4.19 13.08 -32.00
CA TRP H 426 -4.83 11.78 -32.14
C TRP H 426 -5.02 11.10 -30.79
N GLY H 427 -4.05 11.22 -29.92
CA GLY H 427 -4.11 10.55 -28.63
C GLY H 427 -2.79 10.67 -27.90
N MET H 428 -2.63 9.81 -26.90
CA MET H 428 -1.45 9.86 -26.06
C MET H 428 -1.23 8.49 -25.42
N VAL H 429 0.00 8.02 -25.47
CA VAL H 429 0.38 6.74 -24.90
C VAL H 429 1.33 6.98 -23.73
N LEU H 430 1.06 6.32 -22.61
CA LEU H 430 1.88 6.41 -21.41
C LEU H 430 2.62 5.10 -21.22
N LEU H 431 3.93 5.19 -21.04
CA LEU H 431 4.78 4.02 -20.88
C LEU H 431 5.17 3.88 -19.42
N GLY H 432 4.93 2.70 -18.85
CA GLY H 432 5.17 2.45 -17.45
C GLY H 432 6.65 2.31 -17.13
N PRO H 433 6.96 1.67 -15.99
CA PRO H 433 8.38 1.47 -15.64
C PRO H 433 9.15 0.69 -16.69
N HIS H 434 8.54 -0.33 -17.28
CA HIS H 434 9.10 -1.11 -18.39
C HIS H 434 10.55 -1.52 -18.13
N HIS H 435 10.76 -2.22 -17.03
CA HIS H 435 12.07 -2.77 -16.72
C HIS H 435 12.37 -3.94 -17.65
N VAL H 436 12.73 -3.65 -18.89
CA VAL H 436 12.92 -4.67 -19.91
C VAL H 436 14.29 -5.30 -19.76
N LYS H 437 14.36 -6.61 -19.98
CA LYS H 437 15.62 -7.35 -19.95
C LYS H 437 16.01 -7.90 -21.30
N ARG H 438 15.12 -8.68 -21.94
CA ARG H 438 15.41 -9.29 -23.22
C ARG H 438 14.72 -8.50 -24.33
N ASP H 439 14.76 -9.04 -25.54
CA ASP H 439 14.25 -8.35 -26.72
C ASP H 439 12.75 -8.53 -26.92
N THR H 440 12.10 -9.44 -26.16
CA THR H 440 10.69 -9.73 -26.36
C THR H 440 9.84 -9.47 -25.12
N ASP H 441 10.38 -8.78 -24.11
CA ASP H 441 9.60 -8.46 -22.93
C ASP H 441 8.52 -7.42 -23.25
N ASN H 442 7.40 -7.51 -22.54
CA ASN H 442 6.25 -6.65 -22.79
C ASN H 442 6.34 -5.42 -21.88
N ALA H 443 6.58 -4.27 -22.49
CA ALA H 443 6.48 -3.01 -21.77
C ALA H 443 5.01 -2.63 -21.60
N PRO H 444 4.60 -2.20 -20.41
CA PRO H 444 3.20 -1.79 -20.21
C PRO H 444 2.92 -0.45 -20.87
N LEU H 445 1.65 -0.26 -21.23
CA LEU H 445 1.21 0.95 -21.90
C LEU H 445 -0.21 1.26 -21.48
N LEU H 446 -0.50 2.56 -21.39
CA LEU H 446 -1.85 3.07 -21.19
C LEU H 446 -2.15 4.02 -22.34
N ILE H 447 -3.05 3.62 -23.23
CA ILE H 447 -3.29 4.33 -24.48
C ILE H 447 -4.64 5.03 -24.40
N ALA H 448 -4.63 6.35 -24.59
CA ALA H 448 -5.85 7.14 -24.68
C ALA H 448 -5.96 7.68 -26.10
N GLU H 449 -7.14 7.52 -26.69
CA GLU H 449 -7.33 7.89 -28.09
C GLU H 449 -8.68 8.56 -28.27
N ILE H 450 -8.84 9.23 -29.42
CA ILE H 450 -10.05 9.96 -29.75
C ILE H 450 -10.89 9.10 -30.69
N MET H 451 -12.18 8.93 -30.35
CA MET H 451 -13.09 8.10 -31.12
C MET H 451 -14.11 8.97 -31.85
N GLY H 452 -14.70 8.37 -32.88
CA GLY H 452 -15.82 8.98 -33.57
C GLY H 452 -17.13 8.42 -33.08
N GLU H 453 -17.15 7.11 -32.81
CA GLU H 453 -18.33 6.45 -32.27
C GLU H 453 -17.88 5.32 -31.35
N ASP H 454 -18.76 4.93 -30.44
CA ASP H 454 -18.48 3.90 -29.45
C ASP H 454 -19.36 2.68 -29.71
N THR H 455 -18.79 1.50 -29.46
CA THR H 455 -19.50 0.24 -29.66
C THR H 455 -19.18 -0.68 -28.50
N GLU H 456 -20.20 -1.38 -28.00
CA GLU H 456 -20.03 -2.23 -26.82
C GLU H 456 -19.19 -3.46 -27.14
N GLU H 457 -19.67 -4.31 -28.05
CA GLU H 457 -19.01 -5.58 -28.32
C GLU H 457 -17.70 -5.41 -29.10
N LYS H 458 -17.42 -4.22 -29.62
CA LYS H 458 -16.19 -3.99 -30.37
C LYS H 458 -15.03 -3.58 -29.48
N TYR H 459 -15.30 -2.85 -28.40
CA TYR H 459 -14.27 -2.41 -27.46
C TYR H 459 -14.70 -2.76 -26.04
N PRO H 460 -14.73 -4.05 -25.70
CA PRO H 460 -15.16 -4.42 -24.34
C PRO H 460 -14.12 -4.08 -23.28
N LYS H 461 -12.84 -3.98 -23.65
CA LYS H 461 -11.77 -3.74 -22.70
C LYS H 461 -11.37 -2.27 -22.63
N HIS H 462 -12.08 -1.39 -23.33
CA HIS H 462 -11.79 0.03 -23.33
C HIS H 462 -12.74 0.75 -22.39
N SER H 463 -12.26 1.86 -21.82
CA SER H 463 -13.07 2.74 -21.00
C SER H 463 -13.32 4.03 -21.78
N VAL H 464 -14.58 4.45 -21.84
CA VAL H 464 -14.99 5.56 -22.69
C VAL H 464 -15.36 6.74 -21.80
N PHE H 465 -14.73 7.88 -22.04
CA PHE H 465 -14.97 9.11 -21.32
C PHE H 465 -15.42 10.20 -22.28
N SER H 466 -16.18 11.16 -21.75
CA SER H 466 -16.61 12.31 -22.53
C SER H 466 -15.58 13.42 -22.43
N LEU H 467 -15.32 14.09 -23.56
CA LEU H 467 -14.31 15.14 -23.63
C LEU H 467 -14.95 16.38 -24.23
N LYS H 468 -14.84 17.50 -23.51
CA LYS H 468 -15.43 18.76 -23.92
C LYS H 468 -14.31 19.75 -24.21
N VAL H 469 -14.15 20.13 -25.48
CA VAL H 469 -13.17 21.14 -25.86
C VAL H 469 -13.86 22.17 -26.75
N GLU H 470 -13.90 23.42 -26.29
CA GLU H 470 -14.51 24.53 -27.02
C GLU H 470 -15.91 24.16 -27.50
N GLU H 471 -16.78 23.88 -26.52
CA GLU H 471 -18.14 23.39 -26.72
C GLU H 471 -18.21 22.33 -27.82
N LYS H 472 -17.20 21.47 -27.89
CA LYS H 472 -17.12 20.41 -28.88
C LYS H 472 -17.00 19.07 -28.17
N GLN H 473 -17.75 18.09 -28.68
CA GLN H 473 -17.84 16.76 -28.09
C GLN H 473 -16.79 15.84 -28.68
N PHE H 474 -16.17 15.02 -27.82
CA PHE H 474 -15.29 13.96 -28.26
C PHE H 474 -15.40 12.79 -27.28
N LEU H 475 -14.99 11.62 -27.76
CA LEU H 475 -14.95 10.41 -26.95
C LEU H 475 -13.49 10.00 -26.75
N LEU H 476 -13.11 9.72 -25.51
CA LEU H 476 -11.76 9.32 -25.17
C LEU H 476 -11.77 7.86 -24.73
N SER H 477 -11.03 7.02 -25.45
CA SER H 477 -10.93 5.60 -25.15
C SER H 477 -9.60 5.33 -24.46
N LEU H 478 -9.67 4.79 -23.24
CA LEU H 478 -8.50 4.40 -22.47
C LEU H 478 -8.40 2.89 -22.45
N LYS H 479 -7.23 2.37 -22.79
CA LYS H 479 -6.98 0.94 -22.73
C LYS H 479 -5.65 0.67 -22.03
N ILE H 480 -5.66 -0.32 -21.16
CA ILE H 480 -4.45 -0.84 -20.52
C ILE H 480 -3.96 -2.01 -21.34
N THR H 481 -2.71 -1.94 -21.80
CA THR H 481 -2.15 -3.00 -22.61
C THR H 481 -0.67 -3.15 -22.29
N SER H 482 0.00 -4.03 -23.02
CA SER H 482 1.44 -4.22 -22.86
C SER H 482 1.95 -4.89 -24.13
N PHE H 483 2.96 -4.28 -24.74
CA PHE H 483 3.49 -4.79 -26.01
C PHE H 483 5.00 -4.92 -25.96
N SER H 484 5.53 -5.84 -26.76
CA SER H 484 6.95 -6.09 -26.80
C SER H 484 7.66 -5.05 -27.67
N ARG H 485 8.97 -4.96 -27.50
CA ARG H 485 9.76 -4.03 -28.29
C ARG H 485 9.77 -4.42 -29.76
N ASN H 486 9.71 -5.72 -30.06
CA ASN H 486 9.67 -6.18 -31.45
C ASN H 486 8.45 -5.64 -32.17
N LYS H 487 7.28 -5.76 -31.55
CA LYS H 487 6.04 -5.30 -32.19
C LYS H 487 6.05 -3.79 -32.38
N LEU H 488 6.51 -3.04 -31.37
CA LEU H 488 6.56 -1.59 -31.49
C LEU H 488 7.54 -1.15 -32.56
N TYR H 489 8.70 -1.80 -32.64
CA TYR H 489 9.65 -1.47 -33.70
C TYR H 489 9.09 -1.80 -35.07
N THR H 490 8.41 -2.95 -35.19
CA THR H 490 7.81 -3.33 -36.47
C THR H 490 6.77 -2.32 -36.90
N PHE H 491 5.92 -1.87 -35.97
CA PHE H 491 4.90 -0.89 -36.31
C PHE H 491 5.47 0.50 -36.50
N SER H 492 6.69 0.76 -36.01
CA SER H 492 7.34 2.03 -36.27
C SER H 492 7.71 2.19 -37.74
N ASN H 493 7.82 1.08 -38.47
CA ASN H 493 8.08 1.09 -39.91
C ASN H 493 6.86 0.59 -40.67
N ILE H 494 5.66 0.96 -40.20
CA ILE H 494 4.44 0.49 -40.82
C ILE H 494 4.25 1.04 -42.22
N ARG H 495 4.92 2.15 -42.56
CA ARG H 495 4.73 2.79 -43.85
C ARG H 495 5.05 1.85 -45.02
N ARG H 496 5.85 0.81 -44.78
CA ARG H 496 6.17 -0.15 -45.81
C ARG H 496 4.93 -0.83 -46.38
N VAL H 497 3.81 -0.82 -45.64
CA VAL H 497 2.58 -1.41 -46.14
C VAL H 497 2.14 -0.74 -47.43
N LEU H 498 2.57 0.50 -47.67
CA LEU H 498 2.22 1.18 -48.91
C LEU H 498 2.85 0.54 -50.14
N ILE H 499 3.86 -0.31 -49.95
CA ILE H 499 4.56 -0.89 -51.09
C ILE H 499 3.69 -1.89 -51.83
N GLN H 500 2.97 -2.75 -51.10
CA GLN H 500 2.24 -3.84 -51.73
C GLN H 500 1.17 -3.36 -52.72
N PRO H 501 0.29 -2.42 -52.37
CA PRO H 501 -0.72 -2.01 -53.37
C PRO H 501 -0.14 -1.35 -54.60
N ALA H 502 0.81 -0.43 -54.39
CA ALA H 502 1.36 0.35 -55.50
C ALA H 502 1.86 -0.56 -56.63
N SER H 503 2.56 -1.63 -56.26
CA SER H 503 3.01 -2.63 -57.23
C SER H 503 1.92 -2.96 -58.23
N ILE H 504 0.77 -3.40 -57.73
CA ILE H 504 -0.37 -3.71 -58.61
C ILE H 504 -0.62 -2.54 -59.54
N TYR H 505 -0.87 -1.36 -58.97
CA TYR H 505 -1.11 -0.17 -59.78
C TYR H 505 0.02 0.00 -60.79
N SER H 506 1.26 -0.05 -60.32
CA SER H 506 2.40 0.09 -61.22
C SER H 506 2.32 -0.93 -62.34
N GLN H 507 2.12 -2.21 -61.97
CA GLN H 507 2.00 -3.25 -62.99
C GLN H 507 0.89 -2.91 -63.98
N VAL H 508 -0.27 -2.50 -63.45
CA VAL H 508 -1.39 -2.16 -64.32
C VAL H 508 -0.97 -1.08 -65.31
N VAL H 509 -0.28 -0.05 -64.81
CA VAL H 509 0.21 1.00 -65.70
C VAL H 509 1.12 0.39 -66.76
N LEU H 510 2.09 -0.41 -66.34
CA LEU H 510 2.96 -1.06 -67.31
C LEU H 510 2.15 -1.96 -68.23
N SER H 511 1.10 -2.59 -67.70
CA SER H 511 0.21 -3.38 -68.54
C SER H 511 -0.33 -2.53 -69.68
N ARG H 512 -0.82 -1.33 -69.36
CA ARG H 512 -1.30 -0.43 -70.42
C ARG H 512 -0.16 -0.08 -71.37
N ALA H 513 1.03 0.12 -70.82
CA ALA H 513 2.20 0.32 -71.68
C ALA H 513 2.40 -0.88 -72.59
N ALA H 514 2.31 -2.08 -72.01
CA ALA H 514 2.45 -3.30 -72.82
C ALA H 514 1.35 -3.39 -73.87
N GLU H 515 0.25 -2.66 -73.68
CA GLU H 515 -0.81 -2.63 -74.69
C GLU H 515 -0.42 -1.77 -75.88
N ASN H 516 0.26 -0.64 -75.65
CA ASN H 516 0.49 0.32 -76.72
C ASN H 516 1.88 0.92 -76.75
N ASN H 517 2.77 0.61 -75.79
CA ASN H 517 4.09 1.22 -75.69
C ASN H 517 3.97 2.75 -75.65
N SER H 518 2.97 3.23 -74.90
CA SER H 518 2.73 4.66 -74.75
C SER H 518 2.16 4.89 -73.36
N LEU H 519 3.03 5.21 -72.41
CA LEU H 519 2.62 5.41 -71.03
C LEU H 519 1.84 6.70 -70.88
N ASN H 520 0.87 6.69 -69.96
CA ASN H 520 -0.07 7.79 -69.79
C ASN H 520 0.02 8.45 -68.43
N LEU H 521 0.06 7.66 -67.35
CA LEU H 521 0.03 8.04 -65.94
C LEU H 521 -1.36 8.46 -65.46
N GLU H 522 -2.35 8.56 -66.34
CA GLU H 522 -3.73 8.87 -65.96
C GLU H 522 -4.68 7.82 -66.51
N VAL H 523 -4.34 6.56 -66.33
CA VAL H 523 -5.17 5.44 -66.77
C VAL H 523 -5.96 4.92 -65.59
N ASN H 524 -7.26 4.71 -65.79
CA ASN H 524 -8.15 4.18 -64.76
C ASN H 524 -8.97 3.04 -65.36
N PRO H 525 -8.33 1.90 -65.62
CA PRO H 525 -9.06 0.76 -66.20
C PRO H 525 -10.08 0.19 -65.23
N GLU H 526 -11.09 -0.45 -65.80
CA GLU H 526 -12.14 -1.09 -65.01
C GLU H 526 -11.71 -2.51 -64.65
N ILE H 527 -11.56 -2.77 -63.36
CA ILE H 527 -11.20 -4.09 -62.86
C ILE H 527 -12.47 -4.81 -62.45
N GLN H 528 -12.62 -6.05 -62.90
CA GLN H 528 -13.82 -6.83 -62.65
C GLN H 528 -13.61 -7.75 -61.46
N LEU H 529 -14.50 -7.66 -60.47
CA LEU H 529 -14.42 -8.47 -59.26
C LEU H 529 -15.81 -8.99 -58.91
N TYR H 530 -15.83 -9.95 -57.99
CA TYR H 530 -17.08 -10.51 -57.48
C TYR H 530 -17.46 -9.77 -56.20
N LEU H 531 -18.51 -8.96 -56.28
CA LEU H 531 -19.05 -8.24 -55.15
C LEU H 531 -20.45 -8.76 -54.84
N GLU H 532 -20.69 -9.09 -53.57
CA GLU H 532 -21.94 -9.69 -53.10
C GLU H 532 -22.49 -10.74 -54.08
N GLY H 533 -21.59 -11.61 -54.51
CA GLY H 533 -21.97 -12.67 -55.43
C GLY H 533 -22.40 -12.19 -56.81
N ALA H 534 -21.71 -11.20 -57.36
CA ALA H 534 -22.04 -10.67 -58.68
C ALA H 534 -20.77 -10.17 -59.35
N GLN H 535 -20.57 -10.54 -60.60
CA GLN H 535 -19.39 -10.15 -61.35
C GLN H 535 -19.60 -8.74 -61.92
N ARG H 536 -18.90 -7.76 -61.37
CA ARG H 536 -19.10 -6.37 -61.76
C ARG H 536 -17.76 -5.64 -61.77
N GLY H 537 -17.71 -4.55 -62.54
CA GLY H 537 -16.51 -3.77 -62.67
C GLY H 537 -16.45 -2.59 -61.72
N MET H 538 -15.24 -2.10 -61.48
CA MET H 538 -15.03 -0.96 -60.60
C MET H 538 -13.75 -0.26 -60.99
N THR H 539 -13.63 1.01 -60.60
CA THR H 539 -12.49 1.82 -61.00
C THR H 539 -11.21 1.31 -60.35
N LEU H 540 -10.08 1.54 -61.05
CA LEU H 540 -8.79 1.08 -60.56
C LEU H 540 -8.40 1.78 -59.26
N TYR H 541 -8.66 3.09 -59.17
CA TYR H 541 -8.24 3.83 -57.98
C TYR H 541 -9.00 3.36 -56.74
N GLN H 542 -10.30 3.12 -56.87
CA GLN H 542 -11.09 2.61 -55.75
C GLN H 542 -10.61 1.21 -55.35
N TRP H 543 -10.23 0.39 -56.34
CA TRP H 543 -9.70 -0.92 -56.03
C TRP H 543 -8.36 -0.82 -55.31
N VAL H 544 -7.51 0.13 -55.69
CA VAL H 544 -6.23 0.30 -55.00
C VAL H 544 -6.47 0.77 -53.56
N ARG H 545 -7.48 1.62 -53.35
CA ARG H 545 -7.86 1.98 -51.99
C ARG H 545 -8.32 0.76 -51.21
N MET H 546 -9.12 -0.10 -51.85
CA MET H 546 -9.55 -1.36 -51.26
C MET H 546 -8.35 -2.17 -50.80
N ILE H 547 -7.37 -2.31 -51.70
CA ILE H 547 -6.17 -3.11 -51.42
C ILE H 547 -5.39 -2.51 -50.26
N LEU H 548 -5.19 -1.20 -50.27
CA LEU H 548 -4.39 -0.58 -49.21
C LEU H 548 -5.07 -0.75 -47.86
N CYS H 549 -6.39 -0.55 -47.81
CA CYS H 549 -7.10 -0.73 -46.55
C CYS H 549 -7.00 -2.16 -46.04
N LEU H 550 -7.16 -3.15 -46.94
CA LEU H 550 -7.14 -4.54 -46.51
C LEU H 550 -5.74 -4.97 -46.10
N GLU H 551 -4.71 -4.47 -46.80
CA GLU H 551 -3.33 -4.74 -46.41
C GLU H 551 -3.02 -4.15 -45.04
N PHE H 552 -3.50 -2.93 -44.77
CA PHE H 552 -3.29 -2.35 -43.45
C PHE H 552 -3.98 -3.19 -42.37
N LEU H 553 -5.21 -3.62 -42.64
CA LEU H 553 -5.95 -4.43 -41.67
C LEU H 553 -5.22 -5.75 -41.42
N MET H 554 -4.70 -6.38 -42.46
CA MET H 554 -3.94 -7.62 -42.29
C MET H 554 -2.66 -7.38 -41.51
N ALA H 555 -1.96 -6.28 -41.80
CA ALA H 555 -0.69 -6.00 -41.14
C ALA H 555 -0.87 -5.76 -39.64
N ILE H 556 -1.90 -4.98 -39.27
CA ILE H 556 -2.13 -4.71 -37.85
C ILE H 556 -2.68 -5.91 -37.11
N TYR H 557 -3.08 -6.96 -37.82
CA TYR H 557 -3.61 -8.17 -37.20
C TYR H 557 -2.78 -9.39 -37.58
N ASN H 558 -1.46 -9.24 -37.51
CA ASN H 558 -0.54 -10.32 -37.89
C ASN H 558 -0.32 -11.24 -36.70
N ASN H 559 -0.85 -12.44 -36.79
CA ASN H 559 -0.68 -13.50 -35.81
C ASN H 559 -0.45 -14.81 -36.57
N PRO H 560 0.06 -15.85 -35.90
CA PRO H 560 0.34 -17.10 -36.62
C PRO H 560 -0.87 -17.67 -37.35
N GLN H 561 -2.08 -17.44 -36.84
CA GLN H 561 -3.26 -17.86 -37.57
C GLN H 561 -3.34 -17.18 -38.93
N MET H 562 -3.08 -15.86 -38.97
CA MET H 562 -3.09 -15.13 -40.23
C MET H 562 -2.11 -15.73 -41.22
N GLU H 563 -0.86 -15.92 -40.80
CA GLU H 563 0.17 -16.40 -41.73
C GLU H 563 -0.12 -17.82 -42.19
N GLY H 564 -0.52 -18.71 -41.27
CA GLY H 564 -0.82 -20.07 -41.67
C GLY H 564 -1.99 -20.13 -42.64
N PHE H 565 -3.08 -19.44 -42.32
CA PHE H 565 -4.23 -19.42 -43.21
C PHE H 565 -3.87 -18.84 -44.57
N LEU H 566 -3.07 -17.77 -44.58
CA LEU H 566 -2.74 -17.11 -45.83
C LEU H 566 -1.84 -17.98 -46.71
N ALA H 567 -0.83 -18.61 -46.09
CA ALA H 567 0.05 -19.50 -46.84
C ALA H 567 -0.70 -20.70 -47.39
N ASN H 568 -1.61 -21.27 -46.60
CA ASN H 568 -2.39 -22.40 -47.10
C ASN H 568 -3.47 -21.97 -48.09
N MET H 569 -3.88 -20.70 -48.06
CA MET H 569 -4.88 -20.19 -48.99
C MET H 569 -4.27 -19.79 -50.32
N ARG H 570 -2.96 -19.53 -50.36
CA ARG H 570 -2.30 -19.28 -51.64
C ARG H 570 -2.54 -20.43 -52.62
N ARG H 571 -2.52 -21.67 -52.14
CA ARG H 571 -2.74 -22.81 -53.02
C ARG H 571 -4.16 -22.82 -53.58
N LEU H 572 -5.16 -22.54 -52.73
CA LEU H 572 -6.53 -22.48 -53.21
C LEU H 572 -6.72 -21.35 -54.20
N HIS H 573 -6.05 -20.22 -53.96
CA HIS H 573 -6.10 -19.11 -54.92
C HIS H 573 -5.50 -19.52 -56.26
N MET H 574 -4.38 -20.24 -56.22
CA MET H 574 -3.78 -20.75 -57.45
C MET H 574 -4.73 -21.69 -58.18
N SER H 575 -5.38 -22.59 -57.45
CA SER H 575 -6.31 -23.53 -58.08
C SER H 575 -7.51 -22.80 -58.68
N ARG H 576 -8.02 -21.79 -57.98
CA ARG H 576 -9.15 -21.02 -58.49
C ARG H 576 -8.76 -20.26 -59.76
N HIS H 577 -7.55 -19.68 -59.78
CA HIS H 577 -7.06 -19.04 -61.00
C HIS H 577 -6.94 -20.05 -62.14
N ALA H 578 -6.42 -21.24 -61.84
CA ALA H 578 -6.28 -22.26 -62.86
C ALA H 578 -7.62 -22.66 -63.44
N MET H 579 -8.65 -22.78 -62.59
CA MET H 579 -9.98 -23.09 -63.08
C MET H 579 -10.57 -21.93 -63.88
N MET H 580 -10.25 -20.68 -63.51
CA MET H 580 -10.69 -19.55 -64.32
C MET H 580 -10.10 -19.60 -65.72
N GLU H 581 -8.80 -19.91 -65.83
CA GLU H 581 -8.18 -20.01 -67.14
C GLU H 581 -8.33 -21.40 -67.75
N ARG H 582 -9.34 -22.16 -67.32
CA ARG H 582 -9.77 -23.39 -67.99
C ARG H 582 -8.68 -24.46 -68.00
N ARG H 583 -8.29 -24.88 -66.80
CA ARG H 583 -7.41 -26.04 -66.65
C ARG H 583 -7.91 -26.90 -65.50
N GLN H 584 -7.61 -28.20 -65.59
CA GLN H 584 -8.04 -29.16 -64.59
C GLN H 584 -6.98 -29.33 -63.52
N VAL H 585 -7.43 -29.47 -62.27
CA VAL H 585 -6.54 -29.64 -61.12
C VAL H 585 -6.75 -31.04 -60.55
N PHE H 586 -5.65 -31.70 -60.20
CA PHE H 586 -5.67 -33.08 -59.71
C PHE H 586 -5.19 -33.10 -58.26
N LEU H 587 -5.81 -33.98 -57.47
CA LEU H 587 -5.49 -34.11 -56.06
C LEU H 587 -5.22 -35.57 -55.71
N PRO H 588 -4.34 -35.82 -54.74
CA PRO H 588 -4.11 -37.21 -54.29
C PRO H 588 -5.33 -37.83 -53.61
N PHE H 589 -5.19 -39.07 -53.17
CA PHE H 589 -6.29 -39.78 -52.53
C PHE H 589 -6.76 -39.07 -51.26
N GLY H 590 -5.88 -38.98 -50.27
CA GLY H 590 -6.22 -38.33 -49.02
C GLY H 590 -5.87 -36.85 -49.02
N SER H 591 -6.30 -36.13 -50.05
CA SER H 591 -5.99 -34.72 -50.22
C SER H 591 -7.16 -33.89 -49.72
N ARG H 592 -6.97 -33.17 -48.62
CA ARG H 592 -7.96 -32.26 -48.06
C ARG H 592 -7.30 -30.93 -47.73
N PRO H 593 -6.99 -30.11 -48.74
CA PRO H 593 -6.42 -28.78 -48.47
C PRO H 593 -7.32 -27.91 -47.62
N GLU H 594 -8.64 -28.12 -47.68
CA GLU H 594 -9.57 -27.32 -46.89
C GLU H 594 -9.30 -27.46 -45.40
N ASP H 595 -8.89 -28.64 -44.93
CA ASP H 595 -8.57 -28.80 -43.52
C ASP H 595 -7.32 -28.01 -43.14
N LYS H 596 -6.29 -28.06 -43.99
CA LYS H 596 -5.07 -27.31 -43.74
C LYS H 596 -5.22 -25.82 -43.96
N VAL H 597 -6.35 -25.38 -44.51
CA VAL H 597 -6.67 -23.95 -44.46
C VAL H 597 -7.57 -23.64 -43.26
N ASN H 598 -8.36 -24.62 -42.82
CA ASN H 598 -9.33 -24.38 -41.76
C ASN H 598 -8.68 -24.29 -40.38
N GLU H 599 -7.65 -25.11 -40.12
CA GLU H 599 -7.18 -25.21 -38.73
C GLU H 599 -6.64 -23.88 -38.23
N CYS H 600 -6.31 -22.95 -39.13
CA CYS H 600 -5.83 -21.63 -38.76
C CYS H 600 -6.94 -20.61 -38.56
N ILE H 601 -8.18 -21.00 -38.77
CA ILE H 601 -9.33 -20.11 -38.59
C ILE H 601 -9.91 -20.39 -37.21
N ILE H 602 -9.57 -19.54 -36.25
CA ILE H 602 -10.10 -19.71 -34.89
C ILE H 602 -10.85 -18.46 -34.47
N ASN H 603 -10.12 -17.35 -34.29
CA ASN H 603 -10.77 -16.14 -33.79
C ASN H 603 -10.30 -14.87 -34.49
N ASN H 604 -9.49 -14.94 -35.53
CA ASN H 604 -8.99 -13.74 -36.18
C ASN H 604 -10.10 -13.08 -37.00
N PRO H 605 -10.42 -11.80 -36.76
CA PRO H 605 -11.49 -11.16 -37.55
C PRO H 605 -11.19 -11.13 -39.04
N ILE H 606 -9.99 -10.71 -39.43
CA ILE H 606 -9.67 -10.56 -40.85
C ILE H 606 -9.54 -11.93 -41.53
N VAL H 607 -9.04 -12.94 -40.80
CA VAL H 607 -9.00 -14.28 -41.38
C VAL H 607 -10.42 -14.74 -41.71
N ALA H 608 -11.35 -14.53 -40.79
CA ALA H 608 -12.75 -14.89 -41.06
C ALA H 608 -13.33 -14.04 -42.18
N TYR H 609 -12.94 -12.77 -42.27
CA TYR H 609 -13.44 -11.92 -43.35
C TYR H 609 -12.99 -12.43 -44.71
N LEU H 610 -11.71 -12.81 -44.83
CA LEU H 610 -11.22 -13.39 -46.07
C LEU H 610 -11.87 -14.74 -46.35
N ALA H 611 -12.12 -15.54 -45.31
CA ALA H 611 -12.81 -16.81 -45.52
C ALA H 611 -14.21 -16.59 -46.07
N LYS H 612 -14.93 -15.63 -45.51
CA LYS H 612 -16.28 -15.31 -46.00
C LYS H 612 -16.23 -14.77 -47.42
N GLY H 613 -15.25 -13.92 -47.72
CA GLY H 613 -15.12 -13.38 -49.07
C GLY H 613 -14.83 -14.47 -50.09
N TRP H 614 -13.96 -15.41 -49.74
CA TRP H 614 -13.68 -16.54 -50.63
C TRP H 614 -14.90 -17.42 -50.81
N ASN H 615 -15.65 -17.66 -49.73
CA ASN H 615 -16.84 -18.50 -49.81
C ASN H 615 -17.93 -17.85 -50.65
N SER H 616 -18.06 -16.52 -50.58
CA SER H 616 -19.08 -15.83 -51.36
C SER H 616 -18.84 -15.97 -52.86
N MET H 617 -17.57 -16.13 -53.27
CA MET H 617 -17.27 -16.32 -54.68
C MET H 617 -17.80 -17.67 -55.15
N PRO H 618 -18.16 -17.77 -56.44
CA PRO H 618 -18.67 -19.05 -56.95
C PRO H 618 -17.63 -20.16 -56.81
N ASN H 619 -18.12 -21.37 -56.53
CA ASN H 619 -17.25 -22.51 -56.30
C ASN H 619 -17.13 -23.45 -57.49
N VAL H 620 -18.10 -23.46 -58.40
CA VAL H 620 -18.05 -24.27 -59.61
C VAL H 620 -17.94 -23.33 -60.81
N TYR H 621 -16.97 -23.61 -61.68
CA TYR H 621 -16.66 -22.74 -62.80
C TYR H 621 -16.81 -23.49 -64.12
N TYR H 622 -17.44 -22.84 -65.09
CA TYR H 622 -17.67 -23.45 -66.39
C TYR H 622 -16.84 -22.76 -67.48
N MET I 1 -11.31 -11.61 -49.52
CA MET I 1 -10.53 -12.45 -50.42
C MET I 1 -10.92 -12.18 -51.87
N ASN I 2 -12.19 -11.85 -52.09
CA ASN I 2 -12.64 -11.51 -53.43
C ASN I 2 -11.95 -10.27 -53.96
N LEU I 3 -11.52 -9.38 -53.06
CA LEU I 3 -10.77 -8.20 -53.46
C LEU I 3 -9.41 -8.55 -54.06
N PHE I 4 -8.86 -9.72 -53.71
CA PHE I 4 -7.55 -10.15 -54.16
C PHE I 4 -7.59 -10.96 -55.45
N THR I 5 -8.78 -11.13 -56.05
CA THR I 5 -8.95 -11.99 -57.22
C THR I 5 -9.49 -11.14 -58.38
N PRO I 6 -8.61 -10.56 -59.19
CA PRO I 6 -9.07 -9.81 -60.36
C PRO I 6 -9.53 -10.73 -61.48
N LEU I 7 -10.24 -10.13 -62.44
CA LEU I 7 -10.70 -10.83 -63.63
C LEU I 7 -10.36 -10.14 -64.94
N SER I 8 -10.09 -8.84 -64.93
CA SER I 8 -9.82 -8.10 -66.15
C SER I 8 -8.58 -7.22 -65.97
N GLU I 9 -7.84 -7.06 -67.08
CA GLU I 9 -6.66 -6.21 -67.21
C GLU I 9 -5.47 -6.73 -66.41
N ILE I 10 -5.63 -7.80 -65.63
CA ILE I 10 -4.54 -8.37 -64.83
C ILE I 10 -4.96 -9.75 -64.35
N ASN I 11 -4.01 -10.66 -64.22
CA ASN I 11 -4.32 -12.01 -63.78
C ASN I 11 -4.01 -12.20 -62.31
N PRO I 12 -4.66 -13.16 -61.65
CA PRO I 12 -4.42 -13.36 -60.21
C PRO I 12 -3.00 -13.77 -59.87
N THR I 13 -2.21 -14.27 -60.84
CA THR I 13 -0.86 -14.71 -60.53
C THR I 13 0.01 -13.56 -60.04
N THR I 14 -0.07 -12.40 -60.72
CA THR I 14 0.74 -11.26 -60.32
C THR I 14 0.30 -10.70 -58.97
N THR I 15 -1.01 -10.64 -58.73
CA THR I 15 -1.50 -10.12 -57.47
C THR I 15 -1.41 -11.12 -56.33
N GLN I 16 -1.01 -12.36 -56.62
CA GLN I 16 -0.80 -13.34 -55.56
C GLN I 16 0.33 -12.94 -54.61
N GLU I 17 1.17 -11.99 -55.02
CA GLU I 17 2.16 -11.43 -54.10
C GLU I 17 1.49 -10.78 -52.90
N LEU I 18 0.24 -10.33 -53.06
CA LEU I 18 -0.51 -9.76 -51.95
C LEU I 18 -0.87 -10.81 -50.91
N LEU I 19 -0.76 -12.09 -51.25
CA LEU I 19 -1.10 -13.15 -50.32
C LEU I 19 0.09 -13.40 -49.39
N TYR I 20 0.60 -12.32 -48.79
CA TYR I 20 1.76 -12.38 -47.91
C TYR I 20 1.56 -11.41 -46.77
N ALA I 21 1.79 -11.87 -45.54
CA ALA I 21 1.57 -11.07 -44.35
C ALA I 21 2.80 -10.19 -44.08
N TYR I 22 3.00 -9.23 -44.97
CA TYR I 22 4.12 -8.32 -44.86
C TYR I 22 3.83 -7.24 -43.81
N THR I 23 4.89 -6.55 -43.40
CA THR I 23 4.81 -5.40 -42.50
C THR I 23 4.08 -5.76 -41.20
N GLY I 24 4.20 -7.00 -40.75
CA GLY I 24 3.57 -7.43 -39.53
C GLY I 24 4.56 -8.10 -38.60
N PRO I 25 4.22 -8.14 -37.31
CA PRO I 25 5.12 -8.80 -36.34
C PRO I 25 5.24 -10.29 -36.62
N ALA I 26 6.44 -10.73 -36.91
CA ALA I 26 6.69 -12.15 -37.10
C ALA I 26 6.49 -12.88 -35.76
N PRO I 27 5.91 -14.08 -35.79
CA PRO I 27 5.67 -14.81 -34.53
C PRO I 27 6.98 -15.09 -33.81
N VAL I 28 6.93 -14.99 -32.48
CA VAL I 28 8.07 -15.29 -31.62
C VAL I 28 7.61 -16.30 -30.57
N ALA I 29 8.43 -17.31 -30.35
CA ALA I 29 8.06 -18.41 -29.48
C ALA I 29 8.42 -18.10 -28.03
N TYR I 30 7.50 -18.43 -27.12
CA TYR I 30 7.68 -18.24 -25.69
C TYR I 30 7.75 -19.58 -24.97
N GLY I 31 8.35 -19.54 -23.79
CA GLY I 31 8.33 -20.67 -22.89
C GLY I 31 9.15 -21.85 -23.36
N THR I 32 8.77 -23.02 -22.84
CA THR I 32 9.52 -24.25 -23.06
C THR I 32 9.28 -24.80 -24.46
N ARG I 33 10.35 -25.32 -25.05
CA ARG I 33 10.29 -26.03 -26.32
C ARG I 33 10.17 -27.53 -26.13
N THR I 34 9.93 -27.98 -24.89
CA THR I 34 9.95 -29.41 -24.60
C THR I 34 8.86 -30.15 -25.36
N ARG I 35 7.64 -29.60 -25.41
CA ARG I 35 6.56 -30.28 -26.10
C ARG I 35 6.86 -30.41 -27.60
N ALA I 36 7.38 -29.34 -28.21
CA ALA I 36 7.69 -29.38 -29.64
C ALA I 36 8.81 -30.39 -29.92
N VAL I 37 9.85 -30.41 -29.10
CA VAL I 37 10.96 -31.34 -29.31
C VAL I 37 10.48 -32.77 -29.13
N LEU I 38 9.66 -33.02 -28.11
CA LEU I 38 9.14 -34.37 -27.89
C LEU I 38 8.24 -34.81 -29.05
N GLU I 39 7.41 -33.92 -29.55
CA GLU I 39 6.59 -34.26 -30.71
C GLU I 39 7.45 -34.55 -31.93
N ASN I 40 8.49 -33.74 -32.15
CA ASN I 40 9.41 -33.97 -33.26
C ASN I 40 10.06 -35.34 -33.14
N ILE I 41 10.46 -35.72 -31.94
CA ILE I 41 11.10 -37.03 -31.74
C ILE I 41 10.10 -38.15 -31.93
N ILE I 42 8.85 -37.96 -31.50
CA ILE I 42 7.89 -39.06 -31.48
C ILE I 42 7.19 -39.27 -32.81
N ARG I 43 7.16 -38.27 -33.69
CA ARG I 43 6.49 -38.46 -34.98
C ARG I 43 7.10 -39.58 -35.80
N PRO I 44 8.41 -39.69 -36.00
CA PRO I 44 8.93 -40.80 -36.82
C PRO I 44 8.62 -42.18 -36.27
N TYR I 45 8.57 -42.32 -34.94
CA TYR I 45 8.26 -43.62 -34.35
C TYR I 45 6.79 -44.00 -34.53
N GLN I 46 5.93 -43.04 -34.83
CA GLN I 46 4.51 -43.30 -35.02
C GLN I 46 4.15 -43.59 -36.47
N TYR I 47 5.10 -43.51 -37.39
CA TYR I 47 4.83 -43.76 -38.80
C TYR I 47 5.66 -44.91 -39.37
N PHE I 48 6.48 -45.58 -38.56
CA PHE I 48 7.26 -46.70 -39.05
C PHE I 48 6.36 -47.85 -39.50
N TYR I 49 5.33 -48.15 -38.72
CA TYR I 49 4.39 -49.22 -39.04
C TYR I 49 3.05 -48.62 -39.44
N LYS I 50 2.29 -49.38 -40.24
CA LYS I 50 0.95 -48.95 -40.61
C LYS I 50 0.06 -48.82 -39.39
N GLU I 51 0.12 -49.79 -38.49
CA GLU I 51 -0.57 -49.68 -37.21
C GLU I 51 0.32 -48.93 -36.23
N PRO I 52 -0.19 -47.88 -35.59
CA PRO I 52 0.66 -47.08 -34.68
C PRO I 52 1.06 -47.85 -33.44
N ASN I 53 2.34 -48.22 -33.35
CA ASN I 53 2.88 -48.94 -32.19
C ASN I 53 4.23 -48.30 -31.88
N VAL I 54 4.21 -47.33 -30.97
CA VAL I 54 5.43 -46.59 -30.63
C VAL I 54 6.43 -47.52 -29.95
N GLN I 55 5.97 -48.36 -29.03
CA GLN I 55 6.88 -49.20 -28.24
C GLN I 55 7.63 -50.18 -29.14
N ARG I 56 6.95 -50.77 -30.12
CA ARG I 56 7.61 -51.73 -30.99
C ARG I 56 8.68 -51.08 -31.85
N ALA I 57 8.53 -49.79 -32.16
CA ALA I 57 9.49 -49.08 -33.00
C ALA I 57 10.62 -48.43 -32.21
N LEU I 58 10.59 -48.50 -30.88
CA LEU I 58 11.65 -47.88 -30.09
C LEU I 58 12.95 -48.67 -30.17
N ASP I 59 12.87 -49.98 -30.40
CA ASP I 59 14.05 -50.83 -30.47
C ASP I 59 14.61 -50.95 -31.88
N ILE I 60 14.04 -50.23 -32.85
CA ILE I 60 14.50 -50.32 -34.24
C ILE I 60 15.73 -49.44 -34.39
N LYS I 61 16.85 -50.07 -34.75
CA LYS I 61 18.13 -49.37 -34.92
C LYS I 61 18.44 -49.07 -36.37
N THR I 62 17.55 -49.43 -37.30
CA THR I 62 17.76 -49.17 -38.73
C THR I 62 16.41 -49.10 -39.42
N GLY I 63 16.18 -48.02 -40.15
CA GLY I 63 14.91 -47.80 -40.80
C GLY I 63 14.61 -48.72 -41.97
N CYS I 64 15.41 -49.77 -42.14
CA CYS I 64 15.13 -50.75 -43.18
C CYS I 64 13.80 -51.44 -42.90
N LYS I 65 12.97 -51.52 -43.93
CA LYS I 65 11.63 -52.08 -43.80
C LYS I 65 11.28 -52.80 -45.09
N GLU I 66 10.00 -53.15 -45.24
CA GLU I 66 9.53 -53.89 -46.40
C GLU I 66 8.47 -53.10 -47.14
N PRO I 67 8.33 -53.32 -48.45
CA PRO I 67 7.29 -52.61 -49.21
C PRO I 67 5.88 -52.84 -48.69
N GLU I 68 5.59 -54.04 -48.17
CA GLU I 68 4.26 -54.31 -47.65
C GLU I 68 3.98 -53.50 -46.39
N ASP I 69 5.02 -53.10 -45.65
CA ASP I 69 4.86 -52.33 -44.43
C ASP I 69 4.78 -50.83 -44.68
N ILE I 70 5.06 -50.38 -45.90
CA ILE I 70 5.01 -48.96 -46.21
C ILE I 70 3.57 -48.50 -46.28
N ASN I 71 3.26 -47.41 -45.57
CA ASN I 71 1.91 -46.85 -45.54
C ASN I 71 1.74 -45.90 -46.71
N VAL I 72 0.81 -46.23 -47.62
CA VAL I 72 0.55 -45.39 -48.77
C VAL I 72 -0.56 -44.37 -48.53
N GLU I 73 -1.35 -44.53 -47.47
CA GLU I 73 -2.42 -43.61 -47.13
C GLU I 73 -2.03 -42.62 -46.05
N GLY I 74 -0.75 -42.59 -45.67
CA GLY I 74 -0.29 -41.70 -44.64
C GLY I 74 1.22 -41.63 -44.58
N PRO I 75 1.75 -40.82 -43.66
CA PRO I 75 3.21 -40.72 -43.53
C PRO I 75 3.84 -42.05 -43.16
N SER I 76 5.02 -42.31 -43.72
CA SER I 76 5.77 -43.53 -43.46
C SER I 76 7.22 -43.17 -43.23
N SER I 77 7.78 -43.63 -42.11
CA SER I 77 9.16 -43.37 -41.76
C SER I 77 9.97 -44.65 -41.91
N GLY I 78 11.11 -44.54 -42.59
CA GLY I 78 11.97 -45.67 -42.85
C GLY I 78 12.44 -45.66 -44.28
N PHE I 79 13.05 -46.77 -44.70
CA PHE I 79 13.55 -46.90 -46.05
C PHE I 79 13.65 -48.38 -46.39
N HIS I 80 13.87 -48.66 -47.68
CA HIS I 80 14.09 -50.00 -48.17
C HIS I 80 15.51 -50.09 -48.71
N THR I 81 16.30 -51.02 -48.19
CA THR I 81 17.73 -51.06 -48.50
C THR I 81 17.97 -51.32 -49.98
N ALA I 82 17.27 -52.32 -50.54
CA ALA I 82 17.45 -52.62 -51.96
C ALA I 82 16.97 -51.46 -52.83
N SER I 83 15.88 -50.79 -52.41
CA SER I 83 15.42 -49.61 -53.12
C SER I 83 16.48 -48.51 -53.13
N VAL I 84 17.09 -48.27 -51.97
CA VAL I 84 18.14 -47.25 -51.91
C VAL I 84 19.31 -47.63 -52.79
N LEU I 85 19.72 -48.90 -52.76
CA LEU I 85 20.81 -49.35 -53.63
C LEU I 85 20.50 -49.11 -55.10
N LYS I 86 19.30 -49.54 -55.55
CA LYS I 86 18.97 -49.42 -56.96
C LYS I 86 18.84 -47.95 -57.37
N LEU I 87 18.21 -47.12 -56.54
CA LEU I 87 18.06 -45.71 -56.88
C LEU I 87 19.41 -44.99 -56.90
N ALA I 88 20.30 -45.34 -55.97
CA ALA I 88 21.65 -44.77 -55.98
C ALA I 88 22.40 -45.18 -57.24
N ASP I 89 22.27 -46.45 -57.65
CA ASP I 89 22.92 -46.89 -58.88
C ASP I 89 22.35 -46.14 -60.09
N ASN I 90 21.03 -45.94 -60.13
CA ASN I 90 20.41 -45.22 -61.23
C ASN I 90 20.91 -43.78 -61.29
N PHE I 91 21.02 -43.11 -60.14
CA PHE I 91 21.58 -41.77 -60.11
C PHE I 91 23.05 -41.77 -60.51
N PHE I 92 23.79 -42.82 -60.15
CA PHE I 92 25.19 -42.94 -60.56
C PHE I 92 25.32 -43.12 -62.06
N ARG I 93 24.29 -43.67 -62.72
CA ARG I 93 24.35 -43.85 -64.16
C ARG I 93 24.47 -42.51 -64.89
N LYS I 94 23.74 -41.51 -64.44
CA LYS I 94 23.70 -40.20 -65.07
C LYS I 94 24.51 -39.19 -64.24
N TYR I 95 24.61 -37.97 -64.76
CA TYR I 95 25.33 -36.87 -64.11
C TYR I 95 26.79 -37.25 -63.83
N ARG I 96 27.45 -37.78 -64.87
CA ARG I 96 28.86 -38.14 -64.75
C ARG I 96 29.78 -36.94 -64.48
N PRO I 97 29.65 -35.80 -65.18
CA PRO I 97 30.61 -34.70 -64.93
C PRO I 97 30.61 -34.20 -63.50
N ALA I 98 29.45 -34.16 -62.84
CA ALA I 98 29.42 -33.70 -61.45
C ALA I 98 30.19 -34.65 -60.54
N MET I 99 30.05 -35.96 -60.77
CA MET I 99 30.81 -36.93 -59.99
C MET I 99 32.29 -36.84 -60.28
N GLU I 100 32.67 -36.61 -61.54
CA GLU I 100 34.07 -36.41 -61.87
C GLU I 100 34.63 -35.17 -61.15
N LYS I 101 33.82 -34.12 -61.07
CA LYS I 101 34.28 -32.90 -60.40
C LYS I 101 34.38 -33.10 -58.88
N LEU I 102 33.49 -33.89 -58.28
CA LEU I 102 33.65 -34.15 -56.86
C LEU I 102 34.85 -35.06 -56.61
N LYS I 103 35.16 -35.94 -57.57
CA LYS I 103 36.40 -36.71 -57.48
C LYS I 103 37.61 -35.79 -57.53
N TYR I 104 37.56 -34.77 -58.41
CA TYR I 104 38.60 -33.74 -58.39
C TYR I 104 38.68 -33.06 -57.04
N TRP I 105 37.52 -32.74 -56.45
CA TRP I 105 37.49 -32.14 -55.11
C TRP I 105 38.18 -33.02 -54.08
N ILE I 106 37.79 -34.30 -54.01
CA ILE I 106 38.30 -35.19 -52.98
C ILE I 106 39.78 -35.49 -53.18
N LEU I 107 40.25 -35.54 -54.43
CA LEU I 107 41.63 -35.91 -54.70
C LEU I 107 42.57 -34.71 -54.82
N VAL I 108 42.07 -33.48 -54.81
CA VAL I 108 42.89 -32.29 -55.02
C VAL I 108 42.88 -31.37 -53.80
N LYS I 109 41.71 -30.80 -53.46
CA LYS I 109 41.69 -29.69 -52.53
C LYS I 109 40.68 -29.82 -51.39
N LEU I 110 40.08 -31.00 -51.19
CA LEU I 110 39.31 -31.21 -49.96
C LEU I 110 40.20 -31.19 -48.74
N PRO I 111 41.35 -31.88 -48.69
CA PRO I 111 42.25 -31.72 -47.54
C PRO I 111 42.79 -30.30 -47.39
N LYS I 112 42.77 -29.50 -48.45
CA LYS I 112 43.23 -28.12 -48.36
C LYS I 112 42.36 -27.28 -47.42
N LEU I 113 41.13 -27.73 -47.16
CA LEU I 113 40.24 -26.99 -46.27
C LEU I 113 40.83 -26.94 -44.86
N LYS I 114 40.64 -25.80 -44.19
CA LYS I 114 41.16 -25.56 -42.86
C LYS I 114 40.03 -25.60 -41.85
N TYR I 115 40.37 -25.31 -40.59
CA TYR I 115 39.38 -25.24 -39.51
C TYR I 115 39.16 -23.82 -39.00
N ALA I 116 39.99 -22.87 -39.40
CA ALA I 116 39.81 -21.49 -38.95
C ALA I 116 38.50 -20.90 -39.48
N GLU I 117 38.17 -21.20 -40.74
CA GLU I 117 36.93 -20.70 -41.31
C GLU I 117 35.69 -21.30 -40.67
N LEU I 118 35.84 -22.43 -39.95
CA LEU I 118 34.74 -22.94 -39.14
C LEU I 118 34.33 -21.95 -38.07
N SER I 119 35.20 -20.99 -37.74
CA SER I 119 34.85 -19.90 -36.83
C SER I 119 33.67 -19.08 -37.34
N LYS I 120 33.40 -19.13 -38.65
CA LYS I 120 32.27 -18.40 -39.23
C LYS I 120 30.94 -19.12 -39.04
N GLY I 121 30.87 -20.07 -38.12
CA GLY I 121 29.66 -20.84 -37.90
C GLY I 121 28.66 -20.13 -37.00
N ARG I 122 27.62 -20.88 -36.64
CA ARG I 122 26.52 -20.39 -35.83
C ARG I 122 26.86 -20.59 -34.35
N GLN I 123 25.99 -20.11 -33.47
CA GLN I 123 26.20 -20.22 -32.03
C GLN I 123 26.37 -21.67 -31.61
N THR I 124 27.35 -21.91 -30.74
CA THR I 124 27.69 -23.23 -30.24
C THR I 124 27.30 -23.36 -28.78
N TYR I 125 27.35 -24.60 -28.29
CA TYR I 125 27.17 -24.90 -26.87
C TYR I 125 28.45 -25.56 -26.36
N SER I 126 29.19 -24.85 -25.51
CA SER I 126 30.45 -25.37 -25.01
C SER I 126 30.20 -26.50 -24.03
N PHE I 127 30.92 -27.60 -24.19
CA PHE I 127 30.77 -28.77 -23.33
C PHE I 127 31.60 -28.68 -22.06
N ILE I 128 32.39 -27.62 -21.88
CA ILE I 128 33.10 -27.37 -20.65
C ILE I 128 32.35 -26.37 -19.77
N HIS I 129 32.00 -25.22 -20.33
CA HIS I 129 31.28 -24.19 -19.60
C HIS I 129 29.79 -24.48 -19.49
N LYS I 130 29.27 -25.44 -20.26
CA LYS I 130 27.85 -25.78 -20.27
C LYS I 130 26.99 -24.55 -20.57
N ARG I 131 27.42 -23.75 -21.55
CA ARG I 131 26.76 -22.50 -21.88
C ARG I 131 26.81 -22.28 -23.38
N ASN I 132 25.86 -21.51 -23.89
CA ASN I 132 25.83 -21.13 -25.29
C ASN I 132 26.84 -20.01 -25.53
N LEU I 133 27.82 -20.26 -26.38
CA LEU I 133 28.90 -19.32 -26.67
C LEU I 133 29.08 -19.18 -28.17
N PRO I 134 29.61 -18.04 -28.62
CA PRO I 134 29.83 -17.85 -30.06
C PRO I 134 30.88 -18.80 -30.61
N ALA I 135 30.83 -18.97 -31.94
CA ALA I 135 31.73 -19.90 -32.62
C ALA I 135 33.21 -19.60 -32.43
N PRO I 136 33.70 -18.34 -32.50
CA PRO I 136 35.16 -18.14 -32.41
C PRO I 136 35.77 -18.61 -31.10
N ILE I 137 35.22 -18.18 -29.96
CA ILE I 137 35.79 -18.58 -28.68
C ILE I 137 35.62 -20.09 -28.48
N ALA I 138 34.54 -20.67 -29.00
CA ALA I 138 34.40 -22.12 -28.94
C ALA I 138 35.49 -22.83 -29.72
N LEU I 139 35.84 -22.31 -30.90
CA LEU I 139 36.91 -22.89 -31.69
C LEU I 139 38.26 -22.78 -30.98
N GLU I 140 38.53 -21.62 -30.36
CA GLU I 140 39.77 -21.45 -29.61
C GLU I 140 39.82 -22.42 -28.43
N GLU I 141 38.72 -22.56 -27.71
CA GLU I 141 38.67 -23.50 -26.60
C GLU I 141 38.88 -24.93 -27.08
N THR I 142 38.27 -25.28 -28.22
CA THR I 142 38.42 -26.63 -28.77
C THR I 142 39.86 -26.91 -29.16
N VAL I 143 40.51 -25.97 -29.85
CA VAL I 143 41.89 -26.22 -30.28
C VAL I 143 42.82 -26.25 -29.07
N GLU I 144 42.56 -25.43 -28.05
CA GLU I 144 43.36 -25.51 -26.84
C GLU I 144 43.21 -26.86 -26.15
N PHE I 145 41.97 -27.36 -26.06
CA PHE I 145 41.73 -28.67 -25.46
C PHE I 145 42.44 -29.76 -26.26
N LEU I 146 42.35 -29.69 -27.59
CA LEU I 146 43.00 -30.69 -28.44
C LEU I 146 44.51 -30.67 -28.29
N GLU I 147 45.11 -29.48 -28.22
CA GLU I 147 46.56 -29.41 -28.11
C GLU I 147 47.04 -29.80 -26.72
N GLN I 148 46.24 -29.58 -25.68
CA GLN I 148 46.65 -29.96 -24.34
C GLN I 148 46.33 -31.41 -24.00
N ASN I 149 45.50 -32.08 -24.79
CA ASN I 149 45.27 -33.51 -24.57
C ASN I 149 46.02 -34.41 -25.54
N LEU I 150 46.24 -33.97 -26.79
CA LEU I 150 46.88 -34.81 -27.79
C LEU I 150 48.40 -34.74 -27.72
N ARG I 151 48.96 -33.84 -26.91
CA ARG I 151 50.41 -33.68 -26.74
C ARG I 151 51.11 -33.28 -28.04
N ARG I 152 50.38 -32.70 -28.98
CA ARG I 152 50.99 -32.23 -30.22
C ARG I 152 50.11 -31.15 -30.82
N LYS I 153 50.72 -30.28 -31.61
CA LYS I 153 50.01 -29.16 -32.22
C LYS I 153 49.10 -29.66 -33.34
N ILE I 154 47.93 -29.04 -33.44
CA ILE I 154 46.95 -29.38 -34.46
C ILE I 154 47.29 -28.66 -35.76
N GLY I 155 47.42 -29.41 -36.85
CA GLY I 155 47.74 -28.83 -38.13
C GLY I 155 46.63 -27.96 -38.67
N PRO I 156 46.99 -27.00 -39.54
CA PRO I 156 45.97 -26.09 -40.08
C PRO I 156 44.90 -26.80 -40.92
N THR I 157 45.25 -27.89 -41.58
CA THR I 157 44.29 -28.60 -42.42
C THR I 157 43.17 -29.20 -41.58
N LEU I 158 41.97 -29.26 -42.17
CA LEU I 158 40.83 -29.82 -41.46
C LEU I 158 40.98 -31.31 -41.21
N LEU I 159 41.65 -32.03 -42.12
CA LEU I 159 41.91 -33.44 -41.88
C LEU I 159 42.79 -33.65 -40.66
N SER I 160 43.70 -32.72 -40.40
CA SER I 160 44.47 -32.77 -39.16
C SER I 160 43.55 -32.67 -37.95
N TYR I 161 42.56 -31.79 -38.01
CA TYR I 161 41.57 -31.70 -36.95
C TYR I 161 40.79 -33.00 -36.80
N CYS I 162 40.42 -33.62 -37.93
CA CYS I 162 39.67 -34.87 -37.88
C CYS I 162 40.48 -35.96 -37.18
N GLN I 163 41.75 -36.12 -37.59
CA GLN I 163 42.61 -37.10 -36.96
C GLN I 163 42.85 -36.77 -35.50
N ALA I 164 42.95 -35.48 -35.17
CA ALA I 164 43.13 -35.08 -33.78
C ALA I 164 41.94 -35.48 -32.92
N ILE I 165 40.72 -35.27 -33.43
CA ILE I 165 39.53 -35.69 -32.68
C ILE I 165 39.52 -37.20 -32.53
N ALA I 166 39.80 -37.92 -33.61
CA ALA I 166 39.78 -39.39 -33.56
C ALA I 166 40.78 -39.92 -32.54
N ASP I 167 41.96 -39.29 -32.45
CA ASP I 167 42.97 -39.75 -31.51
C ASP I 167 42.65 -39.32 -30.07
N VAL I 168 42.11 -38.11 -29.89
CA VAL I 168 41.88 -37.63 -28.53
C VAL I 168 40.71 -38.38 -27.89
N MET I 169 39.73 -38.81 -28.68
CA MET I 169 38.61 -39.51 -28.06
C MET I 169 38.98 -40.91 -27.58
N GLU I 170 40.18 -41.39 -27.90
CA GLU I 170 40.65 -42.69 -27.45
C GLU I 170 41.59 -42.60 -26.25
N LEU I 171 41.68 -41.43 -25.61
CA LEU I 171 42.56 -41.22 -24.48
C LEU I 171 41.88 -41.48 -23.13
N ASP I 172 40.64 -42.00 -23.16
CA ASP I 172 39.89 -42.31 -21.95
C ASP I 172 39.71 -41.08 -21.07
N GLU I 173 40.54 -40.96 -20.03
CA GLU I 173 40.44 -39.83 -19.11
C GLU I 173 41.03 -38.58 -19.76
N THR I 174 40.25 -37.49 -19.73
CA THR I 174 40.69 -36.23 -20.29
C THR I 174 40.29 -35.10 -19.36
N THR I 175 41.05 -34.01 -19.42
CA THR I 175 40.76 -32.81 -18.64
C THR I 175 41.10 -31.59 -19.49
N TYR I 176 40.38 -30.49 -19.25
CA TYR I 176 40.59 -29.28 -20.04
C TYR I 176 41.77 -28.46 -19.54
N GLU I 177 41.67 -27.95 -18.31
CA GLU I 177 42.69 -27.07 -17.74
C GLU I 177 42.28 -26.63 -16.34
N TYR I 210 39.16 -24.30 -11.83
CA TYR I 210 39.07 -24.95 -13.13
C TYR I 210 39.32 -26.45 -13.02
N THR I 211 40.23 -26.96 -13.86
CA THR I 211 40.57 -28.38 -13.93
C THR I 211 39.32 -29.22 -14.15
N ILE I 212 38.68 -28.99 -15.29
CA ILE I 212 37.45 -29.68 -15.65
C ILE I 212 37.82 -31.02 -16.30
N LYS I 213 37.52 -32.11 -15.60
CA LYS I 213 37.85 -33.45 -16.07
C LYS I 213 36.71 -34.02 -16.91
N PHE I 214 37.01 -35.10 -17.62
CA PHE I 214 36.03 -35.77 -18.47
C PHE I 214 36.41 -37.25 -18.58
N SER I 215 35.45 -38.04 -19.05
CA SER I 215 35.63 -39.46 -19.26
C SER I 215 35.17 -39.82 -20.67
N ARG I 216 35.47 -41.06 -21.07
CA ARG I 216 35.07 -41.53 -22.40
C ARG I 216 33.57 -41.49 -22.57
N GLU I 217 32.82 -41.94 -21.56
CA GLU I 217 31.37 -41.87 -21.61
C GLU I 217 30.89 -40.42 -21.68
N GLU I 218 31.56 -39.52 -20.97
CA GLU I 218 31.20 -38.11 -21.03
C GLU I 218 31.44 -37.55 -22.44
N LEU I 219 32.57 -37.90 -23.06
CA LEU I 219 32.83 -37.44 -24.41
C LEU I 219 31.80 -38.00 -25.40
N TRP I 220 31.42 -39.27 -25.25
CA TRP I 220 30.40 -39.83 -26.13
C TRP I 220 29.06 -39.15 -25.93
N ASP I 221 28.71 -38.85 -24.67
CA ASP I 221 27.45 -38.14 -24.41
C ASP I 221 27.47 -36.76 -25.03
N GLN I 222 28.61 -36.07 -24.96
CA GLN I 222 28.73 -34.76 -25.60
C GLN I 222 28.61 -34.88 -27.12
N MET I 223 29.17 -35.95 -27.69
CA MET I 223 28.98 -36.21 -29.12
C MET I 223 27.51 -36.41 -29.44
N ARG I 224 26.80 -37.16 -28.61
CA ARG I 224 25.41 -37.49 -28.86
C ARG I 224 24.47 -36.31 -28.60
N THR I 225 24.87 -35.36 -27.76
CA THR I 225 23.98 -34.28 -27.36
C THR I 225 23.76 -33.31 -28.52
N LEU I 226 22.48 -33.00 -28.78
CA LEU I 226 22.09 -31.98 -29.74
C LEU I 226 21.38 -30.85 -29.02
N ASN I 227 21.68 -29.61 -29.41
CA ASN I 227 21.17 -28.44 -28.71
C ASN I 227 19.98 -27.88 -29.48
N THR I 228 18.78 -28.08 -28.95
CA THR I 228 17.56 -27.58 -29.58
C THR I 228 17.29 -26.14 -29.16
N MET I 229 16.68 -25.38 -30.07
CA MET I 229 16.37 -23.99 -29.78
C MET I 229 15.22 -23.55 -30.68
N TRP I 230 14.38 -22.68 -30.14
CA TRP I 230 13.25 -22.15 -30.91
C TRP I 230 13.73 -21.43 -32.16
N LYS I 231 13.02 -21.64 -33.27
CA LYS I 231 13.32 -20.94 -34.50
C LYS I 231 12.72 -19.54 -34.45
N HIS I 232 13.56 -18.53 -34.50
CA HIS I 232 13.12 -17.14 -34.43
C HIS I 232 12.91 -16.58 -35.83
N LEU I 233 11.96 -15.65 -35.95
CA LEU I 233 11.65 -14.98 -37.20
C LEU I 233 11.24 -15.99 -38.28
N GLU I 234 10.27 -16.83 -37.95
CA GLU I 234 9.74 -17.83 -38.87
C GLU I 234 8.33 -17.45 -39.28
N ARG I 235 8.08 -17.48 -40.58
CA ARG I 235 6.78 -17.14 -41.15
C ARG I 235 6.35 -18.23 -42.13
N GLY I 236 5.04 -18.46 -42.19
CA GLY I 236 4.51 -19.40 -43.16
C GLY I 236 3.61 -20.48 -42.59
N ARG I 237 3.62 -20.66 -41.27
CA ARG I 237 2.79 -21.69 -40.66
C ARG I 237 2.42 -21.27 -39.24
N LEU I 238 1.34 -21.87 -38.74
CA LEU I 238 0.82 -21.51 -37.43
C LEU I 238 1.73 -22.01 -36.31
N ASN I 239 2.17 -23.26 -36.40
CA ASN I 239 2.92 -23.89 -35.33
C ASN I 239 4.40 -23.55 -35.45
N ARG I 240 5.01 -23.18 -34.33
CA ARG I 240 6.44 -22.90 -34.30
C ARG I 240 7.24 -24.18 -34.40
N ARG I 241 8.51 -24.04 -34.79
CA ARG I 241 9.39 -25.18 -34.98
C ARG I 241 10.68 -24.97 -34.19
N THR I 242 11.34 -26.07 -33.85
CA THR I 242 12.59 -26.05 -33.11
C THR I 242 13.72 -26.52 -34.03
N ILE I 243 14.78 -25.74 -34.11
CA ILE I 243 15.94 -26.08 -34.90
C ILE I 243 17.04 -26.57 -33.96
N ALA I 244 17.82 -27.54 -34.43
CA ALA I 244 18.92 -28.09 -33.66
C ALA I 244 20.23 -27.50 -34.13
N THR I 245 21.20 -27.46 -33.21
CA THR I 245 22.58 -27.15 -33.51
C THR I 245 23.47 -28.18 -32.85
N PRO I 246 24.53 -28.62 -33.53
CA PRO I 246 25.37 -29.69 -32.98
C PRO I 246 26.54 -29.16 -32.18
N SER I 247 27.33 -30.06 -31.60
CA SER I 247 28.56 -29.66 -30.93
C SER I 247 29.62 -29.27 -31.97
N MET I 248 30.55 -28.42 -31.54
CA MET I 248 31.60 -27.96 -32.45
C MET I 248 32.56 -29.06 -32.84
N LEU I 249 32.58 -30.18 -32.12
CA LEU I 249 33.45 -31.30 -32.44
C LEU I 249 32.90 -32.19 -33.54
N ILE I 250 31.66 -31.97 -33.96
CA ILE I 250 31.08 -32.68 -35.10
C ILE I 250 30.77 -31.75 -36.26
N ARG I 251 30.87 -30.43 -36.05
CA ARG I 251 30.56 -29.49 -37.12
C ARG I 251 31.52 -29.60 -38.28
N GLY I 252 32.77 -30.02 -38.04
CA GLY I 252 33.69 -30.22 -39.16
C GLY I 252 33.20 -31.31 -40.09
N PHE I 253 32.79 -32.44 -39.53
CA PHE I 253 32.27 -33.54 -40.35
C PHE I 253 30.99 -33.12 -41.06
N VAL I 254 30.08 -32.44 -40.34
CA VAL I 254 28.82 -32.08 -40.98
C VAL I 254 29.07 -31.04 -42.09
N LYS I 255 30.03 -30.15 -41.91
CA LYS I 255 30.26 -29.13 -42.92
C LYS I 255 31.00 -29.71 -44.13
N ILE I 256 31.86 -30.71 -43.93
CA ILE I 256 32.51 -31.31 -45.09
C ILE I 256 31.50 -32.13 -45.89
N VAL I 257 30.58 -32.84 -45.22
CA VAL I 257 29.58 -33.58 -45.99
C VAL I 257 28.62 -32.61 -46.68
N GLU I 258 28.28 -31.49 -46.02
CA GLU I 258 27.45 -30.48 -46.68
C GLU I 258 28.18 -29.84 -47.85
N ASP I 259 29.49 -29.65 -47.74
CA ASP I 259 30.27 -29.13 -48.86
C ASP I 259 30.21 -30.08 -50.04
N ALA I 260 30.43 -31.37 -49.79
CA ALA I 260 30.30 -32.36 -50.85
C ALA I 260 28.92 -32.31 -51.49
N ALA I 261 27.89 -32.11 -50.66
CA ALA I 261 26.54 -31.91 -51.20
C ALA I 261 26.48 -30.69 -52.10
N LYS I 262 27.16 -29.61 -51.71
CA LYS I 262 27.14 -28.40 -52.52
C LYS I 262 27.77 -28.63 -53.89
N GLU I 263 28.98 -29.18 -53.92
CA GLU I 263 29.63 -29.37 -55.22
C GLU I 263 29.16 -30.61 -55.97
N ILE I 264 28.21 -31.39 -55.44
CA ILE I 264 27.42 -32.27 -56.29
C ILE I 264 26.10 -31.63 -56.74
N LEU I 265 25.59 -30.64 -56.03
CA LEU I 265 24.33 -30.03 -56.42
C LEU I 265 24.49 -28.89 -57.40
N GLU I 266 25.63 -28.19 -57.41
CA GLU I 266 25.79 -27.04 -58.28
C GLU I 266 25.84 -27.39 -59.76
N ASN I 267 26.16 -28.63 -60.11
CA ASN I 267 26.29 -29.04 -61.51
C ASN I 267 25.38 -30.21 -61.85
N VAL I 268 24.13 -30.13 -61.40
CA VAL I 268 23.08 -31.05 -61.84
C VAL I 268 21.86 -30.23 -62.22
N PRO I 269 21.32 -30.37 -63.43
CA PRO I 269 20.22 -29.49 -63.86
C PRO I 269 18.94 -29.67 -63.07
N THR I 270 18.75 -30.79 -62.39
CA THR I 270 17.52 -31.08 -61.67
C THR I 270 17.55 -30.62 -60.21
N SER I 271 18.60 -29.92 -59.80
CA SER I 271 18.66 -29.38 -58.45
C SER I 271 17.87 -28.07 -58.37
N GLY I 272 17.66 -27.60 -57.14
CA GLY I 272 16.96 -26.36 -56.88
C GLY I 272 17.85 -25.17 -56.56
N VAL I 273 19.16 -25.27 -56.80
CA VAL I 273 20.10 -24.19 -56.54
C VAL I 273 20.80 -23.85 -57.84
N PRO I 274 20.91 -22.57 -58.23
CA PRO I 274 21.59 -22.18 -59.45
C PRO I 274 23.06 -21.84 -59.22
N GLU I 279 17.64 -19.85 -61.36
CA GLU I 279 17.12 -19.64 -62.71
C GLU I 279 16.71 -20.96 -63.35
N LYS I 280 16.76 -22.04 -62.57
CA LYS I 280 16.40 -23.35 -63.09
C LYS I 280 14.93 -23.39 -63.48
N LEU I 281 14.06 -22.75 -62.70
CA LEU I 281 12.63 -22.79 -62.99
C LEU I 281 12.32 -22.16 -64.33
N ALA I 282 12.93 -21.01 -64.63
CA ALA I 282 12.64 -20.32 -65.88
C ALA I 282 13.14 -21.12 -67.09
N LYS I 283 14.39 -21.58 -67.04
CA LYS I 283 14.94 -22.34 -68.15
C LYS I 283 14.20 -23.67 -68.35
N LEU I 284 13.69 -24.25 -67.26
CA LEU I 284 12.93 -25.48 -67.39
C LEU I 284 11.54 -25.21 -67.97
N ALA I 285 10.91 -24.11 -67.55
CA ALA I 285 9.62 -23.73 -68.10
C ALA I 285 9.71 -23.18 -69.52
N SER I 286 10.93 -22.93 -70.01
CA SER I 286 11.13 -22.51 -71.39
C SER I 286 10.98 -23.66 -72.39
N LYS I 287 10.45 -24.81 -71.96
CA LYS I 287 10.22 -25.94 -72.85
C LYS I 287 9.01 -25.67 -73.74
N GLN I 288 9.17 -25.98 -75.03
CA GLN I 288 8.10 -25.84 -76.02
C GLN I 288 7.74 -27.24 -76.53
N THR I 289 6.79 -27.88 -75.86
CA THR I 289 6.36 -29.21 -76.28
C THR I 289 5.49 -29.13 -77.53
N PHE I 290 5.48 -30.21 -78.29
CA PHE I 290 4.67 -30.28 -79.50
C PHE I 290 3.20 -30.48 -79.14
N HIS I 291 2.32 -30.05 -80.06
CA HIS I 291 0.91 -29.92 -79.74
C HIS I 291 0.26 -31.26 -79.42
N THR I 292 0.60 -32.32 -80.15
CA THR I 292 -0.03 -33.61 -79.92
C THR I 292 0.62 -34.33 -78.74
N ALA I 293 0.72 -33.63 -77.61
CA ALA I 293 1.21 -34.19 -76.35
C ALA I 293 0.67 -33.34 -75.22
N VAL I 294 0.69 -33.91 -74.01
CA VAL I 294 0.15 -33.26 -72.83
C VAL I 294 1.27 -33.10 -71.81
N THR I 295 1.42 -31.86 -71.31
CA THR I 295 2.42 -31.53 -70.30
C THR I 295 1.70 -30.97 -69.09
N GLY I 296 2.08 -31.44 -67.90
CA GLY I 296 1.45 -31.02 -66.67
C GLY I 296 2.47 -30.74 -65.58
N GLU I 297 1.99 -30.07 -64.53
CA GLU I 297 2.86 -29.55 -63.49
C GLU I 297 2.32 -29.91 -62.11
N LEU I 298 3.21 -30.43 -61.27
CA LEU I 298 2.92 -30.71 -59.86
C LEU I 298 3.78 -29.82 -58.99
N SER I 299 3.13 -29.10 -58.07
CA SER I 299 3.82 -28.26 -57.09
C SER I 299 3.44 -28.74 -55.70
N GLY I 300 4.42 -29.23 -54.95
CA GLY I 300 4.13 -29.88 -53.68
C GLY I 300 5.11 -29.51 -52.59
N ASP I 301 4.65 -29.71 -51.36
CA ASP I 301 5.44 -29.54 -50.15
C ASP I 301 5.57 -30.89 -49.45
N GLN I 302 6.14 -30.87 -48.25
CA GLN I 302 6.42 -32.10 -47.50
C GLN I 302 5.79 -32.02 -46.12
N GLU I 303 5.08 -33.09 -45.73
CA GLU I 303 4.64 -33.26 -44.36
C GLU I 303 5.72 -34.00 -43.59
N LYS I 304 6.21 -33.38 -42.50
CA LYS I 304 7.22 -33.97 -41.63
C LYS I 304 8.46 -34.39 -42.44
N PHE I 305 9.03 -33.42 -43.14
CA PHE I 305 10.26 -33.67 -43.90
C PHE I 305 11.43 -34.00 -42.99
N ASN I 306 11.37 -33.60 -41.72
CA ASN I 306 12.39 -33.92 -40.74
C ASN I 306 11.89 -34.91 -39.69
N GLU I 307 10.84 -35.67 -40.01
CA GLU I 307 10.32 -36.70 -39.10
C GLU I 307 10.00 -37.99 -39.84
N CYS I 308 10.59 -38.21 -41.02
CA CYS I 308 10.37 -39.45 -41.76
C CYS I 308 11.65 -39.99 -42.40
N LEU I 309 12.80 -39.43 -42.06
CA LEU I 309 14.07 -39.81 -42.68
C LEU I 309 14.97 -40.48 -41.67
N ASP I 310 15.51 -41.65 -42.04
CA ASP I 310 16.52 -42.34 -41.26
C ASP I 310 17.90 -42.08 -41.84
N PRO I 311 18.90 -41.75 -41.02
CA PRO I 311 20.24 -41.48 -41.56
C PRO I 311 20.88 -42.68 -42.23
N ASP I 312 20.39 -43.90 -41.98
CA ASP I 312 21.04 -45.09 -42.54
C ASP I 312 20.91 -45.14 -44.06
N ALA I 313 19.77 -44.72 -44.60
CA ALA I 313 19.63 -44.63 -46.05
C ALA I 313 20.62 -43.62 -46.63
N MET I 314 20.83 -42.50 -45.92
CA MET I 314 21.83 -41.53 -46.32
C MET I 314 23.21 -42.14 -46.32
N ARG I 315 23.52 -42.94 -45.29
CA ARG I 315 24.79 -43.66 -45.23
C ARG I 315 24.96 -44.55 -46.45
N LEU I 316 23.93 -45.31 -46.77
CA LEU I 316 24.02 -46.24 -47.89
C LEU I 316 24.21 -45.50 -49.21
N MET I 317 23.49 -44.39 -49.39
CA MET I 317 23.67 -43.56 -50.57
C MET I 317 25.11 -43.08 -50.69
N TRP I 318 25.64 -42.47 -49.63
CA TRP I 318 26.99 -41.92 -49.69
C TRP I 318 28.01 -43.02 -49.94
N THR I 319 27.88 -44.15 -49.24
CA THR I 319 28.83 -45.24 -49.40
C THR I 319 28.79 -45.82 -50.81
N VAL I 320 27.58 -46.01 -51.35
CA VAL I 320 27.46 -46.58 -52.70
C VAL I 320 28.09 -45.66 -53.73
N PHE I 321 27.75 -44.36 -53.68
CA PHE I 321 28.31 -43.44 -54.67
C PHE I 321 29.82 -43.35 -54.55
N LEU I 322 30.34 -43.20 -53.32
CA LEU I 322 31.78 -43.02 -53.15
C LEU I 322 32.54 -44.29 -53.53
N ARG I 323 31.97 -45.46 -53.24
CA ARG I 323 32.63 -46.71 -53.60
C ARG I 323 32.63 -46.92 -55.11
N LYS I 324 31.51 -46.63 -55.78
CA LYS I 324 31.45 -46.82 -57.22
C LYS I 324 32.24 -45.75 -57.98
N LEU I 325 32.57 -44.62 -57.34
CA LEU I 325 33.43 -43.66 -58.01
C LEU I 325 34.90 -43.89 -57.71
N GLY I 326 35.24 -44.52 -56.58
CA GLY I 326 36.60 -44.92 -56.32
C GLY I 326 37.26 -44.37 -55.07
N CYS I 327 36.46 -44.02 -54.06
CA CYS I 327 37.07 -43.51 -52.83
C CYS I 327 37.62 -44.65 -51.97
N PRO I 328 38.72 -44.41 -51.25
CA PRO I 328 39.30 -45.45 -50.39
C PRO I 328 38.50 -45.68 -49.11
N ASP I 329 39.04 -46.54 -48.23
CA ASP I 329 38.33 -46.91 -47.00
C ASP I 329 38.37 -45.78 -45.98
N TRP I 330 39.50 -45.06 -45.90
CA TRP I 330 39.56 -43.94 -44.97
C TRP I 330 38.58 -42.84 -45.36
N ILE I 331 38.34 -42.65 -46.65
CA ILE I 331 37.28 -41.75 -47.08
C ILE I 331 35.91 -42.30 -46.68
N MET I 332 35.74 -43.62 -46.75
CA MET I 332 34.50 -44.24 -46.28
C MET I 332 34.24 -43.84 -44.83
N GLU I 333 35.24 -44.02 -43.97
CA GLU I 333 35.07 -43.68 -42.56
C GLU I 333 34.84 -42.18 -42.38
N LEU I 334 35.58 -41.36 -43.13
CA LEU I 334 35.47 -39.91 -42.98
C LEU I 334 34.07 -39.41 -43.35
N PHE I 335 33.46 -39.99 -44.37
CA PHE I 335 32.14 -39.55 -44.80
C PHE I 335 31.01 -40.36 -44.17
N ASN I 336 31.32 -41.39 -43.38
CA ASN I 336 30.29 -42.12 -42.66
C ASN I 336 30.25 -41.83 -41.16
N ILE I 337 31.30 -41.22 -40.61
CA ILE I 337 31.28 -40.88 -39.17
C ILE I 337 30.15 -39.92 -38.79
N PRO I 338 29.81 -38.88 -39.57
CA PRO I 338 28.75 -37.97 -39.10
C PRO I 338 27.42 -38.67 -38.83
N PHE I 339 27.06 -39.64 -39.68
CA PHE I 339 25.84 -40.39 -39.44
C PHE I 339 25.99 -41.34 -38.26
N MET I 340 27.19 -41.88 -38.04
CA MET I 340 27.47 -42.62 -36.81
C MET I 340 27.13 -41.77 -35.59
N VAL I 341 27.57 -40.51 -35.59
CA VAL I 341 27.30 -39.63 -34.45
C VAL I 341 25.83 -39.29 -34.36
N PHE I 342 25.18 -39.06 -35.51
CA PHE I 342 23.79 -38.63 -35.50
C PHE I 342 22.82 -39.75 -35.12
N LYS I 343 23.17 -41.00 -35.41
CA LYS I 343 22.27 -42.10 -35.11
C LYS I 343 22.05 -42.30 -33.61
N SER I 344 22.87 -41.68 -32.77
CA SER I 344 22.75 -41.79 -31.32
C SER I 344 22.39 -40.45 -30.68
N LYS I 345 21.64 -39.61 -31.39
CA LYS I 345 21.44 -38.23 -30.97
C LYS I 345 20.73 -38.15 -29.62
N LEU I 346 21.11 -37.13 -28.85
CA LEU I 346 20.61 -36.89 -27.50
C LEU I 346 20.07 -35.46 -27.39
N ALA I 347 19.20 -35.09 -28.33
CA ALA I 347 18.65 -33.74 -28.35
C ALA I 347 17.97 -33.40 -27.02
N ASP I 348 18.28 -32.22 -26.51
CA ASP I 348 17.75 -31.79 -25.22
C ASP I 348 16.24 -31.58 -25.30
N MET I 349 15.54 -31.93 -24.23
CA MET I 349 14.09 -31.76 -24.16
C MET I 349 13.72 -30.41 -23.55
N GLY I 350 14.32 -29.34 -24.06
CA GLY I 350 13.99 -28.01 -23.60
C GLY I 350 14.18 -27.84 -22.11
N GLU I 351 13.12 -27.41 -21.43
CA GLU I 351 13.13 -27.23 -19.99
C GLU I 351 12.09 -28.06 -19.26
N GLY I 352 11.34 -28.91 -19.95
CA GLY I 352 10.37 -29.76 -19.31
C GLY I 352 8.93 -29.44 -19.68
N LEU I 353 8.04 -30.41 -19.47
CA LEU I 353 6.63 -30.19 -19.77
C LEU I 353 6.01 -29.22 -18.77
N VAL I 354 4.82 -28.74 -19.11
CA VAL I 354 4.12 -27.74 -18.31
C VAL I 354 3.01 -28.42 -17.52
N TYR I 355 3.02 -28.23 -16.21
CA TYR I 355 2.02 -28.81 -15.33
C TYR I 355 1.40 -27.72 -14.46
N THR I 356 0.08 -27.77 -14.31
CA THR I 356 -0.65 -26.80 -13.52
C THR I 356 -1.42 -27.51 -12.41
N LYS I 357 -1.23 -27.07 -11.17
CA LYS I 357 -2.01 -27.58 -10.04
C LYS I 357 -3.37 -26.88 -9.97
N GLY I 358 -3.34 -25.57 -9.76
CA GLY I 358 -4.53 -24.74 -9.85
C GLY I 358 -4.30 -23.63 -10.87
N LYS I 359 -4.06 -22.42 -10.38
CA LYS I 359 -3.57 -21.35 -11.23
C LYS I 359 -2.05 -21.34 -11.33
N LEU I 360 -1.37 -22.18 -10.55
CA LEU I 360 0.08 -22.27 -10.60
C LEU I 360 0.53 -22.97 -11.88
N THR I 361 1.81 -22.77 -12.22
CA THR I 361 2.41 -23.38 -13.39
C THR I 361 3.85 -23.75 -13.07
N ASP I 362 4.25 -24.97 -13.46
CA ASP I 362 5.60 -25.44 -13.20
C ASP I 362 6.11 -26.23 -14.41
N ARG I 363 7.42 -26.31 -14.52
CA ARG I 363 8.09 -27.05 -15.59
C ARG I 363 8.63 -28.35 -14.99
N LYS I 364 7.92 -29.44 -15.22
CA LYS I 364 8.31 -30.75 -14.72
C LYS I 364 8.94 -31.56 -15.83
N PRO I 365 10.17 -32.06 -15.66
CA PRO I 365 10.79 -32.86 -16.72
C PRO I 365 10.02 -34.14 -17.01
N LEU I 366 10.29 -34.70 -18.19
CA LEU I 366 9.60 -35.91 -18.60
C LEU I 366 9.97 -37.08 -17.69
N GLY I 367 8.96 -37.90 -17.38
CA GLY I 367 9.14 -39.06 -16.54
C GLY I 367 8.85 -38.84 -15.07
N GLU I 368 8.84 -37.58 -14.61
CA GLU I 368 8.50 -37.31 -13.22
C GLU I 368 7.04 -37.61 -12.94
N MET I 369 6.15 -37.27 -13.87
CA MET I 369 4.73 -37.52 -13.75
C MET I 369 4.21 -38.02 -15.09
N PRO I 370 3.27 -38.96 -15.10
CA PRO I 370 2.77 -39.50 -16.37
C PRO I 370 2.20 -38.41 -17.27
N SER I 371 2.45 -38.55 -18.56
CA SER I 371 1.99 -37.60 -19.57
C SER I 371 1.66 -38.37 -20.84
N GLU I 372 1.50 -37.65 -21.95
CA GLU I 372 1.20 -38.26 -23.23
C GLU I 372 2.46 -38.72 -23.96
N PHE I 373 3.64 -38.50 -23.40
CA PHE I 373 4.90 -38.95 -23.98
C PHE I 373 5.57 -40.00 -23.07
N ASP I 374 4.76 -40.90 -22.49
CA ASP I 374 5.30 -41.91 -21.59
C ASP I 374 6.18 -42.91 -22.32
N ASP I 375 5.88 -43.20 -23.59
CA ASP I 375 6.64 -44.19 -24.33
C ASP I 375 8.12 -43.82 -24.44
N LEU I 376 8.43 -42.54 -24.49
CA LEU I 376 9.82 -42.08 -24.59
C LEU I 376 10.50 -41.96 -23.23
N VAL I 377 9.79 -42.26 -22.13
CA VAL I 377 10.37 -42.13 -20.81
C VAL I 377 11.57 -43.05 -20.67
N ARG I 378 11.48 -44.27 -21.21
CA ARG I 378 12.60 -45.21 -21.16
C ARG I 378 13.81 -44.71 -21.94
N ASN I 379 13.62 -43.77 -22.85
CA ASN I 379 14.71 -43.22 -23.65
C ASN I 379 15.35 -41.99 -23.04
N VAL I 380 14.92 -41.58 -21.84
CA VAL I 380 15.44 -40.37 -21.21
C VAL I 380 16.83 -40.66 -20.64
N VAL I 381 17.80 -39.86 -21.03
CA VAL I 381 19.17 -39.98 -20.56
C VAL I 381 19.52 -38.66 -19.89
N GLY I 382 19.32 -38.58 -18.58
CA GLY I 382 19.56 -37.33 -17.88
C GLY I 382 18.61 -36.26 -18.37
N ASN I 383 19.17 -35.12 -18.76
CA ASN I 383 18.38 -34.04 -19.35
C ASN I 383 18.12 -34.24 -20.83
N SER I 384 18.75 -35.24 -21.45
CA SER I 384 18.61 -35.52 -22.87
C SER I 384 17.72 -36.74 -23.07
N ILE I 385 17.58 -37.15 -24.32
CA ILE I 385 16.75 -38.29 -24.68
C ILE I 385 17.32 -38.93 -25.95
N SER I 386 17.30 -40.26 -25.98
CA SER I 386 17.82 -41.01 -27.12
C SER I 386 16.77 -41.14 -28.21
N CYS I 387 17.20 -40.97 -29.45
CA CYS I 387 16.29 -41.07 -30.60
C CYS I 387 17.10 -41.65 -31.75
N ARG I 388 17.01 -42.97 -31.92
CA ARG I 388 17.83 -43.65 -32.93
C ARG I 388 17.42 -43.23 -34.35
N LEU I 389 16.13 -43.22 -34.63
CA LEU I 389 15.62 -42.87 -35.94
C LEU I 389 14.87 -41.54 -35.86
N GLY I 390 15.21 -40.61 -36.74
CA GLY I 390 14.59 -39.30 -36.74
C GLY I 390 15.45 -38.30 -37.49
N MET I 391 15.02 -37.05 -37.41
CA MET I 391 15.71 -35.96 -38.10
C MET I 391 15.39 -34.67 -37.36
N PHE I 392 16.27 -33.67 -37.54
CA PHE I 392 16.09 -32.38 -36.89
C PHE I 392 16.48 -31.27 -37.86
N MET I 393 15.90 -30.09 -37.63
CA MET I 393 16.20 -28.94 -38.45
C MET I 393 17.61 -28.42 -38.20
N GLY I 394 18.18 -27.80 -39.23
CA GLY I 394 19.49 -27.20 -39.13
C GLY I 394 20.66 -28.17 -39.26
N MET I 395 20.39 -29.44 -39.51
CA MET I 395 21.47 -30.42 -39.64
C MET I 395 21.90 -30.60 -41.09
N TYR I 396 21.03 -31.20 -41.91
CA TYR I 396 21.34 -31.58 -43.28
C TYR I 396 20.18 -31.14 -44.16
N ASN I 397 20.35 -30.01 -44.84
CA ASN I 397 19.35 -29.50 -45.76
C ASN I 397 19.65 -29.81 -47.21
N LEU I 398 20.87 -30.20 -47.54
CA LEU I 398 21.27 -30.47 -48.92
C LEU I 398 21.44 -31.96 -49.21
N THR I 399 21.89 -32.75 -48.24
CA THR I 399 21.98 -34.19 -48.47
C THR I 399 20.62 -34.86 -48.48
N SER I 400 19.64 -34.29 -47.76
CA SER I 400 18.25 -34.72 -47.93
C SER I 400 17.77 -34.42 -49.34
N THR I 401 18.17 -33.26 -49.87
CA THR I 401 17.88 -32.95 -51.26
C THR I 401 18.55 -33.97 -52.19
N LEU I 402 19.76 -34.41 -51.85
CA LEU I 402 20.42 -35.44 -52.66
C LEU I 402 19.64 -36.75 -52.61
N LEU I 403 19.11 -37.10 -51.44
CA LEU I 403 18.28 -38.30 -51.34
C LEU I 403 17.04 -38.17 -52.22
N ALA I 404 16.41 -37.00 -52.21
CA ALA I 404 15.26 -36.79 -53.08
C ALA I 404 15.65 -36.91 -54.55
N LEU I 405 16.80 -36.35 -54.91
CA LEU I 405 17.26 -36.38 -56.30
C LEU I 405 17.59 -37.80 -56.76
N ILE I 406 18.16 -38.63 -55.88
CA ILE I 406 18.39 -40.00 -56.28
C ILE I 406 17.06 -40.75 -56.34
N SER I 407 16.11 -40.41 -55.48
CA SER I 407 14.81 -41.07 -55.49
C SER I 407 14.04 -40.80 -56.78
N ILE I 408 14.08 -39.57 -57.27
CA ILE I 408 13.31 -39.24 -58.47
C ILE I 408 13.86 -39.90 -59.72
N GLU I 409 15.11 -40.36 -59.69
CA GLU I 409 15.74 -40.93 -60.89
C GLU I 409 15.28 -42.36 -61.09
N ARG I 410 14.36 -42.55 -62.04
CA ARG I 410 13.86 -43.88 -62.38
C ARG I 410 13.83 -44.01 -63.90
N GLU I 411 13.20 -45.08 -64.38
CA GLU I 411 13.10 -45.32 -65.82
C GLU I 411 11.81 -44.77 -66.40
N GLU I 412 10.66 -45.08 -65.77
CA GLU I 412 9.38 -44.59 -66.27
C GLU I 412 9.14 -43.13 -65.95
N LEU I 413 9.93 -42.54 -65.05
CA LEU I 413 9.77 -41.14 -64.66
C LEU I 413 10.50 -40.27 -65.68
N THR I 414 9.86 -40.07 -66.82
CA THR I 414 10.42 -39.25 -67.89
C THR I 414 9.99 -37.79 -67.78
N GLY I 415 10.20 -37.21 -66.60
CA GLY I 415 9.87 -35.81 -66.37
C GLY I 415 11.04 -35.00 -65.89
N SER I 416 10.78 -33.76 -65.46
CA SER I 416 11.82 -32.88 -64.95
C SER I 416 11.44 -32.43 -63.55
N HIS I 417 12.33 -32.66 -62.59
CA HIS I 417 12.03 -32.43 -61.18
C HIS I 417 13.03 -31.45 -60.58
N VAL I 418 12.53 -30.53 -59.75
CA VAL I 418 13.33 -29.57 -59.03
C VAL I 418 12.97 -29.66 -57.55
N GLU I 419 13.99 -29.81 -56.70
CA GLU I 419 13.81 -30.05 -55.27
C GLU I 419 14.58 -29.00 -54.48
N SER I 420 14.00 -28.56 -53.37
CA SER I 420 14.70 -27.66 -52.44
C SER I 420 14.08 -27.86 -51.06
N SER I 421 14.83 -28.49 -50.15
CA SER I 421 14.37 -28.76 -48.80
C SER I 421 13.05 -29.53 -48.82
N ASP I 422 11.97 -28.88 -48.37
CA ASP I 422 10.66 -29.50 -48.29
C ASP I 422 9.73 -29.09 -49.41
N ASP I 423 10.24 -28.46 -50.47
CA ASP I 423 9.44 -28.01 -51.60
C ASP I 423 9.92 -28.67 -52.88
N PHE I 424 9.00 -28.98 -53.77
CA PHE I 424 9.37 -29.61 -55.03
C PHE I 424 8.37 -29.24 -56.12
N ILE I 425 8.87 -29.25 -57.36
CA ILE I 425 8.04 -29.05 -58.54
C ILE I 425 8.46 -30.07 -59.60
N HIS I 426 7.47 -30.64 -60.28
CA HIS I 426 7.73 -31.66 -61.29
C HIS I 426 6.93 -31.34 -62.54
N PHE I 427 7.53 -31.61 -63.70
CA PHE I 427 6.92 -31.39 -65.00
C PHE I 427 6.87 -32.73 -65.72
N PHE I 428 5.67 -33.17 -66.07
CA PHE I 428 5.45 -34.44 -66.75
C PHE I 428 5.03 -34.18 -68.19
N ASN I 429 5.75 -34.77 -69.14
CA ASN I 429 5.42 -34.70 -70.55
C ASN I 429 5.09 -36.11 -71.02
N CYS I 430 3.88 -36.30 -71.54
CA CYS I 430 3.46 -37.63 -71.97
C CYS I 430 2.35 -37.48 -73.01
N LYS I 431 1.68 -38.58 -73.32
CA LYS I 431 0.65 -38.60 -74.36
C LYS I 431 -0.76 -38.76 -73.84
N THR I 432 -0.96 -39.44 -72.71
CA THR I 432 -2.29 -39.74 -72.23
C THR I 432 -2.35 -39.54 -70.72
N HIS I 433 -3.57 -39.31 -70.21
CA HIS I 433 -3.75 -38.94 -68.82
C HIS I 433 -3.39 -40.09 -67.87
N GLU I 434 -3.76 -41.32 -68.21
CA GLU I 434 -3.45 -42.44 -67.32
C GLU I 434 -1.95 -42.69 -67.21
N GLU I 435 -1.18 -42.34 -68.25
CA GLU I 435 0.27 -42.35 -68.12
C GLU I 435 0.72 -41.36 -67.06
N MET I 436 0.09 -40.18 -67.02
CA MET I 436 0.35 -39.23 -65.95
C MET I 436 0.01 -39.83 -64.59
N PHE I 437 -1.14 -40.50 -64.52
CA PHE I 437 -1.58 -41.11 -63.27
C PHE I 437 -0.54 -42.09 -62.75
N LYS I 438 -0.11 -43.02 -63.61
CA LYS I 438 0.84 -44.04 -63.17
C LYS I 438 2.20 -43.43 -62.85
N GLN I 439 2.65 -42.45 -63.65
CA GLN I 439 3.95 -41.82 -63.38
C GLN I 439 3.94 -41.09 -62.05
N ALA I 440 2.89 -40.32 -61.78
CA ALA I 440 2.82 -39.59 -60.52
C ALA I 440 2.66 -40.55 -59.34
N GLU I 441 1.89 -41.62 -59.52
CA GLU I 441 1.72 -42.60 -58.44
C GLU I 441 3.05 -43.27 -58.11
N THR I 442 3.80 -43.69 -59.13
CA THR I 442 5.08 -44.33 -58.87
C THR I 442 6.11 -43.34 -58.36
N LEU I 443 5.99 -42.06 -58.72
CA LEU I 443 6.85 -41.04 -58.14
C LEU I 443 6.58 -40.90 -56.64
N ARG I 444 5.30 -40.82 -56.27
CA ARG I 444 4.95 -40.73 -54.85
C ARG I 444 5.41 -41.97 -54.09
N LEU I 445 5.24 -43.15 -54.69
CA LEU I 445 5.71 -44.37 -54.06
C LEU I 445 7.23 -44.38 -53.89
N THR I 446 7.96 -43.91 -54.90
CA THR I 446 9.41 -43.89 -54.81
C THR I 446 9.90 -42.92 -53.75
N LEU I 447 9.26 -41.74 -53.64
CA LEU I 447 9.60 -40.83 -52.57
C LEU I 447 9.27 -41.43 -51.21
N LYS I 448 8.15 -42.14 -51.10
CA LYS I 448 7.81 -42.81 -49.84
C LYS I 448 8.75 -43.97 -49.54
N LEU I 449 9.43 -44.52 -50.56
CA LEU I 449 10.33 -45.64 -50.32
C LEU I 449 11.44 -45.26 -49.36
N VAL I 450 12.03 -44.06 -49.53
CA VAL I 450 13.08 -43.61 -48.63
C VAL I 450 12.55 -42.76 -47.48
N GLY I 451 11.24 -42.50 -47.43
CA GLY I 451 10.65 -41.78 -46.32
C GLY I 451 10.57 -40.29 -46.53
N ILE I 452 10.01 -39.85 -47.65
CA ILE I 452 9.83 -38.44 -47.93
C ILE I 452 8.42 -37.98 -47.64
N ASN I 453 7.41 -38.74 -48.09
CA ASN I 453 6.01 -38.53 -47.71
C ASN I 453 5.53 -37.13 -48.10
N MET I 454 5.46 -36.91 -49.42
CA MET I 454 4.97 -35.64 -49.92
C MET I 454 3.54 -35.38 -49.44
N SER I 455 3.24 -34.12 -49.18
CA SER I 455 1.98 -33.74 -48.56
C SER I 455 0.80 -34.01 -49.47
N PRO I 456 -0.16 -34.83 -49.08
CA PRO I 456 -1.36 -35.00 -49.91
C PRO I 456 -2.16 -33.72 -50.08
N SER I 457 -2.21 -32.87 -49.07
CA SER I 457 -3.01 -31.66 -49.12
C SER I 457 -2.23 -30.43 -49.58
N LYS I 458 -0.93 -30.56 -49.83
CA LYS I 458 -0.12 -29.45 -50.31
C LYS I 458 0.48 -29.71 -51.68
N CYS I 459 0.21 -30.86 -52.30
CA CYS I 459 0.63 -31.14 -53.66
C CYS I 459 -0.54 -30.85 -54.60
N ILE I 460 -0.32 -29.93 -55.54
CA ILE I 460 -1.34 -29.52 -56.50
C ILE I 460 -0.84 -29.89 -57.89
N LEU I 461 -1.64 -30.66 -58.61
CA LEU I 461 -1.29 -31.13 -59.95
C LEU I 461 -2.28 -30.55 -60.95
N ILE I 462 -1.76 -29.92 -61.99
CA ILE I 462 -2.55 -29.40 -63.10
C ILE I 462 -2.08 -30.12 -64.35
N SER I 463 -2.99 -30.86 -64.99
CA SER I 463 -2.62 -31.74 -66.10
C SER I 463 -2.17 -30.98 -67.35
N PRO I 464 -2.72 -29.78 -67.66
CA PRO I 464 -2.04 -28.93 -68.64
C PRO I 464 -1.05 -27.98 -67.99
N ALA I 465 0.17 -27.92 -68.51
CA ALA I 465 1.23 -27.17 -67.87
C ALA I 465 1.10 -25.66 -68.17
N GLY I 466 1.85 -24.87 -67.42
CA GLY I 466 1.92 -23.44 -67.64
C GLY I 466 1.94 -22.57 -66.40
N ILE I 467 1.30 -23.03 -65.32
CA ILE I 467 1.25 -22.28 -64.07
C ILE I 467 1.79 -23.17 -62.96
N GLY I 468 2.98 -22.84 -62.45
CA GLY I 468 3.61 -23.61 -61.41
C GLY I 468 4.06 -22.74 -60.26
N GLU I 469 4.51 -23.38 -59.19
CA GLU I 469 5.00 -22.70 -58.02
C GLU I 469 6.12 -23.51 -57.39
N PHE I 470 7.20 -22.83 -57.00
CA PHE I 470 8.33 -23.52 -56.39
C PHE I 470 9.10 -22.53 -55.55
N ASN I 471 9.45 -22.93 -54.32
CA ASN I 471 10.12 -22.06 -53.36
C ASN I 471 9.29 -20.80 -53.12
N SER I 472 9.78 -19.66 -53.60
CA SER I 472 9.05 -18.40 -53.51
C SER I 472 8.77 -17.79 -54.88
N LYS I 473 8.89 -18.59 -55.94
CA LYS I 473 8.73 -18.14 -57.31
C LYS I 473 7.50 -18.80 -57.93
N PHE I 474 6.63 -17.97 -58.50
CA PHE I 474 5.47 -18.44 -59.24
C PHE I 474 5.77 -18.40 -60.74
N HIS I 475 4.88 -19.02 -61.52
CA HIS I 475 5.09 -19.10 -62.96
C HIS I 475 3.74 -19.17 -63.66
N HIS I 476 3.44 -18.16 -64.47
CA HIS I 476 2.23 -18.13 -65.27
C HIS I 476 2.62 -17.99 -66.73
N ARG I 477 2.14 -18.91 -67.57
CA ARG I 477 2.50 -18.94 -68.99
C ARG I 477 4.01 -19.00 -69.15
N ASP I 478 4.60 -17.91 -69.62
CA ASP I 478 6.06 -17.80 -69.73
C ASP I 478 6.67 -16.88 -68.69
N PHE I 479 5.91 -15.93 -68.15
CA PHE I 479 6.43 -15.02 -67.13
C PHE I 479 6.55 -15.72 -65.79
N VAL I 480 7.59 -15.35 -65.03
CA VAL I 480 7.84 -15.89 -63.71
C VAL I 480 7.89 -14.74 -62.72
N GLY I 481 7.24 -14.91 -61.57
CA GLY I 481 7.20 -13.87 -60.57
C GLY I 481 7.95 -14.21 -59.31
N ASN I 482 9.07 -13.53 -59.07
CA ASN I 482 9.85 -13.73 -57.86
C ASN I 482 9.25 -12.93 -56.71
N VAL I 483 9.08 -13.58 -55.57
CA VAL I 483 8.49 -12.95 -54.39
C VAL I 483 9.46 -13.13 -53.23
N ALA I 484 9.79 -12.02 -52.56
CA ALA I 484 10.67 -12.08 -51.40
C ALA I 484 9.89 -12.48 -50.16
N THR I 485 10.44 -13.42 -49.39
CA THR I 485 9.82 -13.80 -48.13
C THR I 485 9.80 -12.63 -47.16
N GLU I 486 10.88 -11.84 -47.14
CA GLU I 486 10.98 -10.66 -46.28
C GLU I 486 11.10 -9.43 -47.17
N LEU I 487 10.34 -8.39 -46.84
CA LEU I 487 10.50 -7.11 -47.52
C LEU I 487 11.83 -6.49 -47.11
N PRO I 488 12.36 -5.59 -47.93
CA PRO I 488 13.58 -4.87 -47.54
C PRO I 488 13.38 -4.13 -46.22
N ALA I 489 14.43 -4.09 -45.41
CA ALA I 489 14.32 -3.49 -44.08
C ALA I 489 13.94 -2.03 -44.15
N LEU I 490 14.46 -1.30 -45.15
CA LEU I 490 14.21 0.12 -45.31
C LEU I 490 14.56 0.90 -44.04
N VAL I 491 15.66 0.51 -43.42
CA VAL I 491 16.11 1.09 -42.16
C VAL I 491 17.62 0.92 -42.08
N PRO I 492 18.37 1.92 -41.58
CA PRO I 492 19.82 1.75 -41.45
C PRO I 492 20.16 0.60 -40.50
N ASN I 493 21.25 -0.10 -40.81
CA ASN I 493 21.64 -1.27 -40.05
C ASN I 493 22.19 -0.91 -38.67
N GLY I 494 22.66 0.32 -38.48
CA GLY I 494 23.12 0.78 -37.19
C GLY I 494 24.62 0.91 -37.04
N THR I 495 25.41 0.40 -37.99
CA THR I 495 26.86 0.52 -37.91
C THR I 495 27.30 1.98 -37.97
N ASN I 496 27.03 2.64 -39.09
CA ASN I 496 27.38 4.04 -39.30
C ASN I 496 26.66 4.52 -40.56
N PRO I 497 26.44 5.82 -40.70
CA PRO I 497 25.52 6.31 -41.76
C PRO I 497 25.82 5.83 -43.17
N MET I 498 27.04 6.02 -43.66
CA MET I 498 27.32 5.76 -45.07
C MET I 498 27.24 4.27 -45.39
N THR I 499 27.77 3.41 -44.51
CA THR I 499 27.69 1.97 -44.76
C THR I 499 26.23 1.50 -44.71
N ASP I 500 25.44 2.01 -43.77
CA ASP I 500 24.04 1.64 -43.71
C ASP I 500 23.30 2.08 -44.97
N LEU I 501 23.57 3.29 -45.45
CA LEU I 501 22.95 3.76 -46.69
C LEU I 501 23.35 2.89 -47.87
N ALA I 502 24.64 2.53 -47.94
CA ALA I 502 25.10 1.67 -49.04
C ALA I 502 24.43 0.31 -49.00
N MET I 503 24.31 -0.28 -47.80
CA MET I 503 23.64 -1.57 -47.69
C MET I 503 22.17 -1.47 -48.07
N GLY I 504 21.49 -0.39 -47.66
CA GLY I 504 20.11 -0.22 -48.04
C GLY I 504 19.93 -0.07 -49.54
N LEU I 505 20.80 0.72 -50.17
CA LEU I 505 20.74 0.90 -51.63
C LEU I 505 21.02 -0.41 -52.34
N ASN I 506 21.99 -1.20 -51.85
CA ASN I 506 22.29 -2.48 -52.47
C ASN I 506 21.13 -3.45 -52.29
N VAL I 507 20.45 -3.41 -51.15
CA VAL I 507 19.29 -4.27 -50.93
C VAL I 507 18.17 -3.90 -51.89
N ILE I 508 17.93 -2.60 -52.08
CA ILE I 508 16.91 -2.17 -53.03
C ILE I 508 17.27 -2.60 -54.44
N LYS I 509 18.55 -2.46 -54.81
CA LYS I 509 19.00 -2.87 -56.13
C LYS I 509 18.82 -4.37 -56.34
N HIS I 510 19.17 -5.17 -55.33
CA HIS I 510 18.98 -6.62 -55.43
C HIS I 510 17.51 -6.97 -55.56
N SER I 511 16.64 -6.29 -54.80
CA SER I 511 15.22 -6.56 -54.88
C SER I 511 14.67 -6.23 -56.26
N VAL I 512 15.07 -5.09 -56.83
CA VAL I 512 14.53 -4.70 -58.13
C VAL I 512 15.10 -5.56 -59.25
N ASN I 513 16.35 -6.01 -59.13
CA ASN I 513 16.95 -6.83 -60.18
C ASN I 513 16.26 -8.19 -60.28
N THR I 514 15.92 -8.80 -59.14
CA THR I 514 15.31 -10.12 -59.14
C THR I 514 13.87 -10.11 -59.65
N GLY I 515 13.28 -8.93 -59.87
CA GLY I 515 11.91 -8.83 -60.30
C GLY I 515 10.89 -8.75 -59.19
N GLN I 516 11.32 -8.86 -57.92
CA GLN I 516 10.41 -8.72 -56.80
C GLN I 516 9.83 -7.32 -56.71
N MET I 517 10.54 -6.31 -57.23
CA MET I 517 10.10 -4.93 -57.16
C MET I 517 10.38 -4.25 -58.50
N ASN I 518 9.63 -3.18 -58.77
CA ASN I 518 9.74 -2.48 -60.03
C ASN I 518 9.96 -0.98 -59.82
N LEU I 519 9.81 -0.21 -60.89
CA LEU I 519 10.07 1.23 -60.87
C LEU I 519 9.39 1.91 -59.69
N CYS I 520 8.05 1.85 -59.66
CA CYS I 520 7.29 2.56 -58.63
C CYS I 520 7.61 2.02 -57.24
N THR I 521 7.63 0.69 -57.10
CA THR I 521 7.93 0.10 -55.80
C THR I 521 9.35 0.44 -55.35
N GLY I 522 10.31 0.40 -56.28
CA GLY I 522 11.68 0.74 -55.92
C GLY I 522 11.80 2.18 -55.47
N ALA I 523 11.18 3.11 -56.20
CA ALA I 523 11.25 4.52 -55.81
C ALA I 523 10.55 4.76 -54.47
N LEU I 524 9.39 4.15 -54.26
CA LEU I 524 8.71 4.31 -52.97
C LEU I 524 9.54 3.74 -51.83
N ALA I 525 10.17 2.58 -52.05
CA ALA I 525 11.00 1.98 -51.02
C ALA I 525 12.22 2.84 -50.71
N MET I 526 12.85 3.42 -51.73
CA MET I 526 14.00 4.26 -51.46
C MET I 526 13.60 5.57 -50.80
N ARG I 527 12.41 6.09 -51.09
CA ARG I 527 11.91 7.26 -50.36
C ARG I 527 11.67 6.93 -48.89
N ILE I 528 11.07 5.76 -48.62
CA ILE I 528 10.86 5.35 -47.23
C ILE I 528 12.18 5.15 -46.51
N PHE I 529 13.15 4.54 -47.20
CA PHE I 529 14.48 4.36 -46.62
C PHE I 529 15.15 5.71 -46.35
N ASN I 530 14.98 6.66 -47.25
CA ASN I 530 15.51 8.00 -47.03
C ASN I 530 14.90 8.64 -45.79
N HIS I 531 13.58 8.50 -45.63
CA HIS I 531 12.92 9.08 -44.46
C HIS I 531 13.43 8.43 -43.18
N ALA I 532 13.55 7.10 -43.16
CA ALA I 532 14.05 6.41 -41.97
C ALA I 532 15.50 6.78 -41.69
N TYR I 533 16.33 6.88 -42.73
CA TYR I 533 17.72 7.24 -42.58
C TYR I 533 17.86 8.65 -42.01
N LYS I 534 17.04 9.57 -42.49
CA LYS I 534 17.08 10.94 -41.96
C LYS I 534 16.61 10.99 -40.52
N TYR I 535 15.52 10.28 -40.18
CA TYR I 535 15.03 10.32 -38.81
C TYR I 535 16.01 9.70 -37.84
N ALA I 536 16.63 8.58 -38.21
CA ALA I 536 17.47 7.85 -37.29
C ALA I 536 18.72 8.63 -36.88
N TYR I 537 19.16 9.59 -37.70
CA TYR I 537 20.38 10.34 -37.43
C TYR I 537 20.08 11.80 -37.11
N MET I 538 18.89 12.08 -36.58
CA MET I 538 18.46 13.43 -36.21
C MET I 538 18.63 14.43 -37.35
N ALA I 539 18.21 14.01 -38.54
CA ALA I 539 18.22 14.89 -39.71
C ALA I 539 16.84 15.47 -40.02
N LEU I 540 15.86 15.25 -39.14
CA LEU I 540 14.51 15.74 -39.34
C LEU I 540 14.03 16.43 -38.08
N GLY I 541 13.16 17.42 -38.26
CA GLY I 541 12.60 18.15 -37.14
C GLY I 541 13.64 19.05 -36.46
N VAL I 542 13.36 19.36 -35.20
CA VAL I 542 14.22 20.19 -34.37
C VAL I 542 14.78 19.33 -33.26
N THR I 543 16.10 19.29 -33.14
CA THR I 543 16.76 18.46 -32.13
C THR I 543 18.11 19.08 -31.80
N ARG I 544 18.89 18.37 -30.99
CA ARG I 544 20.20 18.87 -30.59
C ARG I 544 21.13 19.02 -31.79
N ARG I 545 21.13 18.04 -32.69
CA ARG I 545 22.00 18.12 -33.86
C ARG I 545 21.56 19.24 -34.80
N THR I 546 20.25 19.38 -35.02
CA THR I 546 19.75 20.45 -35.87
C THR I 546 20.11 21.82 -35.29
N ARG I 547 19.98 21.97 -33.97
CA ARG I 547 20.43 23.19 -33.33
C ARG I 547 21.93 23.38 -33.47
N PHE I 548 22.70 22.28 -33.49
CA PHE I 548 24.14 22.39 -33.70
C PHE I 548 24.44 22.97 -35.09
N MET I 549 23.76 22.48 -36.12
CA MET I 549 23.94 23.07 -37.44
C MET I 549 23.49 24.52 -37.47
N GLU I 550 22.36 24.82 -36.81
CA GLU I 550 21.79 26.16 -36.91
C GLU I 550 22.66 27.21 -36.23
N GLU I 551 23.09 26.95 -35.00
CA GLU I 551 23.88 27.94 -34.27
C GLU I 551 25.28 28.10 -34.87
N ASN I 552 25.86 27.03 -35.36
CA ASN I 552 27.22 27.05 -35.88
C ASN I 552 27.30 27.50 -37.32
N ALA I 553 26.17 27.90 -37.92
CA ALA I 553 26.11 28.35 -39.31
C ALA I 553 26.67 27.30 -40.25
N ILE I 554 26.36 26.04 -39.99
CA ILE I 554 26.80 24.92 -40.81
C ILE I 554 25.58 24.43 -41.59
N THR I 555 25.51 24.82 -42.86
CA THR I 555 24.44 24.34 -43.72
C THR I 555 24.64 22.84 -44.00
N PRO I 556 23.55 22.09 -44.15
CA PRO I 556 23.69 20.67 -44.49
C PRO I 556 24.27 20.48 -45.89
N LEU I 557 25.13 19.48 -46.03
CA LEU I 557 25.68 19.09 -47.32
C LEU I 557 25.47 17.63 -47.68
N LEU I 558 25.17 16.77 -46.71
CA LEU I 558 24.98 15.35 -46.97
C LEU I 558 23.58 14.93 -46.54
N THR I 559 23.20 13.72 -46.97
CA THR I 559 21.87 13.21 -46.67
C THR I 559 21.67 13.03 -45.17
N ASN I 560 22.65 12.44 -44.49
CA ASN I 560 22.54 12.27 -43.04
C ASN I 560 22.63 13.61 -42.32
N GLN I 561 23.38 14.57 -42.88
CA GLN I 561 23.46 15.89 -42.28
C GLN I 561 22.15 16.66 -42.40
N GLY I 562 21.30 16.31 -43.36
CA GLY I 562 20.02 16.96 -43.54
C GLY I 562 19.82 17.60 -44.91
N ALA I 563 20.76 17.46 -45.83
CA ALA I 563 20.62 18.07 -47.15
C ALA I 563 19.63 17.28 -48.00
N SER I 564 19.26 17.87 -49.13
CA SER I 564 18.33 17.21 -50.04
C SER I 564 18.96 15.96 -50.63
N PRO I 565 18.19 14.90 -50.85
CA PRO I 565 18.76 13.67 -51.40
C PRO I 565 19.28 13.87 -52.81
N VAL I 566 20.31 13.10 -53.15
CA VAL I 566 20.89 13.13 -54.49
C VAL I 566 20.77 11.80 -55.22
N HIS I 567 20.44 10.71 -54.53
CA HIS I 567 20.31 9.41 -55.16
C HIS I 567 18.99 9.32 -55.93
N SER I 568 19.06 8.92 -57.19
CA SER I 568 17.89 8.68 -58.01
C SER I 568 17.67 7.18 -58.13
N PHE I 569 16.63 6.79 -58.87
CA PHE I 569 16.32 5.37 -59.03
C PHE I 569 17.42 4.65 -59.79
N SER I 570 17.96 5.28 -60.84
CA SER I 570 19.04 4.66 -61.60
C SER I 570 20.36 4.67 -60.84
N THR I 571 20.47 5.44 -59.76
CA THR I 571 21.72 5.56 -59.00
C THR I 571 21.61 4.66 -57.77
N MET I 572 21.69 3.35 -58.01
CA MET I 572 21.71 2.36 -56.94
C MET I 572 23.11 1.96 -56.49
N HIS I 573 24.09 2.04 -57.38
CA HIS I 573 25.44 1.56 -57.09
C HIS I 573 26.45 2.70 -57.04
N LEU I 574 26.00 3.93 -56.79
CA LEU I 574 26.86 5.10 -56.78
C LEU I 574 27.12 5.56 -55.36
N ASP I 575 28.34 6.03 -55.11
CA ASP I 575 28.76 6.38 -53.75
C ASP I 575 28.10 7.67 -53.29
N GLU I 576 28.10 7.86 -51.96
CA GLU I 576 27.42 9.00 -51.36
C GLU I 576 28.12 10.31 -51.68
N VAL I 577 29.45 10.36 -51.56
CA VAL I 577 30.17 11.58 -51.86
C VAL I 577 30.24 11.81 -53.36
N ALA I 578 30.17 10.72 -54.14
CA ALA I 578 30.10 10.84 -55.59
C ALA I 578 28.73 11.39 -56.00
N LEU I 579 28.67 11.90 -57.23
CA LEU I 579 27.47 12.49 -57.82
C LEU I 579 27.12 13.81 -57.13
N ARG I 580 27.84 14.15 -56.06
CA ARG I 580 27.66 15.41 -55.36
C ARG I 580 28.67 16.45 -55.81
N ARG I 581 29.95 16.08 -55.85
CA ARG I 581 30.96 16.98 -56.41
C ARG I 581 30.84 17.07 -57.92
N HIS I 582 30.39 15.99 -58.58
CA HIS I 582 30.20 16.02 -60.02
C HIS I 582 29.08 16.98 -60.41
N LEU I 583 28.01 17.00 -59.64
CA LEU I 583 26.91 17.94 -59.86
C LEU I 583 27.20 19.33 -59.27
N GLY I 584 28.32 19.49 -58.57
CA GLY I 584 28.65 20.76 -57.97
C GLY I 584 28.02 21.04 -56.62
N LEU I 585 27.40 20.03 -55.99
CA LEU I 585 26.77 20.22 -54.70
C LEU I 585 27.75 20.17 -53.54
N LEU I 586 29.00 19.77 -53.79
CA LEU I 586 30.04 19.75 -52.77
C LEU I 586 31.28 20.48 -53.27
N ASP I 587 31.87 21.28 -52.38
CA ASP I 587 33.14 21.94 -52.67
C ASP I 587 34.29 21.07 -52.19
N GLU I 588 35.41 21.16 -52.92
CA GLU I 588 36.56 20.32 -52.64
C GLU I 588 37.21 20.62 -51.28
N GLU I 589 36.97 21.81 -50.72
CA GLU I 589 37.56 22.14 -49.42
C GLU I 589 36.97 21.26 -48.32
N THR I 590 35.64 21.16 -48.26
CA THR I 590 35.01 20.27 -47.30
C THR I 590 35.34 18.82 -47.60
N LEU I 591 35.55 18.48 -48.87
CA LEU I 591 35.98 17.12 -49.21
C LEU I 591 37.34 16.82 -48.61
N ARG I 592 38.29 17.75 -48.70
CA ARG I 592 39.58 17.57 -48.03
C ARG I 592 39.40 17.50 -46.53
N ARG I 593 38.47 18.28 -45.99
CA ARG I 593 38.22 18.25 -44.54
C ARG I 593 37.74 16.89 -44.09
N ILE I 594 36.83 16.27 -44.83
CA ILE I 594 36.23 15.01 -44.41
C ILE I 594 37.07 13.81 -44.84
N LEU I 595 37.66 13.85 -46.03
CA LEU I 595 38.42 12.73 -46.56
C LEU I 595 39.88 12.75 -46.11
N ASN I 596 40.21 13.53 -45.09
CA ASN I 596 41.57 13.58 -44.58
C ASN I 596 41.91 12.28 -43.87
N PRO I 597 42.95 11.56 -44.29
CA PRO I 597 43.31 10.32 -43.57
C PRO I 597 43.63 10.55 -42.11
N ASN I 598 44.21 11.71 -41.77
CA ASN I 598 44.52 12.04 -40.39
C ASN I 598 43.25 12.57 -39.71
N ASN I 599 42.32 11.66 -39.45
CA ASN I 599 41.07 11.99 -38.80
C ASN I 599 40.85 11.09 -37.60
N PRO I 600 40.44 11.65 -36.46
CA PRO I 600 40.42 10.87 -35.22
C PRO I 600 39.50 9.65 -35.25
N VAL I 601 38.44 9.64 -36.07
CA VAL I 601 37.59 8.48 -36.24
C VAL I 601 37.62 8.05 -37.69
N THR I 602 37.79 6.74 -37.90
CA THR I 602 37.74 6.18 -39.25
C THR I 602 36.94 4.88 -39.24
N GLU I 622 28.05 -5.88 -51.13
CA GLU I 622 29.38 -5.37 -50.83
C GLU I 622 29.34 -3.90 -50.47
N ASP I 623 30.10 -3.51 -49.45
CA ASP I 623 30.14 -2.12 -48.97
C ASP I 623 31.16 -1.35 -49.79
N TYR I 624 30.66 -0.61 -50.78
CA TYR I 624 31.52 0.26 -51.60
C TYR I 624 31.56 1.69 -51.03
N SER I 625 31.82 1.78 -49.73
CA SER I 625 31.80 3.06 -49.01
C SER I 625 33.21 3.60 -48.87
N VAL I 626 33.41 4.83 -49.32
CA VAL I 626 34.72 5.48 -49.18
C VAL I 626 34.96 5.82 -47.71
N PRO I 627 36.18 5.66 -47.20
CA PRO I 627 36.45 6.11 -45.83
C PRO I 627 36.21 7.60 -45.67
N SER I 628 35.68 7.98 -44.52
CA SER I 628 35.35 9.37 -44.26
C SER I 628 35.32 9.60 -42.75
N CYS I 629 35.29 10.87 -42.36
CA CYS I 629 35.28 11.22 -40.95
C CYS I 629 33.96 10.82 -40.28
N PHE I 630 32.86 10.81 -41.03
CA PHE I 630 31.57 10.45 -40.45
C PHE I 630 31.41 8.95 -40.24
N LYS I 631 32.38 8.14 -40.66
CA LYS I 631 32.33 6.69 -40.44
C LYS I 631 32.73 6.36 -39.00
N TYR I 632 31.94 6.87 -38.06
CA TYR I 632 32.22 6.65 -36.65
C TYR I 632 31.78 5.26 -36.22
N THR I 633 32.35 4.79 -35.12
CA THR I 633 32.04 3.50 -34.53
C THR I 633 31.37 3.71 -33.18
N LEU I 634 30.28 2.96 -32.94
CA LEU I 634 29.53 3.11 -31.70
C LEU I 634 30.29 2.47 -30.54
N SER I 635 29.71 2.57 -29.35
CA SER I 635 30.32 2.01 -28.15
C SER I 635 30.25 0.49 -28.16
N ALA J 52 19.71 -8.45 -34.29
CA ALA J 52 19.20 -7.29 -35.03
C ALA J 52 19.71 -5.99 -34.43
N PRO J 53 20.93 -5.59 -34.83
CA PRO J 53 21.49 -4.34 -34.31
C PRO J 53 20.72 -3.10 -34.73
N GLN J 54 19.95 -3.15 -35.82
CA GLN J 54 19.24 -1.98 -36.31
C GLN J 54 18.19 -1.50 -35.32
N MET J 55 17.77 -2.33 -34.37
CA MET J 55 16.83 -1.91 -33.34
C MET J 55 17.50 -1.07 -32.25
N ARG J 56 18.83 -1.01 -32.22
CA ARG J 56 19.52 -0.25 -31.19
C ARG J 56 20.05 1.09 -31.68
N LEU J 57 20.15 1.29 -33.00
CA LEU J 57 20.69 2.53 -33.53
C LEU J 57 19.93 3.74 -33.00
N VAL J 58 18.60 3.62 -32.88
CA VAL J 58 17.80 4.73 -32.36
C VAL J 58 18.30 5.15 -30.99
N TYR J 59 18.58 4.17 -30.12
CA TYR J 59 19.22 4.51 -28.85
C TYR J 59 20.65 4.96 -29.08
N SER J 60 21.39 4.26 -29.95
CA SER J 60 22.81 4.52 -30.09
C SER J 60 23.08 5.94 -30.59
N VAL J 61 22.25 6.42 -31.52
CA VAL J 61 22.36 7.80 -31.95
C VAL J 61 22.02 8.75 -30.81
N ARG J 62 20.98 8.43 -30.04
CA ARG J 62 20.58 9.26 -28.92
C ARG J 62 21.36 8.96 -27.64
N LYS J 63 22.22 7.94 -27.66
CA LYS J 63 23.03 7.64 -26.49
C LYS J 63 23.99 8.79 -26.21
N PRO J 64 24.16 9.20 -24.95
CA PRO J 64 25.18 10.21 -24.65
C PRO J 64 26.56 9.71 -25.02
N TRP J 65 27.35 10.59 -25.64
CA TRP J 65 28.67 10.26 -26.15
C TRP J 65 28.61 9.04 -27.06
N PRO J 66 27.96 9.14 -28.23
CA PRO J 66 27.81 7.96 -29.09
C PRO J 66 29.12 7.38 -29.59
N ILE J 67 30.14 8.22 -29.78
CA ILE J 67 31.34 7.85 -30.51
C ILE J 67 32.49 7.64 -29.52
N SER J 68 33.19 6.53 -29.66
CA SER J 68 34.40 6.25 -28.88
C SER J 68 35.58 6.82 -29.66
N MET J 69 36.09 7.95 -29.19
CA MET J 69 37.08 8.72 -29.93
C MET J 69 38.50 8.23 -29.68
N THR J 70 39.27 8.15 -30.75
CA THR J 70 40.71 7.98 -30.62
C THR J 70 41.28 9.26 -30.01
N PRO J 71 42.08 9.17 -28.94
CA PRO J 71 42.57 10.39 -28.28
C PRO J 71 43.26 11.36 -29.24
N SER J 72 42.73 12.57 -29.33
CA SER J 72 43.22 13.58 -30.24
C SER J 72 43.39 14.90 -29.49
N LYS J 73 44.09 15.83 -30.12
CA LYS J 73 44.40 17.12 -29.51
C LYS J 73 43.82 18.32 -30.25
N GLU J 74 43.69 18.24 -31.58
CA GLU J 74 43.19 19.37 -32.35
C GLU J 74 41.69 19.61 -32.16
N ILE J 75 40.98 18.67 -31.55
CA ILE J 75 39.54 18.80 -31.31
C ILE J 75 39.35 19.43 -29.93
N PRO J 76 38.73 20.60 -29.83
CA PRO J 76 38.54 21.23 -28.52
C PRO J 76 37.60 20.42 -27.63
N LEU J 77 37.81 20.55 -26.32
CA LEU J 77 36.92 19.92 -25.35
C LEU J 77 35.51 20.50 -25.44
N VAL J 78 35.41 21.83 -25.50
CA VAL J 78 34.14 22.53 -25.59
C VAL J 78 34.25 23.58 -26.68
N PHE J 79 33.28 23.60 -27.59
CA PHE J 79 33.24 24.57 -28.67
C PHE J 79 31.87 25.25 -28.69
N ASN J 80 31.88 26.56 -28.45
CA ASN J 80 30.67 27.39 -28.44
C ASN J 80 29.65 26.75 -27.50
N GLY J 81 30.05 26.68 -26.23
CA GLY J 81 29.18 26.21 -25.17
C GLY J 81 28.65 24.81 -25.37
N THR J 82 29.47 23.90 -25.91
CA THR J 82 29.00 22.57 -26.25
C THR J 82 30.16 21.59 -26.10
N LYS J 83 29.99 20.60 -25.21
CA LYS J 83 31.01 19.59 -25.02
C LYS J 83 31.14 18.70 -26.25
N LEU J 84 32.37 18.38 -26.62
CA LEU J 84 32.65 17.56 -27.79
C LEU J 84 33.19 16.18 -27.43
N LYS J 85 34.24 16.11 -26.62
CA LYS J 85 34.85 14.85 -26.22
C LYS J 85 34.68 14.64 -24.72
N ASP J 86 34.86 13.39 -24.30
CA ASP J 86 34.75 13.01 -22.90
C ASP J 86 36.12 12.92 -22.23
N THR J 87 37.08 13.72 -22.70
CA THR J 87 38.46 13.77 -22.21
C THR J 87 39.00 12.44 -21.69
N ARG J 96 39.35 3.87 -25.12
CA ARG J 96 39.54 5.22 -25.64
C ARG J 96 38.46 6.16 -25.13
N THR J 97 38.71 7.46 -25.23
CA THR J 97 37.75 8.45 -24.77
C THR J 97 36.55 8.50 -25.71
N ARG J 98 35.45 9.04 -25.20
CA ARG J 98 34.20 9.11 -25.94
C ARG J 98 33.97 10.52 -26.49
N ALA J 99 33.15 10.60 -27.52
CA ALA J 99 32.87 11.86 -28.19
C ALA J 99 31.40 11.96 -28.54
N ASN J 100 30.93 13.19 -28.71
CA ASN J 100 29.54 13.46 -29.03
C ASN J 100 29.29 13.28 -30.53
N ILE J 101 28.00 13.20 -30.89
CA ILE J 101 27.62 13.02 -32.28
C ILE J 101 27.96 14.23 -33.13
N VAL J 102 28.11 15.40 -32.52
CA VAL J 102 28.39 16.62 -33.27
C VAL J 102 29.85 16.74 -33.69
N VAL J 103 30.72 15.87 -33.17
CA VAL J 103 32.15 15.99 -33.47
C VAL J 103 32.46 15.76 -34.96
N PRO J 104 31.93 14.72 -35.63
CA PRO J 104 32.20 14.59 -37.06
C PRO J 104 31.72 15.79 -37.87
N ASP J 105 30.59 16.39 -37.49
CA ASP J 105 30.13 17.59 -38.19
C ASP J 105 31.06 18.76 -37.93
N TYR J 106 31.58 18.88 -36.70
CA TYR J 106 32.58 19.89 -36.41
C TYR J 106 33.82 19.69 -37.28
N TRP J 107 34.27 18.44 -37.43
CA TRP J 107 35.41 18.15 -38.28
C TRP J 107 35.10 18.45 -39.75
N SER J 108 33.84 18.34 -40.15
CA SER J 108 33.48 18.53 -41.55
C SER J 108 33.70 19.98 -42.00
N LYS J 109 33.72 20.94 -41.09
CA LYS J 109 33.89 22.34 -41.45
C LYS J 109 35.14 22.96 -40.84
N TYR J 110 35.53 22.56 -39.64
CA TYR J 110 36.70 23.10 -38.96
C TYR J 110 37.71 22.01 -38.65
N GLY J 111 37.94 21.11 -39.62
CA GLY J 111 38.89 20.04 -39.48
C GLY J 111 40.10 20.21 -40.38
N SER J 112 41.09 19.34 -40.17
CA SER J 112 42.30 19.39 -40.96
C SER J 112 42.06 18.84 -42.36
N GLN J 113 42.70 19.46 -43.35
CA GLN J 113 42.61 19.04 -44.73
C GLN J 113 43.80 18.17 -45.11
N THR J 114 43.89 17.80 -46.38
CA THR J 114 44.97 16.96 -46.87
C THR J 114 45.23 17.30 -48.34
N SER J 115 46.21 16.62 -48.92
CA SER J 115 46.58 16.88 -50.31
C SER J 115 45.47 16.45 -51.26
N LEU J 116 45.38 17.16 -52.39
CA LEU J 116 44.37 16.82 -53.40
C LEU J 116 44.65 15.47 -54.02
N GLU J 117 45.93 15.12 -54.20
CA GLU J 117 46.27 13.79 -54.74
C GLU J 117 45.82 12.70 -53.79
N VAL J 118 45.97 12.91 -52.48
CA VAL J 118 45.50 11.93 -51.49
C VAL J 118 43.98 11.78 -51.59
N VAL J 119 43.27 12.89 -51.73
CA VAL J 119 41.81 12.83 -51.87
C VAL J 119 41.43 12.05 -53.13
N ASN J 120 42.11 12.32 -54.23
CA ASN J 120 41.81 11.62 -55.49
C ASN J 120 42.08 10.12 -55.36
N ALA J 121 43.18 9.76 -54.68
CA ALA J 121 43.49 8.35 -54.47
C ALA J 121 42.43 7.68 -53.59
N ILE J 122 41.97 8.38 -52.55
CA ILE J 122 40.96 7.80 -51.66
C ILE J 122 39.64 7.61 -52.39
N LEU J 123 39.23 8.61 -53.18
CA LEU J 123 37.97 8.50 -53.91
C LEU J 123 38.05 7.58 -55.11
N TYR J 124 39.23 7.05 -55.43
CA TYR J 124 39.37 6.15 -56.56
C TYR J 124 38.55 4.88 -56.36
N ALA J 125 38.29 4.19 -57.47
CA ALA J 125 37.45 3.00 -57.55
C ALA J 125 35.99 3.30 -57.25
N GLU J 126 35.61 4.57 -57.19
CA GLU J 126 34.22 4.96 -56.94
C GLU J 126 33.75 6.00 -57.94
N ASP J 127 34.68 6.67 -58.62
CA ASP J 127 34.30 7.67 -59.62
C ASP J 127 34.00 7.03 -60.97
N LEU J 128 34.79 6.04 -61.38
CA LEU J 128 34.71 5.50 -62.74
C LEU J 128 33.28 5.14 -63.11
N LYS J 129 32.52 4.58 -62.16
CA LYS J 129 31.09 4.38 -62.37
C LYS J 129 30.37 5.70 -62.58
N VAL J 130 30.80 6.76 -61.91
CA VAL J 130 30.10 8.04 -62.04
C VAL J 130 30.31 8.63 -63.43
N GLN J 131 31.55 8.64 -63.93
CA GLN J 131 31.71 9.17 -65.28
C GLN J 131 31.44 8.15 -66.38
N ARG J 132 31.04 6.91 -66.04
CA ARG J 132 30.37 6.12 -67.06
C ARG J 132 28.85 6.31 -67.04
N PHE J 133 28.28 6.63 -65.88
CA PHE J 133 26.84 6.88 -65.81
C PHE J 133 26.48 8.24 -66.41
N PHE J 134 27.32 9.25 -66.19
CA PHE J 134 27.02 10.59 -66.67
C PHE J 134 27.62 10.89 -68.05
N SER J 135 28.27 9.92 -68.68
CA SER J 135 28.81 10.10 -70.02
C SER J 135 28.18 9.15 -71.03
N THR J 136 27.06 8.52 -70.70
CA THR J 136 26.37 7.62 -71.59
C THR J 136 25.05 8.23 -72.05
N GLU J 137 24.60 7.82 -73.23
CA GLU J 137 23.38 8.33 -73.83
C GLU J 137 22.28 7.28 -73.71
N TRP J 138 21.12 7.70 -73.24
CA TRP J 138 19.99 6.79 -73.07
C TRP J 138 19.09 6.80 -74.32
C1 V9G L . -20.01 10.07 12.62
N2 V9G L . -18.38 12.09 13.04
C3 V9G L . -17.02 11.63 12.61
C4 V9G L . -18.55 13.35 13.53
C5 V9G L . -20.50 12.36 13.53
C6 V9G L . -22.35 10.62 13.25
C8 V9G L . -19.90 14.83 15.81
C9 V9G L . -19.68 16.12 15.95
C10 V9G L . -19.13 16.66 14.52
C11 V9G L . -17.62 16.64 14.49
C12 V9G L . -13.35 13.43 18.32
C13 V9G L . -14.78 13.89 18.49
C14 V9G L . -15.66 12.81 19.42
C15 V9G L . -16.86 13.01 19.06
C16 V9G L . -16.75 13.22 17.51
C17 V9G L . -15.68 11.36 16.39
C18 V9G L . -17.50 10.29 15.89
C19 V9G L . -18.48 9.40 15.45
C2 V9G L . -19.57 11.48 13.04
C20 V9G L . -20.11 10.80 16.35
C21 V9G L . -17.85 11.40 16.55
C22 V9G L . -18.55 14.81 19.16
C7 V9G L . -20.31 14.68 14.33
N1 V9G L . -23.73 10.23 13.38
N3 V9G L . -19.86 13.50 13.83
N4 V9G L . -21.92 11.96 13.66
N5 V9G L . -21.38 9.68 12.74
N6 V9G L . -16.73 12.07 16.86
O1 V9G L . -19.22 9.30 12.19
O2 V9G L . -20.91 16.79 16.28
O3 V9G L . -19.61 15.86 13.59
O4 V9G L . -21.03 14.39 16.69
O13 V9G L . -11.77 15.13 16.67
P3 V9G L . -12.17 13.84 15.99
O12 V9G L . -10.95 13.04 15.68
O14 V9G L . -13.16 12.97 16.99
O16 V9G L . -15.50 13.10 20.81
O17 V9G L . -17.35 14.28 19.72
N7 V9G L . -16.15 10.26 15.80
N8 V9G L . -18.59 8.10 14.72
N9 V9G L . -19.76 9.67 15.68
N10 V9G L . -19.16 11.68 16.78
O15 V9G L . -15.37 13.94 17.34
O11 V9G L . -12.97 14.18 14.58
P2 V9G L . -14.36 15.10 14.51
O9 V9G L . -14.35 15.94 13.25
O10 V9G L . -15.57 14.18 14.51
O7 V9G L . -14.42 16.08 15.82
P1 V9G L . -15.59 17.17 16.13
O5 V9G L . -15.51 17.58 17.59
O6 V9G L . -15.38 18.40 15.26
O8 V9G L . -17.09 16.53 15.82
C12 V9G M . -7.62 -10.00 -14.71
C13 V9G M . -7.51 -8.50 -14.73
C14 V9G M . -7.09 -7.98 -16.27
C15 V9G M . -6.59 -6.82 -16.08
C16 V9G M . -5.81 -6.98 -14.73
C17 V9G M . -3.99 -8.55 -14.87
C18 V9G M . -2.48 -7.12 -15.54
C19 V9G M . -1.36 -6.43 -15.95
C20 V9G M . -2.59 -4.46 -16.03
C21 V9G M . -3.64 -6.46 -15.37
C22 V9G M . -7.48 -4.85 -14.88
N6 V9G M . -4.56 -7.34 -14.96
O13 V9G M . -5.31 -12.84 -13.86
P3 V9G M . -6.02 -12.07 -14.95
O12 V9G M . -7.29 -12.75 -15.30
O14 V9G M . -6.34 -10.55 -14.42
O16 V9G M . -8.26 -7.89 -17.12
O17 V9G M . -7.70 -5.80 -15.92
N7 V9G M . -2.70 -8.41 -15.22
N8 V9G M . 0.08 -6.70 -16.26
N9 V9G M . -1.42 -5.13 -16.20
N10 V9G M . -3.70 -5.13 -15.62
O15 V9G M . -6.57 -8.11 -13.95
O11 V9G M . -5.05 -11.99 -16.29
P2 V9G M . -4.87 -13.21 -17.42
O9 V9G M . -3.53 -13.89 -17.21
O10 V9G M . -4.93 -12.62 -18.82
O7 V9G M . -6.06 -14.30 -17.25
P1 V9G M . -6.03 -15.56 -16.20
O5 V9G M . -7.38 -15.66 -15.50
O6 V9G M . -4.94 -15.34 -15.17
O8 V9G M . -5.73 -16.97 -17.03
#